data_7VM2
#
_entry.id   7VM2
#
_cell.length_a   1.00
_cell.length_b   1.00
_cell.length_c   1.00
_cell.angle_alpha   90.00
_cell.angle_beta   90.00
_cell.angle_gamma   90.00
#
_symmetry.space_group_name_H-M   'P 1'
#
_entity_poly.entity_id   1
_entity_poly.type   'polypeptide(L)'
_entity_poly.pdbx_seq_one_letter_code
;MPHVIRIGGIFEYADGPNAQVMNAEEHAFRFSANIINRNRTLLPNTTLTYDIQRIHFHDSFEATKKACDQLALGVVAIFG
PSQGSTTNAVQSICNALEVPHIQLRWKHHPLDNKDTFYVNLYPDYASLSHAILDLVQSLKWRSATVVYDDSTGLIRLQEL
IMAPSRYNIRLKIRQLPIDSDDSRPLLKEMKRGREFRIIFDCSHTMAAQILKQAMAMGMMTEYYHFIFTTLDLYALDLEP
YRYSGVNLTGFRILNVDNPHVSAIVEKWSMERLQAAPRAESGLLDGVMMTDAALLYDAVHIVSVTYQRAPQMTVNSLQCH
RHKAWRFGGRFMNFIKEAQWEGLTGRIVFNKTSGLRTDFDLDIISLKEDGLEKVGVWSPADGLNITEVAKGRGPNVTDSL
TNRSLIVTTLLEEPFVMFRKSDRTLYGNDRFEGYCIDLLKELAHILGFSYEIRLVEDGKYGAQDDKGQWNGMVKELIDHK
ADLAVAPLTITHVREKAIDFSKPFMTLGVSILYRKPNGTNPSVFSFLNPLSPDIWMYVLLAYLGVSVVLFVIARFSPYEW
YDAHPCNPGSEVVENNFTLLNSFWFGMGSLMQQGSELMPKALSTRIIGGIWWFFTLIIISSYTANLAAFLTVERMESPID
SADDLAKQTKIEYGAVKDGATMTFFKKSKISTFEKMWAFMSSKPSALVKNNEEGIQRTLTADYALLMESTTIEYITQRNC
NLTQIGGLIDSKGYGIGTPMGSPYRDKITIAILQLQEEGKLHIMKEKWWRGSGCPEEENKEASALGIQKIGGIFIVLAAG
LVLSVLVAV
;
_entity_poly.pdbx_strand_id   A,B,C,D
#
# COMPACT_ATOMS: atom_id res chain seq x y z
N HIS A 3 10.99 -82.15 -26.59
CA HIS A 3 9.59 -82.03 -26.96
C HIS A 3 9.33 -80.69 -27.66
N VAL A 4 8.09 -80.47 -28.08
CA VAL A 4 7.71 -79.26 -28.79
C VAL A 4 6.40 -78.73 -28.22
N ILE A 5 6.21 -77.42 -28.36
CA ILE A 5 4.98 -76.75 -27.97
C ILE A 5 4.60 -75.74 -29.05
N ARG A 6 3.33 -75.35 -29.04
CA ARG A 6 2.76 -74.52 -30.10
C ARG A 6 2.66 -73.07 -29.65
N ILE A 7 3.01 -72.15 -30.55
CA ILE A 7 2.87 -70.73 -30.33
C ILE A 7 2.24 -70.08 -31.55
N GLY A 8 1.57 -68.96 -31.32
CA GLY A 8 0.92 -68.22 -32.39
C GLY A 8 1.14 -66.72 -32.31
N GLY A 9 1.48 -66.11 -33.45
CA GLY A 9 1.80 -64.70 -33.51
C GLY A 9 0.72 -63.95 -34.29
N ILE A 10 0.39 -62.76 -33.79
CA ILE A 10 -0.67 -61.94 -34.36
C ILE A 10 -0.02 -60.70 -34.95
N PHE A 11 0.00 -60.62 -36.27
CA PHE A 11 0.67 -59.56 -36.99
C PHE A 11 -0.33 -58.82 -37.87
N GLU A 12 -0.23 -57.50 -37.89
CA GLU A 12 -1.20 -56.61 -38.51
C GLU A 12 -0.61 -55.91 -39.73
N TYR A 13 -1.45 -55.72 -40.74
CA TYR A 13 -1.05 -55.16 -42.02
C TYR A 13 -2.06 -54.12 -42.48
N ALA A 14 -1.59 -53.24 -43.36
CA ALA A 14 -2.46 -52.30 -44.05
C ALA A 14 -3.14 -52.92 -45.26
N ASP A 15 -2.63 -54.07 -45.73
CA ASP A 15 -3.22 -54.77 -46.87
C ASP A 15 -3.78 -56.12 -46.51
N GLY A 16 -3.54 -56.62 -45.31
CA GLY A 16 -4.06 -57.90 -44.88
C GLY A 16 -3.36 -59.06 -45.56
N PRO A 17 -3.88 -60.28 -45.33
CA PRO A 17 -3.25 -61.48 -45.89
C PRO A 17 -3.47 -61.68 -47.37
N ASN A 18 -4.16 -60.75 -48.04
CA ASN A 18 -4.42 -60.87 -49.47
C ASN A 18 -3.25 -60.41 -50.32
N ALA A 19 -2.18 -59.90 -49.71
CA ALA A 19 -1.00 -59.47 -50.45
C ALA A 19 0.22 -59.84 -49.65
N GLN A 20 1.28 -60.26 -50.35
CA GLN A 20 2.49 -60.77 -49.71
C GLN A 20 3.50 -59.64 -49.58
N VAL A 21 3.70 -59.17 -48.34
CA VAL A 21 4.81 -58.31 -47.98
C VAL A 21 5.36 -58.78 -46.65
N MET A 22 6.65 -58.56 -46.44
CA MET A 22 7.34 -59.03 -45.25
C MET A 22 7.74 -57.84 -44.39
N ASN A 23 7.42 -57.92 -43.11
CA ASN A 23 7.76 -56.90 -42.14
C ASN A 23 8.75 -57.46 -41.14
N ALA A 24 9.43 -56.55 -40.42
CA ALA A 24 10.51 -56.96 -39.53
C ALA A 24 10.00 -57.80 -38.37
N GLU A 25 8.74 -57.61 -37.98
CA GLU A 25 8.24 -58.32 -36.80
C GLU A 25 8.06 -59.81 -37.08
N GLU A 26 7.45 -60.15 -38.22
CA GLU A 26 7.25 -61.57 -38.53
C GLU A 26 8.57 -62.29 -38.69
N HIS A 27 9.48 -61.72 -39.50
CA HIS A 27 10.76 -62.39 -39.72
C HIS A 27 11.58 -62.42 -38.44
N ALA A 28 11.41 -61.43 -37.56
CA ALA A 28 12.03 -61.49 -36.25
C ALA A 28 11.48 -62.65 -35.45
N PHE A 29 10.16 -62.83 -35.48
CA PHE A 29 9.51 -63.97 -34.82
C PHE A 29 10.08 -65.28 -35.34
N ARG A 30 10.15 -65.42 -36.66
CA ARG A 30 10.64 -66.66 -37.25
C ARG A 30 12.09 -66.92 -36.87
N PHE A 31 12.93 -65.89 -36.92
CA PHE A 31 14.34 -66.05 -36.58
C PHE A 31 14.50 -66.41 -35.11
N SER A 32 13.70 -65.78 -34.24
CA SER A 32 13.73 -66.12 -32.82
C SER A 32 13.35 -67.57 -32.60
N ALA A 33 12.29 -68.03 -33.28
CA ALA A 33 11.87 -69.42 -33.13
C ALA A 33 12.97 -70.37 -33.59
N ASN A 34 13.60 -70.06 -34.73
CA ASN A 34 14.66 -70.92 -35.23
C ASN A 34 15.83 -70.96 -34.25
N ILE A 35 16.21 -69.81 -33.71
CA ILE A 35 17.31 -69.76 -32.75
C ILE A 35 16.96 -70.57 -31.51
N ILE A 36 15.75 -70.39 -30.99
CA ILE A 36 15.34 -71.08 -29.78
C ILE A 36 15.35 -72.58 -29.99
N ASN A 37 14.84 -73.04 -31.14
CA ASN A 37 14.84 -74.47 -31.42
C ASN A 37 16.27 -75.00 -31.60
N ARG A 38 17.12 -74.25 -32.29
CA ARG A 38 18.47 -74.71 -32.55
C ARG A 38 19.39 -74.56 -31.34
N ASN A 39 19.10 -73.61 -30.45
CA ASN A 39 19.97 -73.36 -29.30
C ASN A 39 19.94 -74.55 -28.35
N ARG A 40 21.13 -75.05 -28.01
CA ARG A 40 21.27 -76.14 -27.08
C ARG A 40 21.88 -75.73 -25.75
N THR A 41 22.61 -74.60 -25.71
CA THR A 41 23.09 -74.07 -24.44
C THR A 41 21.91 -73.67 -23.56
N LEU A 42 20.88 -73.08 -24.16
CA LEU A 42 19.63 -72.78 -23.48
C LEU A 42 18.50 -73.45 -24.26
N LEU A 43 17.40 -73.72 -23.56
CA LEU A 43 16.25 -74.43 -24.13
C LEU A 43 16.68 -75.80 -24.62
N PRO A 44 17.02 -76.72 -23.72
CA PRO A 44 17.61 -78.00 -24.15
C PRO A 44 16.61 -79.12 -24.39
N ASN A 45 15.34 -78.96 -24.03
CA ASN A 45 14.38 -80.05 -24.14
C ASN A 45 13.05 -79.66 -24.77
N THR A 46 12.81 -78.39 -25.04
CA THR A 46 11.54 -77.94 -25.61
C THR A 46 11.80 -77.15 -26.89
N THR A 47 11.07 -77.48 -27.94
CA THR A 47 11.08 -76.74 -29.19
C THR A 47 9.73 -76.07 -29.39
N LEU A 48 9.61 -75.27 -30.45
CA LEU A 48 8.43 -74.44 -30.66
C LEU A 48 7.82 -74.73 -32.02
N THR A 49 6.53 -74.40 -32.14
CA THR A 49 5.80 -74.47 -33.39
C THR A 49 5.17 -73.10 -33.66
N TYR A 50 5.75 -72.34 -34.57
CA TYR A 50 5.26 -71.02 -34.90
C TYR A 50 4.06 -71.08 -35.83
N ASP A 51 3.22 -70.06 -35.76
CA ASP A 51 2.06 -69.92 -36.64
C ASP A 51 1.89 -68.45 -37.01
N ILE A 52 1.81 -68.18 -38.31
CA ILE A 52 1.62 -66.82 -38.80
C ILE A 52 0.16 -66.64 -39.20
N GLN A 53 -0.45 -65.55 -38.73
CA GLN A 53 -1.79 -65.15 -39.14
C GLN A 53 -1.78 -63.66 -39.40
N ARG A 54 -2.08 -63.28 -40.65
CA ARG A 54 -2.02 -61.90 -41.09
C ARG A 54 -3.43 -61.30 -41.10
N ILE A 55 -3.57 -60.12 -40.49
CA ILE A 55 -4.86 -59.48 -40.31
C ILE A 55 -4.74 -58.00 -40.64
N HIS A 56 -5.74 -57.45 -41.32
CA HIS A 56 -5.81 -56.02 -41.57
C HIS A 56 -5.89 -55.24 -40.26
N PHE A 57 -5.57 -53.95 -40.36
CA PHE A 57 -5.69 -53.06 -39.22
C PHE A 57 -7.15 -52.86 -38.84
N HIS A 58 -7.38 -52.57 -37.56
CA HIS A 58 -8.71 -52.23 -37.03
C HIS A 58 -9.72 -53.35 -37.28
N ASP A 59 -9.32 -54.58 -37.00
CA ASP A 59 -10.21 -55.73 -37.10
C ASP A 59 -10.32 -56.42 -35.76
N SER A 60 -11.54 -56.72 -35.33
CA SER A 60 -11.75 -57.62 -34.21
C SER A 60 -12.41 -58.91 -34.63
N PHE A 61 -13.28 -58.87 -35.64
CA PHE A 61 -13.97 -60.08 -36.08
C PHE A 61 -12.95 -61.12 -36.56
N GLU A 62 -12.21 -60.79 -37.62
CA GLU A 62 -11.19 -61.73 -38.08
C GLU A 62 -10.14 -61.97 -37.00
N ALA A 63 -9.89 -60.96 -36.16
CA ALA A 63 -8.96 -61.11 -35.05
C ALA A 63 -9.36 -62.26 -34.15
N THR A 64 -10.54 -62.17 -33.54
CA THR A 64 -10.99 -63.23 -32.64
C THR A 64 -11.22 -64.54 -33.39
N LYS A 65 -11.60 -64.46 -34.68
CA LYS A 65 -11.75 -65.69 -35.46
C LYS A 65 -10.44 -66.45 -35.51
N LYS A 66 -9.36 -65.80 -35.95
CA LYS A 66 -8.06 -66.44 -35.95
C LYS A 66 -7.62 -66.81 -34.55
N ALA A 67 -8.03 -66.02 -33.54
CA ALA A 67 -7.67 -66.31 -32.17
C ALA A 67 -8.24 -67.65 -31.74
N CYS A 68 -9.54 -67.85 -31.93
CA CYS A 68 -10.15 -69.10 -31.52
C CYS A 68 -9.77 -70.25 -32.45
N ASP A 69 -9.38 -69.95 -33.68
CA ASP A 69 -8.80 -70.99 -34.53
C ASP A 69 -7.50 -71.49 -33.93
N GLN A 70 -6.65 -70.57 -33.47
CA GLN A 70 -5.41 -70.97 -32.81
C GLN A 70 -5.70 -71.69 -31.50
N LEU A 71 -6.72 -71.24 -30.77
CA LEU A 71 -7.12 -71.93 -29.55
C LEU A 71 -7.51 -73.37 -29.83
N ALA A 72 -8.25 -73.59 -30.93
CA ALA A 72 -8.53 -74.95 -31.36
C ALA A 72 -7.24 -75.69 -31.68
N LEU A 73 -6.30 -75.01 -32.37
CA LEU A 73 -4.98 -75.59 -32.56
C LEU A 73 -4.27 -75.76 -31.22
N GLY A 74 -4.40 -74.77 -30.33
CA GLY A 74 -3.87 -74.87 -29.00
C GLY A 74 -2.45 -74.34 -28.88
N VAL A 75 -2.25 -73.30 -28.07
CA VAL A 75 -0.94 -72.74 -27.81
C VAL A 75 -0.74 -72.60 -26.32
N VAL A 76 0.52 -72.59 -25.90
CA VAL A 76 0.84 -72.25 -24.52
C VAL A 76 0.47 -70.80 -24.24
N ALA A 77 0.77 -69.90 -25.18
CA ALA A 77 0.54 -68.48 -24.99
C ALA A 77 0.30 -67.82 -26.33
N ILE A 78 -0.25 -66.61 -26.28
CA ILE A 78 -0.60 -65.85 -27.47
C ILE A 78 0.12 -64.52 -27.42
N PHE A 79 0.41 -63.97 -28.61
CA PHE A 79 1.09 -62.70 -28.75
C PHE A 79 0.16 -61.74 -29.48
N GLY A 80 -0.01 -60.54 -28.93
CA GLY A 80 -1.07 -59.66 -29.35
C GLY A 80 -0.73 -58.88 -30.62
N PRO A 81 -1.72 -58.10 -31.07
CA PRO A 81 -1.53 -57.28 -32.28
C PRO A 81 -0.74 -56.02 -32.01
N SER A 82 -0.67 -55.14 -33.00
CA SER A 82 -0.02 -53.84 -32.87
C SER A 82 -1.00 -52.68 -32.96
N GLN A 83 -2.30 -52.95 -33.00
CA GLN A 83 -3.32 -51.92 -33.10
C GLN A 83 -4.12 -51.86 -31.81
N GLY A 84 -4.36 -50.64 -31.32
CA GLY A 84 -4.94 -50.47 -30.00
C GLY A 84 -6.27 -51.17 -29.83
N SER A 85 -7.21 -50.93 -30.75
CA SER A 85 -8.53 -51.55 -30.65
C SER A 85 -8.41 -53.07 -30.77
N THR A 86 -7.60 -53.55 -31.71
CA THR A 86 -7.41 -54.98 -31.86
C THR A 86 -6.77 -55.58 -30.62
N THR A 87 -5.78 -54.90 -30.05
CA THR A 87 -5.16 -55.39 -28.83
C THR A 87 -6.17 -55.45 -27.69
N ASN A 88 -7.05 -54.45 -27.59
CA ASN A 88 -8.08 -54.47 -26.55
C ASN A 88 -9.02 -55.65 -26.75
N ALA A 89 -9.38 -55.92 -28.00
CA ALA A 89 -10.24 -57.06 -28.29
C ALA A 89 -9.56 -58.35 -27.87
N VAL A 90 -8.27 -58.48 -28.17
CA VAL A 90 -7.53 -59.67 -27.78
C VAL A 90 -7.45 -59.77 -26.26
N GLN A 91 -7.34 -58.63 -25.57
CA GLN A 91 -7.37 -58.65 -24.11
C GLN A 91 -8.68 -59.23 -23.61
N SER A 92 -9.79 -58.79 -24.21
CA SER A 92 -11.09 -59.34 -23.85
C SER A 92 -11.15 -60.83 -24.10
N ILE A 93 -10.63 -61.27 -25.25
CA ILE A 93 -10.68 -62.69 -25.60
C ILE A 93 -9.90 -63.51 -24.60
N CYS A 94 -8.70 -63.06 -24.26
CA CYS A 94 -7.82 -63.82 -23.38
C CYS A 94 -8.34 -63.82 -21.96
N ASN A 95 -8.93 -62.71 -21.51
CA ASN A 95 -9.56 -62.71 -20.19
C ASN A 95 -10.76 -63.64 -20.16
N ALA A 96 -11.55 -63.65 -21.23
CA ALA A 96 -12.68 -64.56 -21.31
C ALA A 96 -12.22 -66.01 -21.39
N LEU A 97 -11.09 -66.26 -22.07
CA LEU A 97 -10.54 -67.61 -22.22
C LEU A 97 -9.10 -67.53 -21.74
N GLU A 98 -8.87 -67.90 -20.48
CA GLU A 98 -7.60 -67.70 -19.80
C GLU A 98 -6.43 -68.26 -20.59
N VAL A 99 -5.56 -67.37 -21.08
CA VAL A 99 -4.36 -67.75 -21.81
C VAL A 99 -3.34 -66.64 -21.62
N PRO A 100 -2.07 -66.97 -21.39
CA PRO A 100 -1.04 -65.92 -21.28
C PRO A 100 -0.93 -65.12 -22.56
N HIS A 101 -1.21 -63.82 -22.45
CA HIS A 101 -1.21 -62.92 -23.58
C HIS A 101 -0.07 -61.93 -23.44
N ILE A 102 0.67 -61.73 -24.53
CA ILE A 102 1.76 -60.76 -24.60
C ILE A 102 1.32 -59.65 -25.55
N GLN A 103 1.34 -58.42 -25.06
CA GLN A 103 1.03 -57.25 -25.86
C GLN A 103 2.32 -56.48 -26.16
N LEU A 104 2.57 -56.24 -27.45
CA LEU A 104 3.80 -55.62 -27.92
C LEU A 104 3.69 -54.10 -28.04
N ARG A 105 2.52 -53.54 -27.82
CA ARG A 105 2.26 -52.12 -28.06
C ARG A 105 1.58 -51.54 -26.83
N TRP A 106 1.88 -50.27 -26.55
CA TRP A 106 1.33 -49.62 -25.37
C TRP A 106 -0.17 -49.55 -25.48
N LYS A 107 -0.85 -49.97 -24.42
CA LYS A 107 -2.31 -49.96 -24.36
C LYS A 107 -2.77 -48.92 -23.35
N HIS A 108 -3.99 -48.44 -23.55
CA HIS A 108 -4.66 -47.59 -22.58
C HIS A 108 -5.59 -48.46 -21.76
N HIS A 109 -5.20 -48.76 -20.53
CA HIS A 109 -6.04 -49.56 -19.65
C HIS A 109 -6.85 -48.65 -18.75
N PRO A 110 -8.16 -48.58 -18.92
CA PRO A 110 -8.97 -47.84 -17.95
C PRO A 110 -9.03 -48.58 -16.62
N LEU A 111 -9.09 -47.80 -15.55
CA LEU A 111 -9.11 -48.38 -14.20
C LEU A 111 -10.53 -48.77 -13.78
N ASP A 112 -11.21 -49.50 -14.65
CA ASP A 112 -12.55 -50.00 -14.36
C ASP A 112 -12.79 -51.41 -14.88
N ASN A 113 -11.79 -52.04 -15.48
CA ASN A 113 -11.95 -53.36 -16.08
C ASN A 113 -11.15 -54.39 -15.29
N LYS A 114 -11.73 -55.57 -15.16
CA LYS A 114 -11.07 -56.68 -14.47
C LYS A 114 -10.36 -57.54 -15.50
N ASP A 115 -9.04 -57.65 -15.38
CA ASP A 115 -8.25 -58.44 -16.31
C ASP A 115 -6.97 -58.86 -15.61
N THR A 116 -6.52 -60.09 -15.90
CA THR A 116 -5.35 -60.64 -15.22
C THR A 116 -4.42 -61.41 -16.13
N PHE A 117 -4.61 -61.37 -17.45
CA PHE A 117 -3.84 -62.19 -18.37
C PHE A 117 -3.05 -61.37 -19.37
N TYR A 118 -2.82 -60.10 -19.08
CA TYR A 118 -2.07 -59.20 -19.94
C TYR A 118 -0.63 -59.11 -19.47
N VAL A 119 0.31 -59.20 -20.41
CA VAL A 119 1.73 -59.05 -20.11
C VAL A 119 2.33 -58.08 -21.11
N ASN A 120 2.91 -56.99 -20.62
CA ASN A 120 3.49 -55.97 -21.48
C ASN A 120 4.96 -55.80 -21.14
N LEU A 121 5.81 -55.77 -22.17
CA LEU A 121 7.21 -55.43 -22.02
C LEU A 121 7.53 -54.00 -22.45
N TYR A 122 6.59 -53.33 -23.09
CA TYR A 122 6.83 -51.95 -23.50
C TYR A 122 7.05 -51.07 -22.28
N PRO A 123 8.03 -50.16 -22.32
CA PRO A 123 8.29 -49.29 -21.17
C PRO A 123 7.05 -48.49 -20.79
N ASP A 124 6.80 -48.42 -19.48
CA ASP A 124 5.63 -47.72 -18.97
C ASP A 124 5.76 -46.22 -19.23
N TYR A 125 4.67 -45.62 -19.73
CA TYR A 125 4.72 -44.21 -20.11
C TYR A 125 4.99 -43.33 -18.91
N ALA A 126 4.47 -43.70 -17.74
CA ALA A 126 4.72 -42.90 -16.54
C ALA A 126 6.20 -42.88 -16.20
N SER A 127 6.87 -44.02 -16.38
CA SER A 127 8.31 -44.08 -16.17
C SER A 127 9.04 -43.14 -17.12
N LEU A 128 8.62 -43.11 -18.39
CA LEU A 128 9.24 -42.20 -19.34
C LEU A 128 9.02 -40.75 -18.94
N SER A 129 7.82 -40.43 -18.45
CA SER A 129 7.53 -39.08 -17.98
C SER A 129 8.44 -38.70 -16.82
N HIS A 130 8.60 -39.60 -15.86
CA HIS A 130 9.50 -39.33 -14.74
C HIS A 130 10.93 -39.14 -15.23
N ALA A 131 11.37 -39.98 -16.16
CA ALA A 131 12.74 -39.88 -16.67
C ALA A 131 12.96 -38.52 -17.35
N ILE A 132 12.04 -38.13 -18.22
CA ILE A 132 12.21 -36.86 -18.93
C ILE A 132 12.13 -35.70 -17.96
N LEU A 133 11.26 -35.80 -16.95
CA LEU A 133 11.19 -34.77 -15.92
C LEU A 133 12.51 -34.62 -15.21
N ASP A 134 13.10 -35.74 -14.79
CA ASP A 134 14.38 -35.67 -14.08
C ASP A 134 15.48 -35.11 -14.97
N LEU A 135 15.54 -35.54 -16.23
CA LEU A 135 16.61 -35.06 -17.09
C LEU A 135 16.45 -33.58 -17.41
N VAL A 136 15.23 -33.11 -17.62
CA VAL A 136 15.03 -31.69 -17.89
C VAL A 136 15.31 -30.87 -16.64
N GLN A 137 14.97 -31.40 -15.46
CA GLN A 137 15.31 -30.71 -14.22
C GLN A 137 16.82 -30.60 -14.06
N SER A 138 17.54 -31.65 -14.44
CA SER A 138 18.99 -31.55 -14.50
C SER A 138 19.43 -30.49 -15.49
N LEU A 139 18.77 -30.43 -16.64
CA LEU A 139 19.08 -29.43 -17.64
C LEU A 139 18.57 -28.04 -17.26
N LYS A 140 17.64 -27.98 -16.30
CA LYS A 140 17.08 -26.71 -15.82
C LYS A 140 16.46 -25.90 -16.96
N TRP A 141 15.87 -26.58 -17.93
CA TRP A 141 15.23 -25.91 -19.06
C TRP A 141 14.02 -25.13 -18.57
N ARG A 142 14.12 -23.80 -18.56
CA ARG A 142 12.99 -22.98 -18.17
C ARG A 142 11.93 -22.91 -19.26
N SER A 143 12.23 -23.36 -20.47
CA SER A 143 11.30 -23.33 -21.59
C SER A 143 11.00 -24.76 -22.02
N ALA A 144 9.72 -25.09 -22.18
CA ALA A 144 9.30 -26.40 -22.65
C ALA A 144 8.28 -26.25 -23.76
N THR A 145 8.48 -26.98 -24.85
CA THR A 145 7.56 -26.97 -26.00
C THR A 145 7.17 -28.40 -26.31
N VAL A 146 5.87 -28.68 -26.24
CA VAL A 146 5.37 -30.04 -26.41
C VAL A 146 5.19 -30.34 -27.89
N VAL A 147 5.75 -31.46 -28.34
CA VAL A 147 5.66 -31.89 -29.73
C VAL A 147 4.97 -33.25 -29.78
N TYR A 148 3.88 -33.33 -30.54
CA TYR A 148 3.14 -34.57 -30.69
C TYR A 148 2.12 -34.40 -31.81
N ASP A 149 1.86 -35.50 -32.51
CA ASP A 149 0.89 -35.51 -33.60
C ASP A 149 -0.29 -36.43 -33.34
N ASP A 150 -0.47 -36.90 -32.11
CA ASP A 150 -1.58 -37.78 -31.78
C ASP A 150 -1.86 -37.71 -30.30
N SER A 151 -3.05 -38.17 -29.93
CA SER A 151 -3.46 -38.20 -28.53
C SER A 151 -2.78 -39.30 -27.73
N THR A 152 -2.04 -40.19 -28.39
CA THR A 152 -1.34 -41.26 -27.71
C THR A 152 -0.15 -40.68 -26.94
N GLY A 153 -0.31 -40.54 -25.63
CA GLY A 153 0.76 -40.00 -24.83
C GLY A 153 0.34 -38.91 -23.86
N LEU A 154 -0.96 -38.70 -23.68
CA LEU A 154 -1.38 -37.70 -22.71
C LEU A 154 -0.89 -38.06 -21.31
N ILE A 155 -0.80 -39.35 -21.00
CA ILE A 155 -0.29 -39.74 -19.69
C ILE A 155 1.14 -39.26 -19.51
N ARG A 156 1.94 -39.24 -20.57
CA ARG A 156 3.32 -38.79 -20.49
C ARG A 156 3.49 -37.31 -20.83
N LEU A 157 2.43 -36.52 -20.67
CA LEU A 157 2.50 -35.07 -20.75
C LEU A 157 1.79 -34.37 -19.59
N GLN A 158 0.84 -35.03 -18.93
CA GLN A 158 0.15 -34.40 -17.81
C GLN A 158 1.12 -34.01 -16.70
N GLU A 159 2.04 -34.91 -16.34
CA GLU A 159 3.08 -34.53 -15.38
C GLU A 159 3.93 -33.38 -15.90
N LEU A 160 4.16 -33.32 -17.22
CA LEU A 160 4.88 -32.18 -17.77
C LEU A 160 4.11 -30.88 -17.57
N ILE A 161 2.80 -30.93 -17.76
CA ILE A 161 1.94 -29.78 -17.45
C ILE A 161 2.03 -29.42 -15.97
N MET A 162 2.11 -30.43 -15.10
CA MET A 162 2.24 -30.18 -13.67
C MET A 162 3.64 -29.70 -13.30
N ALA A 163 4.61 -29.87 -14.20
CA ALA A 163 6.00 -29.54 -13.89
C ALA A 163 6.17 -28.08 -13.43
N PRO A 164 5.62 -27.08 -14.13
CA PRO A 164 5.76 -25.71 -13.60
C PRO A 164 5.13 -25.56 -12.23
N SER A 165 4.04 -26.27 -11.96
CA SER A 165 3.47 -26.25 -10.63
C SER A 165 4.45 -26.85 -9.62
N ARG A 166 5.07 -27.97 -9.99
CA ARG A 166 6.11 -28.56 -9.15
C ARG A 166 7.32 -27.63 -9.07
N TYR A 167 7.71 -27.03 -10.19
CA TYR A 167 8.81 -26.06 -10.23
C TYR A 167 8.72 -25.31 -11.54
N ASN A 168 8.73 -23.97 -11.45
CA ASN A 168 8.36 -23.10 -12.56
C ASN A 168 9.04 -23.47 -13.88
N ILE A 169 8.22 -23.73 -14.89
CA ILE A 169 8.67 -24.00 -16.26
C ILE A 169 7.77 -23.22 -17.21
N ARG A 170 8.37 -22.61 -18.22
CA ARG A 170 7.58 -22.03 -19.31
C ARG A 170 7.22 -23.15 -20.28
N LEU A 171 5.92 -23.33 -20.51
CA LEU A 171 5.40 -24.47 -21.24
C LEU A 171 4.63 -24.00 -22.47
N LYS A 172 4.83 -24.70 -23.58
CA LYS A 172 4.17 -24.39 -24.85
C LYS A 172 3.57 -25.70 -25.40
N ILE A 173 2.29 -25.92 -25.10
CA ILE A 173 1.58 -27.06 -25.65
C ILE A 173 1.34 -26.83 -27.14
N ARG A 174 1.74 -27.81 -27.97
CA ARG A 174 1.67 -27.65 -29.43
C ARG A 174 1.18 -28.95 -30.04
N GLN A 175 -0.09 -28.97 -30.45
CA GLN A 175 -0.66 -30.09 -31.20
C GLN A 175 -0.48 -29.84 -32.69
N LEU A 176 0.33 -30.67 -33.32
CA LEU A 176 0.47 -30.60 -34.77
C LEU A 176 -0.72 -31.29 -35.45
N PRO A 177 -1.10 -30.83 -36.64
CA PRO A 177 -2.21 -31.47 -37.35
C PRO A 177 -1.87 -32.90 -37.74
N ILE A 178 -2.92 -33.73 -37.82
CA ILE A 178 -2.72 -35.16 -38.06
C ILE A 178 -2.42 -35.47 -39.51
N ASP A 179 -2.59 -34.52 -40.42
CA ASP A 179 -2.24 -34.70 -41.82
C ASP A 179 -1.02 -33.89 -42.21
N SER A 180 -0.28 -33.38 -41.24
CA SER A 180 0.86 -32.52 -41.52
C SER A 180 2.06 -33.34 -41.98
N ASP A 181 2.61 -32.98 -43.12
CA ASP A 181 3.88 -33.51 -43.58
C ASP A 181 4.86 -32.39 -43.94
N ASP A 182 4.42 -31.13 -43.89
CA ASP A 182 5.27 -29.96 -44.13
C ASP A 182 5.04 -29.02 -42.95
N SER A 183 5.79 -29.23 -41.88
CA SER A 183 5.60 -28.49 -40.64
C SER A 183 6.40 -27.20 -40.61
N ARG A 184 6.95 -26.76 -41.74
CA ARG A 184 7.68 -25.50 -41.78
C ARG A 184 6.90 -24.31 -41.23
N PRO A 185 5.58 -24.18 -41.45
CA PRO A 185 4.87 -23.04 -40.85
C PRO A 185 4.97 -23.01 -39.33
N LEU A 186 4.63 -24.11 -38.66
CA LEU A 186 4.74 -24.13 -37.21
C LEU A 186 6.19 -24.06 -36.76
N LEU A 187 7.12 -24.55 -37.57
CA LEU A 187 8.54 -24.42 -37.23
C LEU A 187 8.95 -22.96 -37.15
N LYS A 188 8.64 -22.18 -38.18
CA LYS A 188 9.00 -20.76 -38.14
C LYS A 188 8.15 -20.01 -37.12
N GLU A 189 6.94 -20.48 -36.85
CA GLU A 189 6.15 -19.90 -35.76
C GLU A 189 6.89 -20.04 -34.45
N MET A 190 7.43 -21.23 -34.20
CA MET A 190 8.20 -21.47 -32.98
C MET A 190 9.50 -20.69 -33.02
N LYS A 191 10.03 -20.45 -34.21
CA LYS A 191 11.18 -19.56 -34.36
C LYS A 191 10.87 -18.16 -33.83
N ARG A 192 9.69 -17.61 -34.15
CA ARG A 192 9.37 -16.33 -33.49
C ARG A 192 9.17 -16.50 -32.00
N GLY A 193 8.93 -17.71 -31.51
CA GLY A 193 8.82 -17.90 -30.08
C GLY A 193 10.13 -18.04 -29.35
N ARG A 194 11.26 -17.95 -30.06
CA ARG A 194 12.59 -18.07 -29.48
C ARG A 194 12.72 -19.36 -28.67
N GLU A 195 12.25 -20.46 -29.27
CA GLU A 195 12.20 -21.74 -28.59
C GLU A 195 13.25 -22.67 -29.17
N PHE A 196 14.17 -23.11 -28.32
CA PHE A 196 15.26 -23.98 -28.72
C PHE A 196 15.56 -25.08 -27.70
N ARG A 197 14.85 -25.11 -26.57
CA ARG A 197 14.92 -26.19 -25.60
C ARG A 197 13.58 -26.92 -25.67
N ILE A 198 13.50 -27.92 -26.53
CA ILE A 198 12.25 -28.51 -27.00
C ILE A 198 12.21 -30.00 -26.65
N ILE A 199 11.05 -30.46 -26.18
CA ILE A 199 10.79 -31.87 -25.95
C ILE A 199 9.87 -32.42 -27.04
N PHE A 200 10.19 -33.64 -27.49
CA PHE A 200 9.56 -34.25 -28.66
C PHE A 200 8.99 -35.60 -28.24
N ASP A 201 7.67 -35.73 -28.25
CA ASP A 201 7.04 -37.05 -28.14
C ASP A 201 6.78 -37.54 -29.57
N CYS A 202 7.65 -38.42 -30.05
CA CYS A 202 7.67 -38.77 -31.47
C CYS A 202 7.98 -40.25 -31.65
N SER A 203 7.57 -40.76 -32.81
CA SER A 203 7.79 -42.15 -33.21
C SER A 203 8.87 -42.22 -34.29
N HIS A 204 9.07 -43.43 -34.80
CA HIS A 204 10.07 -43.67 -35.84
C HIS A 204 9.87 -42.77 -37.04
N THR A 205 8.75 -42.95 -37.74
CA THR A 205 8.51 -42.15 -38.94
C THR A 205 8.19 -40.71 -38.56
N MET A 206 7.65 -40.50 -37.36
CA MET A 206 7.37 -39.15 -36.89
C MET A 206 8.65 -38.37 -36.69
N ALA A 207 9.63 -38.97 -35.99
CA ALA A 207 10.93 -38.34 -35.86
C ALA A 207 11.63 -38.21 -37.21
N ALA A 208 11.38 -39.15 -38.14
CA ALA A 208 11.92 -39.01 -39.48
C ALA A 208 11.40 -37.74 -40.15
N GLN A 209 10.09 -37.49 -40.04
CA GLN A 209 9.51 -36.25 -40.56
C GLN A 209 10.11 -35.04 -39.85
N ILE A 210 10.27 -35.14 -38.52
CA ILE A 210 10.83 -34.03 -37.76
C ILE A 210 12.20 -33.66 -38.29
N LEU A 211 13.06 -34.66 -38.48
CA LEU A 211 14.41 -34.39 -38.93
C LEU A 211 14.44 -33.93 -40.38
N LYS A 212 13.53 -34.45 -41.22
CA LYS A 212 13.47 -33.97 -42.59
C LYS A 212 13.11 -32.49 -42.66
N GLN A 213 12.12 -32.07 -41.87
CA GLN A 213 11.83 -30.65 -41.79
C GLN A 213 13.00 -29.86 -41.22
N ALA A 214 13.64 -30.41 -40.18
CA ALA A 214 14.77 -29.73 -39.54
C ALA A 214 15.92 -29.48 -40.51
N MET A 215 16.28 -30.50 -41.29
CA MET A 215 17.29 -30.29 -42.32
C MET A 215 16.80 -29.34 -43.40
N ALA A 216 15.54 -29.50 -43.84
CA ALA A 216 15.07 -28.76 -45.01
C ALA A 216 15.03 -27.26 -44.74
N MET A 217 14.21 -26.84 -43.78
CA MET A 217 14.12 -25.41 -43.50
C MET A 217 15.30 -24.90 -42.69
N GLY A 218 15.87 -25.73 -41.82
CA GLY A 218 17.16 -25.41 -41.20
C GLY A 218 17.16 -24.99 -39.74
N MET A 219 17.44 -25.97 -38.88
CA MET A 219 17.69 -25.76 -37.45
C MET A 219 19.12 -26.11 -37.07
N MET A 220 20.01 -26.26 -38.04
CA MET A 220 21.39 -26.59 -37.70
C MET A 220 22.06 -25.37 -37.07
N THR A 221 21.92 -25.25 -35.75
CA THR A 221 22.41 -24.10 -35.01
C THR A 221 22.76 -24.56 -33.61
N GLU A 222 23.76 -23.90 -33.01
CA GLU A 222 24.22 -24.28 -31.68
C GLU A 222 23.17 -24.05 -30.60
N TYR A 223 22.23 -23.14 -30.82
CA TYR A 223 21.22 -22.87 -29.80
C TYR A 223 20.35 -24.08 -29.53
N TYR A 224 19.91 -24.76 -30.58
CA TYR A 224 18.89 -25.79 -30.46
C TYR A 224 19.47 -27.04 -29.82
N HIS A 225 18.88 -27.46 -28.71
CA HIS A 225 19.16 -28.75 -28.08
C HIS A 225 17.86 -29.53 -28.01
N PHE A 226 17.89 -30.78 -28.47
CA PHE A 226 16.66 -31.53 -28.63
C PHE A 226 16.73 -32.85 -27.86
N ILE A 227 15.55 -33.41 -27.63
CA ILE A 227 15.38 -34.67 -26.91
C ILE A 227 14.08 -35.31 -27.38
N PHE A 228 14.06 -36.63 -27.46
CA PHE A 228 12.96 -37.33 -28.11
C PHE A 228 12.59 -38.57 -27.31
N THR A 229 11.48 -39.20 -27.71
CA THR A 229 10.94 -40.36 -27.02
C THR A 229 11.09 -41.67 -27.78
N THR A 230 11.44 -41.62 -29.06
CA THR A 230 11.65 -42.86 -29.81
C THR A 230 12.90 -43.56 -29.31
N LEU A 231 12.83 -44.89 -29.24
CA LEU A 231 13.91 -45.70 -28.69
C LEU A 231 14.87 -46.21 -29.75
N ASP A 232 14.64 -45.91 -31.02
CA ASP A 232 15.52 -46.33 -32.10
C ASP A 232 16.21 -45.11 -32.68
N LEU A 233 17.54 -45.09 -32.59
CA LEU A 233 18.33 -43.98 -33.11
C LEU A 233 19.37 -44.42 -34.13
N TYR A 234 19.48 -45.72 -34.39
CA TYR A 234 20.48 -46.27 -35.30
C TYR A 234 20.00 -46.44 -36.73
N ALA A 235 18.69 -46.36 -36.98
CA ALA A 235 18.18 -46.57 -38.35
C ALA A 235 18.12 -45.29 -39.16
N LEU A 236 18.00 -44.15 -38.50
CA LEU A 236 17.89 -42.86 -39.16
C LEU A 236 19.26 -42.23 -39.35
N ASP A 237 19.41 -41.50 -40.45
CA ASP A 237 20.68 -40.85 -40.76
C ASP A 237 20.94 -39.70 -39.81
N LEU A 238 22.15 -39.68 -39.24
CA LEU A 238 22.57 -38.60 -38.35
C LEU A 238 23.88 -37.96 -38.76
N GLU A 239 24.58 -38.49 -39.77
CA GLU A 239 25.82 -37.89 -40.23
C GLU A 239 25.68 -36.42 -40.59
N PRO A 240 24.65 -35.97 -41.31
CA PRO A 240 24.52 -34.51 -41.53
C PRO A 240 24.46 -33.75 -40.23
N TYR A 241 23.79 -34.32 -39.23
CA TYR A 241 23.68 -33.70 -37.92
C TYR A 241 24.94 -33.91 -37.09
N ARG A 242 25.76 -34.89 -37.43
CA ARG A 242 26.97 -35.18 -36.66
C ARG A 242 27.93 -34.00 -36.68
N TYR A 243 28.21 -33.46 -37.87
CA TYR A 243 29.05 -32.27 -38.01
C TYR A 243 28.18 -31.01 -38.06
N SER A 244 27.46 -30.78 -36.96
CA SER A 244 26.63 -29.60 -36.82
C SER A 244 26.66 -29.15 -35.37
N GLY A 245 26.30 -27.89 -35.17
CA GLY A 245 26.33 -27.32 -33.83
C GLY A 245 25.17 -27.67 -32.95
N VAL A 246 24.19 -28.41 -33.47
CA VAL A 246 23.00 -28.74 -32.69
C VAL A 246 23.38 -29.74 -31.60
N ASN A 247 23.16 -29.33 -30.35
CA ASN A 247 23.24 -30.29 -29.25
C ASN A 247 21.99 -31.18 -29.27
N LEU A 248 22.16 -32.44 -28.90
CA LEU A 248 21.03 -33.37 -28.99
C LEU A 248 21.37 -34.64 -28.22
N THR A 249 20.33 -35.27 -27.67
CA THR A 249 20.47 -36.53 -26.97
C THR A 249 19.15 -37.27 -27.01
N GLY A 250 19.19 -38.53 -26.58
CA GLY A 250 17.99 -39.35 -26.55
C GLY A 250 18.23 -40.66 -25.85
N PHE A 251 17.13 -41.37 -25.61
CA PHE A 251 17.17 -42.65 -24.92
C PHE A 251 17.56 -43.78 -25.86
N ARG A 252 17.80 -44.95 -25.26
CA ARG A 252 17.92 -46.19 -26.00
C ARG A 252 17.65 -47.34 -25.05
N ILE A 253 17.04 -48.40 -25.57
CA ILE A 253 16.73 -49.57 -24.76
C ILE A 253 17.60 -50.77 -25.11
N LEU A 254 18.25 -50.77 -26.27
CA LEU A 254 19.13 -51.87 -26.62
C LEU A 254 20.43 -51.77 -25.82
N ASN A 255 20.83 -52.89 -25.21
CA ASN A 255 22.05 -52.91 -24.42
C ASN A 255 23.26 -52.87 -25.36
N VAL A 256 24.06 -51.80 -25.23
CA VAL A 256 25.26 -51.67 -26.03
C VAL A 256 26.48 -52.26 -25.34
N ASP A 257 26.39 -52.54 -24.05
CA ASP A 257 27.45 -53.23 -23.33
C ASP A 257 27.36 -54.75 -23.47
N ASN A 258 26.33 -55.26 -24.13
CA ASN A 258 26.15 -56.69 -24.28
C ASN A 258 26.70 -57.13 -25.62
N PRO A 259 27.78 -57.91 -25.65
CA PRO A 259 28.23 -58.49 -26.94
C PRO A 259 27.18 -59.37 -27.58
N HIS A 260 26.36 -60.03 -26.77
CA HIS A 260 25.32 -60.90 -27.32
C HIS A 260 24.30 -60.10 -28.12
N VAL A 261 23.93 -58.92 -27.61
CA VAL A 261 23.00 -58.07 -28.35
C VAL A 261 23.60 -57.65 -29.69
N SER A 262 24.90 -57.33 -29.68
CA SER A 262 25.58 -56.99 -30.93
C SER A 262 25.55 -58.16 -31.91
N ALA A 263 25.79 -59.38 -31.41
CA ALA A 263 25.71 -60.55 -32.28
C ALA A 263 24.31 -60.71 -32.85
N ILE A 264 23.30 -60.52 -32.01
CA ILE A 264 21.92 -60.67 -32.47
C ILE A 264 21.61 -59.66 -33.56
N VAL A 265 22.03 -58.40 -33.35
CA VAL A 265 21.69 -57.37 -34.33
C VAL A 265 22.47 -57.57 -35.63
N GLU A 266 23.71 -58.04 -35.56
CA GLU A 266 24.43 -58.29 -36.80
C GLU A 266 23.87 -59.49 -37.55
N LYS A 267 23.43 -60.53 -36.82
CA LYS A 267 22.75 -61.64 -37.48
C LYS A 267 21.46 -61.17 -38.15
N TRP A 268 20.69 -60.34 -37.45
CA TRP A 268 19.46 -59.82 -38.02
C TRP A 268 19.74 -59.00 -39.26
N SER A 269 20.76 -58.16 -39.22
CA SER A 269 21.08 -57.32 -40.36
C SER A 269 21.55 -58.15 -41.54
N MET A 270 22.41 -59.15 -41.31
CA MET A 270 22.92 -59.93 -42.43
C MET A 270 21.82 -60.82 -43.02
N GLU A 271 20.90 -61.31 -42.19
CA GLU A 271 19.81 -62.11 -42.73
C GLU A 271 18.79 -61.26 -43.47
N ARG A 272 18.58 -60.03 -43.02
CA ARG A 272 17.61 -59.14 -43.66
C ARG A 272 18.23 -58.50 -44.88
N LEU A 273 17.65 -58.76 -46.05
CA LEU A 273 18.19 -58.29 -47.32
C LEU A 273 17.44 -57.09 -47.88
N GLN A 274 16.48 -56.54 -47.13
CA GLN A 274 15.77 -55.35 -47.56
C GLN A 274 15.80 -54.30 -46.48
N ASP A 285 13.09 -55.14 -43.17
CA ASP A 285 13.98 -54.07 -42.72
C ASP A 285 15.29 -54.66 -42.20
N GLY A 286 16.40 -54.12 -42.71
CA GLY A 286 17.71 -54.63 -42.31
C GLY A 286 18.00 -54.41 -40.84
N VAL A 287 17.70 -53.22 -40.34
CA VAL A 287 18.02 -52.85 -38.97
C VAL A 287 16.96 -53.40 -38.01
N MET A 288 17.31 -53.44 -36.72
CA MET A 288 16.37 -53.84 -35.69
C MET A 288 15.35 -52.76 -35.41
N MET A 289 14.29 -53.16 -34.72
CA MET A 289 13.23 -52.28 -34.31
C MET A 289 12.93 -52.54 -32.84
N THR A 290 12.40 -51.51 -32.18
CA THR A 290 12.01 -51.65 -30.77
C THR A 290 11.03 -52.82 -30.60
N ASP A 291 9.98 -52.84 -31.42
CA ASP A 291 8.95 -53.86 -31.27
C ASP A 291 9.49 -55.25 -31.56
N ALA A 292 10.34 -55.39 -32.57
CA ALA A 292 10.94 -56.69 -32.85
C ALA A 292 11.79 -57.17 -31.68
N ALA A 293 12.56 -56.27 -31.07
CA ALA A 293 13.35 -56.64 -29.91
C ALA A 293 12.46 -57.08 -28.76
N LEU A 294 11.36 -56.35 -28.54
CA LEU A 294 10.39 -56.73 -27.52
C LEU A 294 9.83 -58.12 -27.81
N LEU A 295 9.50 -58.39 -29.06
CA LEU A 295 9.02 -59.72 -29.45
C LEU A 295 10.04 -60.77 -29.09
N TYR A 296 11.30 -60.55 -29.46
CA TYR A 296 12.37 -61.50 -29.16
C TYR A 296 12.44 -61.78 -27.67
N ASP A 297 12.50 -60.73 -26.87
CA ASP A 297 12.64 -60.89 -25.43
C ASP A 297 11.44 -61.61 -24.84
N ALA A 298 10.23 -61.23 -25.28
CA ALA A 298 9.03 -61.83 -24.73
C ALA A 298 8.93 -63.32 -25.07
N VAL A 299 9.23 -63.68 -26.31
CA VAL A 299 9.10 -65.09 -26.67
C VAL A 299 10.16 -65.93 -25.96
N HIS A 300 11.37 -65.40 -25.82
CA HIS A 300 12.38 -66.15 -25.08
C HIS A 300 12.00 -66.28 -23.61
N ILE A 301 11.42 -65.22 -23.04
CA ILE A 301 11.00 -65.24 -21.65
C ILE A 301 9.91 -66.29 -21.44
N VAL A 302 8.90 -66.29 -22.31
CA VAL A 302 7.80 -67.23 -22.11
C VAL A 302 8.29 -68.67 -22.32
N SER A 303 9.21 -68.88 -23.27
CA SER A 303 9.77 -70.22 -23.45
C SER A 303 10.51 -70.69 -22.21
N VAL A 304 11.39 -69.84 -21.67
CA VAL A 304 12.17 -70.27 -20.51
C VAL A 304 11.27 -70.45 -19.29
N THR A 305 10.25 -69.61 -19.14
CA THR A 305 9.32 -69.79 -18.02
C THR A 305 8.53 -71.07 -18.16
N TYR A 306 8.11 -71.41 -19.39
CA TYR A 306 7.41 -72.68 -19.60
C TYR A 306 8.29 -73.87 -19.27
N GLN A 307 9.57 -73.81 -19.66
CA GLN A 307 10.47 -74.88 -19.23
C GLN A 307 10.62 -74.88 -17.70
N ARG A 308 10.64 -73.71 -17.08
CA ARG A 308 10.56 -73.64 -15.63
C ARG A 308 9.19 -74.04 -15.11
N ALA A 309 8.16 -73.97 -15.94
CA ALA A 309 6.84 -74.43 -15.53
C ALA A 309 6.78 -75.96 -15.59
N PRO A 310 6.05 -76.58 -14.66
CA PRO A 310 5.94 -78.04 -14.68
C PRO A 310 5.26 -78.53 -15.95
N GLN A 311 5.24 -79.86 -16.10
CA GLN A 311 4.78 -80.49 -17.33
C GLN A 311 3.26 -80.46 -17.38
N MET A 312 2.71 -79.56 -18.20
CA MET A 312 1.28 -79.53 -18.48
C MET A 312 1.06 -79.55 -19.98
N THR A 313 -0.14 -79.98 -20.37
CA THR A 313 -0.52 -80.04 -21.77
C THR A 313 -1.62 -79.03 -22.04
N VAL A 314 -1.45 -78.21 -23.08
CA VAL A 314 -2.48 -77.28 -23.48
C VAL A 314 -3.62 -78.04 -24.16
N ASN A 315 -4.84 -77.54 -23.99
CA ASN A 315 -6.02 -78.18 -24.53
C ASN A 315 -6.42 -77.54 -25.86
N SER A 316 -7.36 -78.17 -26.54
CA SER A 316 -7.95 -77.66 -27.78
C SER A 316 -9.37 -77.22 -27.48
N LEU A 317 -9.66 -75.95 -27.76
CA LEU A 317 -10.92 -75.34 -27.34
C LEU A 317 -11.70 -74.85 -28.55
N GLN A 318 -13.03 -74.90 -28.43
CA GLN A 318 -13.89 -74.45 -29.50
C GLN A 318 -14.08 -72.94 -29.45
N CYS A 319 -14.55 -72.39 -30.58
CA CYS A 319 -14.73 -70.95 -30.71
C CYS A 319 -15.95 -70.44 -29.96
N HIS A 320 -16.83 -71.33 -29.51
CA HIS A 320 -17.98 -70.97 -28.68
C HIS A 320 -17.86 -71.58 -27.29
N ARG A 321 -16.74 -72.22 -26.98
CA ARG A 321 -16.54 -72.82 -25.67
C ARG A 321 -16.13 -71.76 -24.65
N HIS A 322 -16.66 -71.88 -23.44
CA HIS A 322 -16.33 -70.97 -22.36
C HIS A 322 -15.08 -71.38 -21.60
N LYS A 323 -14.47 -72.51 -21.97
CA LYS A 323 -13.33 -73.04 -21.26
C LYS A 323 -12.04 -72.66 -21.97
N ALA A 324 -10.94 -72.70 -21.23
CA ALA A 324 -9.61 -72.43 -21.75
C ALA A 324 -8.62 -73.35 -21.05
N TRP A 325 -7.34 -73.04 -21.18
CA TRP A 325 -6.32 -73.80 -20.47
C TRP A 325 -6.46 -73.55 -18.96
N ARG A 326 -6.60 -74.64 -18.20
CA ARG A 326 -6.91 -74.50 -16.78
C ARG A 326 -5.76 -73.92 -15.97
N PHE A 327 -4.53 -74.01 -16.48
CA PHE A 327 -3.35 -73.61 -15.75
C PHE A 327 -2.82 -72.24 -16.15
N GLY A 328 -3.62 -71.45 -16.87
CA GLY A 328 -3.19 -70.10 -17.21
C GLY A 328 -2.88 -69.25 -16.00
N GLY A 329 -3.70 -69.38 -14.95
CA GLY A 329 -3.45 -68.65 -13.72
C GLY A 329 -2.11 -68.98 -13.09
N ARG A 330 -1.75 -70.27 -13.09
CA ARG A 330 -0.43 -70.68 -12.64
C ARG A 330 0.66 -70.07 -13.52
N PHE A 331 0.44 -70.05 -14.84
CA PHE A 331 1.42 -69.42 -15.72
C PHE A 331 1.62 -67.95 -15.35
N MET A 332 0.51 -67.24 -15.10
CA MET A 332 0.58 -65.87 -14.61
C MET A 332 1.42 -65.77 -13.34
N ASN A 333 1.15 -66.67 -12.40
CA ASN A 333 1.93 -66.72 -11.17
C ASN A 333 3.42 -66.91 -11.44
N PHE A 334 3.75 -67.77 -12.40
CA PHE A 334 5.15 -67.99 -12.75
C PHE A 334 5.80 -66.75 -13.36
N ILE A 335 5.09 -66.08 -14.27
CA ILE A 335 5.70 -65.00 -15.04
C ILE A 335 5.68 -63.64 -14.33
N LYS A 336 4.70 -63.39 -13.46
CA LYS A 336 4.70 -62.14 -12.69
C LYS A 336 5.93 -61.99 -11.82
N GLU A 337 6.48 -63.09 -11.31
CA GLU A 337 7.74 -63.06 -10.57
C GLU A 337 8.92 -63.58 -11.39
N ALA A 338 8.81 -63.52 -12.71
CA ALA A 338 9.91 -63.90 -13.59
C ALA A 338 10.64 -62.64 -14.01
N GLN A 339 11.95 -62.62 -13.75
CA GLN A 339 12.80 -61.49 -14.09
C GLN A 339 13.92 -61.98 -15.00
N TRP A 340 14.13 -61.28 -16.11
CA TRP A 340 15.05 -61.77 -17.12
C TRP A 340 15.94 -60.63 -17.61
N GLU A 341 16.84 -60.95 -18.51
CA GLU A 341 17.72 -59.98 -19.16
C GLU A 341 17.67 -60.23 -20.64
N GLY A 342 17.29 -59.21 -21.40
CA GLY A 342 17.17 -59.37 -22.84
C GLY A 342 17.60 -58.17 -23.65
N LEU A 343 17.08 -58.06 -24.86
CA LEU A 343 17.48 -56.97 -25.75
C LEU A 343 17.10 -55.61 -25.18
N THR A 344 16.01 -55.54 -24.44
CA THR A 344 15.63 -54.31 -23.78
C THR A 344 16.32 -54.10 -22.44
N GLY A 345 17.05 -55.10 -21.95
CA GLY A 345 17.79 -54.99 -20.71
C GLY A 345 17.16 -55.75 -19.56
N ARG A 346 17.17 -55.13 -18.38
CA ARG A 346 16.52 -55.71 -17.21
C ARG A 346 15.02 -55.82 -17.42
N ILE A 347 14.45 -56.96 -17.03
CA ILE A 347 13.05 -57.27 -17.26
C ILE A 347 12.43 -57.70 -15.94
N VAL A 348 11.50 -56.90 -15.43
CA VAL A 348 10.83 -57.15 -14.17
C VAL A 348 9.32 -57.01 -14.39
N PHE A 349 8.55 -57.43 -13.39
CA PHE A 349 7.10 -57.32 -13.45
C PHE A 349 6.54 -57.13 -12.06
N ASN A 350 5.49 -56.32 -11.95
CA ASN A 350 4.83 -56.10 -10.67
C ASN A 350 3.97 -57.30 -10.30
N LYS A 351 3.60 -57.35 -9.03
CA LYS A 351 2.63 -58.33 -8.56
C LYS A 351 1.20 -57.87 -8.76
N THR A 352 0.98 -56.56 -8.83
CA THR A 352 -0.36 -56.01 -9.03
C THR A 352 -0.70 -55.81 -10.50
N SER A 353 0.31 -55.59 -11.34
CA SER A 353 0.05 -55.24 -12.74
C SER A 353 0.79 -56.18 -13.69
N GLY A 354 1.94 -56.69 -13.24
CA GLY A 354 2.77 -57.49 -14.13
C GLY A 354 3.30 -56.66 -15.28
N LEU A 355 3.78 -55.46 -14.96
CA LEU A 355 4.31 -54.54 -15.95
C LEU A 355 5.74 -54.16 -15.58
N ARG A 356 6.60 -54.05 -16.59
CA ARG A 356 8.00 -53.71 -16.37
C ARG A 356 8.10 -52.21 -16.10
N THR A 357 8.37 -51.86 -14.85
CA THR A 357 8.53 -50.47 -14.44
C THR A 357 9.95 -50.10 -14.08
N ASP A 358 10.69 -51.02 -13.47
CA ASP A 358 12.09 -50.78 -13.10
C ASP A 358 12.98 -51.25 -14.23
N PHE A 359 13.74 -50.32 -14.82
CA PHE A 359 14.63 -50.64 -15.93
C PHE A 359 15.55 -49.44 -16.14
N ASP A 360 16.67 -49.70 -16.80
CA ASP A 360 17.67 -48.68 -17.07
C ASP A 360 17.52 -48.14 -18.49
N LEU A 361 17.94 -46.90 -18.68
CA LEU A 361 17.80 -46.21 -19.95
C LEU A 361 19.19 -45.87 -20.49
N ASP A 362 19.43 -46.22 -21.75
CA ASP A 362 20.68 -45.88 -22.42
C ASP A 362 20.49 -44.53 -23.09
N ILE A 363 20.77 -43.46 -22.35
CA ILE A 363 20.66 -42.12 -22.90
C ILE A 363 21.87 -41.87 -23.78
N ILE A 364 21.62 -41.53 -25.04
CA ILE A 364 22.65 -41.39 -26.06
C ILE A 364 22.55 -40.01 -26.69
N SER A 365 23.68 -39.34 -26.81
CA SER A 365 23.78 -38.05 -27.48
C SER A 365 24.59 -38.19 -28.77
N LEU A 366 24.78 -37.06 -29.45
CA LEU A 366 25.44 -37.02 -30.74
C LEU A 366 26.43 -35.87 -30.79
N LYS A 367 27.64 -36.15 -31.26
CA LYS A 367 28.64 -35.11 -31.52
C LYS A 367 29.35 -35.47 -32.83
N GLU A 368 30.42 -34.74 -33.14
CA GLU A 368 31.19 -35.06 -34.34
C GLU A 368 31.92 -36.39 -34.23
N ASP A 369 31.97 -36.98 -33.04
CA ASP A 369 32.50 -38.32 -32.88
C ASP A 369 31.45 -39.40 -33.15
N GLY A 370 30.22 -39.00 -33.46
CA GLY A 370 29.15 -39.95 -33.63
C GLY A 370 28.26 -40.02 -32.41
N LEU A 371 27.73 -41.21 -32.12
CA LEU A 371 26.80 -41.39 -31.03
C LEU A 371 27.57 -41.76 -29.77
N GLU A 372 27.13 -41.24 -28.63
CA GLU A 372 27.83 -41.45 -27.38
C GLU A 372 26.85 -41.76 -26.25
N LYS A 373 27.27 -42.63 -25.33
CA LYS A 373 26.48 -42.92 -24.14
C LYS A 373 26.74 -41.83 -23.11
N VAL A 374 25.69 -41.15 -22.67
CA VAL A 374 25.83 -39.97 -21.83
C VAL A 374 25.17 -40.10 -20.46
N GLY A 375 24.40 -41.15 -20.21
CA GLY A 375 23.78 -41.30 -18.91
C GLY A 375 22.81 -42.45 -18.87
N VAL A 376 22.45 -42.84 -17.66
CA VAL A 376 21.52 -43.93 -17.40
C VAL A 376 20.44 -43.43 -16.45
N TRP A 377 19.20 -43.86 -16.67
CA TRP A 377 18.12 -43.51 -15.76
C TRP A 377 17.36 -44.75 -15.34
N SER A 378 17.00 -44.77 -14.05
CA SER A 378 16.15 -45.80 -13.46
C SER A 378 15.11 -45.13 -12.59
N PRO A 379 13.94 -45.76 -12.42
CA PRO A 379 12.93 -45.16 -11.53
C PRO A 379 13.33 -45.19 -10.07
N ALA A 380 14.11 -46.18 -9.65
CA ALA A 380 14.52 -46.29 -8.26
C ALA A 380 15.84 -45.59 -7.96
N ASP A 381 16.52 -45.04 -8.97
CA ASP A 381 17.80 -44.39 -8.75
C ASP A 381 17.92 -43.04 -9.46
N GLY A 382 16.90 -42.59 -10.16
CA GLY A 382 17.01 -41.34 -10.90
C GLY A 382 18.01 -41.44 -12.03
N LEU A 383 18.74 -40.36 -12.25
CA LEU A 383 19.70 -40.27 -13.34
C LEU A 383 21.12 -40.37 -12.79
N ASN A 384 21.99 -41.04 -13.55
CA ASN A 384 23.43 -41.06 -13.29
C ASN A 384 24.16 -40.70 -14.57
N ILE A 385 25.15 -39.84 -14.45
CA ILE A 385 25.87 -39.33 -15.62
C ILE A 385 27.33 -39.77 -15.58
N THR A 401 35.72 -24.79 -32.18
CA THR A 401 34.84 -24.02 -33.06
C THR A 401 35.42 -23.96 -34.47
N ASN A 402 34.67 -24.48 -35.44
CA ASN A 402 35.13 -24.50 -36.83
C ASN A 402 34.04 -24.16 -37.83
N ARG A 403 32.86 -23.76 -37.39
CA ARG A 403 31.74 -23.51 -38.30
C ARG A 403 31.64 -22.02 -38.62
N SER A 404 30.81 -21.72 -39.62
CA SER A 404 30.69 -20.38 -40.17
C SER A 404 29.51 -19.65 -39.54
N LEU A 405 29.74 -18.40 -39.15
CA LEU A 405 28.73 -17.54 -38.55
C LEU A 405 28.49 -16.32 -39.44
N ILE A 406 27.32 -15.72 -39.30
CA ILE A 406 26.98 -14.48 -39.98
C ILE A 406 26.91 -13.38 -38.93
N VAL A 407 27.67 -12.31 -39.16
CA VAL A 407 27.73 -11.19 -38.22
C VAL A 407 27.27 -9.92 -38.93
N THR A 408 26.29 -9.25 -38.33
CA THR A 408 25.80 -7.99 -38.87
C THR A 408 26.71 -6.84 -38.47
N THR A 409 26.79 -5.84 -39.34
CA THR A 409 27.70 -4.72 -39.19
C THR A 409 26.94 -3.41 -39.33
N LEU A 410 27.31 -2.42 -38.52
CA LEU A 410 26.85 -1.04 -38.67
C LEU A 410 28.04 -0.20 -39.07
N LEU A 411 27.95 0.47 -40.23
CA LEU A 411 29.06 1.23 -40.78
C LEU A 411 29.17 2.55 -40.03
N GLU A 412 30.21 2.68 -39.21
CA GLU A 412 30.44 3.92 -38.47
C GLU A 412 31.90 3.98 -38.04
N GLU A 413 32.43 5.19 -38.02
CA GLU A 413 33.81 5.46 -37.64
C GLU A 413 33.93 5.61 -36.13
N PRO A 414 35.12 5.36 -35.57
CA PRO A 414 36.31 4.87 -36.25
C PRO A 414 36.45 3.35 -36.15
N PHE A 415 35.33 2.65 -36.13
CA PHE A 415 35.32 1.20 -36.00
C PHE A 415 35.07 0.50 -37.32
N VAL A 416 34.05 0.89 -38.06
CA VAL A 416 33.71 0.29 -39.35
C VAL A 416 33.89 1.36 -40.41
N MET A 417 34.85 1.14 -41.31
CA MET A 417 35.13 2.07 -42.40
C MET A 417 35.03 1.33 -43.73
N PHE A 418 34.30 1.93 -44.67
CA PHE A 418 34.20 1.38 -46.02
C PHE A 418 35.57 1.31 -46.67
N ARG A 419 36.06 0.10 -46.94
CA ARG A 419 37.37 -0.05 -47.56
C ARG A 419 37.34 0.53 -48.98
N LYS A 420 38.42 1.23 -49.33
CA LYS A 420 38.52 1.94 -50.60
C LYS A 420 39.26 1.08 -51.61
N SER A 421 38.56 0.64 -52.64
CA SER A 421 39.17 -0.12 -53.72
C SER A 421 38.37 0.10 -54.99
N ASP A 422 39.05 -0.05 -56.14
CA ASP A 422 38.38 0.17 -57.42
C ASP A 422 37.45 -0.99 -57.76
N ARG A 423 37.87 -2.22 -57.49
CA ARG A 423 37.02 -3.38 -57.72
C ARG A 423 35.97 -3.49 -56.63
N THR A 424 34.83 -4.08 -56.98
CA THR A 424 33.78 -4.31 -56.00
C THR A 424 34.26 -5.29 -54.94
N LEU A 425 34.11 -4.91 -53.68
CA LEU A 425 34.57 -5.73 -52.57
C LEU A 425 33.49 -6.75 -52.20
N TYR A 426 33.95 -7.95 -51.82
CA TYR A 426 33.03 -9.04 -51.52
C TYR A 426 33.49 -9.75 -50.26
N GLY A 427 32.56 -10.47 -49.64
CA GLY A 427 32.90 -11.23 -48.45
C GLY A 427 33.21 -10.31 -47.28
N ASN A 428 34.33 -10.59 -46.62
CA ASN A 428 34.75 -9.84 -45.44
C ASN A 428 35.75 -8.74 -45.76
N ASP A 429 36.04 -8.51 -47.03
CA ASP A 429 36.94 -7.44 -47.44
C ASP A 429 36.21 -6.16 -47.81
N ARG A 430 34.90 -6.09 -47.55
CA ARG A 430 34.14 -4.90 -47.90
C ARG A 430 34.49 -3.72 -47.01
N PHE A 431 34.71 -3.98 -45.73
CA PHE A 431 35.01 -2.93 -44.77
C PHE A 431 36.26 -3.31 -43.97
N GLU A 432 36.75 -2.35 -43.19
CA GLU A 432 37.91 -2.57 -42.35
C GLU A 432 37.85 -1.59 -41.19
N GLY A 433 38.59 -1.91 -40.14
CA GLY A 433 38.63 -1.03 -38.99
C GLY A 433 39.04 -1.79 -37.73
N TYR A 434 38.73 -1.17 -36.59
CA TYR A 434 39.13 -1.71 -35.30
C TYR A 434 38.42 -3.02 -35.01
N CYS A 435 37.08 -2.97 -34.92
CA CYS A 435 36.32 -4.16 -34.57
C CYS A 435 36.43 -5.24 -35.64
N ILE A 436 36.58 -4.85 -36.90
CA ILE A 436 36.75 -5.85 -37.96
C ILE A 436 38.02 -6.63 -37.75
N ASP A 437 39.12 -5.93 -37.45
CA ASP A 437 40.36 -6.64 -37.13
C ASP A 437 40.22 -7.47 -35.86
N LEU A 438 39.47 -6.96 -34.88
CA LEU A 438 39.26 -7.73 -33.65
C LEU A 438 38.56 -9.05 -33.93
N LEU A 439 37.49 -9.01 -34.71
CA LEU A 439 36.78 -10.24 -35.05
C LEU A 439 37.61 -11.13 -35.97
N LYS A 440 38.44 -10.54 -36.82
CA LYS A 440 39.36 -11.35 -37.63
C LYS A 440 40.31 -12.13 -36.74
N GLU A 441 40.90 -11.47 -35.75
CA GLU A 441 41.80 -12.19 -34.84
C GLU A 441 41.04 -13.19 -33.98
N LEU A 442 39.79 -12.89 -33.63
CA LEU A 442 38.98 -13.84 -32.90
C LEU A 442 38.74 -15.10 -33.72
N ALA A 443 38.40 -14.94 -35.00
CA ALA A 443 38.24 -16.09 -35.88
C ALA A 443 39.56 -16.84 -36.06
N HIS A 444 40.68 -16.12 -36.04
CA HIS A 444 41.98 -16.79 -36.10
C HIS A 444 42.19 -17.67 -34.88
N ILE A 445 42.01 -17.11 -33.69
CA ILE A 445 42.35 -17.83 -32.47
C ILE A 445 41.37 -18.98 -32.21
N LEU A 446 40.08 -18.75 -32.47
CA LEU A 446 39.10 -19.82 -32.26
C LEU A 446 39.05 -20.79 -33.42
N GLY A 447 39.29 -20.33 -34.64
CA GLY A 447 39.29 -21.19 -35.81
C GLY A 447 37.99 -21.22 -36.60
N PHE A 448 37.03 -20.37 -36.28
CA PHE A 448 35.78 -20.35 -37.03
C PHE A 448 35.88 -19.35 -38.18
N SER A 449 34.78 -19.22 -38.91
CA SER A 449 34.68 -18.30 -40.05
C SER A 449 33.47 -17.40 -39.86
N TYR A 450 33.58 -16.18 -40.38
CA TYR A 450 32.52 -15.18 -40.23
C TYR A 450 32.17 -14.58 -41.59
N GLU A 451 30.98 -14.00 -41.66
CA GLU A 451 30.52 -13.39 -42.91
C GLU A 451 29.81 -12.08 -42.62
N ILE A 452 30.10 -11.07 -43.44
CA ILE A 452 29.57 -9.72 -43.23
C ILE A 452 28.09 -9.68 -43.60
N ARG A 453 27.32 -8.94 -42.82
CA ARG A 453 25.93 -8.62 -43.14
C ARG A 453 25.73 -7.12 -42.97
N LEU A 454 24.91 -6.53 -43.83
CA LEU A 454 24.74 -5.08 -43.84
C LEU A 454 23.66 -4.62 -42.87
N VAL A 455 23.79 -3.37 -42.44
CA VAL A 455 22.82 -2.77 -41.52
C VAL A 455 21.60 -2.30 -42.29
N GLU A 456 20.49 -2.10 -41.58
CA GLU A 456 19.25 -1.63 -42.16
C GLU A 456 18.76 -0.32 -41.56
N ASP A 457 19.54 0.31 -40.69
CA ASP A 457 19.11 1.55 -40.04
C ASP A 457 20.35 2.32 -39.58
N GLY A 458 20.12 3.55 -39.14
CA GLY A 458 21.20 4.41 -38.71
C GLY A 458 21.30 4.59 -37.21
N LYS A 459 21.06 3.54 -36.44
CA LYS A 459 21.14 3.65 -34.99
C LYS A 459 21.53 2.31 -34.39
N TYR A 460 22.04 2.36 -33.16
CA TYR A 460 22.37 1.13 -32.45
C TYR A 460 21.12 0.32 -32.12
N GLY A 461 20.00 0.98 -31.87
CA GLY A 461 18.78 0.31 -31.47
C GLY A 461 18.27 0.72 -30.12
N ALA A 462 17.02 1.16 -30.05
CA ALA A 462 16.44 1.64 -28.80
C ALA A 462 14.94 1.38 -28.80
N GLN A 463 14.37 1.36 -27.60
CA GLN A 463 12.93 1.24 -27.41
C GLN A 463 12.37 2.58 -26.95
N ASP A 464 11.24 2.98 -27.56
CA ASP A 464 10.64 4.26 -27.21
C ASP A 464 9.79 4.15 -25.93
N ASP A 465 8.70 3.38 -25.99
CA ASP A 465 7.88 3.14 -24.82
C ASP A 465 7.29 1.74 -24.76
N LYS A 466 7.60 0.88 -25.73
CA LYS A 466 6.90 -0.39 -25.87
C LYS A 466 7.80 -1.61 -25.93
N GLY A 467 9.12 -1.43 -25.85
CA GLY A 467 10.03 -2.53 -26.01
C GLY A 467 10.40 -2.84 -27.44
N GLN A 468 10.03 -1.98 -28.38
CA GLN A 468 10.42 -2.17 -29.77
C GLN A 468 11.94 -2.05 -29.91
N TRP A 469 12.49 -2.74 -30.90
CA TRP A 469 13.92 -2.70 -31.14
C TRP A 469 14.19 -2.69 -32.63
N ASN A 470 15.36 -2.16 -32.98
CA ASN A 470 15.81 -2.08 -34.36
C ASN A 470 17.33 -2.11 -34.37
N GLY A 471 17.91 -2.18 -35.57
CA GLY A 471 19.36 -2.20 -35.66
C GLY A 471 19.94 -3.48 -35.13
N MET A 472 21.09 -3.37 -34.46
CA MET A 472 21.84 -4.54 -34.02
C MET A 472 21.00 -5.39 -33.07
N VAL A 473 20.33 -4.74 -32.11
CA VAL A 473 19.63 -5.47 -31.07
C VAL A 473 18.49 -6.29 -31.66
N LYS A 474 17.70 -5.71 -32.58
CA LYS A 474 16.62 -6.48 -33.19
C LYS A 474 17.17 -7.52 -34.15
N GLU A 475 18.25 -7.20 -34.86
CA GLU A 475 18.87 -8.15 -35.77
C GLU A 475 19.42 -9.36 -35.04
N LEU A 476 19.66 -9.24 -33.74
CA LEU A 476 19.97 -10.40 -32.91
C LEU A 476 18.77 -11.00 -32.19
N ILE A 477 17.71 -10.20 -31.97
CA ILE A 477 16.50 -10.74 -31.34
C ILE A 477 15.88 -11.81 -32.21
N ASP A 478 15.74 -11.54 -33.51
CA ASP A 478 15.24 -12.54 -34.44
C ASP A 478 16.29 -13.60 -34.77
N HIS A 479 17.53 -13.39 -34.35
CA HIS A 479 18.62 -14.34 -34.59
C HIS A 479 18.81 -14.63 -36.07
N LYS A 480 18.64 -13.60 -36.89
CA LYS A 480 18.99 -13.70 -38.31
C LYS A 480 20.46 -13.40 -38.56
N ALA A 481 21.20 -13.06 -37.51
CA ALA A 481 22.64 -12.96 -37.54
C ALA A 481 23.18 -13.51 -36.23
N ASP A 482 24.42 -13.97 -36.25
CA ASP A 482 24.96 -14.62 -35.06
C ASP A 482 25.47 -13.61 -34.05
N LEU A 483 26.28 -12.64 -34.50
CA LEU A 483 26.75 -11.60 -33.60
C LEU A 483 26.54 -10.24 -34.25
N ALA A 484 26.55 -9.20 -33.42
CA ALA A 484 26.39 -7.83 -33.88
C ALA A 484 27.71 -7.09 -33.67
N VAL A 485 28.57 -7.12 -34.68
CA VAL A 485 29.84 -6.40 -34.59
C VAL A 485 29.61 -4.93 -34.92
N ALA A 486 29.66 -4.09 -33.89
CA ALA A 486 29.56 -2.64 -34.03
C ALA A 486 29.89 -2.02 -32.68
N PRO A 487 30.32 -0.77 -32.64
CA PRO A 487 30.58 -0.12 -31.33
C PRO A 487 29.29 0.21 -30.59
N LEU A 488 28.71 -0.81 -29.97
CA LEU A 488 27.43 -0.67 -29.28
C LEU A 488 27.64 -0.07 -27.91
N THR A 489 26.88 0.98 -27.60
CA THR A 489 26.80 1.46 -26.23
C THR A 489 26.17 0.37 -25.36
N ILE A 490 26.66 0.27 -24.13
CA ILE A 490 26.19 -0.74 -23.20
C ILE A 490 25.44 -0.05 -22.07
N THR A 491 24.14 -0.34 -21.94
CA THR A 491 23.33 0.17 -20.86
C THR A 491 22.62 -1.00 -20.19
N HIS A 492 22.22 -0.78 -18.94
CA HIS A 492 21.54 -1.84 -18.19
C HIS A 492 20.24 -2.25 -18.87
N VAL A 493 19.54 -1.29 -19.49
CA VAL A 493 18.27 -1.62 -20.14
C VAL A 493 18.49 -2.57 -21.31
N ARG A 494 19.41 -2.22 -22.20
CA ARG A 494 19.67 -3.09 -23.34
C ARG A 494 20.35 -4.38 -22.92
N GLU A 495 21.13 -4.34 -21.83
CA GLU A 495 21.67 -5.58 -21.27
C GLU A 495 20.56 -6.51 -20.82
N LYS A 496 19.54 -5.95 -20.17
CA LYS A 496 18.37 -6.76 -19.80
C LYS A 496 17.65 -7.27 -21.05
N ALA A 497 17.56 -6.44 -22.08
CA ALA A 497 17.02 -6.90 -23.36
C ALA A 497 17.81 -8.10 -23.88
N ILE A 498 19.08 -7.90 -24.19
CA ILE A 498 19.97 -8.99 -24.60
C ILE A 498 21.32 -8.76 -23.93
N ASP A 499 21.90 -9.83 -23.39
CA ASP A 499 23.22 -9.73 -22.79
C ASP A 499 24.29 -9.52 -23.85
N PHE A 500 25.37 -8.86 -23.45
CA PHE A 500 26.52 -8.65 -24.31
C PHE A 500 27.77 -9.22 -23.65
N SER A 501 28.80 -9.43 -24.47
CA SER A 501 30.10 -9.78 -23.93
C SER A 501 30.68 -8.59 -23.18
N LYS A 502 31.61 -8.88 -22.28
CA LYS A 502 32.24 -7.82 -21.51
C LYS A 502 32.97 -6.85 -22.44
N PRO A 503 32.95 -5.55 -22.15
CA PRO A 503 33.54 -4.58 -23.08
C PRO A 503 35.03 -4.82 -23.28
N PHE A 504 35.49 -4.56 -24.51
CA PHE A 504 36.91 -4.60 -24.82
C PHE A 504 37.61 -3.29 -24.51
N MET A 505 36.87 -2.27 -24.09
CA MET A 505 37.44 -0.96 -23.82
C MET A 505 36.53 -0.25 -22.83
N THR A 506 37.02 0.87 -22.31
CA THR A 506 36.28 1.73 -21.40
C THR A 506 36.06 3.07 -22.05
N LEU A 507 34.81 3.56 -22.03
CA LEU A 507 34.45 4.78 -22.75
C LEU A 507 34.01 5.85 -21.75
N GLY A 508 34.57 7.04 -21.91
CA GLY A 508 34.11 8.21 -21.19
C GLY A 508 33.64 9.26 -22.18
N VAL A 509 33.36 10.47 -21.69
CA VAL A 509 32.94 11.57 -22.57
C VAL A 509 33.94 12.72 -22.42
N SER A 510 34.47 13.16 -23.55
CA SER A 510 35.44 14.25 -23.58
C SER A 510 34.80 15.51 -24.14
N ILE A 511 35.52 16.64 -23.94
CA ILE A 511 35.13 17.94 -24.44
C ILE A 511 35.94 18.26 -25.69
N LEU A 512 35.29 18.96 -26.62
CA LEU A 512 35.86 19.38 -27.88
C LEU A 512 35.92 20.90 -27.84
N TYR A 513 37.12 21.44 -28.06
CA TYR A 513 37.40 22.86 -28.09
C TYR A 513 38.77 23.06 -28.73
N ARG A 514 38.93 24.18 -29.44
CA ARG A 514 40.22 24.54 -29.97
C ARG A 514 41.08 25.20 -28.89
N LYS A 515 42.39 25.08 -29.05
CA LYS A 515 43.29 25.77 -28.13
C LYS A 515 43.22 27.27 -28.35
N PRO A 516 42.99 28.07 -27.31
CA PRO A 516 42.99 29.53 -27.46
C PRO A 516 44.38 30.14 -27.48
N ASN A 517 45.42 29.34 -27.66
CA ASN A 517 46.78 29.84 -27.62
C ASN A 517 47.08 30.69 -28.86
N GLY A 518 47.81 31.77 -28.64
CA GLY A 518 48.21 32.64 -29.73
C GLY A 518 48.72 33.96 -29.18
N THR A 519 49.25 34.76 -30.09
CA THR A 519 49.78 36.08 -29.75
C THR A 519 48.75 37.13 -30.11
N ASN A 520 48.34 37.91 -29.12
CA ASN A 520 47.41 39.01 -29.30
C ASN A 520 48.03 40.29 -28.76
N PRO A 521 47.66 41.46 -29.31
CA PRO A 521 48.25 42.70 -28.82
C PRO A 521 47.89 42.96 -27.37
N SER A 522 48.89 42.83 -26.49
CA SER A 522 48.68 42.98 -25.06
C SER A 522 49.82 43.78 -24.41
N VAL A 523 50.46 44.64 -25.20
CA VAL A 523 51.48 45.54 -24.67
C VAL A 523 51.06 46.96 -25.02
N PHE A 524 50.27 47.10 -26.08
CA PHE A 524 49.74 48.40 -26.46
C PHE A 524 48.50 48.77 -25.65
N SER A 525 47.88 47.79 -24.98
CA SER A 525 46.80 48.05 -24.06
C SER A 525 47.16 47.68 -22.62
N PHE A 526 48.32 47.07 -22.39
CA PHE A 526 48.76 46.87 -21.02
C PHE A 526 49.00 48.20 -20.32
N LEU A 527 49.66 49.13 -21.00
CA LEU A 527 49.93 50.43 -20.42
C LEU A 527 48.69 51.32 -20.38
N ASN A 528 47.75 51.09 -21.30
CA ASN A 528 46.52 51.87 -21.36
C ASN A 528 45.34 50.92 -21.51
N PRO A 529 45.00 50.17 -20.45
CA PRO A 529 43.83 49.28 -20.52
C PRO A 529 42.51 50.01 -20.48
N LEU A 530 42.51 51.34 -20.40
CA LEU A 530 41.29 52.11 -20.28
C LEU A 530 41.15 53.00 -21.52
N SER A 531 40.13 53.85 -21.51
CA SER A 531 39.86 54.69 -22.66
C SER A 531 40.92 55.78 -22.78
N PRO A 532 41.56 55.92 -23.94
CA PRO A 532 42.62 56.94 -24.08
C PRO A 532 42.14 58.35 -23.82
N ASP A 533 40.87 58.65 -24.09
CA ASP A 533 40.34 60.00 -23.90
C ASP A 533 40.57 60.47 -22.46
N ILE A 534 40.51 59.55 -21.50
CA ILE A 534 40.79 59.90 -20.12
C ILE A 534 42.20 60.46 -19.98
N TRP A 535 43.17 59.77 -20.59
CA TRP A 535 44.54 60.28 -20.63
C TRP A 535 44.62 61.64 -21.30
N MET A 536 43.89 61.81 -22.40
CA MET A 536 43.80 63.12 -23.03
C MET A 536 43.34 64.18 -22.05
N TYR A 537 42.24 63.91 -21.35
CA TYR A 537 41.77 64.80 -20.29
C TYR A 537 42.85 65.11 -19.27
N VAL A 538 43.58 64.08 -18.85
CA VAL A 538 44.64 64.25 -17.86
C VAL A 538 45.68 65.24 -18.35
N LEU A 539 46.18 65.03 -19.57
CA LEU A 539 47.20 65.93 -20.12
C LEU A 539 46.64 67.33 -20.34
N LEU A 540 45.37 67.42 -20.73
CA LEU A 540 44.69 68.71 -20.80
C LEU A 540 44.76 69.43 -19.46
N ALA A 541 44.36 68.75 -18.38
CA ALA A 541 44.47 69.30 -17.04
C ALA A 541 45.89 69.74 -16.72
N TYR A 542 46.87 68.90 -17.08
CA TYR A 542 48.27 69.23 -16.83
C TYR A 542 48.64 70.56 -17.47
N LEU A 543 48.38 70.71 -18.76
CA LEU A 543 48.69 71.95 -19.44
C LEU A 543 47.85 73.12 -18.89
N GLY A 544 46.60 72.85 -18.53
CA GLY A 544 45.77 73.86 -17.92
C GLY A 544 46.35 74.44 -16.65
N VAL A 545 46.92 73.57 -15.80
CA VAL A 545 47.55 74.08 -14.58
C VAL A 545 48.97 74.54 -14.83
N SER A 546 49.55 74.18 -15.97
CA SER A 546 50.86 74.69 -16.35
C SER A 546 50.77 76.15 -16.73
N VAL A 547 49.99 76.43 -17.78
CA VAL A 547 49.96 77.76 -18.39
C VAL A 547 49.52 78.81 -17.37
N VAL A 548 48.59 78.46 -16.48
CA VAL A 548 48.12 79.44 -15.50
C VAL A 548 49.24 79.84 -14.56
N LEU A 549 50.02 78.86 -14.10
CA LEU A 549 51.20 79.16 -13.28
C LEU A 549 52.22 79.98 -14.06
N PHE A 550 52.36 79.70 -15.35
CA PHE A 550 53.22 80.53 -16.20
C PHE A 550 52.72 81.97 -16.26
N VAL A 551 51.40 82.15 -16.39
CA VAL A 551 50.83 83.49 -16.50
C VAL A 551 51.04 84.26 -15.20
N ILE A 552 50.73 83.63 -14.07
CA ILE A 552 50.93 84.27 -12.78
C ILE A 552 52.40 84.40 -12.41
N ALA A 553 53.29 83.71 -13.14
CA ALA A 553 54.72 83.94 -12.92
C ALA A 553 55.11 85.37 -13.27
N ARG A 554 54.36 86.00 -14.16
CA ARG A 554 54.58 87.40 -14.51
C ARG A 554 54.29 88.29 -13.31
N ALA A 601 55.32 79.54 -2.40
CA ALA A 601 54.51 80.71 -2.02
C ALA A 601 53.30 80.30 -1.20
N LEU A 602 52.26 81.13 -1.23
CA LEU A 602 51.04 80.88 -0.46
C LEU A 602 50.03 80.08 -1.28
N SER A 603 49.61 80.63 -2.41
CA SER A 603 48.73 79.91 -3.33
C SER A 603 49.41 78.66 -3.89
N THR A 604 50.73 78.67 -3.95
CA THR A 604 51.46 77.47 -4.37
C THR A 604 51.12 76.27 -3.48
N ARG A 605 50.99 76.48 -2.18
CA ARG A 605 50.64 75.38 -1.30
C ARG A 605 49.31 74.74 -1.68
N ILE A 606 48.27 75.57 -1.85
CA ILE A 606 46.94 75.02 -2.10
C ILE A 606 46.86 74.41 -3.50
N ILE A 607 47.50 75.02 -4.50
CA ILE A 607 47.44 74.45 -5.84
C ILE A 607 48.21 73.14 -5.88
N GLY A 608 49.35 73.06 -5.18
CA GLY A 608 50.08 71.81 -5.10
C GLY A 608 49.28 70.74 -4.39
N GLY A 609 48.59 71.11 -3.31
CA GLY A 609 47.78 70.14 -2.59
C GLY A 609 46.63 69.59 -3.43
N ILE A 610 45.94 70.47 -4.16
CA ILE A 610 44.81 70.01 -4.96
C ILE A 610 45.30 69.15 -6.12
N TRP A 611 46.42 69.53 -6.75
CA TRP A 611 46.96 68.69 -7.81
C TRP A 611 47.44 67.36 -7.25
N TRP A 612 48.01 67.38 -6.05
CA TRP A 612 48.47 66.15 -5.40
C TRP A 612 47.31 65.20 -5.15
N PHE A 613 46.20 65.74 -4.62
CA PHE A 613 45.03 64.90 -4.40
C PHE A 613 44.47 64.37 -5.71
N PHE A 614 44.45 65.21 -6.75
CA PHE A 614 44.01 64.76 -8.06
C PHE A 614 44.86 63.61 -8.58
N THR A 615 46.17 63.77 -8.51
CA THR A 615 47.07 62.72 -8.97
C THR A 615 46.88 61.44 -8.17
N LEU A 616 46.76 61.57 -6.85
CA LEU A 616 46.58 60.41 -5.99
C LEU A 616 45.31 59.66 -6.36
N ILE A 617 44.19 60.38 -6.53
CA ILE A 617 42.94 59.69 -6.78
C ILE A 617 42.94 59.04 -8.17
N ILE A 618 43.53 59.72 -9.16
CA ILE A 618 43.50 59.14 -10.50
C ILE A 618 44.41 57.91 -10.58
N ILE A 619 45.59 57.97 -9.96
CA ILE A 619 46.46 56.80 -10.00
C ILE A 619 45.86 55.67 -9.18
N SER A 620 45.15 56.00 -8.09
CA SER A 620 44.49 54.98 -7.30
C SER A 620 43.43 54.27 -8.11
N SER A 621 42.63 55.03 -8.87
CA SER A 621 41.62 54.42 -9.72
C SER A 621 42.28 53.53 -10.77
N TYR A 622 43.37 54.02 -11.36
CA TYR A 622 44.09 53.22 -12.35
C TYR A 622 44.57 51.90 -11.76
N THR A 623 45.19 51.94 -10.57
CA THR A 623 45.68 50.72 -9.96
C THR A 623 44.55 49.76 -9.63
N ALA A 624 43.44 50.30 -9.13
CA ALA A 624 42.30 49.44 -8.80
C ALA A 624 41.74 48.76 -10.02
N ASN A 625 41.58 49.51 -11.12
CA ASN A 625 41.09 48.90 -12.35
C ASN A 625 42.06 47.85 -12.88
N LEU A 626 43.37 48.15 -12.83
CA LEU A 626 44.37 47.16 -13.24
C LEU A 626 44.19 45.87 -12.47
N ALA A 627 44.07 45.98 -11.14
CA ALA A 627 43.94 44.80 -10.32
C ALA A 627 42.65 44.06 -10.64
N ALA A 628 41.56 44.79 -10.82
CA ALA A 628 40.29 44.16 -11.15
C ALA A 628 40.38 43.37 -12.44
N PHE A 629 40.98 43.95 -13.48
CA PHE A 629 41.14 43.21 -14.72
C PHE A 629 41.96 41.95 -14.51
N LEU A 630 43.23 42.09 -14.17
CA LEU A 630 44.01 40.82 -14.09
C LEU A 630 43.29 39.84 -13.18
N THR A 631 42.77 40.29 -12.03
CA THR A 631 42.10 39.31 -11.20
C THR A 631 41.06 38.55 -12.00
N VAL A 632 40.15 39.28 -12.68
CA VAL A 632 39.00 38.60 -13.28
C VAL A 632 39.46 37.62 -14.37
N GLU A 633 40.50 37.98 -15.13
CA GLU A 633 41.05 36.97 -16.04
C GLU A 633 41.78 35.87 -15.28
N ARG A 634 42.45 36.19 -14.17
CA ARG A 634 43.20 35.16 -13.45
C ARG A 634 42.38 34.44 -12.39
N MET A 635 41.22 34.98 -11.98
CA MET A 635 40.46 34.31 -10.94
C MET A 635 39.89 32.96 -11.39
N GLU A 636 39.89 32.67 -12.68
CA GLU A 636 39.40 31.39 -13.17
C GLU A 636 40.29 30.93 -14.32
N SER A 637 40.49 29.60 -14.42
CA SER A 637 41.39 28.99 -15.37
C SER A 637 40.80 29.01 -16.78
N PRO A 638 41.64 29.09 -17.82
CA PRO A 638 41.12 29.09 -19.19
C PRO A 638 40.23 27.89 -19.48
N ILE A 639 40.80 26.69 -19.39
CA ILE A 639 40.02 25.45 -19.34
C ILE A 639 40.88 24.31 -18.83
N ASP A 640 40.37 23.58 -17.84
CA ASP A 640 41.09 22.40 -17.33
C ASP A 640 40.21 21.18 -17.10
N SER A 641 38.90 21.35 -16.89
CA SER A 641 38.02 20.23 -16.60
C SER A 641 36.58 20.71 -16.78
N ALA A 642 35.65 19.76 -16.68
CA ALA A 642 34.23 20.12 -16.75
C ALA A 642 33.79 20.97 -15.57
N ASP A 643 34.51 20.92 -14.46
CA ASP A 643 34.23 21.81 -13.34
C ASP A 643 34.39 23.26 -13.74
N ASP A 644 35.29 23.55 -14.68
CA ASP A 644 35.39 24.92 -15.19
C ASP A 644 34.08 25.32 -15.85
N LEU A 645 33.49 24.43 -16.65
CA LEU A 645 32.18 24.72 -17.22
C LEU A 645 31.14 24.80 -16.10
N ALA A 646 31.39 24.10 -15.00
CA ALA A 646 30.46 24.10 -13.87
C ALA A 646 30.38 25.49 -13.25
N LYS A 647 31.52 26.17 -13.14
CA LYS A 647 31.56 27.46 -12.45
C LYS A 647 31.62 28.66 -13.38
N GLN A 648 31.91 28.47 -14.67
CA GLN A 648 31.89 29.57 -15.62
C GLN A 648 30.94 29.23 -16.77
N THR A 649 30.52 30.28 -17.48
CA THR A 649 29.57 30.13 -18.57
C THR A 649 29.96 30.92 -19.81
N LYS A 650 31.18 31.45 -19.88
CA LYS A 650 31.58 32.23 -21.04
C LYS A 650 31.66 31.41 -22.31
N ILE A 651 31.79 30.09 -22.19
CA ILE A 651 31.89 29.20 -23.34
C ILE A 651 30.63 28.35 -23.40
N GLU A 652 29.92 28.43 -24.53
CA GLU A 652 28.73 27.63 -24.72
C GLU A 652 29.11 26.16 -24.88
N TYR A 653 28.37 25.29 -24.21
CA TYR A 653 28.66 23.86 -24.24
C TYR A 653 27.39 23.08 -24.50
N GLY A 654 27.54 21.92 -25.13
CA GLY A 654 26.40 21.08 -25.38
C GLY A 654 26.81 19.82 -26.11
N ALA A 655 25.82 19.18 -26.73
CA ALA A 655 26.03 17.93 -27.46
C ALA A 655 24.88 17.74 -28.42
N VAL A 656 24.91 16.61 -29.15
CA VAL A 656 23.85 16.31 -30.09
C VAL A 656 22.57 16.01 -29.34
N LYS A 657 21.47 16.58 -29.81
CA LYS A 657 20.17 16.33 -29.20
C LYS A 657 19.80 14.85 -29.31
N ASP A 658 19.22 14.32 -28.25
CA ASP A 658 18.82 12.92 -28.13
C ASP A 658 20.00 11.96 -28.22
N GLY A 659 21.23 12.45 -28.08
CA GLY A 659 22.38 11.59 -28.12
C GLY A 659 22.57 10.82 -26.83
N ALA A 660 23.50 9.86 -26.89
CA ALA A 660 23.79 9.06 -25.70
C ALA A 660 24.32 9.92 -24.57
N THR A 661 25.02 11.01 -24.89
CA THR A 661 25.58 11.88 -23.86
C THR A 661 24.49 12.55 -23.05
N MET A 662 23.48 13.12 -23.71
CA MET A 662 22.43 13.81 -22.99
C MET A 662 21.55 12.83 -22.22
N THR A 663 21.34 11.63 -22.75
CA THR A 663 20.63 10.61 -21.98
C THR A 663 21.41 10.24 -20.73
N PHE A 664 22.73 10.08 -20.86
CA PHE A 664 23.56 9.81 -19.69
C PHE A 664 23.45 10.95 -18.67
N PHE A 665 23.45 12.19 -19.16
CA PHE A 665 23.31 13.33 -18.25
C PHE A 665 21.97 13.30 -17.54
N LYS A 666 20.91 12.94 -18.25
CA LYS A 666 19.60 12.83 -17.62
C LYS A 666 19.61 11.75 -16.54
N LYS A 667 20.15 10.58 -16.85
CA LYS A 667 20.13 9.48 -15.90
C LYS A 667 21.14 9.68 -14.77
N SER A 668 22.25 10.37 -15.03
CA SER A 668 23.22 10.62 -13.99
C SER A 668 22.65 11.58 -12.96
N LYS A 669 22.97 11.32 -11.68
CA LYS A 669 22.54 12.17 -10.58
C LYS A 669 23.65 13.08 -10.09
N ILE A 670 24.73 13.20 -10.84
CA ILE A 670 25.82 14.10 -10.45
C ILE A 670 25.34 15.54 -10.65
N SER A 671 25.37 16.33 -9.57
CA SER A 671 24.87 17.69 -9.64
C SER A 671 25.58 18.49 -10.72
N THR A 672 26.86 18.19 -10.97
CA THR A 672 27.56 18.83 -12.08
C THR A 672 26.84 18.57 -13.40
N PHE A 673 26.69 17.29 -13.76
CA PHE A 673 25.96 16.95 -14.97
C PHE A 673 24.51 17.40 -14.91
N GLU A 674 23.92 17.43 -13.70
CA GLU A 674 22.54 17.90 -13.57
C GLU A 674 22.41 19.35 -14.01
N LYS A 675 23.29 20.21 -13.50
CA LYS A 675 23.26 21.61 -13.88
C LYS A 675 23.70 21.81 -15.33
N MET A 676 24.59 20.95 -15.82
CA MET A 676 24.97 21.02 -17.23
C MET A 676 23.77 20.74 -18.12
N TRP A 677 22.98 19.73 -17.76
CA TRP A 677 21.77 19.42 -18.51
C TRP A 677 20.76 20.55 -18.39
N ALA A 678 20.63 21.13 -17.20
CA ALA A 678 19.72 22.26 -17.03
C ALA A 678 20.13 23.43 -17.92
N PHE A 679 21.42 23.72 -18.01
CA PHE A 679 21.88 24.80 -18.87
C PHE A 679 21.59 24.49 -20.34
N MET A 680 21.97 23.29 -20.80
CA MET A 680 21.76 22.97 -22.20
C MET A 680 20.28 22.92 -22.56
N SER A 681 19.42 22.61 -21.59
CA SER A 681 17.98 22.70 -21.84
C SER A 681 17.51 24.15 -21.83
N SER A 682 18.13 25.00 -21.03
CA SER A 682 17.74 26.41 -20.98
C SER A 682 18.00 27.11 -22.32
N LYS A 683 19.17 26.88 -22.90
CA LYS A 683 19.53 27.56 -24.15
C LYS A 683 19.46 26.60 -25.32
N PRO A 684 18.48 26.72 -26.21
CA PRO A 684 18.47 25.88 -27.42
C PRO A 684 19.64 26.16 -28.35
N SER A 685 20.29 27.32 -28.23
CA SER A 685 21.43 27.63 -29.08
C SER A 685 22.60 26.69 -28.82
N ALA A 686 22.62 26.02 -27.67
CA ALA A 686 23.66 25.05 -27.33
C ALA A 686 23.33 23.65 -27.82
N LEU A 687 22.24 23.49 -28.57
CA LEU A 687 21.79 22.19 -29.04
C LEU A 687 22.10 22.04 -30.52
N VAL A 688 22.67 20.90 -30.89
CA VAL A 688 22.99 20.59 -32.28
C VAL A 688 22.23 19.31 -32.66
N LYS A 689 21.59 19.35 -33.82
CA LYS A 689 20.85 18.18 -34.29
C LYS A 689 21.77 17.04 -34.67
N ASN A 690 23.01 17.35 -35.04
CA ASN A 690 23.96 16.33 -35.49
C ASN A 690 25.34 16.66 -34.95
N ASN A 691 26.13 15.62 -34.72
CA ASN A 691 27.46 15.80 -34.13
C ASN A 691 28.41 16.55 -35.06
N GLU A 692 28.28 16.34 -36.37
CA GLU A 692 29.15 17.06 -37.30
C GLU A 692 28.92 18.56 -37.23
N GLU A 693 27.67 18.98 -37.09
CA GLU A 693 27.37 20.41 -36.95
C GLU A 693 28.04 20.98 -35.71
N GLY A 694 27.97 20.26 -34.59
CA GLY A 694 28.65 20.72 -33.38
C GLY A 694 30.15 20.77 -33.54
N ILE A 695 30.72 19.76 -34.21
CA ILE A 695 32.16 19.76 -34.46
C ILE A 695 32.56 20.98 -35.28
N GLN A 696 31.80 21.28 -36.32
CA GLN A 696 32.10 22.43 -37.17
C GLN A 696 31.98 23.73 -36.38
N ARG A 697 30.94 23.86 -35.57
CA ARG A 697 30.74 25.11 -34.83
C ARG A 697 31.79 25.29 -33.75
N THR A 698 32.23 24.20 -33.11
CA THR A 698 33.35 24.28 -32.19
C THR A 698 34.63 24.68 -32.92
N LEU A 699 34.88 24.08 -34.09
CA LEU A 699 36.08 24.42 -34.86
C LEU A 699 36.08 25.86 -35.31
N THR A 700 34.91 26.43 -35.59
CA THR A 700 34.84 27.78 -36.12
C THR A 700 34.61 28.83 -35.05
N ALA A 701 33.75 28.56 -34.06
CA ALA A 701 33.37 29.53 -33.07
C ALA A 701 33.54 28.95 -31.68
N ASP A 702 33.34 29.80 -30.66
CA ASP A 702 33.51 29.38 -29.29
C ASP A 702 32.36 28.46 -28.88
N TYR A 703 32.66 27.18 -28.74
CA TYR A 703 31.66 26.20 -28.34
C TYR A 703 32.38 24.97 -27.83
N ALA A 704 31.79 24.33 -26.82
CA ALA A 704 32.35 23.14 -26.21
C ALA A 704 31.43 21.97 -26.52
N LEU A 705 31.97 20.93 -27.17
CA LEU A 705 31.18 19.77 -27.55
C LEU A 705 31.46 18.61 -26.61
N LEU A 706 30.41 17.98 -26.10
CA LEU A 706 30.59 16.81 -25.25
C LEU A 706 30.23 15.57 -26.05
N MET A 707 31.16 14.62 -26.10
CA MET A 707 30.91 13.44 -26.94
C MET A 707 31.78 12.29 -26.43
N GLU A 708 31.52 11.09 -26.96
CA GLU A 708 32.31 9.93 -26.60
C GLU A 708 33.80 10.20 -26.85
N SER A 709 34.62 9.75 -25.89
CA SER A 709 36.03 10.13 -25.87
C SER A 709 36.78 9.70 -27.13
N THR A 710 36.50 8.51 -27.66
CA THR A 710 37.22 8.06 -28.85
C THR A 710 36.92 8.93 -30.06
N THR A 711 35.73 9.54 -30.12
CA THR A 711 35.42 10.43 -31.23
C THR A 711 36.33 11.64 -31.21
N ILE A 712 36.44 12.31 -30.07
CA ILE A 712 37.34 13.46 -29.96
C ILE A 712 38.78 13.02 -30.16
N GLU A 713 39.12 11.82 -29.69
CA GLU A 713 40.46 11.28 -29.94
C GLU A 713 40.76 11.24 -31.44
N TYR A 714 39.87 10.63 -32.21
CA TYR A 714 40.06 10.54 -33.65
C TYR A 714 40.07 11.91 -34.31
N ILE A 715 39.18 12.79 -33.88
CA ILE A 715 39.09 14.12 -34.48
C ILE A 715 40.40 14.88 -34.26
N THR A 716 40.92 14.84 -33.03
CA THR A 716 42.18 15.51 -32.75
C THR A 716 43.32 14.88 -33.53
N GLN A 717 43.29 13.55 -33.69
CA GLN A 717 44.26 12.89 -34.54
C GLN A 717 44.14 13.36 -35.98
N ARG A 718 42.94 13.75 -36.40
CA ARG A 718 42.70 14.23 -37.76
C ARG A 718 42.52 15.74 -37.80
N ASN A 719 43.17 16.46 -36.89
CA ASN A 719 43.07 17.90 -36.82
C ASN A 719 44.34 18.46 -36.20
N CYS A 720 44.57 19.76 -36.41
CA CYS A 720 45.71 20.45 -35.82
C CYS A 720 45.32 21.67 -35.02
N ASN A 721 44.05 22.07 -35.02
CA ASN A 721 43.59 23.23 -34.27
C ASN A 721 42.77 22.87 -33.04
N LEU A 722 41.87 21.90 -33.16
CA LEU A 722 41.10 21.49 -32.00
C LEU A 722 41.90 20.51 -31.15
N THR A 723 41.51 20.40 -29.88
CA THR A 723 42.23 19.56 -28.93
C THR A 723 41.24 18.83 -28.03
N GLN A 724 41.63 17.64 -27.59
CA GLN A 724 40.89 16.92 -26.57
C GLN A 724 40.91 17.71 -25.28
N ILE A 725 39.75 17.85 -24.63
CA ILE A 725 39.63 18.66 -23.43
C ILE A 725 39.01 17.81 -22.33
N GLY A 726 39.57 17.91 -21.13
CA GLY A 726 39.06 17.20 -19.97
C GLY A 726 39.54 15.77 -19.90
N GLY A 727 39.73 15.27 -18.68
CA GLY A 727 40.13 13.90 -18.47
C GLY A 727 38.96 12.94 -18.59
N LEU A 728 39.25 11.67 -18.33
CA LEU A 728 38.22 10.65 -18.39
C LEU A 728 37.18 10.89 -17.31
N ILE A 729 35.90 10.83 -17.69
CA ILE A 729 34.82 11.09 -16.74
C ILE A 729 33.79 9.98 -16.66
N ASP A 730 33.68 9.10 -17.66
CA ASP A 730 32.64 8.09 -17.68
C ASP A 730 33.26 6.71 -17.93
N SER A 731 32.53 5.68 -17.52
CA SER A 731 32.95 4.29 -17.69
C SER A 731 31.78 3.55 -18.33
N LYS A 732 31.76 3.50 -19.66
CA LYS A 732 30.68 2.86 -20.39
C LYS A 732 31.16 1.72 -21.25
N GLY A 733 32.16 1.96 -22.11
CA GLY A 733 32.75 0.89 -22.89
C GLY A 733 31.90 0.39 -24.04
N TYR A 734 32.51 -0.44 -24.89
CA TYR A 734 31.85 -1.05 -26.04
C TYR A 734 32.04 -2.56 -26.01
N GLY A 735 30.96 -3.28 -26.29
CA GLY A 735 31.01 -4.73 -26.37
C GLY A 735 30.27 -5.22 -27.58
N ILE A 736 30.05 -6.53 -27.67
CA ILE A 736 29.37 -7.14 -28.81
C ILE A 736 28.07 -7.78 -28.32
N GLY A 737 27.00 -7.55 -29.06
CA GLY A 737 25.71 -8.09 -28.67
C GLY A 737 25.69 -9.60 -28.80
N THR A 738 25.04 -10.25 -27.84
CA THR A 738 24.99 -11.71 -27.80
C THR A 738 23.56 -12.19 -27.66
N PRO A 739 23.18 -13.23 -28.41
CA PRO A 739 21.86 -13.82 -28.23
C PRO A 739 21.81 -14.73 -27.02
N MET A 740 20.57 -15.05 -26.62
CA MET A 740 20.36 -15.96 -25.51
C MET A 740 20.68 -17.39 -25.92
N GLY A 741 21.20 -18.17 -24.97
CA GLY A 741 21.56 -19.54 -25.24
C GLY A 741 22.68 -19.69 -26.26
N SER A 742 23.63 -18.77 -26.27
CA SER A 742 24.76 -18.85 -27.18
C SER A 742 26.05 -19.04 -26.38
N PRO A 743 26.58 -20.26 -26.29
CA PRO A 743 27.88 -20.45 -25.62
C PRO A 743 28.99 -19.67 -26.32
N TYR A 744 28.79 -19.33 -27.60
CA TYR A 744 29.76 -18.50 -28.30
C TYR A 744 30.00 -17.19 -27.60
N ARG A 745 29.00 -16.63 -26.92
CA ARG A 745 29.25 -15.44 -26.11
C ARG A 745 30.32 -15.71 -25.06
N ASP A 746 30.21 -16.85 -24.37
CA ASP A 746 31.22 -17.22 -23.37
C ASP A 746 32.59 -17.41 -24.02
N LYS A 747 32.62 -18.07 -25.19
CA LYS A 747 33.89 -18.26 -25.88
C LYS A 747 34.50 -16.93 -26.27
N ILE A 748 33.70 -16.02 -26.82
CA ILE A 748 34.28 -14.75 -27.26
C ILE A 748 34.69 -13.93 -26.06
N THR A 749 33.99 -14.10 -24.94
CA THR A 749 34.37 -13.43 -23.70
C THR A 749 35.76 -13.88 -23.26
N ILE A 750 36.00 -15.18 -23.18
CA ILE A 750 37.30 -15.65 -22.72
C ILE A 750 38.38 -15.33 -23.75
N ALA A 751 38.05 -15.41 -25.04
CA ALA A 751 39.02 -15.06 -26.07
C ALA A 751 39.42 -13.60 -25.99
N ILE A 752 38.44 -12.71 -25.82
CA ILE A 752 38.72 -11.29 -25.69
C ILE A 752 39.54 -11.03 -24.43
N LEU A 753 39.24 -11.73 -23.34
CA LEU A 753 40.04 -11.57 -22.14
C LEU A 753 41.48 -11.98 -22.39
N GLN A 754 41.68 -13.08 -23.14
CA GLN A 754 43.01 -13.54 -23.51
C GLN A 754 43.74 -12.47 -24.30
N LEU A 755 43.03 -11.86 -25.26
CA LEU A 755 43.63 -10.79 -26.04
C LEU A 755 43.97 -9.61 -25.15
N GLN A 756 43.17 -9.39 -24.09
CA GLN A 756 43.45 -8.29 -23.17
C GLN A 756 44.76 -8.50 -22.45
N GLU A 757 45.00 -9.70 -21.88
CA GLU A 757 46.33 -9.83 -21.27
C GLU A 757 47.42 -9.89 -22.34
N GLU A 758 47.05 -10.22 -23.59
CA GLU A 758 48.01 -10.13 -24.69
C GLU A 758 48.28 -8.70 -25.11
N GLY A 759 47.38 -7.76 -24.80
CA GLY A 759 47.59 -6.38 -25.17
C GLY A 759 47.47 -6.10 -26.66
N LYS A 760 46.80 -6.98 -27.39
CA LYS A 760 46.66 -6.79 -28.84
C LYS A 760 45.84 -5.55 -29.15
N LEU A 761 44.83 -5.26 -28.32
CA LEU A 761 43.93 -4.14 -28.60
C LEU A 761 44.69 -2.84 -28.71
N HIS A 762 45.74 -2.68 -27.93
CA HIS A 762 46.60 -1.50 -28.07
C HIS A 762 47.22 -1.46 -29.45
N ILE A 763 47.68 -2.61 -29.95
CA ILE A 763 48.28 -2.67 -31.27
C ILE A 763 47.27 -2.25 -32.33
N MET A 764 46.06 -2.80 -32.26
CA MET A 764 45.07 -2.45 -33.28
C MET A 764 44.67 -0.98 -33.18
N LYS A 765 44.48 -0.46 -31.97
CA LYS A 765 44.04 0.93 -31.85
C LYS A 765 45.12 1.90 -32.29
N GLU A 766 46.39 1.62 -31.98
CA GLU A 766 47.47 2.45 -32.47
C GLU A 766 47.60 2.35 -33.99
N LYS A 767 47.42 1.16 -34.55
CA LYS A 767 47.48 1.01 -36.01
C LYS A 767 46.36 1.80 -36.68
N TRP A 768 45.16 1.78 -36.09
CA TRP A 768 44.00 2.40 -36.73
C TRP A 768 43.84 3.85 -36.33
N TRP A 769 44.26 4.21 -35.12
CA TRP A 769 44.21 5.59 -34.64
C TRP A 769 45.63 6.08 -34.47
N ARG A 770 46.11 6.84 -35.46
CA ARG A 770 47.43 7.48 -35.35
C ARG A 770 47.45 8.69 -36.26
N GLY A 771 47.22 9.87 -35.67
CA GLY A 771 47.29 11.11 -36.41
C GLY A 771 47.84 12.25 -35.57
N SER A 772 48.38 11.91 -34.41
CA SER A 772 48.78 12.90 -33.40
C SER A 772 49.64 13.99 -34.01
N GLY A 773 49.14 15.23 -33.95
CA GLY A 773 49.81 16.38 -34.49
C GLY A 773 50.76 17.02 -33.49
N CYS A 774 51.07 18.29 -33.75
CA CYS A 774 51.95 19.07 -32.89
C CYS A 774 51.46 19.08 -31.44
N GLU A 777 52.47 23.96 -26.17
CA GLU A 777 51.72 25.03 -25.51
C GLU A 777 52.66 25.98 -24.78
N GLU A 778 52.08 27.03 -24.21
CA GLU A 778 52.84 28.04 -23.47
C GLU A 778 52.19 28.27 -22.12
N ASN A 779 53.01 28.66 -21.14
CA ASN A 779 52.52 28.99 -19.81
C ASN A 779 52.37 30.49 -19.62
N LYS A 780 53.45 31.25 -19.81
CA LYS A 780 53.41 32.71 -19.80
C LYS A 780 52.86 33.27 -18.49
N GLU A 781 53.09 32.58 -17.38
CA GLU A 781 52.57 33.01 -16.08
C GLU A 781 53.77 33.35 -15.18
N ALA A 782 54.26 34.59 -15.32
CA ALA A 782 55.27 35.11 -14.40
C ALA A 782 55.03 36.57 -14.03
N SER A 783 54.00 37.20 -14.59
CA SER A 783 53.69 38.61 -14.35
C SER A 783 52.33 38.87 -15.01
N ALA A 784 51.85 40.11 -14.86
CA ALA A 784 50.54 40.46 -15.41
C ALA A 784 50.59 40.53 -16.92
N LEU A 785 49.63 39.85 -17.57
CA LEU A 785 49.45 39.89 -19.02
C LEU A 785 50.75 39.57 -19.77
N GLY A 786 51.40 38.50 -19.35
CA GLY A 786 52.54 37.98 -20.07
C GLY A 786 53.81 38.81 -20.02
N ILE A 787 54.90 38.25 -20.54
CA ILE A 787 56.17 38.96 -20.57
C ILE A 787 56.08 40.15 -21.51
N GLN A 788 55.39 39.98 -22.63
CA GLN A 788 55.24 41.06 -23.61
C GLN A 788 54.32 42.14 -23.07
N LYS A 789 54.83 42.92 -22.12
CA LYS A 789 54.03 43.94 -21.47
C LYS A 789 54.75 45.26 -21.27
N ILE A 790 56.05 45.33 -21.50
CA ILE A 790 56.87 46.50 -21.20
C ILE A 790 57.41 47.15 -22.48
N GLY A 791 57.16 46.53 -23.64
CA GLY A 791 57.69 47.08 -24.88
C GLY A 791 57.27 48.51 -25.12
N GLY A 792 56.01 48.83 -24.85
CA GLY A 792 55.57 50.22 -24.96
C GLY A 792 56.32 51.13 -24.00
N ILE A 793 56.59 50.63 -22.79
CA ILE A 793 57.37 51.41 -21.83
C ILE A 793 58.77 51.68 -22.37
N PHE A 794 59.41 50.67 -22.94
CA PHE A 794 60.74 50.86 -23.50
C PHE A 794 60.73 51.85 -24.66
N ILE A 795 59.71 51.75 -25.52
CA ILE A 795 59.63 52.64 -26.68
C ILE A 795 59.42 54.08 -26.23
N VAL A 796 58.49 54.30 -25.28
CA VAL A 796 58.23 55.66 -24.83
C VAL A 796 59.43 56.20 -24.07
N LEU A 797 60.13 55.33 -23.33
CA LEU A 797 61.35 55.75 -22.64
C LEU A 797 62.40 56.23 -23.62
N ALA A 798 62.64 55.47 -24.70
CA ALA A 798 63.62 55.88 -25.69
C ALA A 798 63.19 57.17 -26.39
N ALA A 799 61.89 57.30 -26.66
CA ALA A 799 61.39 58.53 -27.28
C ALA A 799 61.62 59.74 -26.38
N GLY A 800 61.38 59.59 -25.08
CA GLY A 800 61.64 60.71 -24.19
C GLY A 800 63.13 60.94 -24.01
N LEU A 801 63.92 59.88 -24.11
CA LEU A 801 65.37 60.00 -23.97
C LEU A 801 65.94 60.89 -25.06
N VAL A 802 65.51 60.67 -26.30
CA VAL A 802 66.10 61.42 -27.40
C VAL A 802 65.72 62.91 -27.33
N LEU A 803 64.61 63.24 -26.65
CA LEU A 803 64.15 64.63 -26.60
C LEU A 803 65.10 65.53 -25.82
N SER A 804 65.99 64.95 -25.00
CA SER A 804 66.90 65.77 -24.20
C SER A 804 68.12 66.22 -24.97
N VAL A 805 68.44 65.56 -26.09
CA VAL A 805 69.65 65.89 -26.85
C VAL A 805 69.36 66.88 -27.96
N LEU A 806 68.09 67.11 -28.30
CA LEU A 806 67.76 67.93 -29.46
C LEU A 806 68.20 69.38 -29.26
N VAL A 807 67.87 69.96 -28.13
CA VAL A 807 68.14 71.36 -27.87
C VAL A 807 69.49 71.50 -27.19
N ALA A 808 70.15 72.64 -27.44
CA ALA A 808 71.42 72.97 -26.80
C ALA A 808 71.25 73.76 -25.52
N VAL A 809 70.01 74.09 -25.15
CA VAL A 809 69.75 74.84 -23.92
C VAL A 809 69.12 73.94 -22.88
N HIS B 3 -45.30 -53.90 -42.43
CA HIS B 3 -44.97 -55.20 -41.85
C HIS B 3 -44.30 -55.05 -40.48
N VAL B 4 -43.32 -55.90 -40.22
CA VAL B 4 -42.59 -55.91 -38.95
C VAL B 4 -41.10 -55.88 -39.25
N ILE B 5 -40.37 -55.06 -38.50
CA ILE B 5 -38.92 -55.00 -38.57
C ILE B 5 -38.35 -55.12 -37.16
N ARG B 6 -37.09 -55.57 -37.10
CA ARG B 6 -36.41 -55.81 -35.84
C ARG B 6 -35.05 -55.14 -35.86
N ILE B 7 -34.59 -54.73 -34.69
CA ILE B 7 -33.33 -54.01 -34.54
C ILE B 7 -32.49 -54.64 -33.43
N GLY B 8 -31.17 -54.47 -33.55
CA GLY B 8 -30.25 -55.06 -32.61
C GLY B 8 -30.07 -54.25 -31.33
N GLY B 9 -30.56 -54.78 -30.22
CA GLY B 9 -30.43 -54.11 -28.94
C GLY B 9 -29.10 -54.35 -28.26
N ILE B 10 -28.35 -53.29 -28.04
CA ILE B 10 -27.04 -53.37 -27.40
C ILE B 10 -27.14 -52.64 -26.06
N PHE B 11 -27.06 -53.39 -24.97
CA PHE B 11 -27.23 -52.83 -23.63
C PHE B 11 -26.14 -53.34 -22.71
N GLU B 12 -25.54 -52.44 -21.94
CA GLU B 12 -24.35 -52.71 -21.17
C GLU B 12 -24.68 -52.57 -19.69
N TYR B 13 -24.21 -53.53 -18.89
CA TYR B 13 -24.49 -53.57 -17.46
C TYR B 13 -23.22 -53.96 -16.73
N ALA B 14 -23.23 -53.71 -15.41
CA ALA B 14 -22.08 -54.10 -14.59
C ALA B 14 -21.89 -55.60 -14.59
N ASP B 15 -22.99 -56.37 -14.56
CA ASP B 15 -22.92 -57.82 -14.56
C ASP B 15 -23.64 -58.43 -15.75
N GLY B 16 -23.95 -57.62 -16.76
CA GLY B 16 -24.52 -58.11 -17.99
C GLY B 16 -25.79 -58.91 -17.79
N PRO B 17 -25.88 -60.07 -18.46
CA PRO B 17 -27.04 -60.96 -18.23
C PRO B 17 -27.15 -61.42 -16.80
N ASN B 18 -26.03 -61.55 -16.10
CA ASN B 18 -26.08 -61.93 -14.69
C ASN B 18 -26.62 -60.83 -13.80
N ALA B 19 -26.58 -59.58 -14.27
CA ALA B 19 -27.23 -58.49 -13.56
C ALA B 19 -28.75 -58.61 -13.71
N GLN B 20 -29.47 -58.32 -12.62
CA GLN B 20 -30.91 -58.46 -12.61
C GLN B 20 -31.65 -57.14 -12.41
N VAL B 21 -30.95 -56.05 -12.09
CA VAL B 21 -31.59 -54.75 -12.03
C VAL B 21 -31.83 -54.23 -13.45
N MET B 22 -32.86 -53.40 -13.60
CA MET B 22 -33.23 -52.83 -14.88
C MET B 22 -32.75 -51.38 -14.94
N ASN B 23 -31.98 -51.06 -15.98
CA ASN B 23 -31.44 -49.71 -16.12
C ASN B 23 -32.39 -48.83 -16.93
N ALA B 24 -32.23 -47.52 -16.76
CA ALA B 24 -33.13 -46.57 -17.39
C ALA B 24 -33.01 -46.59 -18.91
N GLU B 25 -31.87 -47.03 -19.46
CA GLU B 25 -31.68 -47.01 -20.90
C GLU B 25 -32.68 -47.93 -21.60
N GLU B 26 -32.84 -49.14 -21.10
CA GLU B 26 -33.80 -50.05 -21.72
C GLU B 26 -35.23 -49.60 -21.47
N HIS B 27 -35.49 -48.92 -20.34
CA HIS B 27 -36.80 -48.35 -20.11
C HIS B 27 -37.14 -47.32 -21.18
N ALA B 28 -36.21 -46.40 -21.44
CA ALA B 28 -36.45 -45.40 -22.48
C ALA B 28 -36.54 -46.04 -23.86
N PHE B 29 -35.72 -47.06 -24.11
CA PHE B 29 -35.77 -47.74 -25.40
C PHE B 29 -37.13 -48.37 -25.64
N ARG B 30 -37.63 -49.13 -24.66
CA ARG B 30 -38.94 -49.77 -24.84
C ARG B 30 -40.07 -48.76 -24.87
N PHE B 31 -39.94 -47.66 -24.11
CA PHE B 31 -40.94 -46.60 -24.17
C PHE B 31 -41.01 -46.00 -25.57
N SER B 32 -39.85 -45.70 -26.14
CA SER B 32 -39.80 -45.16 -27.51
C SER B 32 -40.35 -46.17 -28.50
N ALA B 33 -40.02 -47.45 -28.33
CA ALA B 33 -40.54 -48.48 -29.23
C ALA B 33 -42.06 -48.54 -29.16
N ASN B 34 -42.62 -48.51 -27.94
CA ASN B 34 -44.07 -48.56 -27.81
C ASN B 34 -44.72 -47.35 -28.45
N ILE B 35 -44.17 -46.16 -28.24
CA ILE B 35 -44.83 -44.97 -28.77
C ILE B 35 -44.72 -44.93 -30.29
N ILE B 36 -43.57 -45.33 -30.84
CA ILE B 36 -43.44 -45.32 -32.30
C ILE B 36 -44.34 -46.38 -32.92
N ASN B 37 -44.48 -47.54 -32.28
CA ASN B 37 -45.43 -48.53 -32.76
C ASN B 37 -46.87 -48.07 -32.55
N ARG B 38 -47.09 -47.06 -31.71
CA ARG B 38 -48.41 -46.49 -31.54
C ARG B 38 -48.60 -45.16 -32.26
N ASN B 39 -47.51 -44.50 -32.65
CA ASN B 39 -47.59 -43.22 -33.34
C ASN B 39 -47.70 -43.49 -34.84
N ARG B 40 -48.92 -43.35 -35.37
CA ARG B 40 -49.16 -43.55 -36.79
C ARG B 40 -48.89 -42.30 -37.62
N THR B 41 -48.48 -41.19 -36.98
CA THR B 41 -48.16 -39.99 -37.73
C THR B 41 -46.99 -40.21 -38.68
N LEU B 42 -46.10 -41.14 -38.35
CA LEU B 42 -44.92 -41.42 -39.16
C LEU B 42 -44.96 -42.78 -39.83
N LEU B 43 -45.16 -43.85 -39.07
CA LEU B 43 -45.13 -45.19 -39.65
C LEU B 43 -46.40 -45.42 -40.46
N PRO B 44 -46.30 -45.68 -41.77
CA PRO B 44 -47.50 -45.92 -42.57
C PRO B 44 -48.23 -47.20 -42.18
N ASN B 45 -47.54 -48.33 -42.26
CA ASN B 45 -48.13 -49.62 -41.91
C ASN B 45 -47.16 -50.55 -41.21
N THR B 46 -45.94 -50.13 -40.91
CA THR B 46 -44.91 -51.00 -40.35
C THR B 46 -44.82 -50.82 -38.85
N THR B 47 -44.47 -51.91 -38.16
CA THR B 47 -44.18 -51.90 -36.74
C THR B 47 -42.73 -52.29 -36.51
N LEU B 48 -42.26 -52.10 -35.29
CA LEU B 48 -40.88 -52.37 -34.94
C LEU B 48 -40.79 -53.39 -33.82
N THR B 49 -39.77 -54.25 -33.90
CA THR B 49 -39.44 -55.21 -32.86
C THR B 49 -37.96 -55.08 -32.52
N TYR B 50 -37.50 -55.86 -31.55
CA TYR B 50 -36.13 -55.75 -31.07
C TYR B 50 -35.81 -56.96 -30.21
N ASP B 51 -34.56 -57.04 -29.78
CA ASP B 51 -34.11 -58.05 -28.84
C ASP B 51 -33.06 -57.44 -27.92
N ILE B 52 -33.14 -57.78 -26.64
CA ILE B 52 -32.23 -57.24 -25.64
C ILE B 52 -31.00 -58.11 -25.56
N GLN B 53 -29.84 -57.48 -25.39
CA GLN B 53 -28.56 -58.18 -25.20
C GLN B 53 -27.82 -57.50 -24.05
N ARG B 54 -27.95 -58.07 -22.85
CA ARG B 54 -27.22 -57.58 -21.70
C ARG B 54 -25.77 -58.02 -21.78
N ILE B 55 -24.85 -57.07 -21.65
CA ILE B 55 -23.42 -57.32 -21.86
C ILE B 55 -22.65 -56.80 -20.65
N HIS B 56 -21.72 -57.60 -20.15
CA HIS B 56 -20.81 -57.12 -19.12
C HIS B 56 -19.93 -56.00 -19.68
N PHE B 57 -19.40 -55.18 -18.78
CA PHE B 57 -18.48 -54.14 -19.18
C PHE B 57 -17.16 -54.72 -19.65
N HIS B 58 -16.58 -54.08 -20.67
CA HIS B 58 -15.29 -54.47 -21.24
C HIS B 58 -15.30 -55.92 -21.71
N ASP B 59 -16.42 -56.36 -22.25
CA ASP B 59 -16.55 -57.71 -22.81
C ASP B 59 -16.64 -57.60 -24.32
N SER B 60 -15.86 -58.42 -25.02
CA SER B 60 -15.90 -58.46 -26.47
C SER B 60 -16.35 -59.82 -26.99
N PHE B 61 -15.79 -60.91 -26.47
CA PHE B 61 -16.14 -62.22 -26.99
C PHE B 61 -17.63 -62.48 -26.84
N GLU B 62 -18.17 -62.29 -25.64
CA GLU B 62 -19.61 -62.44 -25.48
C GLU B 62 -20.35 -61.36 -26.24
N ALA B 63 -19.76 -60.16 -26.32
CA ALA B 63 -20.39 -59.07 -27.06
C ALA B 63 -20.54 -59.42 -28.54
N THR B 64 -19.46 -59.84 -29.18
CA THR B 64 -19.55 -60.21 -30.58
C THR B 64 -20.37 -61.48 -30.77
N LYS B 65 -20.35 -62.38 -29.79
CA LYS B 65 -21.21 -63.56 -29.83
C LYS B 65 -22.67 -63.14 -29.95
N LYS B 66 -23.12 -62.28 -29.02
CA LYS B 66 -24.50 -61.82 -29.06
C LYS B 66 -24.79 -61.03 -30.33
N ALA B 67 -23.84 -60.20 -30.74
CA ALA B 67 -24.02 -59.40 -31.94
C ALA B 67 -24.28 -60.29 -33.16
N CYS B 68 -23.40 -61.27 -33.38
CA CYS B 68 -23.57 -62.14 -34.54
C CYS B 68 -24.78 -63.05 -34.38
N ASP B 69 -25.14 -63.42 -33.15
CA ASP B 69 -26.35 -64.21 -32.95
C ASP B 69 -27.57 -63.42 -33.40
N GLN B 70 -27.68 -62.16 -32.97
CA GLN B 70 -28.81 -61.34 -33.36
C GLN B 70 -28.77 -61.00 -34.84
N LEU B 71 -27.56 -60.87 -35.40
CA LEU B 71 -27.42 -60.64 -36.84
C LEU B 71 -27.96 -61.82 -37.63
N ALA B 72 -27.59 -63.03 -37.23
CA ALA B 72 -28.13 -64.22 -37.87
C ALA B 72 -29.64 -64.31 -37.69
N LEU B 73 -30.12 -63.96 -36.50
CA LEU B 73 -31.57 -63.85 -36.31
C LEU B 73 -32.16 -62.74 -37.18
N GLY B 74 -31.39 -61.71 -37.48
CA GLY B 74 -31.81 -60.70 -38.44
C GLY B 74 -32.30 -59.39 -37.84
N VAL B 75 -31.45 -58.36 -37.91
CA VAL B 75 -31.83 -57.01 -37.53
C VAL B 75 -31.39 -56.03 -38.61
N VAL B 76 -31.97 -54.84 -38.56
CA VAL B 76 -31.67 -53.80 -39.54
C VAL B 76 -30.80 -52.70 -38.97
N ALA B 77 -30.56 -52.68 -37.66
CA ALA B 77 -29.69 -51.67 -37.07
C ALA B 77 -29.11 -52.22 -35.78
N ILE B 78 -27.97 -51.64 -35.37
CA ILE B 78 -27.29 -52.01 -34.14
C ILE B 78 -26.88 -50.75 -33.39
N PHE B 79 -26.61 -50.91 -32.10
CA PHE B 79 -26.41 -49.79 -31.20
C PHE B 79 -24.98 -49.78 -30.66
N GLY B 80 -24.58 -48.62 -30.13
CA GLY B 80 -23.26 -48.45 -29.59
C GLY B 80 -23.16 -48.75 -28.11
N PRO B 81 -22.12 -49.46 -27.70
CA PRO B 81 -21.90 -49.73 -26.27
C PRO B 81 -21.41 -48.51 -25.51
N SER B 82 -21.15 -48.68 -24.22
CA SER B 82 -20.64 -47.62 -23.36
C SER B 82 -19.17 -47.78 -23.02
N GLN B 83 -18.51 -48.86 -23.48
CA GLN B 83 -17.12 -49.11 -23.18
C GLN B 83 -16.30 -49.07 -24.47
N GLY B 84 -15.13 -48.45 -24.39
CA GLY B 84 -14.30 -48.20 -25.55
C GLY B 84 -14.01 -49.41 -26.40
N SER B 85 -13.40 -50.44 -25.80
CA SER B 85 -13.05 -51.64 -26.56
C SER B 85 -14.28 -52.32 -27.11
N THR B 86 -15.37 -52.33 -26.35
CA THR B 86 -16.62 -52.90 -26.84
C THR B 86 -17.13 -52.11 -28.05
N THR B 87 -17.05 -50.78 -27.99
CA THR B 87 -17.45 -49.98 -29.13
C THR B 87 -16.58 -50.26 -30.35
N ASN B 88 -15.27 -50.43 -30.13
CA ASN B 88 -14.37 -50.76 -31.24
C ASN B 88 -14.72 -52.10 -31.85
N ALA B 89 -15.04 -53.08 -30.99
CA ALA B 89 -15.45 -54.39 -31.50
C ALA B 89 -16.73 -54.28 -32.31
N VAL B 90 -17.69 -53.49 -31.84
CA VAL B 90 -18.93 -53.31 -32.58
C VAL B 90 -18.68 -52.63 -33.92
N GLN B 91 -17.77 -51.65 -33.95
CA GLN B 91 -17.42 -51.02 -35.23
C GLN B 91 -16.78 -52.03 -36.18
N SER B 92 -15.89 -52.88 -35.65
CA SER B 92 -15.30 -53.93 -36.47
C SER B 92 -16.35 -54.88 -36.99
N ILE B 93 -17.32 -55.22 -36.16
CA ILE B 93 -18.41 -56.10 -36.59
C ILE B 93 -19.18 -55.46 -37.73
N CYS B 94 -19.60 -54.21 -37.54
CA CYS B 94 -20.45 -53.58 -38.55
C CYS B 94 -19.69 -53.23 -39.82
N ASN B 95 -18.36 -53.14 -39.76
CA ASN B 95 -17.61 -52.96 -41.00
C ASN B 95 -17.35 -54.30 -41.69
N ALA B 96 -16.91 -55.30 -40.93
CA ALA B 96 -16.70 -56.63 -41.51
C ALA B 96 -18.02 -57.21 -41.98
N LEU B 97 -19.03 -57.21 -41.11
CA LEU B 97 -20.38 -57.60 -41.47
C LEU B 97 -21.15 -56.31 -41.72
N GLU B 98 -21.43 -56.02 -42.98
CA GLU B 98 -21.93 -54.72 -43.38
C GLU B 98 -23.36 -54.52 -42.85
N VAL B 99 -23.45 -53.82 -41.74
CA VAL B 99 -24.73 -53.47 -41.12
C VAL B 99 -24.61 -52.04 -40.57
N PRO B 100 -25.64 -51.22 -40.70
CA PRO B 100 -25.56 -49.86 -40.16
C PRO B 100 -25.47 -49.88 -38.65
N HIS B 101 -24.75 -48.89 -38.11
CA HIS B 101 -24.52 -48.82 -36.68
C HIS B 101 -24.70 -47.40 -36.19
N ILE B 102 -25.23 -47.27 -34.98
CA ILE B 102 -25.39 -46.00 -34.30
C ILE B 102 -24.53 -45.98 -33.05
N GLN B 103 -23.78 -44.90 -32.87
CA GLN B 103 -22.96 -44.70 -31.69
C GLN B 103 -23.68 -43.75 -30.75
N LEU B 104 -23.90 -44.19 -29.51
CA LEU B 104 -24.59 -43.38 -28.52
C LEU B 104 -23.66 -42.79 -27.47
N ARG B 105 -22.51 -43.41 -27.25
CA ARG B 105 -21.47 -42.88 -26.40
C ARG B 105 -20.19 -42.81 -27.22
N TRP B 106 -19.59 -41.63 -27.27
CA TRP B 106 -18.44 -41.40 -28.13
C TRP B 106 -17.17 -41.27 -27.29
N LYS B 107 -16.18 -42.09 -27.63
CA LYS B 107 -14.80 -41.88 -27.22
C LYS B 107 -13.94 -41.99 -28.46
N HIS B 108 -12.78 -41.34 -28.42
CA HIS B 108 -11.98 -41.09 -29.62
C HIS B 108 -11.77 -42.32 -30.48
N HIS B 109 -12.33 -42.27 -31.69
CA HIS B 109 -12.12 -43.30 -32.68
C HIS B 109 -10.75 -43.18 -33.31
N PRO B 110 -10.23 -44.25 -33.89
CA PRO B 110 -8.95 -44.15 -34.62
C PRO B 110 -9.04 -43.12 -35.74
N LEU B 111 -7.95 -42.39 -35.91
CA LEU B 111 -7.90 -41.34 -36.92
C LEU B 111 -7.63 -41.86 -38.33
N ASP B 112 -7.25 -43.12 -38.47
CA ASP B 112 -6.83 -43.65 -39.76
C ASP B 112 -7.60 -44.89 -40.18
N ASN B 113 -8.53 -45.39 -39.36
CA ASN B 113 -9.30 -46.56 -39.74
C ASN B 113 -10.16 -46.27 -40.96
N LYS B 114 -10.37 -47.30 -41.77
CA LYS B 114 -11.21 -47.19 -42.95
C LYS B 114 -12.68 -47.43 -42.65
N ASP B 115 -13.02 -47.65 -41.39
CA ASP B 115 -14.41 -47.90 -41.01
C ASP B 115 -15.13 -46.57 -40.84
N THR B 116 -15.99 -46.24 -41.79
CA THR B 116 -16.89 -45.09 -41.67
C THR B 116 -18.34 -45.54 -41.85
N PHE B 117 -18.58 -46.84 -41.77
CA PHE B 117 -19.87 -47.45 -42.05
C PHE B 117 -20.78 -47.44 -40.83
N TYR B 118 -20.92 -46.26 -40.24
CA TYR B 118 -21.71 -46.03 -39.04
C TYR B 118 -21.86 -44.53 -38.88
N VAL B 119 -22.77 -44.14 -38.00
CA VAL B 119 -22.96 -42.74 -37.66
C VAL B 119 -22.95 -42.61 -36.14
N ASN B 120 -22.56 -41.42 -35.67
CA ASN B 120 -22.46 -41.12 -34.26
C ASN B 120 -23.51 -40.08 -33.90
N LEU B 121 -24.30 -40.36 -32.87
CA LEU B 121 -25.27 -39.41 -32.35
C LEU B 121 -24.72 -38.92 -31.01
N TYR B 122 -23.89 -37.88 -31.08
CA TYR B 122 -23.20 -37.32 -29.94
C TYR B 122 -22.59 -35.98 -30.34
N PRO B 123 -22.52 -35.01 -29.43
CA PRO B 123 -21.87 -33.73 -29.76
C PRO B 123 -20.36 -33.88 -29.83
N ASP B 124 -19.78 -33.55 -30.99
CA ASP B 124 -18.34 -33.60 -31.12
C ASP B 124 -17.69 -32.56 -30.23
N TYR B 125 -16.58 -32.93 -29.60
CA TYR B 125 -15.95 -32.05 -28.63
C TYR B 125 -15.20 -30.90 -29.27
N ALA B 126 -14.95 -30.94 -30.58
CA ALA B 126 -14.41 -29.77 -31.26
C ALA B 126 -15.40 -28.61 -31.22
N SER B 127 -16.67 -28.90 -31.46
CA SER B 127 -17.72 -27.89 -31.34
C SER B 127 -17.82 -27.37 -29.91
N LEU B 128 -17.73 -28.28 -28.93
CA LEU B 128 -17.77 -27.87 -27.54
C LEU B 128 -16.58 -26.98 -27.20
N SER B 129 -15.41 -27.32 -27.72
CA SER B 129 -14.23 -26.50 -27.48
C SER B 129 -14.39 -25.11 -28.09
N HIS B 130 -14.93 -25.04 -29.30
CA HIS B 130 -15.18 -23.74 -29.92
C HIS B 130 -16.18 -22.93 -29.10
N ALA B 131 -17.22 -23.58 -28.60
CA ALA B 131 -18.18 -22.89 -27.75
C ALA B 131 -17.52 -22.39 -26.47
N ILE B 132 -16.67 -23.20 -25.85
CA ILE B 132 -15.96 -22.80 -24.64
C ILE B 132 -15.09 -21.60 -24.94
N LEU B 133 -14.36 -21.63 -26.05
CA LEU B 133 -13.49 -20.52 -26.41
C LEU B 133 -14.29 -19.24 -26.60
N ASP B 134 -15.39 -19.34 -27.37
CA ASP B 134 -16.17 -18.15 -27.67
C ASP B 134 -16.84 -17.59 -26.42
N LEU B 135 -17.29 -18.46 -25.51
CA LEU B 135 -17.87 -17.98 -24.28
C LEU B 135 -16.82 -17.36 -23.35
N VAL B 136 -15.61 -17.91 -23.34
CA VAL B 136 -14.53 -17.31 -22.56
C VAL B 136 -14.19 -15.93 -23.09
N GLN B 137 -14.09 -15.80 -24.42
CA GLN B 137 -13.83 -14.50 -25.02
C GLN B 137 -14.96 -13.52 -24.75
N SER B 138 -16.21 -14.00 -24.83
CA SER B 138 -17.35 -13.12 -24.55
C SER B 138 -17.33 -12.64 -23.11
N LEU B 139 -16.85 -13.47 -22.19
CA LEU B 139 -16.74 -13.10 -20.79
C LEU B 139 -15.36 -12.57 -20.42
N LYS B 140 -14.48 -12.40 -21.41
CA LYS B 140 -13.16 -11.80 -21.21
C LYS B 140 -12.36 -12.56 -20.15
N TRP B 141 -12.51 -13.87 -20.13
CA TRP B 141 -11.87 -14.69 -19.12
C TRP B 141 -10.44 -15.01 -19.50
N ARG B 142 -9.54 -14.96 -18.51
CA ARG B 142 -8.13 -15.22 -18.74
C ARG B 142 -7.53 -16.24 -17.79
N SER B 143 -8.23 -16.65 -16.75
CA SER B 143 -7.76 -17.70 -15.85
C SER B 143 -8.65 -18.92 -16.02
N ALA B 144 -8.03 -20.07 -16.30
CA ALA B 144 -8.78 -21.30 -16.52
C ALA B 144 -8.10 -22.45 -15.80
N THR B 145 -8.90 -23.45 -15.44
CA THR B 145 -8.41 -24.64 -14.78
C THR B 145 -9.41 -25.77 -14.98
N VAL B 146 -8.93 -26.91 -15.46
CA VAL B 146 -9.78 -28.04 -15.81
C VAL B 146 -9.49 -29.18 -14.84
N VAL B 147 -10.57 -29.81 -14.35
CA VAL B 147 -10.47 -30.96 -13.48
C VAL B 147 -11.18 -32.14 -14.14
N TYR B 148 -10.51 -33.28 -14.16
CA TYR B 148 -11.04 -34.48 -14.79
C TYR B 148 -10.64 -35.69 -13.95
N ASP B 149 -11.29 -36.81 -14.21
CA ASP B 149 -10.99 -38.06 -13.54
C ASP B 149 -10.58 -39.18 -14.47
N ASP B 150 -11.12 -39.22 -15.68
CA ASP B 150 -10.81 -40.26 -16.65
C ASP B 150 -9.85 -39.72 -17.70
N SER B 151 -8.85 -40.53 -18.06
CA SER B 151 -7.99 -40.17 -19.17
C SER B 151 -8.73 -40.14 -20.50
N THR B 152 -9.88 -40.82 -20.52
CA THR B 152 -10.68 -40.85 -21.78
C THR B 152 -11.14 -39.43 -22.07
N GLY B 153 -11.61 -38.73 -21.05
CA GLY B 153 -11.96 -37.34 -21.22
C GLY B 153 -10.76 -36.51 -21.61
N LEU B 154 -9.59 -36.79 -21.04
CA LEU B 154 -8.41 -36.03 -21.44
C LEU B 154 -8.15 -36.22 -22.93
N ILE B 155 -8.36 -37.45 -23.43
CA ILE B 155 -8.23 -37.73 -24.85
C ILE B 155 -9.21 -36.89 -25.64
N ARG B 156 -10.39 -36.65 -25.09
CA ARG B 156 -11.38 -35.85 -25.80
C ARG B 156 -11.33 -34.37 -25.41
N LEU B 157 -10.34 -33.96 -24.63
CA LEU B 157 -10.14 -32.58 -24.22
C LEU B 157 -8.77 -32.05 -24.61
N GLN B 158 -8.00 -32.84 -25.36
CA GLN B 158 -6.71 -32.34 -25.82
C GLN B 158 -6.84 -31.11 -26.68
N GLU B 159 -7.96 -30.97 -27.41
CA GLU B 159 -8.16 -29.75 -28.18
C GLU B 159 -8.32 -28.53 -27.26
N LEU B 160 -8.98 -28.71 -26.11
CA LEU B 160 -8.99 -27.65 -25.11
C LEU B 160 -7.62 -27.43 -24.52
N ILE B 161 -6.79 -28.47 -24.47
CA ILE B 161 -5.43 -28.30 -23.96
C ILE B 161 -4.61 -27.46 -24.92
N MET B 162 -4.80 -27.67 -26.23
CA MET B 162 -4.09 -26.88 -27.23
C MET B 162 -4.78 -25.58 -27.57
N ALA B 163 -5.94 -25.31 -26.96
CA ALA B 163 -6.65 -24.06 -27.18
C ALA B 163 -5.79 -22.80 -26.99
N PRO B 164 -4.87 -22.72 -26.02
CA PRO B 164 -4.01 -21.53 -25.93
C PRO B 164 -3.32 -21.14 -27.23
N SER B 165 -3.10 -22.09 -28.13
CA SER B 165 -2.60 -21.75 -29.46
C SER B 165 -3.58 -20.85 -30.20
N ARG B 166 -4.87 -21.17 -30.16
CA ARG B 166 -5.87 -20.32 -30.81
C ARG B 166 -6.01 -18.98 -30.10
N TYR B 167 -5.95 -18.98 -28.77
CA TYR B 167 -6.02 -17.74 -28.01
C TYR B 167 -5.34 -17.95 -26.67
N ASN B 168 -4.43 -17.05 -26.33
CA ASN B 168 -3.61 -17.21 -25.13
C ASN B 168 -4.46 -17.20 -23.87
N ILE B 169 -4.28 -18.22 -23.03
CA ILE B 169 -4.93 -18.31 -21.73
C ILE B 169 -4.24 -19.41 -20.92
N ARG B 170 -4.25 -19.28 -19.60
CA ARG B 170 -3.65 -20.27 -18.72
C ARG B 170 -4.67 -21.32 -18.33
N LEU B 171 -4.25 -22.58 -18.33
CA LEU B 171 -5.10 -23.70 -17.97
C LEU B 171 -4.36 -24.64 -17.04
N LYS B 172 -5.05 -25.12 -16.01
CA LYS B 172 -4.47 -26.03 -15.04
C LYS B 172 -5.22 -27.36 -15.08
N ILE B 173 -4.46 -28.45 -15.17
CA ILE B 173 -5.00 -29.80 -15.21
C ILE B 173 -4.99 -30.39 -13.81
N ARG B 174 -6.14 -30.91 -13.38
CA ARG B 174 -6.24 -31.51 -12.05
C ARG B 174 -6.99 -32.82 -12.17
N GLN B 175 -6.60 -33.77 -11.31
CA GLN B 175 -7.16 -35.11 -11.33
C GLN B 175 -7.58 -35.53 -9.92
N LEU B 176 -8.77 -36.10 -9.82
CA LEU B 176 -9.20 -36.74 -8.58
C LEU B 176 -9.28 -38.24 -8.81
N PRO B 177 -8.43 -39.05 -8.17
CA PRO B 177 -8.54 -40.50 -8.33
C PRO B 177 -9.90 -41.01 -7.87
N ILE B 178 -10.41 -42.01 -8.58
CA ILE B 178 -11.76 -42.51 -8.33
C ILE B 178 -11.88 -43.17 -6.97
N ASP B 179 -10.78 -43.60 -6.37
CA ASP B 179 -10.84 -44.32 -5.11
C ASP B 179 -11.23 -43.42 -3.94
N SER B 180 -11.26 -42.10 -4.14
CA SER B 180 -11.68 -41.17 -3.11
C SER B 180 -12.33 -39.96 -3.76
N ASP B 181 -13.55 -39.63 -3.33
CA ASP B 181 -14.23 -38.43 -3.80
C ASP B 181 -13.94 -37.29 -2.83
N ASP B 182 -12.68 -36.84 -2.85
CA ASP B 182 -12.20 -35.82 -1.93
C ASP B 182 -11.25 -34.91 -2.69
N SER B 183 -11.78 -33.78 -3.17
CA SER B 183 -11.00 -32.79 -3.88
C SER B 183 -10.44 -31.73 -2.94
N ARG B 184 -10.56 -31.93 -1.62
CA ARG B 184 -10.08 -30.94 -0.65
C ARG B 184 -8.64 -30.49 -0.89
N PRO B 185 -7.67 -31.38 -1.10
CA PRO B 185 -6.34 -30.87 -1.48
C PRO B 185 -6.37 -30.08 -2.78
N LEU B 186 -7.14 -30.56 -3.77
CA LEU B 186 -7.23 -29.86 -5.04
C LEU B 186 -7.91 -28.50 -4.87
N LEU B 187 -9.02 -28.48 -4.14
CA LEU B 187 -9.74 -27.24 -3.91
C LEU B 187 -8.86 -26.25 -3.15
N LYS B 188 -8.11 -26.74 -2.17
CA LYS B 188 -7.14 -25.90 -1.47
C LYS B 188 -6.10 -25.34 -2.43
N GLU B 189 -5.61 -26.17 -3.36
CA GLU B 189 -4.61 -25.72 -4.31
C GLU B 189 -5.16 -24.59 -5.19
N MET B 190 -6.36 -24.80 -5.76
CA MET B 190 -6.90 -23.77 -6.64
C MET B 190 -7.23 -22.49 -5.88
N LYS B 191 -7.79 -22.60 -4.67
CA LYS B 191 -8.11 -21.39 -3.93
C LYS B 191 -6.84 -20.65 -3.51
N ARG B 192 -5.81 -21.39 -3.10
CA ARG B 192 -4.53 -20.76 -2.79
C ARG B 192 -3.87 -20.19 -4.04
N GLY B 193 -4.18 -20.76 -5.20
CA GLY B 193 -3.75 -20.22 -6.47
C GLY B 193 -4.59 -19.05 -6.96
N ARG B 194 -5.51 -18.57 -6.13
CA ARG B 194 -6.38 -17.44 -6.46
C ARG B 194 -7.16 -17.72 -7.75
N GLU B 195 -7.70 -18.93 -7.84
CA GLU B 195 -8.48 -19.36 -8.98
C GLU B 195 -9.95 -19.43 -8.60
N PHE B 196 -10.80 -18.80 -9.40
CA PHE B 196 -12.23 -18.75 -9.14
C PHE B 196 -13.04 -19.22 -10.34
N ARG B 197 -12.41 -19.95 -11.26
CA ARG B 197 -13.05 -20.38 -12.49
C ARG B 197 -12.50 -21.75 -12.86
N ILE B 198 -13.37 -22.76 -12.90
CA ILE B 198 -12.96 -24.14 -13.09
C ILE B 198 -13.77 -24.76 -14.22
N ILE B 199 -13.10 -25.47 -15.11
CA ILE B 199 -13.77 -26.28 -16.13
C ILE B 199 -14.16 -27.61 -15.52
N PHE B 200 -15.42 -28.00 -15.73
CA PHE B 200 -16.00 -29.21 -15.15
C PHE B 200 -16.43 -30.15 -16.28
N ASP B 201 -15.79 -31.32 -16.36
CA ASP B 201 -16.08 -32.29 -17.40
C ASP B 201 -16.39 -33.69 -16.85
N CYS B 202 -16.52 -33.83 -15.54
CA CYS B 202 -16.69 -35.14 -14.93
C CYS B 202 -18.13 -35.63 -15.09
N SER B 203 -18.43 -36.78 -14.49
CA SER B 203 -19.76 -37.36 -14.60
C SER B 203 -20.72 -36.68 -13.64
N HIS B 204 -22.00 -37.00 -13.79
CA HIS B 204 -23.03 -36.42 -12.95
C HIS B 204 -22.83 -36.76 -11.49
N THR B 205 -22.50 -38.02 -11.19
CA THR B 205 -22.15 -38.37 -9.81
C THR B 205 -20.90 -37.63 -9.37
N MET B 206 -19.89 -37.58 -10.24
CA MET B 206 -18.69 -36.83 -9.92
C MET B 206 -18.99 -35.34 -9.77
N ALA B 207 -19.88 -34.81 -10.62
CA ALA B 207 -20.28 -33.42 -10.47
C ALA B 207 -20.93 -33.19 -9.11
N ALA B 208 -21.80 -34.11 -8.69
CA ALA B 208 -22.46 -33.97 -7.40
C ALA B 208 -21.45 -34.01 -6.25
N GLN B 209 -20.50 -34.93 -6.31
CA GLN B 209 -19.56 -35.04 -5.19
C GLN B 209 -18.59 -33.86 -5.17
N ILE B 210 -18.18 -33.36 -6.33
CA ILE B 210 -17.32 -32.17 -6.32
C ILE B 210 -18.11 -30.96 -5.85
N LEU B 211 -19.40 -30.89 -6.17
CA LEU B 211 -20.24 -29.83 -5.65
C LEU B 211 -20.33 -29.92 -4.13
N LYS B 212 -20.46 -31.13 -3.60
CA LYS B 212 -20.46 -31.31 -2.15
C LYS B 212 -19.13 -30.89 -1.53
N GLN B 213 -18.02 -31.22 -2.22
CA GLN B 213 -16.71 -30.78 -1.74
C GLN B 213 -16.63 -29.26 -1.72
N ALA B 214 -17.14 -28.61 -2.77
CA ALA B 214 -17.17 -27.15 -2.80
C ALA B 214 -18.04 -26.60 -1.67
N MET B 215 -19.17 -27.25 -1.41
CA MET B 215 -19.99 -26.86 -0.27
C MET B 215 -19.19 -26.92 1.02
N ALA B 216 -18.43 -28.00 1.21
CA ALA B 216 -17.64 -28.14 2.42
C ALA B 216 -16.58 -27.05 2.50
N MET B 217 -15.91 -26.78 1.40
CA MET B 217 -14.81 -25.81 1.37
C MET B 217 -15.33 -24.40 1.10
N GLY B 218 -16.62 -24.23 0.84
CA GLY B 218 -17.22 -22.92 0.74
C GLY B 218 -16.79 -22.01 -0.40
N MET B 219 -16.63 -22.56 -1.60
CA MET B 219 -16.39 -21.69 -2.76
C MET B 219 -17.68 -21.17 -3.35
N MET B 220 -18.46 -20.43 -2.56
CA MET B 220 -19.76 -19.94 -3.03
C MET B 220 -19.77 -18.43 -2.77
N THR B 221 -19.18 -17.67 -3.70
CA THR B 221 -19.15 -16.22 -3.58
C THR B 221 -19.29 -15.61 -4.96
N GLU B 222 -19.48 -14.30 -4.98
CA GLU B 222 -19.47 -13.56 -6.24
C GLU B 222 -18.11 -13.61 -6.91
N TYR B 223 -17.05 -13.97 -6.18
CA TYR B 223 -15.73 -14.11 -6.80
C TYR B 223 -15.72 -15.21 -7.86
N TYR B 224 -16.47 -16.28 -7.63
CA TYR B 224 -16.45 -17.44 -8.53
C TYR B 224 -17.43 -17.28 -9.67
N HIS B 225 -17.01 -17.70 -10.86
CA HIS B 225 -17.87 -17.84 -12.02
C HIS B 225 -17.45 -19.11 -12.72
N PHE B 226 -18.38 -20.06 -12.86
CA PHE B 226 -17.99 -21.41 -13.27
C PHE B 226 -18.72 -21.85 -14.54
N ILE B 227 -18.08 -22.78 -15.25
CA ILE B 227 -18.62 -23.43 -16.43
C ILE B 227 -18.50 -24.93 -16.23
N PHE B 228 -19.59 -25.64 -16.49
CA PHE B 228 -19.62 -27.10 -16.43
C PHE B 228 -19.76 -27.63 -17.85
N THR B 229 -18.65 -28.13 -18.40
CA THR B 229 -18.69 -28.67 -19.76
C THR B 229 -19.53 -29.93 -19.82
N THR B 230 -19.57 -30.69 -18.72
CA THR B 230 -20.37 -31.91 -18.68
C THR B 230 -21.84 -31.58 -18.93
N LEU B 231 -22.47 -32.40 -19.76
CA LEU B 231 -23.82 -32.11 -20.24
C LEU B 231 -24.86 -32.91 -19.45
N ASP B 232 -24.87 -32.69 -18.12
CA ASP B 232 -25.80 -33.40 -17.26
C ASP B 232 -26.32 -32.57 -16.10
N LEU B 233 -26.18 -31.25 -16.13
CA LEU B 233 -26.56 -30.42 -14.99
C LEU B 233 -28.05 -30.49 -14.71
N TYR B 234 -28.87 -30.43 -15.76
CA TYR B 234 -30.31 -30.53 -15.58
C TYR B 234 -30.69 -31.85 -14.92
N ALA B 235 -29.97 -32.91 -15.24
CA ALA B 235 -30.23 -34.21 -14.63
C ALA B 235 -29.85 -34.23 -13.15
N LEU B 236 -29.03 -33.30 -12.70
CA LEU B 236 -28.56 -33.26 -11.32
C LEU B 236 -29.44 -32.32 -10.51
N ASP B 237 -29.86 -32.77 -9.34
CA ASP B 237 -30.60 -31.92 -8.42
C ASP B 237 -29.69 -30.80 -7.91
N LEU B 238 -30.13 -29.55 -8.08
CA LEU B 238 -29.30 -28.42 -7.74
C LEU B 238 -30.06 -27.32 -7.00
N GLU B 239 -31.26 -27.62 -6.50
CA GLU B 239 -32.09 -26.58 -5.89
C GLU B 239 -31.46 -25.90 -4.67
N PRO B 240 -30.83 -26.60 -3.71
CA PRO B 240 -30.35 -25.89 -2.52
C PRO B 240 -29.06 -25.10 -2.74
N TYR B 241 -28.64 -24.92 -4.00
CA TYR B 241 -27.40 -24.23 -4.31
C TYR B 241 -27.61 -22.98 -5.13
N ARG B 242 -28.82 -22.76 -5.66
CA ARG B 242 -29.09 -21.57 -6.46
C ARG B 242 -29.13 -20.30 -5.64
N TYR B 243 -29.10 -20.40 -4.31
CA TYR B 243 -29.15 -19.24 -3.44
C TYR B 243 -27.75 -18.76 -3.06
N SER B 244 -26.71 -19.36 -3.62
CA SER B 244 -25.34 -18.93 -3.31
C SER B 244 -25.03 -17.57 -3.91
N GLY B 245 -25.59 -17.29 -5.09
CA GLY B 245 -25.24 -16.07 -5.79
C GLY B 245 -24.03 -16.18 -6.67
N VAL B 246 -23.71 -17.37 -7.15
CA VAL B 246 -22.51 -17.64 -7.92
C VAL B 246 -22.93 -17.99 -9.35
N ASN B 247 -22.26 -17.40 -10.33
CA ASN B 247 -22.58 -17.64 -11.73
C ASN B 247 -22.13 -19.04 -12.13
N LEU B 248 -23.07 -19.97 -12.16
CA LEU B 248 -22.82 -21.35 -12.55
C LEU B 248 -23.42 -21.57 -13.94
N THR B 249 -22.64 -21.25 -14.95
CA THR B 249 -23.03 -21.42 -16.34
C THR B 249 -22.82 -22.86 -16.80
N GLY B 250 -23.46 -23.21 -17.92
CA GLY B 250 -23.39 -24.53 -18.49
C GLY B 250 -24.07 -24.57 -19.85
N PHE B 251 -24.00 -25.74 -20.48
CA PHE B 251 -24.56 -25.99 -21.80
C PHE B 251 -25.68 -27.03 -21.68
N ARG B 252 -26.77 -26.82 -22.42
CA ARG B 252 -27.88 -27.78 -22.44
C ARG B 252 -28.15 -28.21 -23.87
N ILE B 253 -27.99 -29.51 -24.15
CA ILE B 253 -28.39 -30.01 -25.45
C ILE B 253 -29.89 -30.25 -25.48
N LEU B 254 -30.48 -30.55 -24.33
CA LEU B 254 -31.92 -30.81 -24.26
C LEU B 254 -32.69 -29.52 -24.52
N ASN B 255 -33.70 -29.61 -25.37
CA ASN B 255 -34.58 -28.50 -25.67
C ASN B 255 -35.92 -28.73 -24.97
N VAL B 256 -36.38 -27.70 -24.24
CA VAL B 256 -37.66 -27.78 -23.54
C VAL B 256 -38.66 -26.80 -24.09
N ASP B 257 -38.28 -25.96 -25.06
CA ASP B 257 -39.19 -24.97 -25.59
C ASP B 257 -40.39 -25.64 -26.27
N ASN B 258 -40.14 -26.70 -27.02
CA ASN B 258 -41.24 -27.40 -27.69
C ASN B 258 -42.09 -28.10 -26.64
N PRO B 259 -43.42 -27.94 -26.68
CA PRO B 259 -44.27 -28.66 -25.72
C PRO B 259 -44.19 -30.17 -25.86
N HIS B 260 -44.00 -30.68 -27.08
CA HIS B 260 -44.02 -32.12 -27.29
C HIS B 260 -42.84 -32.80 -26.61
N VAL B 261 -41.64 -32.25 -26.74
CA VAL B 261 -40.48 -32.85 -26.11
C VAL B 261 -40.61 -32.77 -24.59
N SER B 262 -41.16 -31.66 -24.09
CA SER B 262 -41.39 -31.55 -22.65
C SER B 262 -42.35 -32.63 -22.18
N ALA B 263 -43.43 -32.83 -22.91
CA ALA B 263 -44.41 -33.87 -22.55
C ALA B 263 -43.76 -35.24 -22.57
N ILE B 264 -42.90 -35.47 -23.56
CA ILE B 264 -42.13 -36.72 -23.58
C ILE B 264 -41.31 -36.84 -22.31
N VAL B 265 -40.75 -35.72 -21.84
CA VAL B 265 -39.96 -35.75 -20.61
C VAL B 265 -40.80 -36.19 -19.41
N GLU B 266 -41.99 -35.60 -19.26
CA GLU B 266 -42.79 -36.04 -18.11
C GLU B 266 -43.27 -37.48 -18.28
N LYS B 267 -43.55 -37.91 -19.52
CA LYS B 267 -43.92 -39.29 -19.74
C LYS B 267 -42.79 -40.23 -19.33
N TRP B 268 -41.56 -39.89 -19.72
CA TRP B 268 -40.39 -40.64 -19.27
C TRP B 268 -40.30 -40.69 -17.76
N SER B 269 -40.51 -39.54 -17.12
CA SER B 269 -40.39 -39.48 -15.66
C SER B 269 -41.43 -40.35 -14.98
N MET B 270 -42.67 -40.32 -15.48
CA MET B 270 -43.74 -41.06 -14.82
C MET B 270 -43.66 -42.57 -15.08
N GLU B 271 -43.30 -42.98 -16.31
CA GLU B 271 -43.28 -44.41 -16.57
C GLU B 271 -42.07 -45.09 -15.94
N ARG B 272 -41.01 -44.35 -15.64
CA ARG B 272 -39.82 -44.93 -15.04
C ARG B 272 -40.11 -45.51 -13.67
N LEU B 273 -41.17 -45.05 -13.00
CA LEU B 273 -41.55 -45.46 -11.65
C LEU B 273 -40.49 -45.11 -10.61
N GLN B 274 -39.54 -44.26 -10.97
CA GLN B 274 -38.48 -43.80 -10.07
C GLN B 274 -37.74 -44.94 -9.38
N ASP B 285 -33.94 -36.47 -7.75
CA ASP B 285 -33.77 -36.54 -9.20
C ASP B 285 -35.07 -36.89 -9.89
N GLY B 286 -35.17 -38.10 -10.42
CA GLY B 286 -36.36 -38.50 -11.16
C GLY B 286 -36.60 -37.64 -12.38
N VAL B 287 -35.55 -37.34 -13.14
CA VAL B 287 -35.61 -36.37 -14.22
C VAL B 287 -35.05 -37.00 -15.49
N MET B 288 -35.24 -36.31 -16.61
CA MET B 288 -34.79 -36.80 -17.90
C MET B 288 -33.27 -36.97 -17.90
N MET B 289 -32.80 -38.01 -18.59
CA MET B 289 -31.38 -38.31 -18.68
C MET B 289 -30.92 -38.16 -20.12
N THR B 290 -29.66 -37.75 -20.30
CA THR B 290 -29.14 -37.42 -21.62
C THR B 290 -29.15 -38.64 -22.53
N ASP B 291 -28.57 -39.75 -22.07
CA ASP B 291 -28.42 -40.91 -22.95
C ASP B 291 -29.77 -41.52 -23.31
N ALA B 292 -30.76 -41.38 -22.44
CA ALA B 292 -32.11 -41.83 -22.78
C ALA B 292 -32.67 -41.07 -23.98
N ALA B 293 -32.55 -39.73 -23.94
CA ALA B 293 -32.96 -38.94 -25.09
C ALA B 293 -32.13 -39.26 -26.32
N LEU B 294 -30.84 -39.56 -26.12
CA LEU B 294 -29.98 -39.91 -27.23
C LEU B 294 -30.47 -41.16 -27.94
N LEU B 295 -30.76 -42.21 -27.17
CA LEU B 295 -31.24 -43.46 -27.77
C LEU B 295 -32.65 -43.29 -28.34
N TYR B 296 -33.48 -42.49 -27.68
CA TYR B 296 -34.81 -42.16 -28.21
C TYR B 296 -34.71 -41.55 -29.60
N ASP B 297 -33.91 -40.50 -29.72
CA ASP B 297 -33.74 -39.85 -31.02
C ASP B 297 -33.09 -40.79 -32.02
N ALA B 298 -32.16 -41.64 -31.57
CA ALA B 298 -31.49 -42.56 -32.48
C ALA B 298 -32.47 -43.55 -33.09
N VAL B 299 -33.32 -44.15 -32.25
CA VAL B 299 -34.29 -45.11 -32.77
C VAL B 299 -35.32 -44.42 -33.64
N HIS B 300 -35.69 -43.18 -33.29
CA HIS B 300 -36.62 -42.45 -34.16
C HIS B 300 -35.99 -42.16 -35.52
N ILE B 301 -34.71 -41.79 -35.54
CA ILE B 301 -34.02 -41.52 -36.81
C ILE B 301 -33.93 -42.79 -37.65
N VAL B 302 -33.55 -43.91 -37.03
CA VAL B 302 -33.42 -45.12 -37.82
C VAL B 302 -34.77 -45.56 -38.36
N SER B 303 -35.83 -45.37 -37.58
CA SER B 303 -37.18 -45.69 -38.07
C SER B 303 -37.55 -44.82 -39.27
N VAL B 304 -37.38 -43.50 -39.14
CA VAL B 304 -37.78 -42.61 -40.23
C VAL B 304 -36.92 -42.83 -41.47
N THR B 305 -35.64 -43.15 -41.30
CA THR B 305 -34.83 -43.55 -42.45
C THR B 305 -35.36 -44.82 -43.09
N TYR B 306 -35.80 -45.78 -42.27
CA TYR B 306 -36.38 -47.00 -42.83
C TYR B 306 -37.61 -46.69 -43.67
N GLN B 307 -38.46 -45.80 -43.16
CA GLN B 307 -39.68 -45.44 -43.88
C GLN B 307 -39.36 -44.68 -45.17
N ARG B 308 -38.47 -43.69 -45.10
CA ARG B 308 -38.21 -42.87 -46.28
C ARG B 308 -37.57 -43.69 -47.39
N ALA B 309 -36.80 -44.71 -47.04
CA ALA B 309 -36.21 -45.60 -48.02
C ALA B 309 -37.23 -46.62 -48.48
N PRO B 310 -37.07 -47.16 -49.69
CA PRO B 310 -37.89 -48.30 -50.10
C PRO B 310 -37.64 -49.50 -49.20
N GLN B 311 -38.68 -50.31 -49.02
CA GLN B 311 -38.61 -51.40 -48.06
C GLN B 311 -37.51 -52.39 -48.46
N MET B 312 -36.88 -52.97 -47.44
CA MET B 312 -35.72 -53.83 -47.63
C MET B 312 -35.85 -55.07 -46.75
N THR B 313 -35.14 -56.11 -47.14
CA THR B 313 -35.22 -57.42 -46.51
C THR B 313 -33.97 -57.68 -45.67
N VAL B 314 -34.17 -58.07 -44.42
CA VAL B 314 -33.05 -58.38 -43.54
C VAL B 314 -32.37 -59.67 -44.00
N ASN B 315 -31.07 -59.75 -43.76
CA ASN B 315 -30.25 -60.88 -44.20
C ASN B 315 -29.60 -61.54 -43.01
N SER B 316 -29.77 -62.86 -42.89
CA SER B 316 -29.03 -63.62 -41.90
C SER B 316 -27.58 -63.76 -42.35
N LEU B 317 -26.64 -63.52 -41.43
CA LEU B 317 -25.23 -63.51 -41.75
C LEU B 317 -24.47 -64.41 -40.79
N GLN B 318 -23.40 -65.03 -41.29
CA GLN B 318 -22.63 -65.98 -40.50
C GLN B 318 -21.78 -65.29 -39.44
N CYS B 319 -21.63 -65.96 -38.30
CA CYS B 319 -20.70 -65.54 -37.26
C CYS B 319 -19.28 -65.99 -37.55
N HIS B 320 -19.06 -66.72 -38.64
CA HIS B 320 -17.75 -67.27 -38.98
C HIS B 320 -17.25 -66.82 -40.34
N ARG B 321 -18.03 -66.02 -41.08
CA ARG B 321 -17.64 -65.63 -42.42
C ARG B 321 -18.39 -64.36 -42.79
N HIS B 322 -17.86 -63.66 -43.79
CA HIS B 322 -18.41 -62.39 -44.25
C HIS B 322 -19.34 -62.66 -45.42
N LYS B 323 -20.58 -62.20 -45.31
CA LYS B 323 -21.57 -62.32 -46.38
C LYS B 323 -22.05 -60.92 -46.76
N ALA B 324 -22.07 -60.64 -48.06
CA ALA B 324 -22.46 -59.32 -48.53
C ALA B 324 -23.96 -59.18 -48.54
N TRP B 325 -24.44 -57.94 -48.35
CA TRP B 325 -25.85 -57.64 -48.33
C TRP B 325 -26.11 -56.48 -49.28
N ARG B 326 -26.97 -56.69 -50.27
CA ARG B 326 -27.17 -55.71 -51.34
C ARG B 326 -27.81 -54.43 -50.81
N PHE B 327 -28.91 -54.53 -50.08
CA PHE B 327 -29.59 -53.33 -49.59
C PHE B 327 -28.79 -52.59 -48.54
N GLY B 328 -27.75 -53.23 -47.97
CA GLY B 328 -26.99 -52.58 -46.92
C GLY B 328 -26.30 -51.32 -47.39
N GLY B 329 -25.73 -51.33 -48.59
CA GLY B 329 -25.02 -50.16 -49.07
C GLY B 329 -25.94 -48.97 -49.27
N ARG B 330 -27.09 -49.18 -49.91
CA ARG B 330 -28.01 -48.08 -50.14
C ARG B 330 -28.64 -47.60 -48.83
N PHE B 331 -28.91 -48.52 -47.91
CA PHE B 331 -29.42 -48.11 -46.60
C PHE B 331 -28.39 -47.27 -45.87
N MET B 332 -27.12 -47.66 -45.94
CA MET B 332 -26.06 -46.87 -45.34
C MET B 332 -25.99 -45.49 -45.98
N ASN B 333 -26.09 -45.43 -47.30
CA ASN B 333 -26.09 -44.15 -47.99
C ASN B 333 -27.19 -43.25 -47.48
N PHE B 334 -28.42 -43.77 -47.42
CA PHE B 334 -29.52 -42.97 -46.92
C PHE B 334 -29.32 -42.56 -45.47
N ILE B 335 -28.65 -43.41 -44.69
CA ILE B 335 -28.30 -43.05 -43.32
C ILE B 335 -27.34 -41.87 -43.30
N LYS B 336 -26.43 -41.81 -44.27
CA LYS B 336 -25.45 -40.72 -44.33
C LYS B 336 -26.11 -39.35 -44.45
N GLU B 337 -27.28 -39.28 -45.08
CA GLU B 337 -28.02 -38.01 -45.16
C GLU B 337 -29.28 -38.04 -44.29
N ALA B 338 -29.23 -38.74 -43.16
CA ALA B 338 -30.36 -38.74 -42.25
C ALA B 338 -30.56 -37.35 -41.67
N GLN B 339 -31.80 -36.89 -41.66
CA GLN B 339 -32.13 -35.57 -41.12
C GLN B 339 -33.42 -35.68 -40.32
N TRP B 340 -33.35 -35.33 -39.03
CA TRP B 340 -34.51 -35.35 -38.17
C TRP B 340 -34.31 -34.37 -37.04
N GLU B 341 -35.38 -33.68 -36.65
CA GLU B 341 -35.36 -32.72 -35.55
C GLU B 341 -35.68 -33.51 -34.29
N GLY B 342 -34.63 -33.98 -33.61
CA GLY B 342 -34.81 -34.76 -32.41
C GLY B 342 -35.05 -33.89 -31.18
N LEU B 343 -35.12 -34.57 -30.03
CA LEU B 343 -35.31 -33.87 -28.77
C LEU B 343 -34.17 -32.90 -28.51
N THR B 344 -32.95 -33.32 -28.85
CA THR B 344 -31.79 -32.43 -28.72
C THR B 344 -31.80 -31.31 -29.75
N GLY B 345 -32.65 -31.39 -30.77
CA GLY B 345 -32.70 -30.36 -31.77
C GLY B 345 -32.23 -30.80 -33.15
N ARG B 346 -31.51 -29.91 -33.81
CA ARG B 346 -31.01 -30.19 -35.16
C ARG B 346 -29.93 -31.26 -35.12
N ILE B 347 -30.10 -32.28 -35.95
CA ILE B 347 -29.16 -33.40 -36.04
C ILE B 347 -28.66 -33.50 -37.47
N VAL B 348 -27.36 -33.26 -37.65
CA VAL B 348 -26.72 -33.26 -38.96
C VAL B 348 -25.40 -34.03 -38.87
N PHE B 349 -25.15 -34.88 -39.87
CA PHE B 349 -23.91 -35.61 -39.98
C PHE B 349 -23.22 -35.25 -41.30
N ASN B 350 -21.89 -35.16 -41.26
CA ASN B 350 -21.13 -34.96 -42.48
C ASN B 350 -21.32 -36.14 -43.42
N LYS B 351 -21.30 -35.86 -44.73
CA LYS B 351 -21.47 -36.91 -45.72
C LYS B 351 -20.26 -37.83 -45.79
N THR B 352 -19.20 -37.55 -45.05
CA THR B 352 -18.01 -38.41 -45.02
C THR B 352 -17.80 -39.09 -43.69
N SER B 353 -18.27 -38.52 -42.59
CA SER B 353 -18.12 -39.11 -41.27
C SER B 353 -19.47 -39.10 -40.56
N GLY B 354 -19.69 -40.12 -39.74
CA GLY B 354 -20.92 -40.18 -38.96
C GLY B 354 -20.99 -39.23 -37.80
N LEU B 355 -19.96 -38.41 -37.62
CA LEU B 355 -19.92 -37.45 -36.53
C LEU B 355 -21.00 -36.39 -36.71
N ARG B 356 -21.62 -35.99 -35.61
CA ARG B 356 -22.61 -34.93 -35.60
C ARG B 356 -21.91 -33.59 -35.39
N THR B 357 -22.23 -32.62 -36.24
CA THR B 357 -21.56 -31.33 -36.21
C THR B 357 -22.49 -30.15 -35.98
N ASP B 358 -23.65 -30.12 -36.65
CA ASP B 358 -24.55 -28.98 -36.58
C ASP B 358 -25.56 -29.20 -35.45
N PHE B 359 -25.40 -28.48 -34.35
CA PHE B 359 -26.35 -28.52 -33.26
C PHE B 359 -26.19 -27.26 -32.42
N ASP B 360 -27.30 -26.77 -31.90
CA ASP B 360 -27.32 -25.53 -31.13
C ASP B 360 -27.49 -25.86 -29.65
N LEU B 361 -26.64 -25.26 -28.82
CA LEU B 361 -26.60 -25.53 -27.40
C LEU B 361 -27.30 -24.41 -26.64
N ASP B 362 -28.20 -24.78 -25.75
CA ASP B 362 -28.93 -23.84 -24.90
C ASP B 362 -27.99 -23.40 -23.80
N ILE B 363 -27.30 -22.29 -24.04
CA ILE B 363 -26.36 -21.74 -23.07
C ILE B 363 -27.21 -21.27 -21.89
N ILE B 364 -27.08 -21.96 -20.76
CA ILE B 364 -27.94 -21.76 -19.61
C ILE B 364 -27.04 -21.56 -18.39
N SER B 365 -27.58 -20.92 -17.37
CA SER B 365 -26.83 -20.76 -16.13
C SER B 365 -27.79 -20.96 -14.96
N LEU B 366 -27.28 -20.72 -13.76
CA LEU B 366 -28.05 -20.88 -12.54
C LEU B 366 -28.07 -19.54 -11.80
N LYS B 367 -29.25 -19.14 -11.35
CA LYS B 367 -29.42 -17.92 -10.57
C LYS B 367 -30.38 -18.20 -9.43
N GLU B 368 -30.68 -17.16 -8.64
CA GLU B 368 -31.56 -17.30 -7.49
C GLU B 368 -32.93 -17.83 -7.89
N ASP B 369 -33.43 -17.44 -9.06
CA ASP B 369 -34.68 -18.00 -9.56
C ASP B 369 -34.54 -19.49 -9.83
N GLY B 370 -33.37 -19.91 -10.30
CA GLY B 370 -33.13 -21.30 -10.64
C GLY B 370 -32.24 -21.44 -11.85
N LEU B 371 -32.51 -22.45 -12.68
CA LEU B 371 -31.80 -22.59 -13.94
C LEU B 371 -32.48 -21.74 -15.02
N GLU B 372 -31.68 -20.93 -15.71
CA GLU B 372 -32.21 -20.01 -16.72
C GLU B 372 -31.34 -20.08 -17.97
N LYS B 373 -31.96 -19.74 -19.11
CA LYS B 373 -31.27 -19.69 -20.39
C LYS B 373 -30.64 -18.31 -20.56
N VAL B 374 -29.32 -18.28 -20.76
CA VAL B 374 -28.59 -17.04 -20.97
C VAL B 374 -28.17 -16.83 -22.42
N GLY B 375 -28.52 -17.75 -23.31
CA GLY B 375 -28.16 -17.59 -24.71
C GLY B 375 -28.22 -18.92 -25.43
N VAL B 376 -27.73 -18.91 -26.66
CA VAL B 376 -27.66 -20.13 -27.47
C VAL B 376 -26.44 -20.08 -28.35
N TRP B 377 -25.77 -21.22 -28.50
CA TRP B 377 -24.58 -21.33 -29.32
C TRP B 377 -24.88 -22.16 -30.56
N SER B 378 -24.27 -21.78 -31.67
CA SER B 378 -24.42 -22.46 -32.94
C SER B 378 -23.05 -22.64 -33.59
N PRO B 379 -22.86 -23.71 -34.36
CA PRO B 379 -21.60 -23.87 -35.09
C PRO B 379 -21.39 -22.85 -36.18
N ALA B 380 -22.44 -22.14 -36.59
CA ALA B 380 -22.32 -21.20 -37.70
C ALA B 380 -21.71 -19.88 -37.26
N ASP B 381 -22.11 -19.36 -36.09
CA ASP B 381 -21.68 -18.04 -35.67
C ASP B 381 -21.28 -17.94 -34.21
N GLY B 382 -21.27 -19.04 -33.46
CA GLY B 382 -20.88 -18.99 -32.06
C GLY B 382 -22.03 -18.69 -31.13
N LEU B 383 -21.77 -17.89 -30.10
CA LEU B 383 -22.78 -17.59 -29.09
C LEU B 383 -23.59 -16.35 -29.45
N ASN B 384 -24.91 -16.47 -29.34
CA ASN B 384 -25.83 -15.36 -29.47
C ASN B 384 -26.60 -15.22 -28.17
N ILE B 385 -26.63 -14.02 -27.62
CA ILE B 385 -27.31 -13.77 -26.35
C ILE B 385 -28.62 -13.04 -26.59
N THR B 401 -21.08 13.12 -9.46
CA THR B 401 -22.43 13.59 -9.19
C THR B 401 -23.23 13.69 -10.49
N ASN B 402 -24.55 13.89 -10.36
CA ASN B 402 -25.44 14.01 -11.51
C ASN B 402 -25.72 15.47 -11.87
N ARG B 403 -25.05 16.42 -11.21
CA ARG B 403 -25.23 17.83 -11.47
C ARG B 403 -23.93 18.45 -11.93
N SER B 404 -24.01 19.32 -12.93
CA SER B 404 -22.87 20.08 -13.42
C SER B 404 -22.92 21.47 -12.79
N LEU B 405 -21.88 21.81 -12.03
CA LEU B 405 -21.82 23.12 -11.40
C LEU B 405 -21.39 24.17 -12.42
N ILE B 406 -22.07 25.31 -12.38
CA ILE B 406 -21.83 26.38 -13.34
C ILE B 406 -20.64 27.21 -12.85
N VAL B 407 -19.53 27.14 -13.56
CA VAL B 407 -18.33 27.88 -13.23
C VAL B 407 -18.15 28.95 -14.30
N THR B 408 -18.29 30.21 -13.91
CA THR B 408 -18.08 31.33 -14.83
C THR B 408 -16.68 31.89 -14.59
N THR B 409 -15.94 32.08 -15.68
CA THR B 409 -14.54 32.45 -15.61
C THR B 409 -14.27 33.70 -16.43
N LEU B 410 -13.26 34.46 -16.00
CA LEU B 410 -12.76 35.61 -16.74
C LEU B 410 -11.35 35.29 -17.21
N LEU B 411 -11.06 35.58 -18.48
CA LEU B 411 -9.78 35.25 -19.08
C LEU B 411 -8.70 36.14 -18.48
N GLU B 412 -7.97 35.60 -17.50
CA GLU B 412 -6.87 36.32 -16.86
C GLU B 412 -5.71 35.35 -16.69
N GLU B 413 -4.59 35.66 -17.31
CA GLU B 413 -3.45 34.76 -17.28
C GLU B 413 -2.61 35.00 -16.02
N PRO B 414 -1.99 33.94 -15.48
CA PRO B 414 -2.11 32.56 -15.95
C PRO B 414 -3.24 31.80 -15.28
N PHE B 415 -4.08 32.50 -14.53
CA PHE B 415 -5.22 31.86 -13.88
C PHE B 415 -6.15 31.23 -14.91
N VAL B 416 -6.54 32.01 -15.92
CA VAL B 416 -7.37 31.53 -17.01
C VAL B 416 -6.68 31.93 -18.31
N MET B 417 -6.42 30.95 -19.17
CA MET B 417 -5.70 31.22 -20.40
C MET B 417 -6.13 30.23 -21.47
N PHE B 418 -6.04 30.67 -22.73
CA PHE B 418 -6.44 29.84 -23.86
C PHE B 418 -5.53 28.63 -23.97
N ARG B 419 -6.13 27.45 -24.07
CA ARG B 419 -5.34 26.22 -24.13
C ARG B 419 -4.57 26.14 -25.44
N LYS B 420 -3.30 25.75 -25.34
CA LYS B 420 -2.43 25.65 -26.51
C LYS B 420 -2.64 24.29 -27.16
N SER B 421 -3.54 24.25 -28.13
CA SER B 421 -3.83 23.02 -28.86
C SER B 421 -4.15 23.37 -30.31
N ASP B 422 -3.80 22.45 -31.21
CA ASP B 422 -4.06 22.64 -32.63
C ASP B 422 -5.49 22.29 -33.01
N ARG B 423 -6.27 21.74 -32.09
CA ARG B 423 -7.66 21.38 -32.34
C ARG B 423 -8.59 22.45 -31.78
N THR B 424 -9.74 22.60 -32.42
CA THR B 424 -10.72 23.58 -31.97
C THR B 424 -11.19 23.26 -30.56
N LEU B 425 -11.24 24.29 -29.72
CA LEU B 425 -11.61 24.14 -28.32
C LEU B 425 -13.07 24.50 -28.11
N TYR B 426 -13.67 23.89 -27.09
CA TYR B 426 -15.10 24.03 -26.86
C TYR B 426 -15.40 23.94 -25.38
N GLY B 427 -16.27 24.83 -24.90
CA GLY B 427 -16.75 24.81 -23.54
C GLY B 427 -15.69 24.79 -22.46
N ASN B 428 -15.60 23.66 -21.75
CA ASN B 428 -14.61 23.53 -20.70
C ASN B 428 -13.22 23.45 -21.28
N ASP B 429 -13.11 22.97 -22.51
CA ASP B 429 -11.80 22.86 -23.15
C ASP B 429 -11.37 24.17 -23.77
N ARG B 430 -12.20 25.22 -23.68
CA ARG B 430 -11.81 26.51 -24.26
C ARG B 430 -10.59 27.08 -23.55
N PHE B 431 -10.58 27.05 -22.22
CA PHE B 431 -9.55 27.71 -21.43
C PHE B 431 -9.00 26.77 -20.37
N GLU B 432 -7.75 27.01 -19.99
CA GLU B 432 -7.13 26.34 -18.85
C GLU B 432 -6.37 27.41 -18.06
N GLY B 433 -5.58 26.96 -17.10
CA GLY B 433 -4.78 27.86 -16.31
C GLY B 433 -4.60 27.34 -14.90
N TYR B 434 -4.04 28.21 -14.05
CA TYR B 434 -3.75 27.82 -12.67
C TYR B 434 -5.03 27.49 -11.92
N CYS B 435 -5.93 28.48 -11.77
CA CYS B 435 -7.17 28.24 -11.06
C CYS B 435 -8.03 27.22 -11.80
N ILE B 436 -7.93 27.17 -13.13
CA ILE B 436 -8.72 26.21 -13.89
C ILE B 436 -8.32 24.79 -13.52
N ASP B 437 -7.02 24.51 -13.49
CA ASP B 437 -6.57 23.18 -13.11
C ASP B 437 -6.80 22.91 -11.62
N LEU B 438 -6.76 23.96 -10.79
CA LEU B 438 -7.11 23.80 -9.38
C LEU B 438 -8.53 23.30 -9.24
N LEU B 439 -9.47 23.91 -9.97
CA LEU B 439 -10.86 23.47 -9.92
C LEU B 439 -11.05 22.12 -10.59
N LYS B 440 -10.25 21.80 -11.60
CA LYS B 440 -10.28 20.45 -12.15
C LYS B 440 -9.93 19.43 -11.07
N GLU B 441 -8.87 19.69 -10.31
CA GLU B 441 -8.48 18.78 -9.23
C GLU B 441 -9.55 18.73 -8.15
N LEU B 442 -10.15 19.88 -7.82
CA LEU B 442 -11.20 19.91 -6.82
C LEU B 442 -12.42 19.10 -7.26
N ALA B 443 -12.79 19.21 -8.54
CA ALA B 443 -13.89 18.42 -9.07
C ALA B 443 -13.55 16.93 -9.05
N HIS B 444 -12.29 16.59 -9.37
CA HIS B 444 -11.87 15.21 -9.27
C HIS B 444 -12.01 14.69 -7.84
N ILE B 445 -11.65 15.51 -6.86
CA ILE B 445 -11.79 15.12 -5.46
C ILE B 445 -13.26 14.92 -5.11
N LEU B 446 -14.11 15.90 -5.46
CA LEU B 446 -15.50 15.90 -5.05
C LEU B 446 -16.43 15.22 -6.05
N GLY B 447 -15.94 14.89 -7.25
CA GLY B 447 -16.73 14.11 -8.17
C GLY B 447 -17.88 14.82 -8.85
N PHE B 448 -17.83 16.15 -8.96
CA PHE B 448 -18.88 16.92 -9.62
C PHE B 448 -18.36 17.46 -10.94
N SER B 449 -19.22 17.44 -11.96
CA SER B 449 -18.87 17.99 -13.26
C SER B 449 -18.96 19.52 -13.23
N TYR B 450 -18.34 20.14 -14.22
CA TYR B 450 -18.29 21.59 -14.31
C TYR B 450 -18.67 22.05 -15.71
N GLU B 451 -19.31 23.22 -15.77
CA GLU B 451 -19.69 23.86 -17.03
C GLU B 451 -19.07 25.25 -17.04
N ILE B 452 -18.08 25.45 -17.90
CA ILE B 452 -17.35 26.72 -17.97
C ILE B 452 -18.15 27.70 -18.81
N ARG B 453 -18.34 28.90 -18.27
CA ARG B 453 -19.09 29.97 -18.92
C ARG B 453 -18.26 31.24 -18.93
N LEU B 454 -18.59 32.14 -19.85
CA LEU B 454 -17.84 33.38 -20.01
C LEU B 454 -18.34 34.44 -19.04
N VAL B 455 -17.40 35.22 -18.50
CA VAL B 455 -17.75 36.30 -17.59
C VAL B 455 -18.66 37.30 -18.30
N GLU B 456 -19.69 37.76 -17.58
CA GLU B 456 -20.68 38.63 -18.18
C GLU B 456 -20.16 40.05 -18.38
N ASP B 457 -19.35 40.56 -17.45
CA ASP B 457 -18.90 41.95 -17.51
C ASP B 457 -17.41 42.09 -17.76
N GLY B 458 -16.67 40.99 -17.81
CA GLY B 458 -15.23 41.09 -17.95
C GLY B 458 -14.51 41.62 -16.73
N LYS B 459 -15.15 41.55 -15.57
CA LYS B 459 -14.56 42.07 -14.33
C LYS B 459 -14.79 41.06 -13.21
N TYR B 460 -13.99 41.19 -12.15
CA TYR B 460 -14.21 40.38 -10.96
C TYR B 460 -15.59 40.66 -10.37
N GLY B 461 -16.04 41.90 -10.43
CA GLY B 461 -17.32 42.30 -9.87
C GLY B 461 -17.23 43.63 -9.16
N ALA B 462 -18.10 44.57 -9.53
CA ALA B 462 -18.03 45.92 -9.00
C ALA B 462 -19.44 46.40 -8.64
N GLN B 463 -19.52 47.16 -7.55
CA GLN B 463 -20.81 47.74 -7.16
C GLN B 463 -21.18 48.88 -8.09
N ASP B 464 -22.43 48.87 -8.55
CA ASP B 464 -22.92 49.94 -9.41
C ASP B 464 -23.29 51.16 -8.58
N ASP B 465 -23.83 52.18 -9.25
CA ASP B 465 -24.17 53.42 -8.57
C ASP B 465 -25.24 53.21 -7.50
N LYS B 466 -26.11 52.23 -7.70
CA LYS B 466 -27.15 51.90 -6.73
C LYS B 466 -26.79 50.72 -5.85
N GLY B 467 -25.51 50.34 -5.83
CA GLY B 467 -25.10 49.16 -5.09
C GLY B 467 -25.39 47.86 -5.80
N GLN B 468 -25.50 47.88 -7.12
CA GLN B 468 -25.78 46.67 -7.89
C GLN B 468 -24.49 45.99 -8.30
N TRP B 469 -24.52 44.67 -8.33
CA TRP B 469 -23.34 43.87 -8.61
C TRP B 469 -23.31 43.44 -10.08
N ASN B 470 -22.15 42.90 -10.47
CA ASN B 470 -21.94 42.46 -11.84
C ASN B 470 -20.87 41.38 -11.84
N GLY B 471 -20.80 40.66 -12.95
CA GLY B 471 -19.79 39.61 -13.07
C GLY B 471 -20.12 38.44 -12.16
N MET B 472 -19.09 37.97 -11.44
CA MET B 472 -19.24 36.78 -10.62
C MET B 472 -20.30 36.98 -9.53
N VAL B 473 -20.27 38.14 -8.87
CA VAL B 473 -21.14 38.37 -7.73
C VAL B 473 -22.60 38.39 -8.16
N LYS B 474 -22.91 39.08 -9.25
CA LYS B 474 -24.29 39.12 -9.74
C LYS B 474 -24.77 37.74 -10.17
N GLU B 475 -23.92 36.98 -10.85
CA GLU B 475 -24.31 35.64 -11.29
C GLU B 475 -24.57 34.72 -10.10
N LEU B 476 -23.73 34.80 -9.07
CA LEU B 476 -23.99 34.01 -7.86
C LEU B 476 -25.27 34.47 -7.16
N ILE B 477 -25.49 35.78 -7.06
CA ILE B 477 -26.71 36.30 -6.44
C ILE B 477 -27.93 35.86 -7.25
N ASP B 478 -27.85 35.97 -8.57
CA ASP B 478 -28.90 35.44 -9.43
C ASP B 478 -28.88 33.93 -9.52
N HIS B 479 -27.86 33.28 -8.96
CA HIS B 479 -27.66 31.84 -9.02
C HIS B 479 -27.51 31.34 -10.46
N LYS B 480 -27.14 32.24 -11.38
CA LYS B 480 -26.80 31.83 -12.73
C LYS B 480 -25.46 31.11 -12.78
N ALA B 481 -24.66 31.20 -11.73
CA ALA B 481 -23.41 30.47 -11.61
C ALA B 481 -23.37 29.79 -10.25
N ASP B 482 -22.65 28.68 -10.18
CA ASP B 482 -22.50 27.93 -8.93
C ASP B 482 -21.18 28.20 -8.24
N LEU B 483 -20.08 28.30 -9.00
CA LEU B 483 -18.76 28.59 -8.45
C LEU B 483 -18.18 29.80 -9.17
N ALA B 484 -17.68 30.75 -8.40
CA ALA B 484 -16.99 31.92 -8.93
C ALA B 484 -15.49 31.65 -8.87
N VAL B 485 -14.87 31.50 -10.03
CA VAL B 485 -13.45 31.18 -10.14
C VAL B 485 -12.78 32.31 -10.89
N ALA B 486 -11.96 33.09 -10.19
CA ALA B 486 -11.23 34.21 -10.75
C ALA B 486 -10.21 34.67 -9.72
N PRO B 487 -9.19 35.42 -10.13
CA PRO B 487 -8.32 36.07 -9.15
C PRO B 487 -8.94 37.31 -8.54
N LEU B 488 -10.12 37.14 -7.95
CA LEU B 488 -10.90 38.25 -7.43
C LEU B 488 -10.62 38.42 -5.94
N THR B 489 -10.62 39.67 -5.50
CA THR B 489 -10.39 39.99 -4.11
C THR B 489 -11.58 39.55 -3.26
N ILE B 490 -11.30 39.23 -2.01
CA ILE B 490 -12.32 38.90 -1.02
C ILE B 490 -12.49 40.12 -0.13
N THR B 491 -13.48 40.94 -0.44
CA THR B 491 -13.78 42.14 0.31
C THR B 491 -15.00 41.91 1.19
N HIS B 492 -15.11 42.70 2.25
CA HIS B 492 -16.19 42.50 3.20
C HIS B 492 -17.55 42.69 2.54
N VAL B 493 -17.68 43.71 1.69
CA VAL B 493 -18.91 43.89 0.92
C VAL B 493 -19.14 42.71 -0.01
N ARG B 494 -18.09 42.22 -0.68
CA ARG B 494 -18.24 41.04 -1.52
C ARG B 494 -18.59 39.79 -0.71
N GLU B 495 -18.01 39.64 0.47
CA GLU B 495 -18.36 38.49 1.31
C GLU B 495 -19.84 38.55 1.71
N LYS B 496 -20.33 39.74 2.06
CA LYS B 496 -21.74 39.90 2.35
C LYS B 496 -22.59 39.56 1.13
N ALA B 497 -22.17 40.03 -0.05
CA ALA B 497 -22.96 39.80 -1.24
C ALA B 497 -22.97 38.32 -1.61
N ILE B 498 -21.79 37.69 -1.59
CA ILE B 498 -21.64 36.27 -1.88
C ILE B 498 -20.66 35.68 -0.88
N ASP B 499 -20.89 34.42 -0.52
CA ASP B 499 -19.98 33.76 0.40
C ASP B 499 -18.66 33.41 -0.29
N PHE B 500 -17.64 33.20 0.52
CA PHE B 500 -16.32 32.85 0.01
C PHE B 500 -15.77 31.65 0.76
N SER B 501 -14.97 30.86 0.06
CA SER B 501 -14.27 29.75 0.66
C SER B 501 -12.91 30.21 1.18
N LYS B 502 -12.13 29.28 1.71
CA LYS B 502 -10.78 29.63 2.16
C LYS B 502 -9.95 30.02 0.95
N PRO B 503 -9.24 31.15 1.00
CA PRO B 503 -8.53 31.61 -0.19
C PRO B 503 -7.39 30.68 -0.58
N PHE B 504 -7.13 30.61 -1.88
CA PHE B 504 -5.95 29.90 -2.36
C PHE B 504 -4.68 30.57 -1.85
N MET B 505 -4.69 31.90 -1.78
CA MET B 505 -3.55 32.65 -1.29
C MET B 505 -4.02 34.03 -0.87
N THR B 506 -3.16 34.70 -0.11
CA THR B 506 -3.36 36.09 0.29
C THR B 506 -2.07 36.82 -0.08
N LEU B 507 -2.16 37.76 -1.01
CA LEU B 507 -0.99 38.46 -1.53
C LEU B 507 -1.15 39.96 -1.38
N GLY B 508 0.00 40.63 -1.31
CA GLY B 508 0.06 42.08 -1.32
C GLY B 508 0.46 42.60 -2.69
N VAL B 509 1.02 43.81 -2.69
CA VAL B 509 1.50 44.43 -3.92
C VAL B 509 3.02 44.53 -3.86
N SER B 510 3.61 44.77 -5.04
CA SER B 510 5.05 44.81 -5.21
C SER B 510 5.42 46.09 -5.95
N ILE B 511 6.74 46.34 -6.05
CA ILE B 511 7.29 47.50 -6.71
C ILE B 511 8.06 47.03 -7.94
N LEU B 512 7.73 47.59 -9.09
CA LEU B 512 8.33 47.18 -10.35
C LEU B 512 9.32 48.25 -10.80
N TYR B 513 10.47 47.80 -11.30
CA TYR B 513 11.55 48.63 -11.78
C TYR B 513 12.09 47.99 -13.04
N ARG B 514 12.94 48.71 -13.77
CA ARG B 514 13.48 48.18 -15.02
C ARG B 514 14.94 47.78 -14.85
N LYS B 515 15.28 46.59 -15.35
CA LYS B 515 16.66 46.13 -15.26
C LYS B 515 17.64 46.98 -16.06
N PRO B 516 17.40 47.30 -17.34
CA PRO B 516 18.42 48.00 -18.13
C PRO B 516 18.77 49.35 -17.53
N ASN B 517 20.02 49.77 -17.75
CA ASN B 517 20.57 50.98 -17.15
C ASN B 517 20.54 50.88 -15.63
N GLY B 518 20.94 49.72 -15.10
CA GLY B 518 20.87 49.47 -13.67
C GLY B 518 21.90 50.21 -12.85
N THR B 519 22.91 50.79 -13.48
CA THR B 519 23.96 51.54 -12.79
C THR B 519 24.03 52.96 -13.35
N ASN B 520 24.25 53.93 -12.48
CA ASN B 520 24.39 55.34 -12.85
C ASN B 520 25.79 55.79 -12.47
N PRO B 521 26.75 55.74 -13.39
CA PRO B 521 28.08 56.28 -13.10
C PRO B 521 28.02 57.77 -12.84
N SER B 522 28.84 58.23 -11.89
CA SER B 522 28.94 59.64 -11.57
C SER B 522 30.20 59.85 -10.73
N VAL B 523 30.62 61.11 -10.64
CA VAL B 523 31.74 61.45 -9.76
C VAL B 523 31.35 61.20 -8.31
N PHE B 524 30.09 61.45 -7.97
CA PHE B 524 29.60 61.16 -6.63
C PHE B 524 29.69 59.67 -6.33
N SER B 525 29.17 58.85 -7.25
CA SER B 525 29.33 57.40 -7.11
C SER B 525 30.80 56.99 -7.15
N PHE B 526 31.63 57.76 -7.86
CA PHE B 526 33.06 57.49 -7.86
C PHE B 526 33.66 57.69 -6.49
N LEU B 527 33.19 58.68 -5.75
CA LEU B 527 33.69 58.98 -4.42
C LEU B 527 32.87 58.29 -3.35
N ASN B 528 31.80 57.59 -3.74
CA ASN B 528 30.95 56.90 -2.80
C ASN B 528 31.67 55.87 -1.91
N PRO B 529 32.60 55.03 -2.41
CA PRO B 529 33.10 53.94 -1.56
C PRO B 529 33.91 54.42 -0.36
N LEU B 530 33.29 55.25 0.46
CA LEU B 530 33.77 55.63 1.79
C LEU B 530 32.72 56.49 2.48
N SER B 531 32.60 56.38 3.79
CA SER B 531 31.61 57.15 4.52
C SER B 531 32.01 58.62 4.53
N PRO B 532 31.07 59.54 4.30
CA PRO B 532 31.41 60.98 4.30
C PRO B 532 32.02 61.46 5.60
N ASP B 533 31.71 60.78 6.71
CA ASP B 533 32.26 61.19 8.00
C ASP B 533 33.79 61.12 7.99
N ILE B 534 34.34 60.05 7.41
CA ILE B 534 35.79 59.96 7.29
C ILE B 534 36.30 61.03 6.32
N TRP B 535 35.52 61.31 5.28
CA TRP B 535 35.89 62.36 4.34
C TRP B 535 36.10 63.70 5.07
N MET B 536 35.18 64.05 5.96
CA MET B 536 35.36 65.31 6.68
C MET B 536 36.40 65.20 7.80
N TYR B 537 36.61 63.99 8.36
CA TYR B 537 37.76 63.80 9.24
C TYR B 537 39.06 64.11 8.53
N VAL B 538 39.15 63.83 7.23
CA VAL B 538 40.38 64.13 6.49
C VAL B 538 40.68 65.62 6.57
N LEU B 539 39.68 66.46 6.29
CA LEU B 539 39.89 67.90 6.35
C LEU B 539 40.14 68.36 7.78
N LEU B 540 39.48 67.72 8.75
CA LEU B 540 39.75 68.05 10.15
C LEU B 540 41.21 67.79 10.50
N ALA B 541 41.73 66.63 10.08
CA ALA B 541 43.13 66.29 10.36
C ALA B 541 44.08 67.26 9.67
N TYR B 542 43.78 67.63 8.42
CA TYR B 542 44.64 68.57 7.73
C TYR B 542 44.65 69.93 8.44
N LEU B 543 43.48 70.40 8.88
CA LEU B 543 43.42 71.65 9.61
C LEU B 543 44.18 71.55 10.93
N GLY B 544 44.08 70.41 11.61
CA GLY B 544 44.81 70.22 12.85
C GLY B 544 46.30 70.29 12.64
N VAL B 545 46.79 69.64 11.58
CA VAL B 545 48.22 69.68 11.30
C VAL B 545 48.64 71.10 10.93
N SER B 546 47.78 71.83 10.22
CA SER B 546 48.09 73.21 9.87
C SER B 546 48.20 74.08 11.12
N VAL B 547 47.28 73.91 12.07
CA VAL B 547 47.32 74.76 13.26
C VAL B 547 48.49 74.38 14.17
N VAL B 548 48.83 73.09 14.25
CA VAL B 548 49.99 72.73 15.05
C VAL B 548 51.27 73.26 14.39
N LEU B 549 51.32 73.29 13.06
CA LEU B 549 52.45 73.91 12.38
C LEU B 549 52.51 75.40 12.69
N PHE B 550 51.35 76.06 12.72
CA PHE B 550 51.32 77.49 13.06
C PHE B 550 51.83 77.72 14.48
N VAL B 551 51.44 76.86 15.42
CA VAL B 551 51.94 76.96 16.78
C VAL B 551 53.45 76.74 16.81
N ILE B 552 53.94 75.77 16.03
CA ILE B 552 55.37 75.49 15.96
C ILE B 552 56.13 76.71 15.46
N ALA B 553 55.59 77.40 14.45
CA ALA B 553 56.28 78.55 13.88
C ALA B 553 56.53 79.63 14.93
N ARG B 554 55.55 79.92 15.77
CA ARG B 554 55.74 80.88 16.85
C ARG B 554 56.54 80.27 17.99
N ALA B 601 63.35 71.19 14.60
CA ALA B 601 62.73 70.48 13.48
C ALA B 601 62.31 69.07 13.90
N LEU B 602 62.68 68.69 15.12
CA LEU B 602 62.32 67.37 15.63
C LEU B 602 60.81 67.21 15.74
N SER B 603 60.13 68.23 16.28
CA SER B 603 58.67 68.23 16.28
C SER B 603 58.14 68.26 14.86
N THR B 604 58.75 69.06 13.99
CA THR B 604 58.39 69.03 12.58
C THR B 604 58.59 67.64 11.99
N ARG B 605 59.69 66.99 12.35
CA ARG B 605 59.97 65.65 11.84
C ARG B 605 58.89 64.67 12.27
N ILE B 606 58.51 64.69 13.54
CA ILE B 606 57.55 63.71 14.03
C ILE B 606 56.16 63.97 13.47
N ILE B 607 55.76 65.24 13.36
CA ILE B 607 54.44 65.53 12.80
C ILE B 607 54.40 65.17 11.32
N GLY B 608 55.50 65.45 10.60
CA GLY B 608 55.56 65.04 9.21
C GLY B 608 55.49 63.54 9.05
N GLY B 609 56.17 62.80 9.93
CA GLY B 609 56.13 61.34 9.84
C GLY B 609 54.75 60.77 10.14
N ILE B 610 54.08 61.29 11.16
CA ILE B 610 52.75 60.78 11.47
C ILE B 610 51.77 61.13 10.36
N TRP B 611 51.88 62.34 9.79
CA TRP B 611 51.05 62.69 8.65
C TRP B 611 51.35 61.79 7.44
N TRP B 612 52.63 61.49 7.23
CA TRP B 612 53.06 60.60 6.16
C TRP B 612 52.39 59.24 6.29
N PHE B 613 52.49 58.64 7.48
CA PHE B 613 51.90 57.33 7.70
C PHE B 613 50.38 57.39 7.56
N PHE B 614 49.77 58.45 8.10
CA PHE B 614 48.32 58.61 7.97
C PHE B 614 47.90 58.68 6.52
N THR B 615 48.59 59.47 5.72
CA THR B 615 48.23 59.59 4.31
C THR B 615 48.36 58.26 3.60
N LEU B 616 49.46 57.54 3.84
CA LEU B 616 49.63 56.25 3.19
C LEU B 616 48.50 55.30 3.59
N ILE B 617 48.18 55.24 4.89
CA ILE B 617 47.15 54.32 5.36
C ILE B 617 45.80 54.66 4.75
N ILE B 618 45.44 55.94 4.74
CA ILE B 618 44.11 56.31 4.28
C ILE B 618 43.98 56.10 2.78
N ILE B 619 45.03 56.42 2.01
CA ILE B 619 44.92 56.23 0.57
C ILE B 619 44.88 54.74 0.26
N SER B 620 45.66 53.93 0.97
CA SER B 620 45.62 52.49 0.76
C SER B 620 44.24 51.91 1.07
N SER B 621 43.66 52.33 2.19
CA SER B 621 42.34 51.83 2.55
C SER B 621 41.29 52.23 1.53
N TYR B 622 41.32 53.48 1.09
CA TYR B 622 40.35 53.94 0.11
C TYR B 622 40.52 53.20 -1.21
N THR B 623 41.77 53.00 -1.64
CA THR B 623 42.01 52.30 -2.90
C THR B 623 41.46 50.89 -2.85
N ALA B 624 41.74 50.16 -1.77
CA ALA B 624 41.25 48.80 -1.66
C ALA B 624 39.73 48.75 -1.59
N ASN B 625 39.11 49.64 -0.81
CA ASN B 625 37.66 49.61 -0.67
C ASN B 625 36.99 49.91 -2.01
N LEU B 626 37.47 50.93 -2.72
CA LEU B 626 36.89 51.24 -4.01
C LEU B 626 37.14 50.12 -5.01
N ALA B 627 38.31 49.48 -4.92
CA ALA B 627 38.61 48.35 -5.78
C ALA B 627 37.62 47.23 -5.58
N ALA B 628 37.30 46.92 -4.32
CA ALA B 628 36.32 45.87 -4.06
C ALA B 628 34.95 46.25 -4.61
N PHE B 629 34.51 47.49 -4.38
CA PHE B 629 33.21 47.90 -4.88
C PHE B 629 33.15 47.85 -6.41
N LEU B 630 34.20 48.32 -7.08
CA LEU B 630 34.23 48.25 -8.53
C LEU B 630 34.44 46.83 -9.03
N THR B 631 34.90 45.93 -8.16
CA THR B 631 35.02 44.53 -8.52
C THR B 631 33.65 43.84 -8.52
N VAL B 632 32.82 44.14 -7.53
CA VAL B 632 31.55 43.43 -7.40
C VAL B 632 30.40 44.15 -8.08
N GLU B 633 30.10 45.37 -7.63
CA GLU B 633 29.06 46.24 -8.19
C GLU B 633 27.74 45.53 -8.46
N ARG B 634 27.05 45.96 -9.52
CA ARG B 634 25.83 45.34 -10.06
C ARG B 634 24.74 45.18 -9.00
N MET B 635 24.55 46.24 -8.21
CA MET B 635 23.32 46.42 -7.47
C MET B 635 22.34 47.20 -8.35
N GLU B 636 21.10 46.71 -8.43
CA GLU B 636 20.17 47.21 -9.42
C GLU B 636 19.28 48.36 -8.93
N SER B 637 18.99 48.46 -7.64
CA SER B 637 18.07 49.50 -7.20
C SER B 637 18.27 49.85 -5.73
N PRO B 638 18.47 51.14 -5.41
CA PRO B 638 18.62 51.52 -4.00
C PRO B 638 17.33 51.43 -3.20
N ILE B 639 16.18 51.40 -3.86
CA ILE B 639 14.89 51.33 -3.19
C ILE B 639 14.41 49.89 -3.21
N ASP B 640 13.71 49.50 -2.14
CA ASP B 640 13.21 48.13 -2.01
C ASP B 640 11.78 48.06 -1.51
N SER B 641 11.21 49.14 -0.99
CA SER B 641 9.88 49.10 -0.41
C SER B 641 9.26 50.49 -0.50
N ALA B 642 7.95 50.56 -0.22
CA ALA B 642 7.24 51.83 -0.24
C ALA B 642 7.74 52.77 0.85
N ASP B 643 8.48 52.27 1.84
CA ASP B 643 9.07 53.14 2.84
C ASP B 643 10.02 54.14 2.20
N ASP B 644 10.85 53.69 1.26
CA ASP B 644 11.72 54.61 0.54
C ASP B 644 10.90 55.62 -0.27
N LEU B 645 9.80 55.16 -0.88
CA LEU B 645 8.96 56.09 -1.64
C LEU B 645 8.40 57.16 -0.72
N ALA B 646 8.00 56.77 0.50
CA ALA B 646 7.54 57.73 1.48
C ALA B 646 8.68 58.64 1.95
N LYS B 647 9.93 58.20 1.81
CA LYS B 647 11.07 58.97 2.29
C LYS B 647 11.70 59.86 1.24
N GLN B 648 11.20 59.85 0.00
CA GLN B 648 11.77 60.68 -1.04
C GLN B 648 10.74 60.92 -2.13
N THR B 649 10.86 62.05 -2.82
CA THR B 649 10.11 62.31 -4.06
C THR B 649 11.08 62.80 -5.11
N LYS B 650 11.78 61.86 -5.75
CA LYS B 650 12.52 62.12 -6.97
C LYS B 650 12.47 60.95 -7.93
N ILE B 651 11.76 59.88 -7.58
CA ILE B 651 11.61 58.70 -8.42
C ILE B 651 10.12 58.48 -8.64
N GLU B 652 9.72 58.30 -9.89
CA GLU B 652 8.31 58.17 -10.21
C GLU B 652 7.81 56.77 -9.86
N TYR B 653 6.69 56.71 -9.15
CA TYR B 653 6.03 55.45 -8.82
C TYR B 653 4.54 55.63 -8.97
N GLY B 654 3.88 54.60 -9.50
CA GLY B 654 2.45 54.67 -9.76
C GLY B 654 1.80 53.31 -9.73
N ALA B 655 0.48 53.32 -9.65
CA ALA B 655 -0.34 52.12 -9.65
C ALA B 655 -1.41 52.23 -10.73
N VAL B 656 -2.14 51.14 -10.94
CA VAL B 656 -3.20 51.12 -11.94
C VAL B 656 -4.36 51.96 -11.46
N LYS B 657 -4.73 52.96 -12.26
CA LYS B 657 -5.87 53.81 -11.92
C LYS B 657 -7.16 52.99 -11.91
N ASP B 658 -8.00 53.26 -10.92
CA ASP B 658 -9.28 52.57 -10.71
C ASP B 658 -9.10 51.08 -10.43
N GLY B 659 -7.87 50.62 -10.23
CA GLY B 659 -7.62 49.25 -9.87
C GLY B 659 -7.92 48.97 -8.41
N ALA B 660 -7.80 47.70 -8.05
CA ALA B 660 -8.04 47.31 -6.66
C ALA B 660 -7.01 47.94 -5.73
N THR B 661 -5.76 48.03 -6.17
CA THR B 661 -4.70 48.53 -5.32
C THR B 661 -4.92 50.00 -4.96
N MET B 662 -5.24 50.83 -5.95
CA MET B 662 -5.49 52.23 -5.67
C MET B 662 -6.73 52.42 -4.82
N THR B 663 -7.76 51.61 -5.03
CA THR B 663 -8.96 51.67 -4.20
C THR B 663 -8.64 51.33 -2.75
N PHE B 664 -7.83 50.30 -2.54
CA PHE B 664 -7.41 49.95 -1.18
C PHE B 664 -6.61 51.08 -0.55
N PHE B 665 -5.69 51.68 -1.32
CA PHE B 665 -4.89 52.77 -0.77
C PHE B 665 -5.78 53.96 -0.42
N LYS B 666 -6.81 54.20 -1.23
CA LYS B 666 -7.77 55.26 -0.92
C LYS B 666 -8.51 54.95 0.37
N LYS B 667 -8.91 53.71 0.57
CA LYS B 667 -9.63 53.33 1.78
C LYS B 667 -8.71 52.89 2.90
N SER B 668 -7.40 52.88 2.68
CA SER B 668 -6.46 52.60 3.77
C SER B 668 -6.29 53.85 4.62
N LYS B 669 -6.44 53.71 5.93
CA LYS B 669 -6.29 54.82 6.85
C LYS B 669 -4.93 54.84 7.53
N ILE B 670 -4.00 53.98 7.11
CA ILE B 670 -2.63 54.03 7.63
C ILE B 670 -2.00 55.35 7.19
N SER B 671 -1.31 56.01 8.13
CA SER B 671 -0.76 57.33 7.83
C SER B 671 0.19 57.28 6.65
N THR B 672 1.05 56.27 6.58
CA THR B 672 1.93 56.12 5.43
C THR B 672 1.12 55.91 4.16
N PHE B 673 0.11 55.04 4.24
CA PHE B 673 -0.73 54.76 3.07
C PHE B 673 -1.51 56.01 2.65
N GLU B 674 -2.05 56.75 3.63
CA GLU B 674 -2.76 57.97 3.30
C GLU B 674 -1.83 58.98 2.64
N LYS B 675 -0.62 59.13 3.17
CA LYS B 675 0.33 60.08 2.58
C LYS B 675 0.69 59.69 1.16
N MET B 676 0.98 58.40 0.93
CA MET B 676 1.36 57.98 -0.41
C MET B 676 0.18 58.10 -1.37
N TRP B 677 -1.03 57.84 -0.90
CA TRP B 677 -2.21 58.02 -1.75
C TRP B 677 -2.40 59.48 -2.11
N ALA B 678 -2.19 60.37 -1.15
CA ALA B 678 -2.27 61.80 -1.43
C ALA B 678 -1.21 62.21 -2.45
N PHE B 679 -0.01 61.66 -2.33
CA PHE B 679 1.04 61.94 -3.31
C PHE B 679 0.63 61.44 -4.69
N MET B 680 0.04 60.25 -4.76
CA MET B 680 -0.40 59.69 -6.03
C MET B 680 -1.45 60.59 -6.67
N SER B 681 -2.42 61.06 -5.88
CA SER B 681 -3.43 61.97 -6.41
C SER B 681 -2.81 63.29 -6.85
N SER B 682 -1.84 63.78 -6.09
CA SER B 682 -1.22 65.07 -6.42
C SER B 682 -0.50 65.01 -7.75
N LYS B 683 0.22 63.92 -8.02
CA LYS B 683 1.02 63.84 -9.23
C LYS B 683 0.13 63.76 -10.46
N PRO B 684 0.26 64.68 -11.42
CA PRO B 684 -0.59 64.62 -12.62
C PRO B 684 -0.40 63.35 -13.42
N SER B 685 0.80 62.80 -13.48
CA SER B 685 1.08 61.57 -14.22
C SER B 685 1.61 60.54 -13.23
N ALA B 686 0.69 59.88 -12.54
CA ALA B 686 1.02 58.77 -11.67
C ALA B 686 -0.01 57.66 -11.74
N LEU B 687 -1.02 57.77 -12.58
CA LEU B 687 -2.10 56.80 -12.69
C LEU B 687 -2.11 56.23 -14.09
N VAL B 688 -2.20 54.91 -14.19
CA VAL B 688 -2.18 54.21 -15.47
C VAL B 688 -3.45 53.38 -15.59
N LYS B 689 -3.98 53.31 -16.81
CA LYS B 689 -5.23 52.61 -17.04
C LYS B 689 -5.06 51.15 -17.40
N ASN B 690 -3.92 50.77 -17.98
CA ASN B 690 -3.68 49.41 -18.41
C ASN B 690 -2.34 48.92 -17.87
N ASN B 691 -2.27 47.61 -17.65
CA ASN B 691 -1.03 47.02 -17.16
C ASN B 691 0.12 47.23 -18.14
N GLU B 692 -0.14 47.03 -19.42
CA GLU B 692 0.92 47.14 -20.42
C GLU B 692 1.46 48.57 -20.50
N GLU B 693 0.59 49.57 -20.40
CA GLU B 693 1.05 50.95 -20.42
C GLU B 693 1.96 51.25 -19.23
N GLY B 694 1.61 50.75 -18.04
CA GLY B 694 2.48 50.91 -16.89
C GLY B 694 3.80 50.20 -17.07
N ILE B 695 3.78 49.02 -17.70
CA ILE B 695 5.01 48.29 -17.98
C ILE B 695 5.90 49.12 -18.90
N GLN B 696 5.31 49.70 -19.94
CA GLN B 696 6.08 50.54 -20.85
C GLN B 696 6.62 51.78 -20.16
N ARG B 697 5.82 52.38 -19.27
CA ARG B 697 6.30 53.55 -18.53
C ARG B 697 7.49 53.19 -17.65
N THR B 698 7.43 52.04 -16.98
CA THR B 698 8.57 51.60 -16.18
C THR B 698 9.78 51.32 -17.05
N LEU B 699 9.58 50.66 -18.19
CA LEU B 699 10.70 50.23 -19.02
C LEU B 699 11.39 51.39 -19.73
N THR B 700 10.62 52.39 -20.16
CA THR B 700 11.19 53.47 -20.97
C THR B 700 11.74 54.61 -20.11
N ALA B 701 10.88 55.25 -19.34
CA ALA B 701 11.26 56.37 -18.50
C ALA B 701 11.27 55.93 -17.04
N ASP B 702 11.50 56.90 -16.14
CA ASP B 702 11.45 56.61 -14.71
C ASP B 702 10.00 56.41 -14.30
N TYR B 703 9.69 55.21 -13.83
CA TYR B 703 8.35 54.88 -13.36
C TYR B 703 8.41 53.57 -12.62
N ALA B 704 7.64 53.46 -11.54
CA ALA B 704 7.54 52.25 -10.75
C ALA B 704 6.09 51.82 -10.69
N LEU B 705 5.83 50.55 -10.98
CA LEU B 705 4.48 50.03 -11.02
C LEU B 705 4.14 49.33 -9.71
N LEU B 706 2.95 49.60 -9.20
CA LEU B 706 2.41 48.96 -8.01
C LEU B 706 1.24 48.08 -8.41
N MET B 707 1.33 46.80 -8.11
CA MET B 707 0.33 45.83 -8.54
C MET B 707 0.50 44.59 -7.65
N GLU B 708 -0.50 43.71 -7.68
CA GLU B 708 -0.44 42.49 -6.88
C GLU B 708 0.86 41.75 -7.13
N SER B 709 1.33 41.04 -6.10
CA SER B 709 2.66 40.44 -6.14
C SER B 709 2.77 39.41 -7.26
N THR B 710 1.77 38.54 -7.42
CA THR B 710 1.93 37.45 -8.38
C THR B 710 1.96 37.99 -9.81
N THR B 711 1.22 39.07 -10.08
CA THR B 711 1.20 39.64 -11.43
C THR B 711 2.58 40.14 -11.81
N ILE B 712 3.18 40.96 -10.94
CA ILE B 712 4.51 41.48 -11.21
C ILE B 712 5.52 40.36 -11.24
N GLU B 713 5.32 39.32 -10.42
CA GLU B 713 6.19 38.16 -10.44
C GLU B 713 6.17 37.49 -11.81
N TYR B 714 4.96 37.29 -12.35
CA TYR B 714 4.82 36.71 -13.67
C TYR B 714 5.46 37.60 -14.73
N ILE B 715 5.26 38.91 -14.62
CA ILE B 715 5.81 39.83 -15.60
C ILE B 715 7.34 39.75 -15.60
N THR B 716 7.95 39.83 -14.43
CA THR B 716 9.41 39.79 -14.33
C THR B 716 9.96 38.44 -14.77
N GLN B 717 9.31 37.35 -14.37
CA GLN B 717 9.79 36.02 -14.70
C GLN B 717 9.63 35.68 -16.17
N ARG B 718 8.77 36.39 -16.90
CA ARG B 718 8.57 36.15 -18.31
C ARG B 718 9.37 37.10 -19.19
N ASN B 719 10.17 37.98 -18.60
CA ASN B 719 11.07 38.85 -19.33
C ASN B 719 12.45 38.76 -18.70
N CYS B 720 13.39 39.55 -19.23
CA CYS B 720 14.74 39.64 -18.69
C CYS B 720 15.15 41.09 -18.52
N ASN B 721 14.18 41.99 -18.37
CA ASN B 721 14.48 43.41 -18.25
C ASN B 721 13.71 44.10 -17.14
N LEU B 722 13.07 43.36 -16.23
CA LEU B 722 12.27 43.98 -15.18
C LEU B 722 12.72 43.48 -13.81
N THR B 723 12.92 44.42 -12.90
CA THR B 723 13.33 44.16 -11.53
C THR B 723 12.11 44.16 -10.61
N GLN B 724 11.98 43.14 -9.78
CA GLN B 724 10.90 43.01 -8.81
C GLN B 724 11.47 43.29 -7.43
N ILE B 725 10.92 44.28 -6.73
CA ILE B 725 11.35 44.58 -5.37
C ILE B 725 10.14 44.67 -4.45
N GLY B 726 10.25 44.06 -3.29
CA GLY B 726 9.14 44.04 -2.35
C GLY B 726 8.08 43.05 -2.79
N GLY B 727 7.46 42.36 -1.84
CA GLY B 727 6.42 41.42 -2.21
C GLY B 727 5.19 41.50 -1.32
N LEU B 728 5.28 42.28 -0.24
CA LEU B 728 4.17 42.36 0.69
C LEU B 728 4.25 43.69 1.46
N ILE B 729 3.37 44.62 1.11
CA ILE B 729 3.10 45.78 1.94
C ILE B 729 1.67 45.77 2.47
N ASP B 730 0.82 44.92 1.91
CA ASP B 730 -0.54 44.70 2.37
C ASP B 730 -0.88 43.23 2.11
N SER B 731 -2.16 42.89 2.21
CA SER B 731 -2.56 41.49 2.06
C SER B 731 -4.03 41.41 1.73
N LYS B 732 -4.37 40.77 0.61
CA LYS B 732 -5.75 40.49 0.26
C LYS B 732 -5.87 39.03 -0.17
N GLY B 733 -7.03 38.46 0.13
CA GLY B 733 -7.28 37.06 -0.14
C GLY B 733 -7.95 36.81 -1.48
N TYR B 734 -7.69 35.64 -2.06
CA TYR B 734 -8.29 35.24 -3.34
C TYR B 734 -8.76 33.80 -3.20
N GLY B 735 -10.07 33.63 -3.06
CA GLY B 735 -10.70 32.33 -2.93
C GLY B 735 -11.87 32.16 -3.87
N ILE B 736 -12.67 31.12 -3.65
CA ILE B 736 -13.81 30.82 -4.53
C ILE B 736 -15.05 31.47 -3.95
N GLY B 737 -15.64 32.40 -4.69
CA GLY B 737 -16.90 33.01 -4.28
C GLY B 737 -18.05 32.01 -4.41
N THR B 738 -18.90 31.98 -3.40
CA THR B 738 -20.04 31.08 -3.37
C THR B 738 -21.31 31.86 -3.00
N PRO B 739 -22.47 31.39 -3.44
CA PRO B 739 -23.72 32.08 -3.09
C PRO B 739 -24.03 32.02 -1.61
N MET B 740 -24.97 32.87 -1.20
CA MET B 740 -25.43 32.92 0.19
C MET B 740 -25.90 31.54 0.64
N GLY B 741 -25.46 31.14 1.83
CA GLY B 741 -25.87 29.86 2.38
C GLY B 741 -25.45 28.66 1.56
N SER B 742 -24.24 28.69 1.01
CA SER B 742 -23.78 27.60 0.18
C SER B 742 -23.48 26.37 1.04
N PRO B 743 -24.07 25.22 0.73
CA PRO B 743 -23.76 24.00 1.49
C PRO B 743 -22.52 23.30 0.98
N TYR B 744 -22.22 23.51 -0.31
CA TYR B 744 -21.09 22.85 -0.95
C TYR B 744 -19.78 23.63 -0.80
N ARG B 745 -19.81 24.80 -0.16
CA ARG B 745 -18.57 25.54 0.07
C ARG B 745 -17.73 24.92 1.17
N ASP B 746 -18.34 24.14 2.07
CA ASP B 746 -17.58 23.52 3.15
C ASP B 746 -16.60 22.49 2.61
N LYS B 747 -17.05 21.61 1.71
CA LYS B 747 -16.14 20.66 1.08
C LYS B 747 -15.12 21.37 0.21
N ILE B 748 -15.48 22.51 -0.37
CA ILE B 748 -14.51 23.30 -1.14
C ILE B 748 -13.39 23.78 -0.22
N THR B 749 -13.76 24.30 0.96
CA THR B 749 -12.75 24.74 1.92
C THR B 749 -11.90 23.57 2.39
N ILE B 750 -12.51 22.42 2.62
CA ILE B 750 -11.77 21.25 3.07
C ILE B 750 -10.77 20.82 2.01
N ALA B 751 -11.18 20.79 0.74
CA ALA B 751 -10.27 20.41 -0.33
C ALA B 751 -9.16 21.44 -0.51
N ILE B 752 -9.47 22.72 -0.34
CA ILE B 752 -8.43 23.75 -0.41
C ILE B 752 -7.40 23.54 0.68
N LEU B 753 -7.87 23.26 1.90
CA LEU B 753 -6.98 22.98 3.01
C LEU B 753 -6.13 21.75 2.72
N GLN B 754 -6.73 20.70 2.15
CA GLN B 754 -5.96 19.49 1.85
C GLN B 754 -4.88 19.78 0.81
N LEU B 755 -5.21 20.56 -0.22
CA LEU B 755 -4.21 20.89 -1.23
C LEU B 755 -3.08 21.73 -0.64
N GLN B 756 -3.41 22.66 0.25
CA GLN B 756 -2.37 23.44 0.91
C GLN B 756 -1.51 22.58 1.80
N GLU B 757 -2.13 21.63 2.52
CA GLU B 757 -1.36 20.73 3.39
C GLU B 757 -0.42 19.85 2.59
N GLU B 758 -0.90 19.30 1.48
CA GLU B 758 -0.05 18.44 0.66
C GLU B 758 0.93 19.23 -0.19
N GLY B 759 0.78 20.55 -0.24
CA GLY B 759 1.65 21.39 -1.02
C GLY B 759 1.37 21.39 -2.51
N LYS B 760 0.24 20.81 -2.94
CA LYS B 760 -0.05 20.78 -4.36
C LYS B 760 -0.32 22.17 -4.91
N LEU B 761 -0.77 23.10 -4.07
CA LEU B 761 -1.01 24.46 -4.53
C LEU B 761 0.30 25.11 -4.96
N HIS B 762 1.38 24.85 -4.21
CA HIS B 762 2.69 25.39 -4.57
C HIS B 762 3.15 24.84 -5.90
N ILE B 763 2.98 23.53 -6.10
CA ILE B 763 3.37 22.91 -7.36
C ILE B 763 2.56 23.48 -8.51
N MET B 764 1.26 23.70 -8.29
CA MET B 764 0.43 24.30 -9.34
C MET B 764 0.92 25.70 -9.69
N LYS B 765 1.22 26.50 -8.68
CA LYS B 765 1.73 27.85 -8.94
C LYS B 765 3.04 27.79 -9.72
N GLU B 766 3.96 26.93 -9.29
CA GLU B 766 5.23 26.81 -9.99
C GLU B 766 5.02 26.36 -11.43
N LYS B 767 4.05 25.48 -11.66
CA LYS B 767 3.71 25.07 -13.02
C LYS B 767 3.23 26.25 -13.83
N TRP B 768 2.36 27.08 -13.25
CA TRP B 768 1.82 28.24 -13.95
C TRP B 768 2.56 29.53 -13.64
N TRP B 769 3.64 29.46 -12.87
CA TRP B 769 4.54 30.60 -12.70
C TRP B 769 5.98 30.18 -12.92
N ARG B 770 6.20 29.17 -13.74
CA ARG B 770 7.55 28.80 -14.17
C ARG B 770 8.01 29.86 -15.17
N GLY B 771 8.90 30.73 -14.73
CA GLY B 771 9.32 31.84 -15.55
C GLY B 771 10.16 31.44 -16.73
N SER B 772 10.78 32.44 -17.34
CA SER B 772 11.68 32.25 -18.47
C SER B 772 13.11 32.36 -17.98
N GLY B 773 13.94 31.42 -18.39
CA GLY B 773 15.32 31.44 -17.96
C GLY B 773 16.04 32.70 -18.38
N CYS B 774 17.00 33.12 -17.56
CA CYS B 774 17.76 34.33 -17.80
C CYS B 774 19.24 34.00 -17.90
N PRO B 775 20.00 34.72 -18.72
CA PRO B 775 21.43 34.41 -18.82
C PRO B 775 22.16 34.73 -17.53
N GLU B 776 23.24 33.98 -17.29
CA GLU B 776 24.01 34.18 -16.08
C GLU B 776 24.58 35.59 -16.07
N GLU B 777 24.26 36.34 -15.02
CA GLU B 777 24.56 37.77 -15.00
C GLU B 777 25.15 38.26 -13.69
N GLU B 778 25.33 37.39 -12.70
CA GLU B 778 25.93 37.79 -11.43
C GLU B 778 27.43 37.61 -11.41
N ASN B 779 28.02 37.05 -12.45
CA ASN B 779 29.47 36.90 -12.50
C ASN B 779 30.11 38.28 -12.61
N LYS B 780 31.08 38.56 -11.74
CA LYS B 780 31.72 39.86 -11.76
C LYS B 780 32.55 40.01 -13.03
N GLU B 781 32.38 41.13 -13.72
CA GLU B 781 33.07 41.39 -14.96
C GLU B 781 33.64 42.80 -14.94
N ALA B 782 34.89 42.92 -15.38
CA ALA B 782 35.58 44.20 -15.41
C ALA B 782 36.45 44.20 -16.66
N SER B 783 36.08 45.01 -17.65
CA SER B 783 36.81 45.06 -18.90
C SER B 783 36.56 46.42 -19.55
N ALA B 784 37.64 47.09 -19.94
CA ALA B 784 37.57 48.39 -20.59
C ALA B 784 36.76 49.38 -19.75
N LEU B 785 37.02 49.40 -18.45
CA LEU B 785 36.34 50.29 -17.52
C LEU B 785 37.16 51.55 -17.37
N GLY B 786 36.60 52.69 -17.74
CA GLY B 786 37.30 53.95 -17.60
C GLY B 786 37.08 54.62 -16.26
N ILE B 787 36.79 55.92 -16.31
CA ILE B 787 36.56 56.71 -15.11
C ILE B 787 35.06 56.83 -14.82
N GLN B 788 34.27 55.92 -15.37
CA GLN B 788 32.81 55.95 -15.25
C GLN B 788 32.27 57.28 -15.78
N LYS B 789 32.47 57.47 -17.08
CA LYS B 789 32.06 58.69 -17.78
C LYS B 789 32.79 59.89 -17.20
N ILE B 790 32.14 60.61 -16.28
CA ILE B 790 32.72 61.82 -15.71
C ILE B 790 33.86 61.45 -14.77
N GLY B 791 34.89 62.29 -14.74
CA GLY B 791 35.99 62.19 -13.81
C GLY B 791 35.83 63.13 -12.65
N GLY B 792 36.93 63.82 -12.30
CA GLY B 792 36.89 64.77 -11.22
C GLY B 792 37.78 65.99 -11.45
N ILE B 793 38.20 66.21 -12.68
CA ILE B 793 39.11 67.32 -12.97
C ILE B 793 38.42 68.67 -12.85
N PHE B 794 37.08 68.68 -12.95
CA PHE B 794 36.36 69.95 -12.91
C PHE B 794 36.52 70.66 -11.57
N ILE B 795 36.58 69.91 -10.48
CA ILE B 795 36.70 70.55 -9.17
C ILE B 795 38.03 71.27 -9.03
N VAL B 796 39.13 70.64 -9.45
CA VAL B 796 40.42 71.29 -9.33
C VAL B 796 40.56 72.42 -10.34
N LEU B 797 39.96 72.27 -11.53
CA LEU B 797 39.97 73.38 -12.49
C LEU B 797 39.26 74.60 -11.92
N ALA B 798 38.09 74.38 -11.31
CA ALA B 798 37.35 75.50 -10.73
C ALA B 798 38.10 76.10 -9.55
N ALA B 799 38.73 75.25 -8.73
CA ALA B 799 39.46 75.78 -7.59
C ALA B 799 40.64 76.64 -8.05
N GLY B 800 41.37 76.19 -9.07
CA GLY B 800 42.46 76.99 -9.60
C GLY B 800 41.97 78.33 -10.15
N LEU B 801 40.89 78.29 -10.94
CA LEU B 801 40.36 79.54 -11.48
C LEU B 801 39.92 80.49 -10.38
N VAL B 802 39.21 79.99 -9.36
CA VAL B 802 38.69 80.89 -8.35
C VAL B 802 39.82 81.45 -7.50
N LEU B 803 40.87 80.66 -7.23
CA LEU B 803 41.97 81.21 -6.43
C LEU B 803 42.81 82.19 -7.24
N SER B 804 42.89 82.00 -8.56
CA SER B 804 43.79 82.82 -9.35
C SER B 804 43.38 84.29 -9.33
N VAL B 805 42.08 84.56 -9.28
CA VAL B 805 41.60 85.92 -9.45
C VAL B 805 42.01 86.79 -8.27
N LEU B 806 42.03 86.21 -7.07
CA LEU B 806 42.23 86.96 -5.84
C LEU B 806 43.58 86.72 -5.19
N VAL B 807 44.35 85.73 -5.66
CA VAL B 807 45.79 85.81 -5.49
C VAL B 807 46.38 86.92 -6.34
N ALA B 808 45.75 87.21 -7.49
CA ALA B 808 46.24 88.26 -8.39
C ALA B 808 46.26 89.63 -7.74
N VAL B 809 45.51 89.83 -6.66
CA VAL B 809 45.49 91.10 -5.97
C VAL B 809 46.83 91.37 -5.30
N HIS C 3 -81.38 -8.95 44.85
CA HIS C 3 -80.28 -9.63 44.21
C HIS C 3 -79.09 -8.69 44.02
N VAL C 4 -77.88 -9.22 44.22
CA VAL C 4 -76.65 -8.45 44.06
C VAL C 4 -75.63 -9.32 43.33
N ILE C 5 -74.53 -8.69 42.92
CA ILE C 5 -73.42 -9.39 42.30
C ILE C 5 -72.14 -9.11 43.08
N ARG C 6 -71.17 -9.99 42.93
CA ARG C 6 -69.94 -9.96 43.71
C ARG C 6 -68.76 -9.68 42.79
N ILE C 7 -67.88 -8.78 43.24
CA ILE C 7 -66.67 -8.42 42.49
C ILE C 7 -65.49 -8.45 43.44
N GLY C 8 -64.30 -8.73 42.89
CA GLY C 8 -63.10 -8.79 43.68
C GLY C 8 -62.02 -7.91 43.08
N GLY C 9 -61.02 -7.60 43.91
CA GLY C 9 -59.88 -6.82 43.46
C GLY C 9 -58.72 -6.98 44.41
N ILE C 10 -57.51 -6.95 43.85
CA ILE C 10 -56.29 -7.11 44.62
C ILE C 10 -55.46 -5.84 44.47
N PHE C 11 -54.96 -5.32 45.58
CA PHE C 11 -54.15 -4.11 45.57
C PHE C 11 -52.95 -4.32 46.49
N GLU C 12 -51.75 -4.04 45.98
CA GLU C 12 -50.56 -4.09 46.79
C GLU C 12 -50.41 -2.83 47.62
N TYR C 13 -49.64 -2.96 48.71
CA TYR C 13 -49.44 -1.86 49.65
C TYR C 13 -48.06 -1.99 50.26
N ALA C 14 -47.56 -0.88 50.81
CA ALA C 14 -46.29 -0.91 51.51
C ALA C 14 -46.38 -1.80 52.75
N ASP C 15 -47.46 -1.65 53.52
CA ASP C 15 -47.69 -2.46 54.71
C ASP C 15 -48.80 -3.48 54.51
N GLY C 16 -49.23 -3.69 53.26
CA GLY C 16 -50.22 -4.68 52.95
C GLY C 16 -51.53 -4.50 53.67
N PRO C 17 -52.02 -5.56 54.33
CA PRO C 17 -53.28 -5.46 55.07
C PRO C 17 -53.16 -4.67 56.36
N ASN C 18 -51.97 -4.25 56.75
CA ASN C 18 -51.77 -3.50 57.97
C ASN C 18 -51.63 -2.01 57.72
N ALA C 19 -51.43 -1.59 56.48
CA ALA C 19 -51.36 -0.18 56.17
C ALA C 19 -52.71 0.49 56.41
N GLN C 20 -52.68 1.68 56.98
CA GLN C 20 -53.87 2.49 57.15
C GLN C 20 -54.03 3.53 56.05
N VAL C 21 -53.13 3.53 55.07
CA VAL C 21 -53.23 4.43 53.94
C VAL C 21 -54.18 3.83 52.90
N MET C 22 -55.18 4.62 52.51
CA MET C 22 -56.13 4.21 51.48
C MET C 22 -55.57 4.64 50.12
N ASN C 23 -55.17 3.66 49.31
CA ASN C 23 -54.54 3.98 48.04
C ASN C 23 -55.49 4.73 47.12
N ALA C 24 -54.90 5.56 46.25
CA ALA C 24 -55.70 6.27 45.25
C ALA C 24 -56.41 5.27 44.35
N GLU C 25 -55.75 4.18 44.00
CA GLU C 25 -56.37 3.16 43.18
C GLU C 25 -57.56 2.52 43.90
N GLU C 26 -57.35 2.23 45.16
CA GLU C 26 -58.47 1.68 45.93
C GLU C 26 -59.56 2.74 45.99
N HIS C 27 -59.16 3.95 46.35
CA HIS C 27 -60.14 5.02 46.49
C HIS C 27 -61.02 5.13 45.24
N ALA C 28 -60.38 5.08 44.06
CA ALA C 28 -61.16 5.11 42.82
C ALA C 28 -62.00 3.86 42.67
N PHE C 29 -61.51 2.72 43.14
CA PHE C 29 -62.33 1.52 43.17
C PHE C 29 -63.61 1.75 43.95
N ARG C 30 -63.48 2.28 45.17
CA ARG C 30 -64.65 2.54 46.01
C ARG C 30 -65.59 3.56 45.37
N PHE C 31 -65.04 4.64 44.83
CA PHE C 31 -65.89 5.67 44.24
C PHE C 31 -66.61 5.14 43.01
N SER C 32 -65.94 4.31 42.21
CA SER C 32 -66.58 3.69 41.06
C SER C 32 -67.69 2.76 41.50
N ALA C 33 -67.47 1.99 42.58
CA ALA C 33 -68.53 1.15 43.10
C ALA C 33 -69.74 1.98 43.51
N ASN C 34 -69.49 3.09 44.21
CA ASN C 34 -70.58 4.00 44.58
C ASN C 34 -71.33 4.48 43.35
N ILE C 35 -70.60 4.95 42.34
CA ILE C 35 -71.23 5.52 41.16
C ILE C 35 -72.08 4.47 40.46
N ILE C 36 -71.53 3.27 40.25
CA ILE C 36 -72.26 2.26 39.50
C ILE C 36 -73.48 1.81 40.29
N ASN C 37 -73.35 1.69 41.62
CA ASN C 37 -74.50 1.29 42.42
C ASN C 37 -75.51 2.42 42.60
N ARG C 38 -75.17 3.64 42.17
CA ARG C 38 -76.14 4.72 42.19
C ARG C 38 -77.19 4.54 41.10
N ASN C 39 -76.74 4.45 39.85
CA ASN C 39 -77.66 4.34 38.72
C ASN C 39 -78.35 2.98 38.73
N ARG C 40 -79.66 2.99 38.46
CA ARG C 40 -80.45 1.78 38.31
C ARG C 40 -80.64 1.40 36.85
N THR C 41 -80.21 2.25 35.92
CA THR C 41 -80.34 2.00 34.50
C THR C 41 -79.15 1.29 33.90
N LEU C 42 -78.08 1.09 34.68
CA LEU C 42 -76.91 0.36 34.22
C LEU C 42 -76.88 -1.08 34.72
N LEU C 43 -77.81 -1.46 35.59
CA LEU C 43 -77.87 -2.81 36.12
C LEU C 43 -79.27 -3.36 35.99
N PRO C 44 -79.41 -4.69 35.82
CA PRO C 44 -80.74 -5.31 35.66
C PRO C 44 -81.45 -5.49 36.99
N ASN C 45 -81.89 -4.37 37.57
CA ASN C 45 -82.62 -4.37 38.83
C ASN C 45 -81.81 -5.02 39.94
N THR C 46 -80.57 -4.57 40.10
CA THR C 46 -79.66 -5.16 41.07
C THR C 46 -78.55 -4.17 41.37
N THR C 47 -77.76 -4.51 42.39
CA THR C 47 -76.55 -3.76 42.73
C THR C 47 -75.36 -4.70 42.79
N LEU C 48 -74.23 -4.21 43.29
CA LEU C 48 -72.99 -4.97 43.28
C LEU C 48 -72.41 -5.00 44.69
N THR C 49 -71.90 -6.17 45.08
CA THR C 49 -71.09 -6.33 46.27
C THR C 49 -69.64 -6.51 45.85
N TYR C 50 -68.73 -6.12 46.75
CA TYR C 50 -67.32 -6.11 46.43
C TYR C 50 -66.52 -6.86 47.48
N ASP C 51 -65.26 -7.11 47.14
CA ASP C 51 -64.30 -7.68 48.06
C ASP C 51 -62.92 -7.28 47.56
N ILE C 52 -62.01 -7.03 48.51
CA ILE C 52 -60.68 -6.56 48.18
C ILE C 52 -59.66 -7.24 49.08
N GLN C 53 -58.44 -7.36 48.58
CA GLN C 53 -57.31 -7.82 49.37
C GLN C 53 -56.19 -6.80 49.25
N ARG C 54 -55.69 -6.34 50.40
CA ARG C 54 -54.58 -5.40 50.47
C ARG C 54 -53.37 -6.18 50.94
N ILE C 55 -52.30 -6.14 50.15
CA ILE C 55 -51.14 -7.00 50.34
C ILE C 55 -49.88 -6.21 50.05
N HIS C 56 -48.73 -6.83 50.25
CA HIS C 56 -47.45 -6.18 50.04
C HIS C 56 -46.94 -6.41 48.62
N PHE C 57 -45.91 -5.68 48.25
CA PHE C 57 -45.31 -5.85 46.95
C PHE C 57 -44.56 -7.18 46.87
N HIS C 58 -44.36 -7.64 45.64
CA HIS C 58 -43.62 -8.88 45.37
C HIS C 58 -44.24 -10.08 46.09
N ASP C 59 -45.57 -10.12 46.12
CA ASP C 59 -46.32 -11.17 46.80
C ASP C 59 -47.22 -11.86 45.79
N SER C 60 -46.98 -13.15 45.53
CA SER C 60 -47.87 -13.88 44.64
C SER C 60 -48.50 -15.10 45.31
N PHE C 61 -47.72 -15.96 45.96
CA PHE C 61 -48.30 -17.19 46.52
C PHE C 61 -49.40 -16.90 47.50
N GLU C 62 -49.14 -16.05 48.50
CA GLU C 62 -50.23 -15.63 49.36
C GLU C 62 -51.28 -14.85 48.56
N ALA C 63 -50.83 -14.05 47.59
CA ALA C 63 -51.77 -13.36 46.72
C ALA C 63 -52.61 -14.35 45.94
N THR C 64 -51.99 -15.45 45.48
CA THR C 64 -52.74 -16.50 44.82
C THR C 64 -53.76 -17.10 45.78
N LYS C 65 -53.36 -17.31 47.04
CA LYS C 65 -54.28 -17.88 48.02
C LYS C 65 -55.51 -16.99 48.18
N LYS C 66 -55.30 -15.68 48.30
CA LYS C 66 -56.47 -14.79 48.38
C LYS C 66 -57.27 -14.82 47.09
N ALA C 67 -56.61 -14.91 45.94
CA ALA C 67 -57.34 -15.01 44.69
C ALA C 67 -58.21 -16.26 44.67
N CYS C 68 -57.67 -17.38 45.13
CA CYS C 68 -58.43 -18.61 45.23
C CYS C 68 -59.63 -18.44 46.15
N ASP C 69 -59.41 -17.81 47.30
CA ASP C 69 -60.51 -17.61 48.24
C ASP C 69 -61.59 -16.75 47.60
N GLN C 70 -61.19 -15.68 46.91
CA GLN C 70 -62.14 -14.80 46.26
C GLN C 70 -62.95 -15.56 45.22
N LEU C 71 -62.29 -16.33 44.36
CA LEU C 71 -63.02 -17.03 43.31
C LEU C 71 -63.93 -18.09 43.91
N ALA C 72 -63.50 -18.73 45.00
CA ALA C 72 -64.39 -19.65 45.70
C ALA C 72 -65.59 -18.92 46.27
N LEU C 73 -65.42 -17.66 46.68
CA LEU C 73 -66.53 -16.89 47.23
C LEU C 73 -67.63 -16.70 46.19
N GLY C 74 -67.26 -16.38 44.95
CA GLY C 74 -68.24 -16.28 43.89
C GLY C 74 -68.23 -14.98 43.12
N VAL C 75 -67.19 -14.18 43.27
CA VAL C 75 -67.13 -12.90 42.55
C VAL C 75 -67.06 -13.17 41.05
N VAL C 76 -67.61 -12.25 40.27
CA VAL C 76 -67.62 -12.41 38.83
C VAL C 76 -66.21 -12.30 38.26
N ALA C 77 -65.39 -11.42 38.82
CA ALA C 77 -64.06 -11.17 38.28
C ALA C 77 -63.17 -10.61 39.39
N ILE C 78 -61.91 -10.40 39.05
CA ILE C 78 -60.89 -9.94 39.98
C ILE C 78 -60.08 -8.85 39.30
N PHE C 79 -59.38 -8.05 40.10
CA PHE C 79 -58.47 -7.03 39.59
C PHE C 79 -57.17 -7.11 40.38
N GLY C 80 -56.06 -7.30 39.68
CA GLY C 80 -54.77 -7.42 40.32
C GLY C 80 -54.14 -6.07 40.61
N PRO C 81 -53.05 -6.11 41.37
CA PRO C 81 -52.31 -4.89 41.69
C PRO C 81 -51.32 -4.54 40.57
N SER C 82 -50.56 -3.47 40.79
CA SER C 82 -49.74 -2.92 39.72
C SER C 82 -48.52 -3.76 39.36
N GLN C 83 -48.17 -4.75 40.17
CA GLN C 83 -47.00 -5.58 39.87
C GLN C 83 -47.27 -6.52 38.71
N GLY C 84 -46.28 -6.65 37.82
CA GLY C 84 -46.42 -7.46 36.63
C GLY C 84 -46.52 -8.95 36.89
N SER C 85 -45.43 -9.53 37.40
CA SER C 85 -45.30 -10.99 37.42
C SER C 85 -46.42 -11.65 38.22
N THR C 86 -46.76 -11.09 39.38
CA THR C 86 -47.82 -11.65 40.19
C THR C 86 -49.14 -11.64 39.43
N THR C 87 -49.43 -10.52 38.76
CA THR C 87 -50.65 -10.44 37.98
C THR C 87 -50.65 -11.45 36.84
N ASN C 88 -49.50 -11.65 36.19
CA ASN C 88 -49.42 -12.68 35.17
C ASN C 88 -49.78 -14.03 35.76
N ALA C 89 -49.26 -14.31 36.96
CA ALA C 89 -49.55 -15.58 37.62
C ALA C 89 -51.03 -15.73 37.91
N VAL C 90 -51.66 -14.65 38.39
CA VAL C 90 -53.07 -14.73 38.76
C VAL C 90 -53.92 -14.88 37.49
N GLN C 91 -53.53 -14.24 36.39
CA GLN C 91 -54.23 -14.47 35.14
C GLN C 91 -54.12 -15.92 34.73
N SER C 92 -52.94 -16.51 34.93
CA SER C 92 -52.75 -17.92 34.63
C SER C 92 -53.71 -18.75 35.45
N ILE C 93 -53.81 -18.44 36.75
CA ILE C 93 -54.65 -19.24 37.64
C ILE C 93 -56.12 -19.07 37.30
N CYS C 94 -56.53 -17.86 36.94
CA CYS C 94 -57.93 -17.62 36.63
C CYS C 94 -58.35 -18.25 35.30
N ASN C 95 -57.49 -18.18 34.29
CA ASN C 95 -57.80 -18.85 33.03
C ASN C 95 -57.71 -20.36 33.15
N ALA C 96 -56.89 -20.86 34.07
CA ALA C 96 -56.88 -22.29 34.34
C ALA C 96 -58.24 -22.77 34.86
N LEU C 97 -58.95 -21.91 35.59
CA LEU C 97 -60.30 -22.21 36.04
C LEU C 97 -61.36 -21.44 35.27
N GLU C 98 -60.97 -20.76 34.19
CA GLU C 98 -61.89 -20.02 33.33
C GLU C 98 -62.63 -18.94 34.14
N VAL C 99 -61.85 -18.03 34.71
CA VAL C 99 -62.36 -16.96 35.54
C VAL C 99 -62.01 -15.63 34.87
N PRO C 100 -62.99 -14.76 34.62
CA PRO C 100 -62.67 -13.47 33.98
C PRO C 100 -61.82 -12.59 34.86
N HIS C 101 -60.87 -11.89 34.23
CA HIS C 101 -60.12 -10.83 34.87
C HIS C 101 -59.85 -9.73 33.85
N ILE C 102 -59.86 -8.49 34.32
CA ILE C 102 -59.62 -7.33 33.47
C ILE C 102 -58.27 -6.76 33.86
N GLN C 103 -57.34 -6.75 32.92
CA GLN C 103 -56.02 -6.19 33.18
C GLN C 103 -56.03 -4.68 32.98
N LEU C 104 -55.26 -3.97 33.79
CA LEU C 104 -55.29 -2.52 33.82
C LEU C 104 -54.00 -1.88 33.40
N ARG C 105 -52.90 -2.63 33.36
CA ARG C 105 -51.57 -2.12 33.07
C ARG C 105 -51.03 -2.79 31.81
N TRP C 106 -50.01 -2.18 31.21
CA TRP C 106 -49.28 -2.84 30.14
C TRP C 106 -48.29 -3.81 30.76
N LYS C 107 -48.33 -5.07 30.30
CA LYS C 107 -47.42 -6.08 30.79
C LYS C 107 -46.92 -6.89 29.60
N HIS C 108 -45.71 -7.41 29.73
CA HIS C 108 -45.17 -8.30 28.71
C HIS C 108 -45.95 -9.61 28.70
N HIS C 109 -46.34 -10.04 27.50
CA HIS C 109 -46.99 -11.32 27.31
C HIS C 109 -46.54 -11.91 25.98
N PRO C 110 -45.90 -13.07 25.98
CA PRO C 110 -45.44 -13.65 24.73
C PRO C 110 -46.60 -14.04 23.83
N LEU C 111 -46.31 -14.14 22.54
CA LEU C 111 -47.33 -14.56 21.59
C LEU C 111 -47.70 -16.02 21.76
N ASP C 112 -46.81 -16.84 22.32
CA ASP C 112 -47.13 -18.21 22.68
C ASP C 112 -47.61 -18.23 24.12
N ASN C 113 -48.89 -18.58 24.31
CA ASN C 113 -49.49 -18.55 25.62
C ASN C 113 -50.32 -19.81 25.83
N LYS C 114 -50.51 -20.15 27.10
CA LYS C 114 -51.35 -21.27 27.50
C LYS C 114 -52.65 -20.80 28.11
N ASP C 115 -53.03 -19.54 27.84
CA ASP C 115 -54.27 -18.97 28.34
C ASP C 115 -55.09 -18.53 27.15
N THR C 116 -56.40 -18.74 27.24
CA THR C 116 -57.26 -18.56 26.08
C THR C 116 -57.82 -17.14 25.98
N PHE C 117 -58.32 -16.57 27.06
CA PHE C 117 -58.97 -15.28 27.01
C PHE C 117 -58.43 -14.37 28.10
N TYR C 118 -58.22 -13.11 27.75
CA TYR C 118 -57.74 -12.07 28.64
C TYR C 118 -57.98 -10.74 27.96
N VAL C 119 -58.24 -9.70 28.77
CA VAL C 119 -58.52 -8.37 28.25
C VAL C 119 -57.69 -7.36 29.02
N ASN C 120 -57.53 -6.19 28.40
CA ASN C 120 -56.82 -5.09 29.04
C ASN C 120 -57.30 -3.79 28.44
N LEU C 121 -57.32 -2.75 29.27
CA LEU C 121 -57.67 -1.41 28.82
C LEU C 121 -56.46 -0.50 28.70
N TYR C 122 -55.33 -0.86 29.29
CA TYR C 122 -54.11 -0.12 29.08
C TYR C 122 -53.70 -0.25 27.62
N PRO C 123 -53.42 0.87 26.94
CA PRO C 123 -53.03 0.77 25.52
C PRO C 123 -51.71 0.03 25.34
N ASP C 124 -51.65 -0.77 24.29
CA ASP C 124 -50.44 -1.51 23.97
C ASP C 124 -49.32 -0.54 23.61
N TYR C 125 -48.12 -0.81 24.13
CA TYR C 125 -46.97 0.03 23.82
C TYR C 125 -46.60 -0.05 22.34
N ALA C 126 -47.03 -1.10 21.63
CA ALA C 126 -46.82 -1.15 20.19
C ALA C 126 -47.57 -0.02 19.50
N SER C 127 -48.84 0.16 19.83
CA SER C 127 -49.60 1.26 19.25
C SER C 127 -49.09 2.61 19.72
N LEU C 128 -48.58 2.68 20.96
CA LEU C 128 -47.97 3.93 21.42
C LEU C 128 -46.75 4.28 20.57
N SER C 129 -45.89 3.29 20.31
CA SER C 129 -44.72 3.52 19.47
C SER C 129 -45.13 3.88 18.05
N HIS C 130 -46.20 3.25 17.54
CA HIS C 130 -46.70 3.62 16.22
C HIS C 130 -47.19 5.06 16.20
N ALA C 131 -47.85 5.50 17.27
CA ALA C 131 -48.27 6.89 17.36
C ALA C 131 -47.07 7.82 17.38
N ILE C 132 -46.04 7.46 18.12
CA ILE C 132 -44.81 8.25 18.17
C ILE C 132 -44.22 8.36 16.77
N LEU C 133 -44.16 7.24 16.05
CA LEU C 133 -43.64 7.26 14.68
C LEU C 133 -44.49 8.14 13.78
N ASP C 134 -45.81 8.04 13.91
CA ASP C 134 -46.72 8.85 13.09
C ASP C 134 -46.49 10.33 13.34
N LEU C 135 -46.37 10.74 14.60
CA LEU C 135 -46.13 12.15 14.88
C LEU C 135 -44.76 12.58 14.37
N VAL C 136 -43.74 11.74 14.55
CA VAL C 136 -42.39 12.10 14.11
C VAL C 136 -42.36 12.31 12.60
N GLN C 137 -42.99 11.40 11.86
CA GLN C 137 -42.98 11.51 10.40
C GLN C 137 -43.85 12.67 9.94
N SER C 138 -45.02 12.86 10.56
CA SER C 138 -45.93 13.92 10.14
C SER C 138 -45.32 15.30 10.40
N LEU C 139 -44.62 15.46 11.51
CA LEU C 139 -44.04 16.75 11.89
C LEU C 139 -42.61 16.91 11.39
N LYS C 140 -42.11 15.98 10.59
CA LYS C 140 -40.81 16.10 9.92
C LYS C 140 -39.67 16.27 10.92
N TRP C 141 -39.68 15.48 11.99
CA TRP C 141 -38.60 15.52 12.95
C TRP C 141 -37.42 14.69 12.46
N ARG C 142 -36.22 15.22 12.67
CA ARG C 142 -34.99 14.56 12.25
C ARG C 142 -34.10 14.16 13.42
N SER C 143 -34.56 14.34 14.65
CA SER C 143 -33.77 14.02 15.84
C SER C 143 -34.60 13.14 16.77
N ALA C 144 -33.90 12.34 17.56
CA ALA C 144 -34.57 11.40 18.46
C ALA C 144 -33.61 10.99 19.57
N THR C 145 -34.13 10.91 20.79
CA THR C 145 -33.34 10.44 21.92
C THR C 145 -34.28 9.82 22.94
N VAL C 146 -33.87 8.68 23.50
CA VAL C 146 -34.70 7.90 24.41
C VAL C 146 -34.15 8.04 25.82
N VAL C 147 -35.05 8.21 26.79
CA VAL C 147 -34.72 8.16 28.21
C VAL C 147 -35.60 7.08 28.82
N TYR C 148 -35.03 5.91 29.03
CA TYR C 148 -35.79 4.72 29.40
C TYR C 148 -35.51 4.33 30.84
N ASP C 149 -36.41 3.49 31.38
CA ASP C 149 -36.27 3.03 32.75
C ASP C 149 -35.33 1.83 32.84
N ASP C 150 -35.57 0.83 32.02
CA ASP C 150 -34.82 -0.43 32.05
C ASP C 150 -35.13 -1.17 30.75
N SER C 151 -34.74 -2.45 30.70
CA SER C 151 -35.01 -3.26 29.51
C SER C 151 -36.49 -3.33 29.18
N THR C 152 -37.37 -3.14 30.17
CA THR C 152 -38.79 -3.01 29.89
C THR C 152 -39.06 -1.88 28.90
N GLY C 153 -38.41 -0.74 29.09
CA GLY C 153 -38.54 0.35 28.14
C GLY C 153 -37.99 0.00 26.77
N LEU C 154 -36.89 -0.76 26.74
CA LEU C 154 -36.34 -1.22 25.46
C LEU C 154 -37.34 -2.06 24.71
N ILE C 155 -38.03 -2.95 25.41
CA ILE C 155 -39.09 -3.74 24.78
C ILE C 155 -40.24 -2.84 24.35
N ARG C 156 -40.58 -1.86 25.18
CA ARG C 156 -41.71 -0.98 24.89
C ARG C 156 -41.56 -0.26 23.56
N LEU C 157 -40.37 0.27 23.28
CA LEU C 157 -40.12 1.06 22.08
C LEU C 157 -39.08 0.38 21.18
N GLN C 158 -39.14 -0.95 21.11
CA GLN C 158 -38.14 -1.69 20.33
C GLN C 158 -38.20 -1.33 18.85
N GLU C 159 -39.40 -1.21 18.29
CA GLU C 159 -39.49 -0.80 16.89
C GLU C 159 -38.90 0.59 16.71
N LEU C 160 -39.11 1.49 17.68
CA LEU C 160 -38.48 2.79 17.62
C LEU C 160 -36.96 2.68 17.77
N ILE C 161 -36.49 1.65 18.47
CA ILE C 161 -35.07 1.39 18.59
C ILE C 161 -34.47 1.00 17.25
N MET C 162 -35.17 0.19 16.48
CA MET C 162 -34.69 -0.22 15.16
C MET C 162 -35.21 0.67 14.04
N ALA C 163 -35.93 1.74 14.37
CA ALA C 163 -36.37 2.69 13.35
C ALA C 163 -35.23 3.27 12.52
N PRO C 164 -34.07 3.64 13.08
CA PRO C 164 -32.99 4.14 12.21
C PRO C 164 -32.56 3.15 11.15
N SER C 165 -32.69 1.84 11.41
CA SER C 165 -32.40 0.87 10.36
C SER C 165 -33.39 1.00 9.21
N ARG C 166 -34.67 1.24 9.53
CA ARG C 166 -35.68 1.45 8.49
C ARG C 166 -35.41 2.73 7.71
N TYR C 167 -35.22 3.84 8.42
CA TYR C 167 -35.04 5.14 7.80
C TYR C 167 -34.03 5.93 8.61
N ASN C 168 -33.23 6.74 7.92
CA ASN C 168 -32.17 7.48 8.58
C ASN C 168 -32.74 8.47 9.59
N ILE C 169 -32.27 8.37 10.83
CA ILE C 169 -32.65 9.28 11.89
C ILE C 169 -31.66 9.12 13.04
N ARG C 170 -31.24 10.24 13.64
CA ARG C 170 -30.30 10.18 14.74
C ARG C 170 -30.99 9.70 16.01
N LEU C 171 -30.23 8.95 16.83
CA LEU C 171 -30.74 8.44 18.09
C LEU C 171 -29.62 8.46 19.12
N LYS C 172 -29.99 8.73 20.37
CA LYS C 172 -29.04 8.72 21.48
C LYS C 172 -29.49 7.68 22.49
N ILE C 173 -28.63 6.70 22.75
CA ILE C 173 -28.90 5.62 23.68
C ILE C 173 -28.56 6.08 25.10
N ARG C 174 -29.54 6.64 25.80
CA ARG C 174 -29.32 7.26 27.10
C ARG C 174 -30.10 6.52 28.18
N GLN C 175 -29.37 5.81 29.04
CA GLN C 175 -29.95 5.05 30.13
C GLN C 175 -30.02 5.93 31.38
N LEU C 176 -31.19 5.94 32.02
CA LEU C 176 -31.39 6.70 33.25
C LEU C 176 -31.64 5.74 34.40
N PRO C 177 -30.77 5.69 35.42
CA PRO C 177 -31.01 4.79 36.55
C PRO C 177 -32.31 5.10 37.27
N ILE C 178 -32.99 4.04 37.71
CA ILE C 178 -34.25 4.18 38.42
C ILE C 178 -34.10 4.04 39.92
N ASP C 179 -32.88 3.84 40.41
CA ASP C 179 -32.62 3.73 41.84
C ASP C 179 -32.01 5.00 42.42
N SER C 180 -31.79 6.02 41.60
CA SER C 180 -31.19 7.27 42.04
C SER C 180 -31.56 8.36 41.06
N ASP C 181 -31.37 9.60 41.48
CA ASP C 181 -31.69 10.76 40.65
C ASP C 181 -30.42 11.56 40.41
N ASP C 182 -29.93 11.52 39.17
CA ASP C 182 -28.81 12.36 38.76
C ASP C 182 -29.02 12.67 37.28
N SER C 183 -29.71 13.78 37.01
CA SER C 183 -30.03 14.19 35.66
C SER C 183 -28.97 15.10 35.04
N ARG C 184 -28.00 15.54 35.82
CA ARG C 184 -27.01 16.50 35.31
C ARG C 184 -26.20 15.94 34.13
N PRO C 185 -25.65 14.72 34.19
CA PRO C 185 -24.99 14.19 32.98
C PRO C 185 -25.93 14.07 31.79
N LEU C 186 -27.18 13.69 32.02
CA LEU C 186 -28.14 13.60 30.92
C LEU C 186 -28.42 14.97 30.33
N LEU C 187 -28.58 15.99 31.18
CA LEU C 187 -28.80 17.34 30.68
C LEU C 187 -27.61 17.83 29.88
N LYS C 188 -26.40 17.57 30.37
CA LYS C 188 -25.21 17.97 29.64
C LYS C 188 -25.11 17.26 28.29
N GLU C 189 -25.41 15.95 28.27
CA GLU C 189 -25.35 15.21 27.02
C GLU C 189 -26.38 15.70 26.01
N MET C 190 -27.61 15.98 26.47
CA MET C 190 -28.62 16.47 25.54
C MET C 190 -28.29 17.86 25.03
N LYS C 191 -27.79 18.74 25.89
CA LYS C 191 -27.40 20.07 25.43
C LYS C 191 -26.25 20.01 24.45
N ARG C 192 -25.26 19.17 24.71
CA ARG C 192 -24.14 19.02 23.79
C ARG C 192 -24.59 18.42 22.46
N GLY C 193 -25.53 17.48 22.51
CA GLY C 193 -26.01 16.85 21.30
C GLY C 193 -27.06 17.64 20.56
N ARG C 194 -27.65 18.65 21.20
CA ARG C 194 -28.65 19.53 20.58
C ARG C 194 -29.83 18.73 20.05
N GLU C 195 -30.42 17.91 20.91
CA GLU C 195 -31.50 17.02 20.53
C GLU C 195 -32.82 17.76 20.71
N PHE C 196 -33.37 18.26 19.60
CA PHE C 196 -34.61 19.02 19.65
C PHE C 196 -35.81 18.13 19.90
N ARG C 197 -35.70 16.83 19.66
CA ARG C 197 -36.78 15.87 19.89
C ARG C 197 -36.23 14.76 20.77
N ILE C 198 -36.73 14.69 22.01
CA ILE C 198 -36.33 13.66 22.96
C ILE C 198 -37.57 13.06 23.62
N ILE C 199 -37.61 11.75 23.71
CA ILE C 199 -38.73 11.00 24.28
C ILE C 199 -38.31 10.48 25.65
N PHE C 200 -39.29 10.36 26.54
CA PHE C 200 -39.03 9.96 27.92
C PHE C 200 -39.93 8.78 28.28
N ASP C 201 -39.33 7.60 28.40
CA ASP C 201 -40.06 6.41 28.84
C ASP C 201 -40.32 6.43 30.34
N CYS C 202 -39.61 7.27 31.08
CA CYS C 202 -39.71 7.26 32.53
C CYS C 202 -41.09 7.72 33.00
N SER C 203 -41.37 7.44 34.26
CA SER C 203 -42.67 7.73 34.85
C SER C 203 -42.91 9.24 34.94
N HIS C 204 -44.15 9.60 35.27
CA HIS C 204 -44.50 11.00 35.49
C HIS C 204 -43.65 11.59 36.60
N THR C 205 -43.40 10.82 37.67
CA THR C 205 -42.57 11.30 38.77
C THR C 205 -41.16 11.60 38.30
N MET C 206 -40.57 10.71 37.51
CA MET C 206 -39.22 10.96 37.02
C MET C 206 -39.18 12.15 36.06
N ALA C 207 -40.23 12.31 35.25
CA ALA C 207 -40.31 13.46 34.36
C ALA C 207 -40.37 14.76 35.16
N ALA C 208 -41.20 14.79 36.20
CA ALA C 208 -41.27 15.97 37.05
C ALA C 208 -39.93 16.24 37.72
N GLN C 209 -39.26 15.19 38.19
CA GLN C 209 -37.96 15.37 38.85
C GLN C 209 -36.93 15.95 37.89
N ILE C 210 -36.85 15.41 36.67
CA ILE C 210 -35.84 15.88 35.73
C ILE C 210 -36.17 17.31 35.27
N LEU C 211 -37.46 17.62 35.12
CA LEU C 211 -37.83 19.00 34.81
C LEU C 211 -37.44 19.94 35.94
N LYS C 212 -37.67 19.52 37.18
CA LYS C 212 -37.29 20.35 38.33
C LYS C 212 -35.80 20.57 38.36
N GLN C 213 -35.00 19.54 38.05
CA GLN C 213 -33.55 19.70 38.10
C GLN C 213 -33.04 20.54 36.93
N ALA C 214 -33.69 20.41 35.76
CA ALA C 214 -33.28 21.22 34.62
C ALA C 214 -33.57 22.68 34.86
N MET C 215 -34.77 23.00 35.34
CA MET C 215 -35.02 24.40 35.69
C MET C 215 -34.21 24.82 36.90
N ALA C 216 -33.77 23.87 37.72
CA ALA C 216 -32.96 24.21 38.89
C ALA C 216 -31.61 24.73 38.46
N MET C 217 -31.07 24.07 37.41
CA MET C 217 -29.75 24.43 36.85
C MET C 217 -29.95 25.32 35.61
N GLY C 218 -31.02 25.13 34.85
CA GLY C 218 -31.35 26.06 33.77
C GLY C 218 -30.58 26.00 32.48
N MET C 219 -29.97 24.86 32.12
CA MET C 219 -29.23 24.78 30.86
C MET C 219 -30.02 23.94 29.85
N MET C 220 -30.89 24.63 29.12
CA MET C 220 -31.71 24.01 28.08
C MET C 220 -32.03 25.06 27.02
N THR C 221 -32.51 24.58 25.88
CA THR C 221 -32.93 25.44 24.78
C THR C 221 -34.45 25.38 24.64
N GLU C 222 -35.02 26.46 24.10
CA GLU C 222 -36.46 26.55 23.90
C GLU C 222 -36.92 25.95 22.59
N TYR C 223 -36.02 25.47 21.75
CA TYR C 223 -36.37 24.76 20.52
C TYR C 223 -36.44 23.25 20.73
N TYR C 224 -36.16 22.77 21.93
CA TYR C 224 -36.27 21.36 22.24
C TYR C 224 -37.74 20.99 22.42
N HIS C 225 -38.16 19.88 21.81
CA HIS C 225 -39.53 19.42 21.88
C HIS C 225 -39.61 18.24 22.84
N PHE C 226 -40.46 18.37 23.86
CA PHE C 226 -40.50 17.43 24.97
C PHE C 226 -41.81 16.67 24.91
N ILE C 227 -41.71 15.35 24.70
CA ILE C 227 -42.86 14.46 24.63
C ILE C 227 -42.61 13.28 25.56
N PHE C 228 -43.65 12.87 26.29
CA PHE C 228 -43.53 11.90 27.36
C PHE C 228 -44.38 10.68 27.02
N THR C 229 -43.78 9.49 27.17
CA THR C 229 -44.55 8.27 26.95
C THR C 229 -45.66 8.11 27.98
N THR C 230 -45.44 8.64 29.19
CA THR C 230 -46.45 8.51 30.23
C THR C 230 -47.72 9.24 29.85
N LEU C 231 -48.86 8.66 30.20
CA LEU C 231 -50.15 9.28 29.92
C LEU C 231 -50.53 10.31 30.97
N ASP C 232 -49.92 10.25 32.16
CA ASP C 232 -50.25 11.12 33.27
C ASP C 232 -49.39 12.38 33.21
N LEU C 233 -50.01 13.50 32.81
CA LEU C 233 -49.35 14.79 32.85
C LEU C 233 -50.24 15.88 33.41
N TYR C 234 -51.46 15.55 33.84
CA TYR C 234 -52.44 16.53 34.26
C TYR C 234 -52.75 16.51 35.74
N ALA C 235 -52.31 15.48 36.47
CA ALA C 235 -52.56 15.38 37.90
C ALA C 235 -51.43 15.95 38.74
N LEU C 236 -50.41 16.52 38.10
CA LEU C 236 -49.31 17.16 38.81
C LEU C 236 -48.87 18.35 37.97
N ASP C 237 -49.07 19.55 38.51
CA ASP C 237 -48.84 20.75 37.73
C ASP C 237 -47.36 20.99 37.47
N LEU C 238 -47.04 21.46 36.26
CA LEU C 238 -45.68 21.84 35.88
C LEU C 238 -45.64 23.30 35.43
N GLU C 239 -46.57 24.12 35.92
CA GLU C 239 -46.81 25.44 35.35
C GLU C 239 -45.61 26.39 35.42
N PRO C 240 -44.88 26.53 36.52
CA PRO C 240 -43.76 27.50 36.53
C PRO C 240 -42.71 27.24 35.46
N TYR C 241 -42.52 25.98 35.06
CA TYR C 241 -41.50 25.65 34.07
C TYR C 241 -41.92 26.02 32.66
N ARG C 242 -43.23 25.97 32.36
CA ARG C 242 -43.71 26.09 30.99
C ARG C 242 -43.50 27.49 30.42
N TYR C 243 -43.19 28.47 31.26
CA TYR C 243 -42.93 29.83 30.79
C TYR C 243 -41.50 30.05 30.33
N SER C 244 -40.64 29.02 30.37
CA SER C 244 -39.31 29.16 29.80
C SER C 244 -39.37 29.43 28.30
N GLY C 245 -40.34 28.82 27.61
CA GLY C 245 -40.45 28.94 26.17
C GLY C 245 -40.17 27.67 25.41
N VAL C 246 -39.90 26.56 26.10
CA VAL C 246 -39.58 25.31 25.44
C VAL C 246 -40.85 24.69 24.85
N ASN C 247 -40.65 23.83 23.85
CA ASN C 247 -41.75 23.17 23.17
C ASN C 247 -42.01 21.81 23.82
N LEU C 248 -43.28 21.51 24.06
CA LEU C 248 -43.64 20.27 24.75
C LEU C 248 -45.07 19.90 24.41
N THR C 249 -45.37 18.62 24.61
CA THR C 249 -46.72 18.09 24.44
C THR C 249 -46.80 16.74 25.11
N GLY C 250 -47.99 16.14 25.10
CA GLY C 250 -48.18 14.84 25.71
C GLY C 250 -49.41 14.15 25.17
N PHE C 251 -49.56 12.89 25.57
CA PHE C 251 -50.68 12.05 25.18
C PHE C 251 -51.63 11.86 26.36
N ARG C 252 -52.89 11.58 26.03
CA ARG C 252 -53.86 11.22 27.05
C ARG C 252 -54.95 10.36 26.40
N ILE C 253 -55.55 9.50 27.20
CA ILE C 253 -56.73 8.76 26.79
C ILE C 253 -58.00 9.31 27.43
N LEU C 254 -57.89 9.90 28.61
CA LEU C 254 -59.00 10.64 29.20
C LEU C 254 -59.29 11.87 28.36
N ASN C 255 -60.55 12.30 28.38
CA ASN C 255 -60.98 13.48 27.63
C ASN C 255 -61.67 14.45 28.56
N VAL C 256 -61.61 15.73 28.19
CA VAL C 256 -62.32 16.79 28.88
C VAL C 256 -63.36 17.44 27.99
N ASP C 257 -63.66 16.85 26.84
CA ASP C 257 -64.64 17.37 25.91
C ASP C 257 -66.06 16.92 26.23
N ASN C 258 -66.24 16.00 27.18
CA ASN C 258 -67.56 15.61 27.62
C ASN C 258 -67.85 16.30 28.94
N PRO C 259 -68.81 17.22 29.01
CA PRO C 259 -69.05 17.94 30.27
C PRO C 259 -69.38 17.01 31.43
N HIS C 260 -70.11 15.92 31.18
CA HIS C 260 -70.34 14.93 32.23
C HIS C 260 -69.04 14.31 32.69
N VAL C 261 -68.17 13.92 31.74
CA VAL C 261 -66.89 13.30 32.10
C VAL C 261 -66.04 14.29 32.89
N SER C 262 -65.97 15.54 32.40
CA SER C 262 -65.15 16.53 33.07
C SER C 262 -65.69 16.81 34.48
N ALA C 263 -67.02 16.88 34.61
CA ALA C 263 -67.64 17.16 35.90
C ALA C 263 -67.32 16.06 36.90
N ILE C 264 -67.39 14.80 36.45
CA ILE C 264 -67.06 13.72 37.33
C ILE C 264 -65.58 13.79 37.70
N VAL C 265 -64.75 14.28 36.77
CA VAL C 265 -63.34 14.50 37.10
C VAL C 265 -63.18 15.51 38.23
N GLU C 266 -63.92 16.64 38.19
CA GLU C 266 -63.74 17.57 39.30
C GLU C 266 -64.25 16.98 40.61
N LYS C 267 -65.41 16.31 40.59
CA LYS C 267 -65.91 15.77 41.85
C LYS C 267 -64.96 14.71 42.41
N TRP C 268 -64.42 13.85 41.54
CA TRP C 268 -63.43 12.86 41.99
C TRP C 268 -62.17 13.54 42.52
N SER C 269 -61.76 14.64 41.92
CA SER C 269 -60.57 15.35 42.39
C SER C 269 -60.79 16.00 43.75
N MET C 270 -61.94 16.63 43.95
CA MET C 270 -62.15 17.41 45.17
C MET C 270 -62.37 16.52 46.39
N GLU C 271 -62.86 15.30 46.20
CA GLU C 271 -63.16 14.45 47.35
C GLU C 271 -61.92 13.96 48.08
N ARG C 272 -60.75 14.01 47.44
CA ARG C 272 -59.53 13.43 47.97
C ARG C 272 -58.44 14.49 48.10
N LEU C 273 -57.64 14.38 49.15
CA LEU C 273 -56.46 15.21 49.36
C LEU C 273 -55.22 14.34 49.46
N GLN C 274 -54.17 14.74 48.75
CA GLN C 274 -52.91 14.00 48.70
C GLN C 274 -53.10 12.56 48.24
N ASP C 285 -52.50 20.48 40.53
CA ASP C 285 -52.38 19.03 40.47
C ASP C 285 -53.73 18.39 40.16
N GLY C 286 -54.54 18.22 41.20
CA GLY C 286 -55.81 17.52 41.04
C GLY C 286 -55.66 16.03 41.17
N VAL C 287 -56.75 15.38 41.57
CA VAL C 287 -56.74 13.94 41.85
C VAL C 287 -57.24 13.25 40.60
N MET C 288 -56.30 12.82 39.75
CA MET C 288 -56.61 12.06 38.56
C MET C 288 -55.59 10.93 38.42
N MET C 289 -55.97 9.90 37.67
CA MET C 289 -55.05 8.80 37.40
C MET C 289 -55.51 8.05 36.16
N THR C 290 -54.54 7.65 35.33
CA THR C 290 -54.83 6.80 34.20
C THR C 290 -55.50 5.51 34.65
N ASP C 291 -54.88 4.82 35.60
CA ASP C 291 -55.43 3.54 36.04
C ASP C 291 -56.77 3.72 36.74
N ALA C 292 -57.01 4.88 37.35
CA ALA C 292 -58.31 5.13 37.96
C ALA C 292 -59.42 5.14 36.90
N ALA C 293 -59.23 5.93 35.83
CA ALA C 293 -60.20 5.95 34.75
C ALA C 293 -60.33 4.58 34.10
N LEU C 294 -59.21 3.86 33.99
CA LEU C 294 -59.25 2.52 33.43
C LEU C 294 -60.11 1.61 34.30
N LEU C 295 -59.98 1.73 35.63
CA LEU C 295 -60.82 0.95 36.53
C LEU C 295 -62.29 1.32 36.34
N TYR C 296 -62.60 2.61 36.22
CA TYR C 296 -63.98 3.01 36.00
C TYR C 296 -64.54 2.37 34.75
N ASP C 297 -63.80 2.45 33.65
CA ASP C 297 -64.26 1.84 32.42
C ASP C 297 -64.42 0.32 32.59
N ALA C 298 -63.48 -0.31 33.28
CA ALA C 298 -63.54 -1.76 33.47
C ALA C 298 -64.80 -2.16 34.21
N VAL C 299 -65.08 -1.50 35.33
CA VAL C 299 -66.26 -1.86 36.11
C VAL C 299 -67.53 -1.53 35.35
N HIS C 300 -67.53 -0.43 34.60
CA HIS C 300 -68.71 -0.06 33.82
C HIS C 300 -69.01 -1.10 32.76
N ILE C 301 -67.97 -1.55 32.04
CA ILE C 301 -68.21 -2.54 30.99
C ILE C 301 -68.57 -3.89 31.60
N VAL C 302 -68.05 -4.20 32.79
CA VAL C 302 -68.48 -5.42 33.47
C VAL C 302 -69.95 -5.35 33.80
N SER C 303 -70.40 -4.20 34.31
CA SER C 303 -71.82 -4.01 34.60
C SER C 303 -72.66 -4.17 33.34
N VAL C 304 -72.22 -3.57 32.24
CA VAL C 304 -72.95 -3.66 30.99
C VAL C 304 -73.05 -5.11 30.53
N THR C 305 -71.93 -5.83 30.57
CA THR C 305 -71.91 -7.22 30.14
C THR C 305 -72.83 -8.07 31.01
N TYR C 306 -72.84 -7.82 32.32
CA TYR C 306 -73.71 -8.59 33.19
C TYR C 306 -75.17 -8.25 32.94
N GLN C 307 -75.46 -7.00 32.60
CA GLN C 307 -76.85 -6.61 32.37
C GLN C 307 -77.37 -7.22 31.07
N ARG C 308 -76.55 -7.21 30.01
CA ARG C 308 -77.01 -7.73 28.73
C ARG C 308 -77.11 -9.26 28.75
N ALA C 309 -76.21 -9.92 29.46
CA ALA C 309 -76.16 -11.37 29.49
C ALA C 309 -77.27 -11.92 30.40
N PRO C 310 -77.66 -13.18 30.20
CA PRO C 310 -78.62 -13.81 31.12
C PRO C 310 -78.04 -14.03 32.51
N GLN C 311 -78.84 -14.60 33.40
CA GLN C 311 -78.43 -14.80 34.78
C GLN C 311 -77.17 -15.66 34.86
N MET C 312 -76.28 -15.30 35.77
CA MET C 312 -75.02 -15.99 35.97
C MET C 312 -75.10 -16.86 37.22
N THR C 313 -74.25 -17.89 37.26
CA THR C 313 -74.29 -18.84 38.36
C THR C 313 -73.29 -18.44 39.45
N VAL C 314 -73.58 -18.91 40.67
CA VAL C 314 -72.69 -18.66 41.80
C VAL C 314 -71.42 -19.50 41.64
N ASN C 315 -70.28 -18.90 41.94
CA ASN C 315 -68.99 -19.55 41.75
C ASN C 315 -68.52 -20.14 43.07
N SER C 316 -68.21 -21.44 43.06
CA SER C 316 -67.68 -22.15 44.21
C SER C 316 -66.49 -23.01 43.81
N LEU C 317 -65.75 -22.56 42.79
CA LEU C 317 -64.65 -23.34 42.23
C LEU C 317 -63.51 -23.43 43.23
N GLN C 318 -62.56 -24.33 42.93
CA GLN C 318 -61.37 -24.50 43.75
C GLN C 318 -60.14 -24.49 42.85
N CYS C 319 -59.06 -23.92 43.37
CA CYS C 319 -57.77 -23.90 42.67
C CYS C 319 -56.86 -25.05 43.11
N HIS C 320 -57.35 -25.94 43.96
CA HIS C 320 -56.65 -27.18 44.27
C HIS C 320 -57.43 -28.40 43.80
N ARG C 321 -58.62 -28.20 43.25
CA ARG C 321 -59.42 -29.27 42.66
C ARG C 321 -59.55 -29.04 41.16
N HIS C 322 -59.50 -30.12 40.39
CA HIS C 322 -59.55 -30.02 38.93
C HIS C 322 -60.99 -29.72 38.52
N LYS C 323 -61.35 -28.45 38.67
CA LYS C 323 -62.68 -27.99 38.32
C LYS C 323 -62.58 -26.59 37.72
N ALA C 324 -63.39 -26.33 36.70
CA ALA C 324 -63.41 -25.03 36.04
C ALA C 324 -64.86 -24.63 35.79
N TRP C 325 -65.11 -23.32 35.82
CA TRP C 325 -66.46 -22.82 35.59
C TRP C 325 -66.86 -22.99 34.14
N ARG C 326 -68.05 -23.53 33.92
CA ARG C 326 -68.56 -23.73 32.56
C ARG C 326 -69.16 -22.47 31.96
N PHE C 327 -69.54 -21.50 32.77
CA PHE C 327 -70.20 -20.29 32.28
C PHE C 327 -69.30 -19.06 32.31
N GLY C 328 -68.10 -19.18 32.87
CA GLY C 328 -67.16 -18.07 32.81
C GLY C 328 -66.70 -17.77 31.39
N GLY C 329 -66.46 -18.81 30.60
CA GLY C 329 -65.98 -18.62 29.25
C GLY C 329 -66.95 -17.83 28.39
N ARG C 330 -68.24 -18.18 28.45
CA ARG C 330 -69.22 -17.47 27.64
C ARG C 330 -69.37 -16.02 28.09
N PHE C 331 -69.35 -15.77 29.40
CA PHE C 331 -69.47 -14.40 29.89
C PHE C 331 -68.27 -13.55 29.47
N MET C 332 -67.07 -14.11 29.57
CA MET C 332 -65.88 -13.37 29.16
C MET C 332 -65.83 -13.21 27.63
N ASN C 333 -66.33 -14.19 26.88
CA ASN C 333 -66.44 -14.01 25.44
C ASN C 333 -67.40 -12.86 25.12
N PHE C 334 -68.49 -12.75 25.87
CA PHE C 334 -69.38 -11.61 25.72
C PHE C 334 -68.66 -10.31 26.04
N ILE C 335 -67.82 -10.34 27.09
CA ILE C 335 -67.03 -9.17 27.44
C ILE C 335 -66.16 -8.76 26.25
N LYS C 336 -65.51 -9.74 25.61
CA LYS C 336 -64.76 -9.49 24.39
C LYS C 336 -65.66 -8.88 23.31
N GLU C 337 -66.88 -9.41 23.16
CA GLU C 337 -67.75 -8.98 22.07
C GLU C 337 -68.20 -7.54 22.25
N ALA C 338 -68.42 -7.09 23.48
CA ALA C 338 -69.00 -5.77 23.72
C ALA C 338 -67.92 -4.70 23.59
N GLN C 339 -68.26 -3.63 22.87
CA GLN C 339 -67.39 -2.46 22.73
C GLN C 339 -68.15 -1.26 23.30
N TRP C 340 -67.46 -0.45 24.11
CA TRP C 340 -68.19 0.52 24.92
C TRP C 340 -67.65 1.93 24.71
N GLU C 341 -68.03 2.87 25.58
CA GLU C 341 -67.58 4.26 25.46
C GLU C 341 -67.60 4.89 26.84
N GLY C 342 -66.42 5.22 27.37
CA GLY C 342 -66.33 5.81 28.69
C GLY C 342 -65.47 7.06 28.71
N LEU C 343 -65.00 7.44 29.90
CA LEU C 343 -64.26 8.68 30.06
C LEU C 343 -62.90 8.63 29.36
N THR C 344 -62.42 7.44 28.99
CA THR C 344 -61.22 7.29 28.17
C THR C 344 -61.56 7.16 26.70
N GLY C 345 -62.69 7.71 26.28
CA GLY C 345 -63.11 7.60 24.89
C GLY C 345 -63.81 6.28 24.63
N ARG C 346 -63.93 5.94 23.36
CA ARG C 346 -64.55 4.67 22.99
C ARG C 346 -63.58 3.51 23.19
N ILE C 347 -64.15 2.37 23.58
CA ILE C 347 -63.39 1.17 23.95
C ILE C 347 -63.67 0.11 22.90
N VAL C 348 -62.62 -0.27 22.16
CA VAL C 348 -62.70 -1.28 21.12
C VAL C 348 -61.65 -2.36 21.42
N PHE C 349 -62.07 -3.62 21.39
CA PHE C 349 -61.17 -4.75 21.61
C PHE C 349 -60.92 -5.46 20.30
N ASN C 350 -59.64 -5.69 19.99
CA ASN C 350 -59.23 -6.53 18.88
C ASN C 350 -58.94 -7.93 19.39
N LYS C 351 -59.48 -8.94 18.71
CA LYS C 351 -59.31 -10.32 19.11
C LYS C 351 -58.03 -10.93 18.57
N THR C 352 -57.23 -10.16 17.83
CA THR C 352 -55.93 -10.65 17.37
C THR C 352 -54.92 -10.73 18.50
N SER C 353 -55.12 -9.98 19.58
CA SER C 353 -54.25 -10.07 20.74
C SER C 353 -55.00 -10.00 22.06
N GLY C 354 -56.33 -9.94 22.04
CA GLY C 354 -57.09 -9.80 23.28
C GLY C 354 -56.76 -8.54 24.05
N LEU C 355 -56.53 -7.43 23.34
CA LEU C 355 -56.17 -6.17 23.96
C LEU C 355 -56.90 -5.04 23.27
N ARG C 356 -57.02 -3.91 23.97
CA ARG C 356 -57.57 -2.70 23.38
C ARG C 356 -56.49 -2.03 22.55
N THR C 357 -56.51 -2.28 21.25
CA THR C 357 -55.53 -1.70 20.34
C THR C 357 -56.06 -0.49 19.60
N ASP C 358 -57.38 -0.41 19.40
CA ASP C 358 -57.99 0.74 18.77
C ASP C 358 -58.37 1.77 19.84
N PHE C 359 -57.73 2.93 19.80
CA PHE C 359 -57.99 3.98 20.77
C PHE C 359 -57.55 5.32 20.18
N ASP C 360 -57.99 6.39 20.80
CA ASP C 360 -57.68 7.74 20.35
C ASP C 360 -56.88 8.45 21.43
N LEU C 361 -55.71 8.95 21.07
CA LEU C 361 -54.80 9.57 22.01
C LEU C 361 -54.98 11.08 22.01
N ASP C 362 -55.15 11.65 23.20
CA ASP C 362 -55.29 13.10 23.33
C ASP C 362 -53.94 13.75 23.13
N ILE C 363 -53.63 14.12 21.89
CA ILE C 363 -52.41 14.89 21.62
C ILE C 363 -52.63 16.29 22.17
N ILE C 364 -51.99 16.59 23.29
CA ILE C 364 -52.28 17.78 24.06
C ILE C 364 -50.96 18.44 24.42
N SER C 365 -50.95 19.77 24.45
CA SER C 365 -49.75 20.54 24.77
C SER C 365 -50.06 21.59 25.83
N LEU C 366 -49.03 21.90 26.62
CA LEU C 366 -49.15 22.91 27.66
C LEU C 366 -48.79 24.27 27.08
N LYS C 367 -49.76 25.17 27.03
CA LYS C 367 -49.48 26.56 26.74
C LYS C 367 -49.26 27.33 28.04
N GLU C 368 -48.58 28.46 27.94
CA GLU C 368 -48.30 29.28 29.12
C GLU C 368 -49.57 29.77 29.80
N ASP C 369 -50.74 29.55 29.21
CA ASP C 369 -52.00 29.96 29.79
C ASP C 369 -52.98 28.79 29.89
N GLY C 370 -52.47 27.57 29.96
CA GLY C 370 -53.37 26.45 30.16
C GLY C 370 -52.87 25.20 29.43
N LEU C 371 -53.82 24.34 29.10
CA LEU C 371 -53.53 23.06 28.47
C LEU C 371 -54.51 22.84 27.33
N GLU C 372 -54.01 22.79 26.09
CA GLU C 372 -54.87 22.78 24.91
C GLU C 372 -54.61 21.53 24.07
N LYS C 373 -55.69 20.93 23.59
CA LYS C 373 -55.57 19.82 22.66
C LYS C 373 -55.09 20.32 21.30
N VAL C 374 -53.93 19.82 20.86
CA VAL C 374 -53.34 20.25 19.60
C VAL C 374 -53.56 19.24 18.49
N GLY C 375 -54.12 18.08 18.79
CA GLY C 375 -54.36 17.07 17.77
C GLY C 375 -54.95 15.82 18.39
N VAL C 376 -55.16 14.83 17.54
CA VAL C 376 -55.70 13.54 17.96
C VAL C 376 -55.08 12.45 17.10
N TRP C 377 -54.58 11.39 17.74
CA TRP C 377 -54.00 10.26 17.01
C TRP C 377 -54.93 9.07 17.07
N SER C 378 -55.17 8.45 15.93
CA SER C 378 -55.94 7.22 15.83
C SER C 378 -55.19 6.23 14.93
N PRO C 379 -55.39 4.93 15.15
CA PRO C 379 -54.74 3.94 14.27
C PRO C 379 -55.54 3.71 13.00
N ALA C 380 -56.06 4.79 12.42
CA ALA C 380 -56.66 4.76 11.10
C ALA C 380 -56.27 5.97 10.26
N ASP C 381 -55.74 7.03 10.86
CA ASP C 381 -55.28 8.19 10.13
C ASP C 381 -53.99 8.74 10.73
N GLY C 382 -53.41 8.07 11.72
CA GLY C 382 -52.27 8.63 12.42
C GLY C 382 -52.67 9.91 13.13
N LEU C 383 -51.96 10.99 12.83
CA LEU C 383 -52.23 12.29 13.43
C LEU C 383 -53.31 13.03 12.66
N ASN C 384 -54.20 13.69 13.41
CA ASN C 384 -55.28 14.49 12.86
C ASN C 384 -55.27 15.84 13.58
N ILE C 385 -55.26 16.91 12.80
CA ILE C 385 -55.27 18.26 13.37
C ILE C 385 -56.56 18.98 12.98
N THR C 401 -25.36 37.05 18.52
CA THR C 401 -26.51 37.95 18.49
C THR C 401 -26.28 39.22 19.34
N ASN C 402 -26.81 39.28 20.57
CA ASN C 402 -26.62 40.43 21.44
C ASN C 402 -26.18 40.08 22.84
N ARG C 403 -26.19 38.81 23.23
CA ARG C 403 -25.81 38.42 24.58
C ARG C 403 -24.32 38.10 24.64
N SER C 404 -23.83 37.94 25.86
CA SER C 404 -22.40 37.74 26.07
C SER C 404 -21.98 36.34 25.63
N LEU C 405 -20.75 36.23 25.12
CA LEU C 405 -20.21 34.99 24.59
C LEU C 405 -19.02 34.54 25.44
N ILE C 406 -19.05 33.27 25.86
CA ILE C 406 -17.93 32.69 26.61
C ILE C 406 -16.78 32.48 25.63
N VAL C 407 -15.83 33.42 25.62
CA VAL C 407 -14.69 33.37 24.71
C VAL C 407 -13.56 32.65 25.45
N THR C 408 -13.54 31.32 25.33
CA THR C 408 -12.49 30.51 25.95
C THR C 408 -11.31 30.42 24.97
N THR C 409 -10.24 31.14 25.28
CA THR C 409 -9.11 31.30 24.39
C THR C 409 -7.87 30.65 24.99
N LEU C 410 -7.05 30.05 24.12
CA LEU C 410 -5.77 29.50 24.55
C LEU C 410 -4.81 30.62 24.92
N LEU C 411 -4.04 30.40 25.98
CA LEU C 411 -3.08 31.39 26.47
C LEU C 411 -1.78 31.24 25.69
N GLU C 412 -1.44 32.27 24.91
CA GLU C 412 -0.22 32.26 24.12
C GLU C 412 0.38 33.66 24.12
N GLU C 413 1.57 33.78 23.53
CA GLU C 413 2.33 35.01 23.46
C GLU C 413 2.68 35.33 22.01
N PRO C 414 2.55 36.60 21.58
CA PRO C 414 2.02 37.73 22.35
C PRO C 414 0.53 37.92 22.20
N PHE C 415 -0.19 36.83 21.94
CA PHE C 415 -1.64 36.93 21.80
C PHE C 415 -2.32 37.30 23.12
N VAL C 416 -1.88 36.72 24.23
CA VAL C 416 -2.53 36.88 25.52
C VAL C 416 -1.47 37.20 26.55
N MET C 417 -1.42 38.46 27.02
CA MET C 417 -0.57 38.86 28.13
C MET C 417 -1.44 39.23 29.31
N PHE C 418 -1.27 38.50 30.42
CA PHE C 418 -1.89 38.87 31.68
C PHE C 418 -1.12 40.04 32.30
N ARG C 419 -1.50 41.27 31.99
CA ARG C 419 -0.70 42.39 32.42
C ARG C 419 -1.02 42.78 33.85
N LYS C 420 -0.10 43.51 34.46
CA LYS C 420 -0.24 43.95 35.85
C LYS C 420 0.16 45.41 35.96
N SER C 421 -0.72 46.21 36.56
CA SER C 421 -0.34 47.56 36.97
C SER C 421 0.36 47.52 38.32
N ASP C 422 -0.36 47.05 39.35
CA ASP C 422 0.23 46.76 40.65
C ASP C 422 -0.25 45.46 41.26
N ARG C 423 -1.34 44.87 40.78
CA ARG C 423 -1.87 43.63 41.32
C ARG C 423 -2.68 42.92 40.23
N THR C 424 -3.26 41.78 40.57
CA THR C 424 -4.04 41.03 39.60
C THR C 424 -5.30 41.79 39.20
N LEU C 425 -5.51 41.91 37.89
CA LEU C 425 -6.73 42.54 37.39
C LEU C 425 -7.93 41.62 37.61
N TYR C 426 -9.06 42.23 37.95
CA TYR C 426 -10.29 41.50 38.23
C TYR C 426 -11.22 41.54 37.02
N GLY C 427 -12.13 40.58 36.98
CA GLY C 427 -13.11 40.47 35.92
C GLY C 427 -12.68 39.50 34.84
N ASN C 428 -13.57 39.32 33.87
CA ASN C 428 -13.26 38.47 32.73
C ASN C 428 -12.26 39.12 31.78
N ASP C 429 -12.07 40.42 31.88
CA ASP C 429 -11.13 41.15 31.03
C ASP C 429 -9.91 41.52 31.89
N ARG C 430 -8.93 40.62 31.89
CA ARG C 430 -7.70 40.85 32.65
C ARG C 430 -6.47 40.45 31.85
N PHE C 431 -6.60 40.30 30.53
CA PHE C 431 -5.50 39.95 29.66
C PHE C 431 -5.40 40.97 28.55
N GLU C 432 -4.18 41.14 28.02
CA GLU C 432 -3.95 42.07 26.92
C GLU C 432 -3.21 41.35 25.82
N GLY C 433 -3.39 41.84 24.60
CA GLY C 433 -2.78 41.22 23.45
C GLY C 433 -3.62 41.45 22.20
N TYR C 434 -3.17 40.83 21.12
CA TYR C 434 -3.81 41.02 19.82
C TYR C 434 -5.24 40.49 19.83
N CYS C 435 -5.44 39.28 20.36
CA CYS C 435 -6.78 38.70 20.37
C CYS C 435 -7.76 39.47 21.25
N ILE C 436 -7.30 40.08 22.34
CA ILE C 436 -8.20 40.83 23.22
C ILE C 436 -8.77 42.05 22.50
N ASP C 437 -7.89 42.83 21.87
CA ASP C 437 -8.38 44.01 21.15
C ASP C 437 -9.19 43.61 19.92
N LEU C 438 -8.78 42.53 19.25
CA LEU C 438 -9.57 42.05 18.12
C LEU C 438 -10.98 41.71 18.59
N LEU C 439 -11.10 41.02 19.73
CA LEU C 439 -12.41 40.63 20.25
C LEU C 439 -13.22 41.85 20.65
N LYS C 440 -12.58 42.85 21.28
CA LYS C 440 -13.32 44.05 21.66
C LYS C 440 -13.80 44.80 20.43
N GLU C 441 -12.99 44.85 19.36
CA GLU C 441 -13.42 45.49 18.13
C GLU C 441 -14.59 44.72 17.50
N LEU C 442 -14.53 43.38 17.56
CA LEU C 442 -15.64 42.59 17.06
C LEU C 442 -16.91 42.87 17.84
N ALA C 443 -16.78 43.00 19.16
CA ALA C 443 -17.93 43.32 20.02
C ALA C 443 -18.49 44.69 19.67
N HIS C 444 -17.62 45.67 19.41
CA HIS C 444 -18.07 46.98 18.98
C HIS C 444 -18.83 46.89 17.67
N ILE C 445 -18.32 46.09 16.73
CA ILE C 445 -18.93 46.02 15.41
C ILE C 445 -20.30 45.35 15.48
N LEU C 446 -20.36 44.18 16.13
CA LEU C 446 -21.56 43.36 16.15
C LEU C 446 -22.46 43.63 17.35
N GLY C 447 -22.03 44.48 18.29
CA GLY C 447 -22.85 44.83 19.43
C GLY C 447 -23.19 43.69 20.36
N PHE C 448 -22.18 42.93 20.79
CA PHE C 448 -22.37 41.83 21.71
C PHE C 448 -21.31 41.88 22.80
N SER C 449 -21.56 41.15 23.89
CA SER C 449 -20.66 41.08 25.02
C SER C 449 -19.88 39.78 25.00
N TYR C 450 -18.93 39.67 25.94
CA TYR C 450 -18.03 38.52 25.96
C TYR C 450 -17.44 38.37 27.35
N GLU C 451 -16.87 37.18 27.59
CA GLU C 451 -16.09 36.93 28.81
C GLU C 451 -14.91 36.04 28.46
N ILE C 452 -13.71 36.52 28.74
CA ILE C 452 -12.49 35.83 28.34
C ILE C 452 -12.15 34.77 29.39
N ARG C 453 -11.94 33.54 28.94
CA ARG C 453 -11.61 32.44 29.82
C ARG C 453 -10.43 31.65 29.25
N LEU C 454 -9.82 30.84 30.11
CA LEU C 454 -8.69 30.01 29.73
C LEU C 454 -9.14 28.63 29.31
N VAL C 455 -8.28 27.96 28.53
CA VAL C 455 -8.58 26.62 28.04
C VAL C 455 -8.46 25.61 29.18
N GLU C 456 -9.24 24.52 29.06
CA GLU C 456 -9.13 23.40 29.98
C GLU C 456 -7.85 22.59 29.75
N ASP C 457 -7.19 22.75 28.62
CA ASP C 457 -5.95 22.03 28.34
C ASP C 457 -5.19 22.80 27.28
N GLY C 458 -3.98 23.25 27.62
CA GLY C 458 -3.20 24.07 26.72
C GLY C 458 -2.71 23.33 25.50
N LYS C 459 -3.30 23.62 24.35
CA LYS C 459 -2.93 22.99 23.08
C LYS C 459 -3.74 23.65 21.97
N TYR C 460 -3.24 23.51 20.74
CA TYR C 460 -3.97 23.99 19.57
C TYR C 460 -5.20 23.16 19.26
N GLY C 461 -5.37 22.01 19.90
CA GLY C 461 -6.46 21.10 19.59
C GLY C 461 -6.13 20.22 18.41
N ALA C 462 -6.35 18.92 18.54
CA ALA C 462 -6.00 17.98 17.49
C ALA C 462 -6.85 16.74 17.60
N GLN C 463 -6.90 15.98 16.50
CA GLN C 463 -7.65 14.73 16.47
C GLN C 463 -6.78 13.62 17.05
N ASP C 464 -7.23 13.03 18.15
CA ASP C 464 -6.47 11.98 18.80
C ASP C 464 -6.58 10.67 17.99
N ASP C 465 -5.74 9.70 18.36
CA ASP C 465 -5.75 8.41 17.67
C ASP C 465 -6.89 7.52 18.11
N LYS C 466 -7.63 7.91 19.13
CA LYS C 466 -8.83 7.20 19.56
C LYS C 466 -10.09 7.68 18.85
N GLY C 467 -9.96 8.66 17.96
CA GLY C 467 -11.10 9.24 17.28
C GLY C 467 -11.78 10.37 18.01
N GLN C 468 -11.18 10.89 19.07
CA GLN C 468 -11.75 11.98 19.86
C GLN C 468 -10.91 13.23 19.71
N TRP C 469 -11.56 14.38 19.86
CA TRP C 469 -10.89 15.68 19.77
C TRP C 469 -10.59 16.23 21.15
N ASN C 470 -9.80 17.29 21.18
CA ASN C 470 -9.44 17.97 22.43
C ASN C 470 -9.24 19.45 22.15
N GLY C 471 -9.12 20.21 23.23
CA GLY C 471 -8.84 21.64 23.11
C GLY C 471 -10.01 22.43 22.57
N MET C 472 -9.67 23.54 21.88
CA MET C 472 -10.68 24.47 21.37
C MET C 472 -11.84 23.75 20.69
N VAL C 473 -11.54 22.67 19.96
CA VAL C 473 -12.58 21.97 19.22
C VAL C 473 -13.67 21.48 20.16
N LYS C 474 -13.29 20.75 21.20
CA LYS C 474 -14.33 20.24 22.10
C LYS C 474 -15.05 21.39 22.77
N GLU C 475 -14.30 22.44 23.16
CA GLU C 475 -14.93 23.60 23.77
C GLU C 475 -15.97 24.22 22.84
N LEU C 476 -15.69 24.20 21.54
CA LEU C 476 -16.68 24.67 20.58
C LEU C 476 -17.74 23.60 20.30
N ILE C 477 -17.35 22.31 20.32
CA ILE C 477 -18.32 21.26 20.05
C ILE C 477 -19.29 21.11 21.21
N ASP C 478 -18.79 21.15 22.45
CA ASP C 478 -19.64 21.00 23.61
C ASP C 478 -20.49 22.23 23.91
N HIS C 479 -20.35 23.29 23.09
CA HIS C 479 -21.14 24.51 23.23
C HIS C 479 -21.00 25.12 24.61
N LYS C 480 -19.79 25.05 25.18
CA LYS C 480 -19.44 25.83 26.35
C LYS C 480 -18.67 27.10 26.00
N ALA C 481 -18.20 27.21 24.76
CA ALA C 481 -17.63 28.43 24.23
C ALA C 481 -18.25 28.69 22.87
N ASP C 482 -18.89 29.86 22.71
CA ASP C 482 -19.50 30.22 21.44
C ASP C 482 -18.52 30.93 20.51
N LEU C 483 -17.34 31.29 21.00
CA LEU C 483 -16.35 32.00 20.19
C LEU C 483 -14.98 31.75 20.80
N ALA C 484 -13.96 31.73 19.95
CA ALA C 484 -12.59 31.51 20.43
C ALA C 484 -11.65 32.28 19.49
N VAL C 485 -11.30 33.50 19.89
CA VAL C 485 -10.30 34.29 19.17
C VAL C 485 -8.93 33.96 19.77
N ALA C 486 -8.12 33.26 18.99
CA ALA C 486 -6.84 32.73 19.46
C ALA C 486 -6.03 32.29 18.25
N PRO C 487 -4.72 32.08 18.42
CA PRO C 487 -3.93 31.45 17.36
C PRO C 487 -4.42 30.04 17.11
N LEU C 488 -5.02 29.81 15.94
CA LEU C 488 -5.65 28.54 15.60
C LEU C 488 -5.23 28.15 14.19
N THR C 489 -4.30 27.19 14.09
CA THR C 489 -3.88 26.70 12.78
C THR C 489 -5.07 26.06 12.06
N ILE C 490 -5.26 26.45 10.81
CA ILE C 490 -6.42 26.03 10.03
C ILE C 490 -6.03 24.82 9.20
N THR C 491 -6.64 23.66 9.51
CA THR C 491 -6.44 22.44 8.76
C THR C 491 -7.81 21.83 8.44
N HIS C 492 -7.88 21.10 7.33
CA HIS C 492 -9.14 20.47 6.96
C HIS C 492 -9.55 19.42 7.97
N VAL C 493 -8.59 18.80 8.64
CA VAL C 493 -8.91 17.90 9.74
C VAL C 493 -9.59 18.67 10.87
N ARG C 494 -9.03 19.82 11.23
CA ARG C 494 -9.70 20.66 12.22
C ARG C 494 -10.86 21.45 11.62
N GLU C 495 -10.86 21.64 10.30
CA GLU C 495 -12.00 22.29 9.64
C GLU C 495 -13.26 21.46 9.77
N LYS C 496 -13.15 20.14 9.58
CA LYS C 496 -14.33 19.29 9.70
C LYS C 496 -14.88 19.33 11.12
N ALA C 497 -14.00 19.30 12.12
CA ALA C 497 -14.44 19.36 13.50
C ALA C 497 -15.06 20.72 13.81
N ILE C 498 -14.35 21.80 13.48
CA ILE C 498 -14.81 23.15 13.73
C ILE C 498 -14.40 24.05 12.56
N ASP C 499 -15.37 24.72 11.96
CA ASP C 499 -15.08 25.66 10.88
C ASP C 499 -14.40 26.90 11.43
N PHE C 500 -13.30 27.30 10.80
CA PHE C 500 -12.59 28.51 11.18
C PHE C 500 -13.24 29.73 10.53
N SER C 501 -12.69 30.90 10.82
CA SER C 501 -13.08 32.13 10.16
C SER C 501 -12.05 32.49 9.10
N LYS C 502 -12.21 33.65 8.48
CA LYS C 502 -11.20 34.11 7.53
C LYS C 502 -9.89 34.39 8.26
N PRO C 503 -8.77 33.93 7.72
CA PRO C 503 -7.48 34.10 8.42
C PRO C 503 -7.09 35.56 8.57
N PHE C 504 -7.09 36.06 9.81
CA PHE C 504 -6.68 37.44 10.04
C PHE C 504 -5.18 37.65 9.84
N MET C 505 -4.40 36.58 9.85
CA MET C 505 -2.99 36.67 9.54
C MET C 505 -2.56 35.42 8.79
N THR C 506 -1.66 35.60 7.82
CA THR C 506 -1.12 34.50 7.04
C THR C 506 0.38 34.41 7.29
N LEU C 507 0.88 33.19 7.48
CA LEU C 507 2.27 32.96 7.78
C LEU C 507 2.73 31.67 7.13
N GLY C 508 4.04 31.53 7.01
CA GLY C 508 4.63 30.29 6.55
C GLY C 508 5.58 29.75 7.60
N VAL C 509 6.84 29.56 7.21
CA VAL C 509 7.87 29.16 8.17
C VAL C 509 9.06 30.09 7.97
N SER C 510 9.83 30.30 9.04
CA SER C 510 10.95 31.23 9.00
C SER C 510 12.17 30.59 9.65
N ILE C 511 13.31 30.78 9.01
CA ILE C 511 14.57 30.24 9.52
C ILE C 511 15.06 31.14 10.66
N LEU C 512 15.39 30.52 11.79
CA LEU C 512 15.91 31.24 12.95
C LEU C 512 17.43 31.10 12.98
N TYR C 513 18.11 32.24 13.07
CA TYR C 513 19.57 32.24 13.10
C TYR C 513 20.05 33.50 13.81
N ARG C 514 21.25 33.43 14.37
CA ARG C 514 21.85 34.58 15.03
C ARG C 514 22.26 35.62 14.00
N LYS C 515 22.61 36.81 14.50
CA LYS C 515 23.13 37.85 13.64
C LYS C 515 24.40 37.37 12.95
N PRO C 516 24.66 37.83 11.72
CA PRO C 516 25.85 37.37 10.98
C PRO C 516 27.13 37.59 11.77
N ASN C 517 27.78 36.50 12.16
CA ASN C 517 28.98 36.60 12.98
C ASN C 517 30.11 37.27 12.22
N GLY C 518 30.84 38.13 12.90
CA GLY C 518 31.93 38.87 12.30
C GLY C 518 31.92 40.32 12.72
N THR C 519 33.09 40.84 13.09
CA THR C 519 33.21 42.20 13.59
C THR C 519 34.69 42.56 13.61
N ASN C 520 34.98 43.81 13.98
CA ASN C 520 36.35 44.30 14.05
C ASN C 520 36.54 44.90 15.43
N PRO C 521 37.52 44.46 16.21
CA PRO C 521 37.78 45.08 17.52
C PRO C 521 38.19 46.54 17.39
N SER C 522 37.31 47.43 17.83
CA SER C 522 37.61 48.85 17.79
C SER C 522 38.75 49.19 18.75
N VAL C 523 39.63 50.08 18.34
CA VAL C 523 39.53 50.74 17.04
C VAL C 523 40.58 50.20 16.09
N PHE C 524 41.19 49.08 16.46
CA PHE C 524 42.20 48.46 15.61
C PHE C 524 41.59 48.06 14.29
N SER C 525 42.20 48.53 13.20
CA SER C 525 41.80 48.12 11.86
C SER C 525 43.00 47.83 10.97
N PHE C 526 44.20 47.74 11.56
CA PHE C 526 45.41 47.44 10.83
C PHE C 526 46.16 46.24 11.38
N LEU C 527 46.08 45.99 12.69
CA LEU C 527 46.64 44.76 13.24
C LEU C 527 45.81 43.55 12.88
N ASN C 528 44.56 43.73 12.46
CA ASN C 528 43.72 42.62 12.04
C ASN C 528 44.05 42.23 10.59
N PRO C 529 44.12 43.19 9.63
CA PRO C 529 44.54 42.80 8.28
C PRO C 529 45.98 42.33 8.22
N LEU C 530 46.89 43.09 8.81
CA LEU C 530 48.31 42.76 8.77
C LEU C 530 48.73 42.14 10.11
N SER C 531 49.61 41.14 10.03
CA SER C 531 50.07 40.46 11.24
C SER C 531 50.92 41.39 12.08
N PRO C 532 50.73 41.42 13.40
CA PRO C 532 51.48 42.38 14.24
C PRO C 532 52.98 42.24 14.15
N ASP C 533 53.49 41.01 14.05
CA ASP C 533 54.94 40.81 13.93
C ASP C 533 55.50 41.53 12.72
N ILE C 534 54.70 41.66 11.66
CA ILE C 534 55.12 42.43 10.50
C ILE C 534 55.34 43.89 10.88
N TRP C 535 54.41 44.45 11.65
CA TRP C 535 54.57 45.83 12.11
C TRP C 535 55.80 45.96 13.00
N MET C 536 56.03 44.96 13.86
CA MET C 536 57.21 44.98 14.72
C MET C 536 58.49 44.98 13.90
N TYR C 537 58.53 44.14 12.86
CA TYR C 537 59.71 44.10 11.99
C TYR C 537 59.90 45.43 11.28
N VAL C 538 58.81 46.05 10.83
CA VAL C 538 58.91 47.35 10.17
C VAL C 538 59.46 48.39 11.13
N LEU C 539 58.97 48.38 12.38
CA LEU C 539 59.48 49.32 13.38
C LEU C 539 60.96 49.08 13.65
N LEU C 540 61.37 47.81 13.76
CA LEU C 540 62.76 47.49 13.97
C LEU C 540 63.63 48.00 12.82
N ALA C 541 63.15 47.82 11.59
CA ALA C 541 63.90 48.28 10.42
C ALA C 541 64.02 49.79 10.41
N TYR C 542 62.92 50.49 10.74
CA TYR C 542 62.96 51.95 10.80
C TYR C 542 63.97 52.41 11.86
N LEU C 543 63.94 51.78 13.04
CA LEU C 543 64.89 52.13 14.07
C LEU C 543 66.33 51.90 13.61
N GLY C 544 66.57 50.77 12.96
CA GLY C 544 67.92 50.45 12.52
C GLY C 544 68.42 51.44 11.48
N VAL C 545 67.57 51.77 10.50
CA VAL C 545 67.99 52.68 9.45
C VAL C 545 68.12 54.11 9.96
N SER C 546 67.41 54.45 11.05
CA SER C 546 67.41 55.83 11.53
C SER C 546 68.82 56.27 11.93
N VAL C 547 69.53 55.44 12.70
CA VAL C 547 70.79 55.86 13.28
C VAL C 547 71.94 55.83 12.28
N VAL C 548 71.76 55.15 11.14
CA VAL C 548 72.86 54.97 10.20
C VAL C 548 73.30 56.31 9.64
N LEU C 549 72.34 57.12 9.20
CA LEU C 549 72.68 58.42 8.64
C LEU C 549 73.33 59.32 9.70
N PHE C 550 72.83 59.26 10.93
CA PHE C 550 73.39 60.09 11.99
C PHE C 550 74.84 59.71 12.29
N VAL C 551 75.12 58.40 12.37
CA VAL C 551 76.48 57.98 12.68
C VAL C 551 77.41 58.24 11.51
N ILE C 552 76.92 58.08 10.28
CA ILE C 552 77.77 58.30 9.11
C ILE C 552 78.10 59.78 8.97
N ALA C 553 77.10 60.65 9.09
CA ALA C 553 77.33 62.08 8.93
C ALA C 553 78.26 62.62 10.01
N ARG C 554 78.09 62.15 11.24
CA ARG C 554 78.94 62.59 12.34
C ARG C 554 80.40 62.21 12.09
N ALA C 601 75.95 60.01 0.79
CA ALA C 601 74.90 60.47 -0.11
C ALA C 601 74.45 59.33 -1.02
N LEU C 602 75.37 58.82 -1.85
CA LEU C 602 75.03 57.71 -2.74
C LEU C 602 74.66 56.46 -1.95
N SER C 603 75.41 56.15 -0.90
CA SER C 603 74.98 55.10 0.03
C SER C 603 73.68 55.48 0.71
N THR C 604 73.57 56.72 1.16
CA THR C 604 72.30 57.22 1.67
C THR C 604 71.21 57.09 0.61
N ARG C 605 71.55 57.37 -0.65
CA ARG C 605 70.59 57.24 -1.73
C ARG C 605 70.08 55.80 -1.84
N ILE C 606 70.99 54.83 -1.86
CA ILE C 606 70.57 53.45 -2.09
C ILE C 606 69.81 52.91 -0.88
N ILE C 607 70.19 53.32 0.34
CA ILE C 607 69.46 52.83 1.50
C ILE C 607 68.07 53.46 1.56
N GLY C 608 67.96 54.75 1.22
CA GLY C 608 66.64 55.36 1.11
C GLY C 608 65.79 54.67 0.06
N GLY C 609 66.41 54.27 -1.06
CA GLY C 609 65.66 53.60 -2.10
C GLY C 609 65.17 52.22 -1.69
N ILE C 610 65.99 51.47 -0.97
CA ILE C 610 65.55 50.15 -0.52
C ILE C 610 64.46 50.29 0.54
N TRP C 611 64.56 51.31 1.40
CA TRP C 611 63.48 51.62 2.31
C TRP C 611 62.20 51.98 1.55
N TRP C 612 62.35 52.76 0.48
CA TRP C 612 61.25 53.08 -0.42
C TRP C 612 60.57 51.81 -0.92
N PHE C 613 61.36 50.86 -1.41
CA PHE C 613 60.78 49.64 -1.96
C PHE C 613 60.08 48.83 -0.87
N PHE C 614 60.69 48.74 0.31
CA PHE C 614 60.02 48.10 1.44
C PHE C 614 58.67 48.72 1.72
N THR C 615 58.63 50.04 1.85
CA THR C 615 57.36 50.69 2.14
C THR C 615 56.34 50.37 1.06
N LEU C 616 56.76 50.44 -0.20
CA LEU C 616 55.85 50.15 -1.31
C LEU C 616 55.28 48.74 -1.17
N ILE C 617 56.14 47.75 -0.99
CA ILE C 617 55.69 46.36 -0.98
C ILE C 617 54.81 46.09 0.25
N ILE C 618 55.16 46.66 1.40
CA ILE C 618 54.39 46.36 2.60
C ILE C 618 53.00 46.98 2.49
N ILE C 619 52.91 48.22 2.00
CA ILE C 619 51.59 48.83 1.87
C ILE C 619 50.78 48.08 0.82
N SER C 620 51.44 47.62 -0.25
CA SER C 620 50.75 46.87 -1.26
C SER C 620 50.17 45.58 -0.70
N SER C 621 50.96 44.86 0.11
CA SER C 621 50.48 43.63 0.72
C SER C 621 49.33 43.90 1.66
N TYR C 622 49.42 44.97 2.45
CA TYR C 622 48.33 45.34 3.35
C TYR C 622 47.05 45.60 2.57
N THR C 623 47.15 46.41 1.51
CA THR C 623 45.99 46.70 0.69
C THR C 623 45.42 45.42 0.10
N ALA C 624 46.29 44.56 -0.39
CA ALA C 624 45.85 43.34 -1.05
C ALA C 624 45.10 42.43 -0.09
N ASN C 625 45.64 42.19 1.09
CA ASN C 625 44.96 41.26 1.99
C ASN C 625 43.66 41.84 2.55
N LEU C 626 43.64 43.13 2.89
CA LEU C 626 42.38 43.69 3.38
C LEU C 626 41.32 43.68 2.27
N ALA C 627 41.72 44.05 1.05
CA ALA C 627 40.79 44.02 -0.07
C ALA C 627 40.32 42.61 -0.35
N ALA C 628 41.20 41.62 -0.19
CA ALA C 628 40.77 40.24 -0.35
C ALA C 628 39.70 39.89 0.67
N PHE C 629 39.89 40.33 1.92
CA PHE C 629 38.88 40.09 2.93
C PHE C 629 37.56 40.76 2.57
N LEU C 630 37.63 42.01 2.10
CA LEU C 630 36.42 42.72 1.72
C LEU C 630 35.72 42.02 0.56
N THR C 631 36.48 41.58 -0.44
CA THR C 631 35.88 40.94 -1.60
C THR C 631 35.24 39.61 -1.22
N VAL C 632 35.93 38.79 -0.43
CA VAL C 632 35.35 37.50 -0.08
C VAL C 632 34.14 37.69 0.82
N GLU C 633 34.15 38.71 1.68
CA GLU C 633 32.95 39.02 2.44
C GLU C 633 31.81 39.43 1.52
N ARG C 634 32.10 40.22 0.49
CA ARG C 634 31.06 40.59 -0.46
C ARG C 634 30.52 39.38 -1.21
N MET C 635 31.38 38.47 -1.66
CA MET C 635 30.84 37.33 -2.41
C MET C 635 30.16 36.32 -1.50
N GLU C 636 30.47 36.31 -0.22
CA GLU C 636 29.84 35.38 0.71
C GLU C 636 28.41 35.81 0.94
N SER C 637 27.48 34.86 0.80
CA SER C 637 26.09 35.17 1.03
C SER C 637 25.53 34.23 2.09
N PRO C 638 24.70 34.74 3.00
CA PRO C 638 24.12 33.86 4.02
C PRO C 638 22.89 33.15 3.49
N ILE C 639 22.28 32.31 4.31
CA ILE C 639 21.08 31.59 3.91
C ILE C 639 19.89 32.53 3.91
N ASP C 640 19.09 32.44 2.85
CA ASP C 640 17.87 33.24 2.72
C ASP C 640 16.66 32.41 2.31
N SER C 641 16.77 31.09 2.30
CA SER C 641 15.66 30.23 1.91
C SER C 641 15.89 28.82 2.45
N ALA C 642 14.79 28.11 2.70
CA ALA C 642 14.88 26.72 3.13
C ALA C 642 15.48 25.83 2.05
N ASP C 643 15.41 26.26 0.79
CA ASP C 643 16.04 25.51 -0.29
C ASP C 643 17.53 25.40 -0.04
N ASP C 644 18.13 26.45 0.51
CA ASP C 644 19.56 26.44 0.81
C ASP C 644 19.88 25.36 1.83
N LEU C 645 19.06 25.25 2.88
CA LEU C 645 19.25 24.17 3.85
C LEU C 645 19.07 22.81 3.19
N ALA C 646 18.06 22.67 2.34
CA ALA C 646 17.79 21.39 1.71
C ALA C 646 18.96 20.94 0.84
N LYS C 647 19.55 21.85 0.08
CA LYS C 647 20.67 21.48 -0.78
C LYS C 647 21.95 21.26 0.01
N GLN C 648 22.13 21.94 1.13
CA GLN C 648 23.38 21.77 1.88
C GLN C 648 23.22 20.71 2.96
N THR C 649 24.36 20.35 3.56
CA THR C 649 24.37 19.45 4.69
C THR C 649 25.30 19.91 5.81
N LYS C 650 26.04 20.99 5.62
CA LYS C 650 27.06 21.41 6.59
C LYS C 650 26.50 22.27 7.71
N ILE C 651 25.22 22.64 7.66
CA ILE C 651 24.61 23.48 8.68
C ILE C 651 23.51 22.68 9.35
N GLU C 652 23.57 22.59 10.69
CA GLU C 652 22.59 21.84 11.44
C GLU C 652 21.30 22.64 11.60
N TYR C 653 20.17 21.95 11.50
CA TYR C 653 18.89 22.61 11.67
C TYR C 653 17.90 21.60 12.21
N GLY C 654 16.82 22.12 12.79
CA GLY C 654 15.80 21.29 13.37
C GLY C 654 14.55 22.11 13.64
N ALA C 655 13.51 21.41 14.09
CA ALA C 655 12.27 22.04 14.51
C ALA C 655 11.77 21.35 15.76
N VAL C 656 10.82 22.00 16.44
CA VAL C 656 10.22 21.39 17.62
C VAL C 656 9.34 20.23 17.19
N LYS C 657 9.57 19.07 17.78
CA LYS C 657 8.78 17.89 17.45
C LYS C 657 7.33 18.10 17.85
N ASP C 658 6.42 17.56 17.04
CA ASP C 658 4.97 17.69 17.14
C ASP C 658 4.49 19.08 16.75
N GLY C 659 5.39 19.97 16.34
CA GLY C 659 4.99 21.30 15.91
C GLY C 659 4.29 21.28 14.57
N ALA C 660 3.72 22.44 14.23
CA ALA C 660 3.01 22.56 12.96
C ALA C 660 3.95 22.37 11.78
N THR C 661 5.19 22.84 11.90
CA THR C 661 6.14 22.75 10.80
C THR C 661 6.46 21.30 10.47
N MET C 662 6.78 20.50 11.48
CA MET C 662 7.14 19.09 11.23
C MET C 662 5.92 18.32 10.71
N THR C 663 4.73 18.62 11.23
CA THR C 663 3.52 17.99 10.71
C THR C 663 3.32 18.34 9.24
N PHE C 664 3.55 19.61 8.88
CA PHE C 664 3.49 20.00 7.49
C PHE C 664 4.51 19.25 6.66
N PHE C 665 5.72 19.10 7.19
CA PHE C 665 6.78 18.43 6.44
C PHE C 665 6.41 16.99 6.15
N LYS C 666 5.86 16.28 7.14
CA LYS C 666 5.46 14.91 6.90
C LYS C 666 4.24 14.83 5.99
N LYS C 667 3.36 15.83 6.05
CA LYS C 667 2.20 15.86 5.17
C LYS C 667 2.49 16.47 3.80
N SER C 668 3.61 17.16 3.65
CA SER C 668 3.93 17.79 2.38
C SER C 668 4.38 16.75 1.35
N LYS C 669 4.07 17.04 0.09
CA LYS C 669 4.49 16.19 -1.02
C LYS C 669 5.64 16.81 -1.80
N ILE C 670 6.18 17.92 -1.34
CA ILE C 670 7.30 18.57 -2.02
C ILE C 670 8.59 17.84 -1.67
N SER C 671 9.36 17.49 -2.70
CA SER C 671 10.56 16.68 -2.50
C SER C 671 11.54 17.38 -1.55
N THR C 672 11.71 18.68 -1.70
CA THR C 672 12.62 19.42 -0.83
C THR C 672 12.18 19.34 0.62
N PHE C 673 10.90 19.60 0.89
CA PHE C 673 10.42 19.62 2.27
C PHE C 673 10.53 18.25 2.93
N GLU C 674 10.06 17.22 2.25
CA GLU C 674 10.14 15.88 2.81
C GLU C 674 11.58 15.42 2.96
N LYS C 675 12.44 15.82 2.02
CA LYS C 675 13.85 15.47 2.08
C LYS C 675 14.53 16.11 3.29
N MET C 676 14.29 17.40 3.50
CA MET C 676 14.91 18.08 4.63
C MET C 676 14.36 17.55 5.95
N TRP C 677 13.06 17.23 5.98
CA TRP C 677 12.48 16.66 7.19
C TRP C 677 13.09 15.30 7.50
N ALA C 678 13.27 14.47 6.48
CA ALA C 678 13.90 13.17 6.69
C ALA C 678 15.33 13.33 7.17
N PHE C 679 16.06 14.31 6.61
CA PHE C 679 17.43 14.51 7.06
C PHE C 679 17.47 14.93 8.52
N MET C 680 16.66 15.91 8.91
CA MET C 680 16.70 16.40 10.28
C MET C 680 16.19 15.35 11.27
N SER C 681 15.15 14.61 10.90
CA SER C 681 14.67 13.53 11.75
C SER C 681 15.66 12.37 11.83
N SER C 682 16.51 12.21 10.81
CA SER C 682 17.47 11.12 10.81
C SER C 682 18.45 11.25 11.96
N LYS C 683 18.93 12.46 12.24
CA LYS C 683 19.87 12.66 13.32
C LYS C 683 19.12 13.04 14.59
N PRO C 684 19.18 12.23 15.65
CA PRO C 684 18.51 12.59 16.91
C PRO C 684 19.14 13.78 17.61
N SER C 685 20.34 14.19 17.22
CA SER C 685 20.99 15.34 17.81
C SER C 685 20.56 16.64 17.16
N ALA C 686 19.83 16.58 16.05
CA ALA C 686 19.31 17.75 15.37
C ALA C 686 17.82 17.95 15.64
N LEU C 687 17.36 17.53 16.82
CA LEU C 687 15.94 17.57 17.17
C LEU C 687 15.76 18.28 18.50
N VAL C 688 14.66 19.01 18.62
CA VAL C 688 14.29 19.68 19.85
C VAL C 688 12.82 19.41 20.14
N LYS C 689 12.46 19.49 21.42
CA LYS C 689 11.08 19.32 21.85
C LYS C 689 10.46 20.61 22.36
N ASN C 690 11.23 21.69 22.48
CA ASN C 690 10.72 22.95 22.99
C ASN C 690 11.41 24.08 22.25
N ASN C 691 10.68 25.21 22.14
CA ASN C 691 11.20 26.36 21.41
C ASN C 691 12.48 26.88 22.02
N GLU C 692 12.50 27.05 23.35
CA GLU C 692 13.66 27.63 24.02
C GLU C 692 14.87 26.71 23.91
N GLU C 693 14.67 25.40 23.77
CA GLU C 693 15.79 24.51 23.49
C GLU C 693 16.50 24.91 22.21
N GLY C 694 15.74 25.11 21.14
CA GLY C 694 16.34 25.56 19.89
C GLY C 694 16.90 26.96 19.98
N ILE C 695 16.25 27.83 20.77
CA ILE C 695 16.78 29.18 20.97
C ILE C 695 18.17 29.12 21.56
N GLN C 696 18.33 28.34 22.63
CA GLN C 696 19.62 28.21 23.30
C GLN C 696 20.64 27.53 22.38
N ARG C 697 20.21 26.50 21.64
CA ARG C 697 21.14 25.83 20.73
C ARG C 697 21.64 26.79 19.66
N THR C 698 20.75 27.59 19.08
CA THR C 698 21.17 28.58 18.09
C THR C 698 22.10 29.61 18.70
N LEU C 699 21.77 30.10 19.89
CA LEU C 699 22.65 31.05 20.56
C LEU C 699 24.01 30.44 20.86
N THR C 700 24.07 29.12 21.04
CA THR C 700 25.34 28.45 21.33
C THR C 700 26.14 28.20 20.07
N ALA C 701 25.48 27.72 19.01
CA ALA C 701 26.16 27.39 17.77
C ALA C 701 25.14 27.43 16.63
N ASP C 702 25.64 27.31 15.41
CA ASP C 702 24.77 27.35 14.24
C ASP C 702 23.80 26.17 14.26
N TYR C 703 22.54 26.45 14.59
CA TYR C 703 21.50 25.42 14.63
C TYR C 703 20.17 26.10 14.27
N ALA C 704 19.83 26.06 13.00
CA ALA C 704 18.67 26.79 12.49
C ALA C 704 17.37 26.18 13.00
N LEU C 705 16.42 27.03 13.38
CA LEU C 705 15.11 26.61 13.84
C LEU C 705 14.05 27.08 12.87
N LEU C 706 13.17 26.17 12.49
CA LEU C 706 12.06 26.47 11.59
C LEU C 706 10.77 26.29 12.38
N MET C 707 9.96 27.35 12.45
CA MET C 707 8.78 27.35 13.29
C MET C 707 7.84 28.42 12.75
N GLU C 708 6.66 28.54 13.36
CA GLU C 708 5.66 29.51 12.94
C GLU C 708 6.27 30.89 12.76
N SER C 709 6.04 31.46 11.58
CA SER C 709 6.71 32.72 11.21
C SER C 709 6.38 33.84 12.18
N THR C 710 5.16 33.86 12.72
CA THR C 710 4.84 34.85 13.74
C THR C 710 5.72 34.68 14.98
N THR C 711 5.93 33.44 15.41
CA THR C 711 6.79 33.19 16.56
C THR C 711 8.22 33.62 16.28
N ILE C 712 8.73 33.30 15.09
CA ILE C 712 10.10 33.70 14.74
C ILE C 712 10.22 35.22 14.72
N GLU C 713 9.23 35.90 14.12
CA GLU C 713 9.27 37.36 14.07
C GLU C 713 9.22 37.95 15.47
N TYR C 714 8.37 37.40 16.34
CA TYR C 714 8.30 37.90 17.71
C TYR C 714 9.61 37.70 18.44
N ILE C 715 10.24 36.54 18.27
CA ILE C 715 11.51 36.25 18.93
C ILE C 715 12.56 37.23 18.44
N THR C 716 12.64 37.45 17.13
CA THR C 716 13.64 38.37 16.59
C THR C 716 13.38 39.78 17.10
N GLN C 717 12.11 40.19 17.15
CA GLN C 717 11.77 41.49 17.70
C GLN C 717 12.12 41.60 19.18
N ARG C 718 12.24 40.47 19.87
CA ARG C 718 12.58 40.45 21.28
C ARG C 718 14.03 40.07 21.54
N ASN C 719 14.80 39.72 20.51
CA ASN C 719 16.18 39.30 20.66
C ASN C 719 17.06 40.09 19.70
N CYS C 720 18.09 40.73 20.24
CA CYS C 720 19.04 41.47 19.44
C CYS C 720 20.23 40.63 19.02
N ASN C 721 20.27 39.35 19.41
CA ASN C 721 21.33 38.44 19.00
C ASN C 721 20.87 37.45 17.94
N LEU C 722 19.61 37.51 17.51
CA LEU C 722 19.05 36.56 16.56
C LEU C 722 18.44 37.32 15.39
N THR C 723 18.85 36.98 14.17
CA THR C 723 18.33 37.63 12.99
C THR C 723 17.15 36.86 12.42
N GLN C 724 16.52 37.45 11.40
CA GLN C 724 15.43 36.83 10.67
C GLN C 724 15.86 36.62 9.23
N ILE C 725 15.68 35.40 8.73
CA ILE C 725 16.03 35.05 7.36
C ILE C 725 14.92 34.19 6.77
N GLY C 726 14.62 34.43 5.50
CA GLY C 726 13.57 33.68 4.82
C GLY C 726 12.20 34.30 5.02
N GLY C 727 11.42 34.35 3.94
CA GLY C 727 10.07 34.88 3.99
C GLY C 727 9.05 33.82 4.37
N LEU C 728 7.80 34.08 3.98
CA LEU C 728 6.71 33.14 4.22
C LEU C 728 6.84 32.00 3.23
N ILE C 729 7.74 31.05 3.55
CA ILE C 729 8.01 29.95 2.64
C ILE C 729 6.77 29.09 2.45
N ASP C 730 6.08 28.78 3.55
CA ASP C 730 4.88 27.96 3.52
C ASP C 730 3.64 28.85 3.58
N SER C 731 2.47 28.21 3.69
CA SER C 731 1.21 28.90 3.79
C SER C 731 0.44 28.37 4.99
N LYS C 732 0.31 29.20 6.02
CA LYS C 732 -0.56 28.91 7.16
C LYS C 732 -1.34 30.17 7.51
N GLY C 733 -2.32 30.00 8.38
CA GLY C 733 -3.13 31.13 8.82
C GLY C 733 -3.84 30.80 10.10
N TYR C 734 -4.30 31.86 10.77
CA TYR C 734 -5.03 31.76 12.03
C TYR C 734 -6.41 32.36 11.85
N GLY C 735 -7.43 31.58 12.20
CA GLY C 735 -8.80 32.05 12.14
C GLY C 735 -9.51 31.94 13.47
N ILE C 736 -10.83 32.07 13.47
CA ILE C 736 -11.63 31.98 14.68
C ILE C 736 -12.56 30.79 14.55
N GLY C 737 -12.47 29.85 15.48
CA GLY C 737 -13.28 28.66 15.43
C GLY C 737 -14.75 28.99 15.68
N THR C 738 -15.63 28.31 14.94
CA THR C 738 -17.06 28.52 15.04
C THR C 738 -17.75 27.20 15.34
N PRO C 739 -18.59 27.14 16.37
CA PRO C 739 -19.35 25.91 16.64
C PRO C 739 -20.26 25.56 15.47
N MET C 740 -20.45 24.26 15.26
CA MET C 740 -21.32 23.79 14.19
C MET C 740 -22.75 24.28 14.39
N GLY C 741 -23.32 24.84 13.33
CA GLY C 741 -24.67 25.36 13.40
C GLY C 741 -24.74 26.69 14.12
N SER C 742 -23.86 27.62 13.76
CA SER C 742 -23.84 28.92 14.40
C SER C 742 -23.84 30.03 13.36
N PRO C 743 -24.57 31.13 13.62
CA PRO C 743 -24.57 32.25 12.68
C PRO C 743 -23.41 33.22 12.86
N TYR C 744 -22.59 33.03 13.89
CA TYR C 744 -21.53 33.99 14.19
C TYR C 744 -20.45 34.02 13.12
N ARG C 745 -20.36 32.99 12.29
CA ARG C 745 -19.26 32.90 11.32
C ARG C 745 -19.31 34.06 10.32
N ASP C 746 -20.47 34.30 9.70
CA ASP C 746 -20.55 35.35 8.69
C ASP C 746 -20.35 36.74 9.28
N LYS C 747 -20.94 37.02 10.44
CA LYS C 747 -20.75 38.32 11.08
C LYS C 747 -19.28 38.53 11.44
N ILE C 748 -18.63 37.50 11.99
CA ILE C 748 -17.22 37.61 12.35
C ILE C 748 -16.40 37.86 11.10
N THR C 749 -16.71 37.15 10.01
CA THR C 749 -15.95 37.29 8.78
C THR C 749 -16.09 38.71 8.22
N ILE C 750 -17.31 39.26 8.21
CA ILE C 750 -17.46 40.61 7.67
C ILE C 750 -16.74 41.62 8.56
N ALA C 751 -16.80 41.43 9.87
CA ALA C 751 -16.12 42.36 10.77
C ALA C 751 -14.61 42.33 10.56
N ILE C 752 -14.03 41.13 10.49
CA ILE C 752 -12.58 41.05 10.31
C ILE C 752 -12.16 41.51 8.92
N LEU C 753 -12.97 41.22 7.90
CA LEU C 753 -12.67 41.67 6.56
C LEU C 753 -12.66 43.20 6.47
N GLN C 754 -13.67 43.84 7.08
CA GLN C 754 -13.69 45.29 7.04
C GLN C 754 -12.59 45.90 7.92
N LEU C 755 -12.22 45.23 9.02
CA LEU C 755 -11.14 45.74 9.84
C LEU C 755 -9.80 45.69 9.10
N GLN C 756 -9.50 44.55 8.47
CA GLN C 756 -8.26 44.47 7.70
C GLN C 756 -8.29 45.37 6.47
N GLU C 757 -9.47 45.55 5.87
CA GLU C 757 -9.59 46.40 4.69
C GLU C 757 -9.21 47.84 5.02
N GLU C 758 -9.60 48.33 6.20
CA GLU C 758 -9.29 49.69 6.61
C GLU C 758 -7.81 49.88 6.94
N GLY C 759 -7.03 48.81 7.01
CA GLY C 759 -5.64 48.90 7.40
C GLY C 759 -5.39 48.90 8.88
N LYS C 760 -6.43 48.79 9.71
CA LYS C 760 -6.24 48.69 11.16
C LYS C 760 -5.59 47.39 11.58
N LEU C 761 -5.73 46.33 10.76
CA LEU C 761 -5.13 45.05 11.12
C LEU C 761 -3.61 45.16 11.23
N HIS C 762 -2.97 45.85 10.28
CA HIS C 762 -1.52 46.05 10.37
C HIS C 762 -1.14 46.88 11.59
N ILE C 763 -1.96 47.89 11.91
CA ILE C 763 -1.69 48.72 13.07
C ILE C 763 -1.78 47.90 14.34
N MET C 764 -2.78 47.04 14.43
CA MET C 764 -2.88 46.13 15.57
C MET C 764 -1.69 45.18 15.63
N LYS C 765 -1.27 44.67 14.46
CA LYS C 765 -0.17 43.72 14.41
C LYS C 765 1.13 44.34 14.91
N GLU C 766 1.42 45.57 14.50
CA GLU C 766 2.70 46.20 14.81
C GLU C 766 2.90 46.48 16.28
N LYS C 767 1.84 46.63 17.08
CA LYS C 767 2.03 47.00 18.48
C LYS C 767 2.67 45.87 19.29
N TRP C 768 2.28 44.62 19.08
CA TRP C 768 2.84 43.53 19.86
C TRP C 768 4.07 42.90 19.23
N TRP C 769 4.57 43.48 18.14
CA TRP C 769 5.83 43.03 17.53
C TRP C 769 6.69 44.27 17.38
N ARG C 770 7.45 44.59 18.44
CA ARG C 770 8.26 45.80 18.49
C ARG C 770 9.61 45.48 19.10
N GLY C 771 10.66 46.07 18.55
CA GLY C 771 12.01 45.88 19.05
C GLY C 771 12.23 46.48 20.42
N GLN C 788 32.89 54.72 11.56
CA GLN C 788 33.45 53.51 11.00
C GLN C 788 34.49 52.90 11.92
N LYS C 789 34.54 51.57 11.97
CA LYS C 789 35.55 50.89 12.78
C LYS C 789 36.95 51.19 12.28
N ILE C 790 37.11 51.35 10.96
CA ILE C 790 38.41 51.75 10.41
C ILE C 790 38.74 53.18 10.83
N GLY C 791 37.73 54.04 10.97
CA GLY C 791 38.03 55.43 11.23
C GLY C 791 38.68 55.67 12.56
N GLY C 792 38.76 54.64 13.41
CA GLY C 792 39.45 54.80 14.66
C GLY C 792 40.92 55.09 14.50
N ILE C 793 41.48 54.95 13.29
CA ILE C 793 42.85 55.39 13.08
C ILE C 793 42.98 56.90 13.23
N PHE C 794 41.90 57.64 13.01
CA PHE C 794 41.87 59.05 13.39
C PHE C 794 42.16 59.22 14.88
N ILE C 795 41.58 58.35 15.71
CA ILE C 795 41.89 58.28 17.12
C ILE C 795 43.37 57.96 17.30
N VAL C 796 43.89 57.06 16.47
CA VAL C 796 45.33 56.78 16.47
C VAL C 796 46.11 58.04 16.15
N LEU C 797 45.58 58.90 15.28
CA LEU C 797 46.21 60.20 15.10
C LEU C 797 46.23 61.00 16.39
N ALA C 798 45.16 60.95 17.16
CA ALA C 798 45.21 61.63 18.46
C ALA C 798 46.23 60.97 19.37
N ALA C 799 46.53 59.70 19.16
CA ALA C 799 47.54 59.05 19.98
C ALA C 799 48.92 59.66 19.73
N GLY C 800 49.30 59.79 18.46
CA GLY C 800 50.56 60.42 18.12
C GLY C 800 50.54 61.92 18.26
N LEU C 801 49.37 62.54 18.05
CA LEU C 801 49.26 63.99 18.25
C LEU C 801 49.56 64.36 19.69
N VAL C 802 49.03 63.57 20.64
CA VAL C 802 49.37 63.77 22.04
C VAL C 802 50.85 63.45 22.27
N LEU C 803 51.36 62.40 21.61
CA LEU C 803 52.77 62.06 21.77
C LEU C 803 53.67 63.16 21.24
N SER C 804 53.26 63.85 20.18
CA SER C 804 54.12 64.91 19.65
C SER C 804 54.08 66.14 20.52
N VAL C 805 52.93 66.43 21.14
CA VAL C 805 52.87 67.54 22.08
C VAL C 805 53.67 67.22 23.33
N LEU C 806 53.70 65.95 23.73
CA LEU C 806 54.55 65.55 24.85
C LEU C 806 56.03 65.66 24.49
N VAL C 807 56.37 65.28 23.26
CA VAL C 807 57.76 65.42 22.80
C VAL C 807 58.17 66.87 22.79
N ALA C 808 57.24 67.77 22.46
CA ALA C 808 57.55 69.19 22.42
C ALA C 808 57.90 69.71 23.81
N VAL C 809 57.14 69.30 24.83
CA VAL C 809 57.43 69.64 26.21
C VAL C 809 58.81 69.12 26.61
N HIS D 3 -30.88 -44.22 56.51
CA HIS D 3 -31.82 -43.10 56.50
C HIS D 3 -32.27 -42.79 55.08
N VAL D 4 -33.38 -42.07 54.95
CA VAL D 4 -33.98 -41.77 53.66
C VAL D 4 -34.21 -40.27 53.56
N ILE D 5 -33.83 -39.68 52.43
CA ILE D 5 -34.01 -38.26 52.20
C ILE D 5 -35.04 -38.09 51.09
N ARG D 6 -35.66 -36.91 51.05
CA ARG D 6 -36.76 -36.62 50.15
C ARG D 6 -36.42 -35.38 49.33
N ILE D 7 -36.53 -35.49 48.00
CA ILE D 7 -36.42 -34.35 47.10
C ILE D 7 -37.52 -34.47 46.05
N GLY D 8 -37.65 -33.43 45.22
CA GLY D 8 -38.67 -33.41 44.20
C GLY D 8 -38.41 -32.43 43.07
N GLY D 9 -38.69 -32.86 41.84
CA GLY D 9 -38.47 -32.04 40.67
C GLY D 9 -39.75 -31.76 39.91
N ILE D 10 -39.79 -30.59 39.25
CA ILE D 10 -40.91 -30.16 38.43
C ILE D 10 -40.46 -30.17 36.98
N PHE D 11 -41.19 -30.87 36.13
CA PHE D 11 -40.83 -31.02 34.72
C PHE D 11 -41.99 -30.62 33.84
N GLU D 12 -41.74 -29.72 32.90
CA GLU D 12 -42.75 -29.20 32.00
C GLU D 12 -42.69 -29.89 30.65
N TYR D 13 -43.86 -30.27 30.13
CA TYR D 13 -43.99 -30.95 28.85
C TYR D 13 -45.05 -30.25 28.03
N ALA D 14 -44.95 -30.41 26.71
CA ALA D 14 -45.88 -29.78 25.79
C ALA D 14 -47.17 -30.56 25.58
N ASP D 15 -47.40 -31.61 26.38
CA ASP D 15 -48.59 -32.43 26.25
C ASP D 15 -49.56 -32.23 27.41
N GLY D 16 -49.36 -31.20 28.22
CA GLY D 16 -50.19 -30.97 29.37
C GLY D 16 -49.65 -31.66 30.60
N PRO D 17 -50.53 -31.93 31.58
CA PRO D 17 -50.10 -32.65 32.79
C PRO D 17 -49.73 -34.09 32.53
N ASN D 18 -50.10 -34.65 31.39
CA ASN D 18 -49.75 -36.01 31.01
C ASN D 18 -49.04 -35.98 29.66
N ALA D 19 -47.86 -36.58 29.60
CA ALA D 19 -47.05 -36.58 28.40
C ALA D 19 -46.70 -38.00 27.99
N GLN D 20 -46.77 -38.26 26.69
CA GLN D 20 -46.41 -39.57 26.15
C GLN D 20 -44.91 -39.71 25.91
N VAL D 21 -44.14 -38.63 26.10
CA VAL D 21 -42.71 -38.64 25.87
C VAL D 21 -42.00 -38.24 27.15
N MET D 22 -40.69 -38.46 27.17
CA MET D 22 -39.85 -38.16 28.32
C MET D 22 -38.64 -37.37 27.85
N ASN D 23 -38.33 -36.29 28.54
CA ASN D 23 -37.35 -35.32 28.08
C ASN D 23 -36.00 -35.52 28.76
N ALA D 24 -35.00 -34.77 28.27
CA ALA D 24 -33.62 -34.97 28.70
C ALA D 24 -33.44 -34.64 30.17
N GLU D 25 -34.10 -33.58 30.64
CA GLU D 25 -33.90 -33.16 32.03
C GLU D 25 -34.43 -34.19 33.02
N GLU D 26 -35.56 -34.84 32.71
CA GLU D 26 -36.06 -35.87 33.60
C GLU D 26 -35.14 -37.09 33.62
N HIS D 27 -34.60 -37.45 32.44
CA HIS D 27 -33.52 -38.41 32.36
C HIS D 27 -32.42 -38.06 33.35
N ALA D 28 -31.83 -36.88 33.17
CA ALA D 28 -30.71 -36.46 34.00
C ALA D 28 -31.08 -36.46 35.48
N PHE D 29 -32.32 -36.12 35.81
CA PHE D 29 -32.76 -36.13 37.21
C PHE D 29 -32.68 -37.54 37.78
N ARG D 30 -33.26 -38.51 37.08
CA ARG D 30 -33.24 -39.87 37.62
C ARG D 30 -31.84 -40.44 37.61
N PHE D 31 -31.02 -40.10 36.61
CA PHE D 31 -29.64 -40.58 36.60
C PHE D 31 -28.81 -39.96 37.73
N SER D 32 -29.07 -38.69 38.05
CA SER D 32 -28.43 -38.07 39.20
C SER D 32 -28.83 -38.78 40.48
N ALA D 33 -30.11 -39.11 40.62
CA ALA D 33 -30.54 -39.87 41.79
C ALA D 33 -29.84 -41.23 41.86
N ASN D 34 -29.76 -41.92 40.73
CA ASN D 34 -29.13 -43.24 40.71
C ASN D 34 -27.65 -43.15 41.08
N ILE D 35 -26.94 -42.18 40.52
CA ILE D 35 -25.51 -42.07 40.78
C ILE D 35 -25.26 -41.63 42.23
N ILE D 36 -26.13 -40.76 42.77
CA ILE D 36 -25.94 -40.33 44.14
C ILE D 36 -26.28 -41.46 45.11
N ASN D 37 -27.15 -42.38 44.71
CA ASN D 37 -27.39 -43.55 45.55
C ASN D 37 -26.25 -44.55 45.45
N ARG D 38 -25.71 -44.76 44.25
CA ARG D 38 -24.66 -45.74 44.04
C ARG D 38 -23.32 -45.27 44.58
N ASN D 39 -22.97 -44.01 44.34
CA ASN D 39 -21.68 -43.49 44.79
C ASN D 39 -21.65 -43.43 46.31
N ARG D 40 -20.75 -44.20 46.92
CA ARG D 40 -20.65 -44.23 48.37
C ARG D 40 -19.74 -43.15 48.93
N THR D 41 -19.05 -42.40 48.07
CA THR D 41 -18.38 -41.19 48.54
C THR D 41 -19.38 -40.11 48.94
N LEU D 42 -20.63 -40.24 48.49
CA LEU D 42 -21.68 -39.29 48.79
C LEU D 42 -22.84 -40.02 49.46
N LEU D 43 -23.37 -39.42 50.52
CA LEU D 43 -24.48 -39.98 51.30
C LEU D 43 -24.14 -41.40 51.76
N PRO D 44 -23.17 -41.57 52.66
CA PRO D 44 -22.79 -42.92 53.09
C PRO D 44 -23.79 -43.58 54.02
N ASN D 45 -24.76 -42.82 54.56
CA ASN D 45 -25.70 -43.37 55.53
C ASN D 45 -27.15 -43.00 55.27
N THR D 46 -27.44 -42.16 54.27
CA THR D 46 -28.81 -41.73 54.00
C THR D 46 -29.13 -42.03 52.54
N THR D 47 -30.26 -42.69 52.32
CA THR D 47 -30.71 -43.03 50.98
C THR D 47 -31.46 -41.85 50.35
N LEU D 48 -31.16 -41.57 49.09
CA LEU D 48 -31.74 -40.45 48.38
C LEU D 48 -32.85 -40.96 47.46
N THR D 49 -34.07 -40.47 47.69
CA THR D 49 -35.20 -40.78 46.83
C THR D 49 -35.68 -39.50 46.14
N TYR D 50 -36.30 -39.68 44.98
CA TYR D 50 -36.66 -38.56 44.11
C TYR D 50 -38.12 -38.67 43.71
N ASP D 51 -38.66 -37.54 43.26
CA ASP D 51 -40.05 -37.48 42.82
C ASP D 51 -40.17 -36.56 41.62
N ILE D 52 -41.20 -36.80 40.83
CA ILE D 52 -41.39 -36.16 39.53
C ILE D 52 -42.78 -35.54 39.50
N GLN D 53 -42.87 -34.29 39.07
CA GLN D 53 -44.14 -33.58 38.92
C GLN D 53 -44.21 -33.09 37.48
N ARG D 54 -44.91 -33.84 36.64
CA ARG D 54 -45.10 -33.47 35.24
C ARG D 54 -46.22 -32.47 35.11
N ILE D 55 -45.91 -31.32 34.52
CA ILE D 55 -46.83 -30.22 34.28
C ILE D 55 -46.68 -29.79 32.82
N HIS D 56 -47.42 -28.76 32.43
CA HIS D 56 -47.34 -28.21 31.09
C HIS D 56 -46.49 -26.95 31.09
N PHE D 57 -46.01 -26.59 29.90
CA PHE D 57 -45.23 -25.37 29.74
C PHE D 57 -46.09 -24.15 30.06
N HIS D 58 -45.47 -23.16 30.73
CA HIS D 58 -46.12 -21.88 31.03
C HIS D 58 -47.45 -22.08 31.74
N ASP D 59 -47.49 -23.02 32.68
CA ASP D 59 -48.70 -23.35 33.43
C ASP D 59 -48.37 -23.28 34.92
N SER D 60 -48.58 -22.11 35.51
CA SER D 60 -48.30 -21.91 36.93
C SER D 60 -49.40 -22.44 37.83
N PHE D 61 -50.58 -22.75 37.30
CA PHE D 61 -51.65 -23.27 38.14
C PHE D 61 -51.35 -24.69 38.60
N GLU D 62 -51.20 -25.61 37.65
CA GLU D 62 -50.81 -26.96 38.02
C GLU D 62 -49.42 -27.00 38.62
N ALA D 63 -48.56 -26.04 38.26
CA ALA D 63 -47.27 -25.94 38.92
C ALA D 63 -47.43 -25.62 40.40
N THR D 64 -48.33 -24.68 40.71
CA THR D 64 -48.61 -24.37 42.11
C THR D 64 -49.19 -25.57 42.83
N LYS D 65 -50.08 -26.31 42.16
CA LYS D 65 -50.66 -27.50 42.76
C LYS D 65 -49.59 -28.55 43.05
N LYS D 66 -48.68 -28.77 42.10
CA LYS D 66 -47.61 -29.75 42.30
C LYS D 66 -46.69 -29.31 43.41
N ALA D 67 -46.37 -28.02 43.48
CA ALA D 67 -45.55 -27.52 44.58
C ALA D 67 -46.26 -27.73 45.91
N CYS D 68 -47.58 -27.50 45.93
CA CYS D 68 -48.38 -27.75 47.12
C CYS D 68 -48.28 -29.21 47.56
N ASP D 69 -48.45 -30.13 46.62
CA ASP D 69 -48.36 -31.55 46.96
C ASP D 69 -46.96 -31.92 47.44
N GLN D 70 -45.93 -31.38 46.77
CA GLN D 70 -44.55 -31.69 47.16
C GLN D 70 -44.25 -31.18 48.57
N LEU D 71 -44.68 -29.96 48.88
CA LEU D 71 -44.49 -29.42 50.22
C LEU D 71 -45.32 -30.17 51.26
N ALA D 72 -46.51 -30.66 50.87
CA ALA D 72 -47.28 -31.51 51.76
C ALA D 72 -46.53 -32.79 52.08
N LEU D 73 -45.87 -33.37 51.08
CA LEU D 73 -45.00 -34.51 51.34
C LEU D 73 -43.84 -34.12 52.24
N GLY D 74 -43.23 -32.96 51.97
CA GLY D 74 -42.15 -32.47 52.79
C GLY D 74 -40.79 -32.80 52.18
N VAL D 75 -40.17 -31.82 51.54
CA VAL D 75 -38.92 -32.03 50.81
C VAL D 75 -37.90 -30.98 51.24
N VAL D 76 -36.63 -31.29 50.98
CA VAL D 76 -35.54 -30.37 51.25
C VAL D 76 -35.03 -29.69 49.99
N ALA D 77 -35.63 -29.96 48.83
CA ALA D 77 -35.18 -29.35 47.59
C ALA D 77 -36.33 -29.33 46.59
N ILE D 78 -36.44 -28.24 45.85
CA ILE D 78 -37.47 -28.08 44.82
C ILE D 78 -36.78 -27.58 43.55
N PHE D 79 -36.91 -28.35 42.47
CA PHE D 79 -36.34 -27.98 41.18
C PHE D 79 -37.39 -27.22 40.38
N GLY D 80 -37.09 -25.97 40.07
CA GLY D 80 -38.04 -25.13 39.37
C GLY D 80 -38.12 -25.45 37.90
N PRO D 81 -39.15 -24.91 37.25
CA PRO D 81 -39.29 -25.08 35.80
C PRO D 81 -38.23 -24.32 35.01
N SER D 82 -38.36 -24.31 33.70
CA SER D 82 -37.44 -23.58 32.83
C SER D 82 -38.08 -22.33 32.24
N GLN D 83 -39.25 -21.92 32.73
CA GLN D 83 -39.98 -20.78 32.19
C GLN D 83 -40.14 -19.71 33.25
N GLY D 84 -39.84 -18.46 32.88
CA GLY D 84 -39.89 -17.37 33.84
C GLY D 84 -41.27 -17.19 34.47
N SER D 85 -42.31 -17.27 33.64
CA SER D 85 -43.68 -17.05 34.13
C SER D 85 -44.01 -17.98 35.28
N THR D 86 -43.50 -19.21 35.25
CA THR D 86 -43.76 -20.16 36.31
C THR D 86 -42.67 -20.16 37.37
N THR D 87 -41.42 -19.93 36.98
CA THR D 87 -40.33 -19.94 37.95
C THR D 87 -40.43 -18.81 38.96
N ASN D 88 -40.85 -17.62 38.50
CA ASN D 88 -41.03 -16.53 39.45
C ASN D 88 -42.12 -16.87 40.45
N ALA D 89 -43.20 -17.48 39.98
CA ALA D 89 -44.28 -17.86 40.88
C ALA D 89 -43.82 -18.90 41.88
N VAL D 90 -43.06 -19.90 41.41
CA VAL D 90 -42.57 -20.92 42.33
C VAL D 90 -41.55 -20.34 43.29
N GLN D 91 -40.81 -19.32 42.87
CA GLN D 91 -39.90 -18.63 43.78
C GLN D 91 -40.68 -17.94 44.88
N SER D 92 -41.78 -17.28 44.51
CA SER D 92 -42.66 -16.68 45.52
C SER D 92 -43.24 -17.74 46.45
N ILE D 93 -43.65 -18.88 45.88
CA ILE D 93 -44.20 -19.96 46.68
C ILE D 93 -43.19 -20.42 47.72
N CYS D 94 -41.94 -20.62 47.30
CA CYS D 94 -40.91 -21.00 48.24
C CYS D 94 -40.67 -19.90 49.28
N ASN D 95 -40.66 -18.64 48.85
CA ASN D 95 -40.47 -17.54 49.78
C ASN D 95 -41.56 -17.50 50.84
N ALA D 96 -42.78 -17.89 50.48
CA ALA D 96 -43.83 -18.00 51.47
C ALA D 96 -43.49 -19.01 52.56
N LEU D 97 -42.67 -20.01 52.24
CA LEU D 97 -42.22 -20.98 53.22
C LEU D 97 -40.72 -20.97 53.44
N GLU D 98 -39.98 -20.08 52.76
CA GLU D 98 -38.53 -20.05 52.81
C GLU D 98 -37.92 -21.42 52.62
N VAL D 99 -38.46 -22.20 51.68
CA VAL D 99 -37.94 -23.53 51.38
C VAL D 99 -36.94 -23.42 50.24
N PRO D 100 -36.01 -24.37 50.10
CA PRO D 100 -35.00 -24.26 49.03
C PRO D 100 -35.63 -24.26 47.65
N HIS D 101 -35.15 -23.38 46.78
CA HIS D 101 -35.54 -23.47 45.38
C HIS D 101 -34.33 -23.34 44.47
N ILE D 102 -34.30 -24.21 43.47
CA ILE D 102 -33.22 -24.30 42.50
C ILE D 102 -33.68 -23.67 41.20
N GLN D 103 -32.88 -22.74 40.67
CA GLN D 103 -33.19 -22.06 39.41
C GLN D 103 -32.28 -22.66 38.35
N LEU D 104 -32.79 -23.68 37.65
CA LEU D 104 -31.99 -24.32 36.61
C LEU D 104 -31.70 -23.36 35.47
N ARG D 105 -32.71 -22.59 35.05
CA ARG D 105 -32.55 -21.57 34.03
C ARG D 105 -33.16 -20.28 34.54
N TRP D 106 -32.51 -19.16 34.29
CA TRP D 106 -32.97 -17.87 34.78
C TRP D 106 -32.96 -16.87 33.65
N LYS D 107 -34.14 -16.34 33.34
CA LYS D 107 -34.26 -15.18 32.47
C LYS D 107 -34.28 -13.93 33.33
N HIS D 108 -34.13 -12.76 32.70
CA HIS D 108 -34.08 -11.53 33.45
C HIS D 108 -35.32 -11.36 34.31
N HIS D 109 -35.12 -11.02 35.57
CA HIS D 109 -36.18 -10.78 36.52
C HIS D 109 -35.93 -9.44 37.21
N PRO D 110 -36.99 -8.74 37.61
CA PRO D 110 -36.80 -7.48 38.33
C PRO D 110 -36.02 -7.73 39.62
N LEU D 111 -35.09 -6.82 39.91
CA LEU D 111 -34.24 -6.95 41.08
C LEU D 111 -34.60 -5.82 42.04
N ASP D 112 -35.66 -6.04 42.79
CA ASP D 112 -36.06 -5.15 43.87
C ASP D 112 -36.68 -5.89 45.04
N ASN D 113 -36.65 -7.22 45.04
CA ASN D 113 -37.31 -8.02 46.06
C ASN D 113 -36.47 -8.08 47.33
N LYS D 114 -37.12 -8.50 48.41
CA LYS D 114 -36.46 -8.63 49.71
C LYS D 114 -36.29 -10.09 50.12
N ASP D 115 -36.52 -11.02 49.21
CA ASP D 115 -36.43 -12.45 49.51
C ASP D 115 -35.26 -13.06 48.74
N THR D 116 -34.37 -13.73 49.47
CA THR D 116 -33.20 -14.39 48.86
C THR D 116 -33.10 -15.79 49.47
N PHE D 117 -33.82 -16.73 48.87
CA PHE D 117 -33.71 -18.14 49.22
C PHE D 117 -33.67 -19.05 48.01
N TYR D 118 -34.02 -18.54 46.83
CA TYR D 118 -33.86 -19.23 45.56
C TYR D 118 -32.44 -18.99 45.05
N VAL D 119 -31.81 -20.04 44.55
CA VAL D 119 -30.43 -19.95 44.08
C VAL D 119 -30.39 -20.43 42.64
N ASN D 120 -29.75 -19.65 41.79
CA ASN D 120 -29.61 -19.96 40.37
C ASN D 120 -28.21 -20.48 40.06
N LEU D 121 -28.15 -21.54 39.26
CA LEU D 121 -26.89 -22.03 38.70
C LEU D 121 -26.72 -21.64 37.24
N TYR D 122 -27.69 -20.94 36.67
CA TYR D 122 -27.63 -20.53 35.27
C TYR D 122 -26.75 -19.29 35.14
N PRO D 123 -25.81 -19.27 34.20
CA PRO D 123 -24.88 -18.13 34.11
C PRO D 123 -25.61 -16.81 33.90
N ASP D 124 -25.17 -15.79 34.62
CA ASP D 124 -25.84 -14.49 34.58
C ASP D 124 -25.51 -13.77 33.29
N TYR D 125 -26.51 -13.09 32.73
CA TYR D 125 -26.34 -12.43 31.43
C TYR D 125 -25.31 -11.32 31.50
N ALA D 126 -25.15 -10.67 32.66
CA ALA D 126 -24.14 -9.63 32.79
C ALA D 126 -22.74 -10.21 32.63
N SER D 127 -22.49 -11.35 33.29
CA SER D 127 -21.19 -11.99 33.16
C SER D 127 -20.93 -12.42 31.72
N LEU D 128 -21.94 -12.95 31.05
CA LEU D 128 -21.78 -13.35 29.65
C LEU D 128 -21.49 -12.15 28.77
N SER D 129 -22.16 -11.03 29.03
CA SER D 129 -21.89 -9.80 28.29
C SER D 129 -20.46 -9.33 28.52
N HIS D 130 -19.99 -9.42 29.77
CA HIS D 130 -18.60 -9.07 30.05
C HIS D 130 -17.65 -9.98 29.28
N ALA D 131 -17.95 -11.28 29.24
CA ALA D 131 -17.10 -12.22 28.53
C ALA D 131 -17.05 -11.90 27.04
N ILE D 132 -18.20 -11.64 26.42
CA ILE D 132 -18.21 -11.36 24.99
C ILE D 132 -17.50 -10.03 24.70
N LEU D 133 -17.66 -9.04 25.60
CA LEU D 133 -16.94 -7.79 25.43
C LEU D 133 -15.44 -8.01 25.51
N ASP D 134 -15.00 -8.85 26.46
CA ASP D 134 -13.58 -9.16 26.58
C ASP D 134 -13.05 -9.83 25.33
N LEU D 135 -13.83 -10.78 24.78
CA LEU D 135 -13.40 -11.43 23.55
C LEU D 135 -13.33 -10.45 22.39
N VAL D 136 -14.29 -9.54 22.29
CA VAL D 136 -14.29 -8.56 21.22
C VAL D 136 -13.06 -7.67 21.32
N GLN D 137 -12.77 -7.17 22.53
CA GLN D 137 -11.62 -6.30 22.70
C GLN D 137 -10.31 -7.06 22.52
N SER D 138 -10.30 -8.36 22.82
CA SER D 138 -9.13 -9.18 22.52
C SER D 138 -8.93 -9.34 21.02
N LEU D 139 -10.02 -9.36 20.27
CA LEU D 139 -9.93 -9.42 18.81
C LEU D 139 -9.99 -8.05 18.15
N LYS D 140 -10.26 -7.00 18.92
CA LYS D 140 -10.35 -5.63 18.43
C LYS D 140 -11.27 -5.53 17.22
N TRP D 141 -12.53 -5.91 17.45
CA TRP D 141 -13.55 -5.73 16.43
C TRP D 141 -13.88 -4.25 16.29
N ARG D 142 -13.97 -3.79 15.04
CA ARG D 142 -14.31 -2.40 14.78
C ARG D 142 -15.81 -2.21 14.55
N SER D 143 -16.48 -3.15 13.91
CA SER D 143 -17.90 -3.07 13.67
C SER D 143 -18.51 -4.46 13.77
N ALA D 144 -19.79 -4.52 14.08
CA ALA D 144 -20.50 -5.78 14.23
C ALA D 144 -21.95 -5.58 13.78
N THR D 145 -22.78 -6.57 14.07
CA THR D 145 -24.21 -6.49 13.77
C THR D 145 -24.96 -7.29 14.82
N VAL D 146 -25.74 -6.61 15.66
CA VAL D 146 -26.49 -7.29 16.71
C VAL D 146 -27.61 -8.11 16.08
N VAL D 147 -27.70 -9.37 16.48
CA VAL D 147 -28.74 -10.29 16.00
C VAL D 147 -29.39 -10.92 17.22
N TYR D 148 -30.72 -10.92 17.25
CA TYR D 148 -31.43 -11.46 18.40
C TYR D 148 -32.78 -12.01 17.94
N ASP D 149 -33.33 -12.90 18.75
CA ASP D 149 -34.54 -13.63 18.42
C ASP D 149 -35.75 -13.23 19.24
N ASP D 150 -35.55 -12.59 20.39
CA ASP D 150 -36.66 -12.20 21.26
C ASP D 150 -36.19 -11.04 22.12
N SER D 151 -37.12 -10.50 22.91
CA SER D 151 -36.79 -9.42 23.82
C SER D 151 -35.73 -9.83 24.84
N THR D 152 -35.59 -11.14 25.09
CA THR D 152 -34.54 -11.58 25.99
C THR D 152 -33.17 -11.14 25.46
N GLY D 153 -32.97 -11.19 24.15
CA GLY D 153 -31.73 -10.71 23.58
C GLY D 153 -31.51 -9.23 23.87
N LEU D 154 -32.59 -8.45 23.86
CA LEU D 154 -32.52 -7.04 24.22
C LEU D 154 -32.03 -6.87 25.65
N ILE D 155 -32.59 -7.65 26.58
CA ILE D 155 -32.20 -7.51 27.98
C ILE D 155 -30.76 -7.95 28.19
N ARG D 156 -30.40 -9.11 27.65
CA ARG D 156 -29.07 -9.66 27.88
C ARG D 156 -28.00 -9.02 27.01
N LEU D 157 -28.39 -8.15 26.06
CA LEU D 157 -27.42 -7.34 25.32
C LEU D 157 -27.66 -5.86 25.55
N GLN D 158 -28.38 -5.50 26.61
CA GLN D 158 -28.56 -4.09 26.94
C GLN D 158 -27.22 -3.42 27.20
N GLU D 159 -26.29 -4.15 27.82
CA GLU D 159 -24.94 -3.61 28.01
C GLU D 159 -24.29 -3.30 26.68
N LEU D 160 -24.48 -4.19 25.69
CA LEU D 160 -23.98 -3.92 24.34
C LEU D 160 -24.79 -2.85 23.64
N ILE D 161 -26.02 -2.60 24.09
CA ILE D 161 -26.82 -1.54 23.49
C ILE D 161 -26.18 -0.18 23.73
N MET D 162 -25.62 0.03 24.92
CA MET D 162 -24.89 1.26 25.21
C MET D 162 -23.39 1.11 24.99
N ALA D 163 -22.94 -0.02 24.47
CA ALA D 163 -21.52 -0.22 24.22
C ALA D 163 -20.91 0.82 23.27
N PRO D 164 -21.53 1.20 22.16
CA PRO D 164 -20.92 2.25 21.32
C PRO D 164 -20.66 3.54 22.07
N SER D 165 -21.50 3.90 23.03
CA SER D 165 -21.23 5.05 23.87
C SER D 165 -19.98 4.84 24.70
N ARG D 166 -19.77 3.60 25.19
CA ARG D 166 -18.60 3.32 26.01
C ARG D 166 -17.32 3.36 25.18
N TYR D 167 -17.33 2.69 24.03
CA TYR D 167 -16.21 2.77 23.10
C TYR D 167 -16.75 2.59 21.67
N ASN D 168 -16.01 3.13 20.71
CA ASN D 168 -16.49 3.23 19.34
C ASN D 168 -16.60 1.85 18.73
N ILE D 169 -17.83 1.43 18.42
CA ILE D 169 -18.08 0.20 17.65
C ILE D 169 -19.45 0.33 17.02
N ARG D 170 -19.59 -0.24 15.82
CA ARG D 170 -20.81 -0.11 15.04
C ARG D 170 -21.54 -1.45 14.99
N LEU D 171 -22.84 -1.42 15.25
CA LEU D 171 -23.68 -2.61 15.18
C LEU D 171 -24.94 -2.29 14.40
N LYS D 172 -25.43 -3.27 13.65
CA LYS D 172 -26.67 -3.12 12.89
C LYS D 172 -27.78 -3.85 13.64
N ILE D 173 -28.85 -3.11 13.95
CA ILE D 173 -29.97 -3.67 14.69
C ILE D 173 -30.72 -4.62 13.76
N ARG D 174 -30.58 -5.92 13.99
CA ARG D 174 -31.20 -6.94 13.16
C ARG D 174 -31.93 -7.95 14.03
N GLN D 175 -33.20 -8.19 13.71
CA GLN D 175 -34.02 -9.16 14.41
C GLN D 175 -34.78 -9.99 13.39
N LEU D 176 -34.87 -11.29 13.64
CA LEU D 176 -35.72 -12.14 12.83
C LEU D 176 -36.95 -12.55 13.63
N PRO D 177 -38.15 -12.37 13.09
CA PRO D 177 -39.35 -12.70 13.87
C PRO D 177 -39.35 -14.14 14.35
N ILE D 178 -39.85 -14.34 15.58
CA ILE D 178 -39.76 -15.63 16.23
C ILE D 178 -40.57 -16.70 15.51
N ASP D 179 -41.52 -16.31 14.65
CA ASP D 179 -42.29 -17.25 13.87
C ASP D 179 -41.74 -17.44 12.46
N SER D 180 -40.68 -16.71 12.11
CA SER D 180 -40.03 -16.83 10.81
C SER D 180 -38.67 -17.49 10.99
N ASP D 181 -38.38 -18.50 10.16
CA ASP D 181 -37.09 -19.16 10.17
C ASP D 181 -36.20 -18.73 9.01
N ASP D 182 -36.63 -17.73 8.23
CA ASP D 182 -35.90 -17.28 7.05
C ASP D 182 -35.29 -15.92 7.33
N SER D 183 -33.96 -15.88 7.49
CA SER D 183 -33.24 -14.64 7.68
C SER D 183 -32.43 -14.25 6.45
N ARG D 184 -32.70 -14.88 5.31
CA ARG D 184 -31.96 -14.63 4.08
C ARG D 184 -31.90 -13.16 3.68
N PRO D 185 -33.00 -12.40 3.71
CA PRO D 185 -32.88 -10.96 3.41
C PRO D 185 -31.94 -10.23 4.35
N LEU D 186 -31.88 -10.65 5.62
CA LEU D 186 -30.99 -9.99 6.57
C LEU D 186 -29.54 -10.19 6.17
N LEU D 187 -29.16 -11.43 5.85
CA LEU D 187 -27.79 -11.67 5.40
C LEU D 187 -27.52 -10.98 4.07
N LYS D 188 -28.54 -10.88 3.21
CA LYS D 188 -28.38 -10.17 1.94
C LYS D 188 -28.02 -8.72 2.18
N GLU D 189 -28.80 -8.03 3.01
CA GLU D 189 -28.53 -6.63 3.29
C GLU D 189 -27.22 -6.47 4.04
N MET D 190 -26.86 -7.48 4.86
CA MET D 190 -25.61 -7.41 5.60
C MET D 190 -24.42 -7.46 4.64
N LYS D 191 -24.41 -8.41 3.70
CA LYS D 191 -23.30 -8.43 2.75
C LYS D 191 -23.34 -7.24 1.81
N ARG D 192 -24.53 -6.64 1.61
CA ARG D 192 -24.56 -5.34 0.95
C ARG D 192 -23.84 -4.28 1.77
N GLY D 193 -24.01 -4.30 3.09
CA GLY D 193 -23.15 -3.53 3.96
C GLY D 193 -21.72 -4.03 4.01
N ARG D 194 -21.50 -5.29 3.60
CA ARG D 194 -20.17 -5.87 3.42
C ARG D 194 -19.35 -5.79 4.72
N GLU D 195 -19.82 -6.53 5.71
CA GLU D 195 -19.10 -6.72 6.95
C GLU D 195 -18.92 -8.22 7.19
N PHE D 196 -17.81 -8.56 7.85
CA PHE D 196 -17.47 -9.96 8.08
C PHE D 196 -17.42 -10.32 9.55
N ARG D 197 -17.75 -9.41 10.46
CA ARG D 197 -17.71 -9.65 11.89
C ARG D 197 -19.09 -9.39 12.45
N ILE D 198 -19.79 -10.46 12.86
CA ILE D 198 -21.19 -10.37 13.26
C ILE D 198 -21.36 -11.12 14.58
N ILE D 199 -22.17 -10.56 15.48
CA ILE D 199 -22.52 -11.20 16.73
C ILE D 199 -23.90 -11.82 16.61
N PHE D 200 -24.07 -13.03 17.14
CA PHE D 200 -25.30 -13.78 17.06
C PHE D 200 -25.78 -14.18 18.44
N ASP D 201 -27.07 -13.96 18.70
CA ASP D 201 -27.72 -14.41 19.93
C ASP D 201 -29.07 -15.01 19.58
N CYS D 202 -29.24 -16.29 19.86
CA CYS D 202 -30.46 -17.01 19.53
C CYS D 202 -30.46 -18.33 20.31
N SER D 203 -31.38 -19.22 19.96
CA SER D 203 -31.41 -20.54 20.53
C SER D 203 -30.43 -21.46 19.83
N HIS D 204 -30.15 -22.61 20.45
CA HIS D 204 -29.30 -23.61 19.83
C HIS D 204 -29.90 -24.09 18.51
N THR D 205 -31.20 -24.36 18.52
CA THR D 205 -31.87 -24.77 17.29
C THR D 205 -31.83 -23.65 16.26
N MET D 206 -32.05 -22.42 16.70
CA MET D 206 -31.96 -21.29 15.78
C MET D 206 -30.56 -21.13 15.25
N ALA D 207 -29.53 -21.34 16.09
CA ALA D 207 -28.16 -21.24 15.59
C ALA D 207 -27.88 -22.31 14.54
N ALA D 208 -28.35 -23.53 14.76
CA ALA D 208 -28.17 -24.58 13.75
C ALA D 208 -28.87 -24.21 12.46
N GLN D 209 -30.09 -23.68 12.56
CA GLN D 209 -30.81 -23.27 11.36
C GLN D 209 -30.09 -22.13 10.65
N ILE D 210 -29.51 -21.20 11.41
CA ILE D 210 -28.76 -20.11 10.82
C ILE D 210 -27.56 -20.62 10.05
N LEU D 211 -26.85 -21.61 10.60
CA LEU D 211 -25.71 -22.18 9.88
C LEU D 211 -26.15 -22.94 8.63
N LYS D 212 -27.30 -23.64 8.71
CA LYS D 212 -27.82 -24.28 7.50
C LYS D 212 -28.14 -23.25 6.44
N GLN D 213 -28.76 -22.14 6.86
CA GLN D 213 -28.99 -21.02 5.96
C GLN D 213 -27.67 -20.53 5.38
N ALA D 214 -26.65 -20.38 6.22
CA ALA D 214 -25.38 -19.84 5.77
C ALA D 214 -24.80 -20.69 4.66
N MET D 215 -24.92 -22.02 4.77
CA MET D 215 -24.48 -22.81 3.62
C MET D 215 -25.42 -22.60 2.45
N ALA D 216 -26.72 -22.39 2.70
CA ALA D 216 -27.66 -22.24 1.61
C ALA D 216 -27.41 -20.99 0.77
N MET D 217 -27.14 -19.84 1.40
CA MET D 217 -26.81 -18.67 0.61
C MET D 217 -25.31 -18.45 0.46
N GLY D 218 -24.49 -19.20 1.19
CA GLY D 218 -23.07 -19.29 0.91
C GLY D 218 -22.20 -18.13 1.36
N MET D 219 -22.64 -17.34 2.32
CA MET D 219 -21.79 -16.31 2.92
C MET D 219 -21.22 -16.74 4.27
N MET D 220 -20.79 -17.99 4.39
CA MET D 220 -19.88 -18.41 5.44
C MET D 220 -18.54 -18.78 4.80
N THR D 221 -17.47 -18.19 5.31
CA THR D 221 -16.13 -18.44 4.79
C THR D 221 -15.11 -17.99 5.82
N GLU D 222 -13.83 -18.16 5.48
CA GLU D 222 -12.75 -17.75 6.37
C GLU D 222 -12.77 -16.25 6.65
N TYR D 223 -13.30 -15.45 5.72
CA TYR D 223 -13.35 -14.02 5.92
C TYR D 223 -14.28 -13.65 7.06
N TYR D 224 -15.38 -14.38 7.22
CA TYR D 224 -16.37 -14.07 8.24
C TYR D 224 -15.90 -14.54 9.61
N HIS D 225 -16.08 -13.68 10.61
CA HIS D 225 -15.79 -13.99 12.00
C HIS D 225 -17.11 -14.07 12.75
N PHE D 226 -17.37 -15.22 13.36
CA PHE D 226 -18.65 -15.50 14.00
C PHE D 226 -18.51 -15.61 15.52
N ILE D 227 -19.36 -14.88 16.22
CA ILE D 227 -19.44 -14.93 17.68
C ILE D 227 -20.88 -15.28 18.05
N PHE D 228 -21.05 -16.29 18.88
CA PHE D 228 -22.37 -16.80 19.21
C PHE D 228 -22.58 -16.75 20.72
N THR D 229 -23.66 -16.10 21.14
CA THR D 229 -23.97 -15.97 22.56
C THR D 229 -24.31 -17.33 23.18
N THR D 230 -24.75 -18.29 22.36
CA THR D 230 -25.13 -19.59 22.87
C THR D 230 -23.95 -20.26 23.57
N LEU D 231 -24.25 -20.93 24.69
CA LEU D 231 -23.27 -21.73 25.38
C LEU D 231 -23.29 -23.18 24.91
N ASP D 232 -24.27 -23.54 24.10
CA ASP D 232 -24.42 -24.91 23.59
C ASP D 232 -24.12 -24.91 22.10
N LEU D 233 -23.07 -25.63 21.70
CA LEU D 233 -22.72 -25.78 20.30
C LEU D 233 -22.55 -27.23 19.87
N TYR D 234 -22.26 -28.14 20.81
CA TYR D 234 -22.07 -29.55 20.54
C TYR D 234 -23.38 -30.33 20.47
N ALA D 235 -24.51 -29.70 20.78
CA ALA D 235 -25.78 -30.43 20.82
C ALA D 235 -26.11 -31.03 19.46
N LEU D 236 -25.90 -30.27 18.39
CA LEU D 236 -26.12 -30.77 17.03
C LEU D 236 -24.78 -30.89 16.33
N ASP D 237 -24.72 -31.81 15.36
CA ASP D 237 -23.48 -32.08 14.65
C ASP D 237 -23.07 -30.87 13.84
N LEU D 238 -21.79 -30.50 13.96
CA LEU D 238 -21.25 -29.36 13.23
C LEU D 238 -20.19 -29.79 12.23
N GLU D 239 -20.18 -31.07 11.86
CA GLU D 239 -19.10 -31.61 11.03
C GLU D 239 -18.95 -30.90 9.71
N PRO D 240 -19.99 -30.67 8.91
CA PRO D 240 -19.78 -29.97 7.63
C PRO D 240 -19.29 -28.55 7.81
N TYR D 241 -19.53 -27.94 8.98
CA TYR D 241 -19.11 -26.56 9.19
C TYR D 241 -17.61 -26.45 9.41
N ARG D 242 -16.96 -27.57 9.72
CA ARG D 242 -15.53 -27.56 10.04
C ARG D 242 -14.71 -27.02 8.89
N TYR D 243 -14.95 -27.54 7.69
CA TYR D 243 -14.13 -27.18 6.54
C TYR D 243 -14.47 -25.75 6.10
N SER D 244 -13.84 -25.33 5.01
CA SER D 244 -13.91 -23.99 4.42
C SER D 244 -13.09 -23.00 5.24
N GLY D 245 -12.48 -23.43 6.34
CA GLY D 245 -11.67 -22.55 7.15
C GLY D 245 -12.42 -21.39 7.73
N VAL D 246 -13.74 -21.53 7.93
CA VAL D 246 -14.56 -20.44 8.43
C VAL D 246 -14.07 -20.04 9.82
N ASN D 247 -13.90 -18.75 10.03
CA ASN D 247 -13.44 -18.23 11.32
C ASN D 247 -14.63 -18.15 12.25
N LEU D 248 -14.70 -19.06 13.21
CA LEU D 248 -15.82 -19.10 14.14
C LEU D 248 -15.33 -19.53 15.51
N THR D 249 -15.92 -18.94 16.55
CA THR D 249 -15.60 -19.30 17.92
C THR D 249 -16.84 -19.11 18.78
N GLY D 250 -16.73 -19.59 20.01
CA GLY D 250 -17.82 -19.54 20.96
C GLY D 250 -17.34 -19.99 22.33
N PHE D 251 -18.30 -20.21 23.22
CA PHE D 251 -18.04 -20.58 24.60
C PHE D 251 -18.58 -21.97 24.88
N ARG D 252 -18.02 -22.63 25.89
CA ARG D 252 -18.63 -23.84 26.40
C ARG D 252 -18.36 -23.92 27.90
N ILE D 253 -19.14 -24.74 28.58
CA ILE D 253 -19.01 -24.89 30.03
C ILE D 253 -18.57 -26.28 30.45
N LEU D 254 -18.64 -27.27 29.56
CA LEU D 254 -18.17 -28.61 29.86
C LEU D 254 -16.65 -28.59 29.97
N ASN D 255 -16.15 -28.75 31.19
CA ASN D 255 -14.70 -28.76 31.43
C ASN D 255 -14.12 -30.08 30.93
N VAL D 256 -13.53 -30.05 29.74
CA VAL D 256 -12.89 -31.25 29.22
C VAL D 256 -11.55 -31.52 29.88
N ASP D 257 -10.97 -30.51 30.55
CA ASP D 257 -9.70 -30.70 31.23
C ASP D 257 -9.83 -31.57 32.47
N ASN D 258 -11.04 -31.89 32.88
CA ASN D 258 -11.28 -32.83 33.98
C ASN D 258 -11.74 -34.16 33.41
N PRO D 259 -10.95 -35.22 33.57
CA PRO D 259 -11.38 -36.53 33.02
C PRO D 259 -12.70 -37.00 33.58
N HIS D 260 -13.00 -36.65 34.83
CA HIS D 260 -14.28 -37.06 35.42
C HIS D 260 -15.45 -36.46 34.66
N VAL D 261 -15.35 -35.18 34.28
CA VAL D 261 -16.45 -34.55 33.55
C VAL D 261 -16.67 -35.24 32.22
N SER D 262 -15.59 -35.53 31.49
CA SER D 262 -15.72 -36.21 30.21
C SER D 262 -16.31 -37.61 30.39
N ALA D 263 -15.88 -38.31 31.44
CA ALA D 263 -16.42 -39.64 31.72
C ALA D 263 -17.91 -39.58 32.02
N ILE D 264 -18.34 -38.58 32.80
CA ILE D 264 -19.76 -38.44 33.09
C ILE D 264 -20.53 -38.12 31.81
N VAL D 265 -19.96 -37.27 30.95
CA VAL D 265 -20.63 -36.92 29.71
C VAL D 265 -20.83 -38.16 28.83
N GLU D 266 -19.78 -38.95 28.68
CA GLU D 266 -19.90 -40.14 27.83
C GLU D 266 -20.82 -41.18 28.45
N LYS D 267 -20.81 -41.28 29.78
CA LYS D 267 -21.71 -42.22 30.44
C LYS D 267 -23.16 -41.78 30.30
N TRP D 268 -23.43 -40.48 30.34
CA TRP D 268 -24.77 -40.00 30.03
C TRP D 268 -25.15 -40.34 28.59
N SER D 269 -24.23 -40.13 27.65
CA SER D 269 -24.54 -40.37 26.24
C SER D 269 -24.87 -41.83 26.00
N MET D 270 -24.08 -42.74 26.57
CA MET D 270 -24.35 -44.17 26.39
C MET D 270 -25.61 -44.58 27.15
N GLU D 271 -25.84 -43.99 28.34
CA GLU D 271 -27.05 -44.29 29.09
C GLU D 271 -28.30 -43.79 28.37
N ARG D 272 -28.21 -42.63 27.72
CA ARG D 272 -29.37 -42.05 27.06
C ARG D 272 -28.96 -41.53 25.69
N LEU D 273 -29.52 -42.12 24.65
CA LEU D 273 -29.25 -41.71 23.28
C LEU D 273 -30.11 -40.54 22.83
N GLN D 274 -31.06 -40.11 23.67
CA GLN D 274 -31.94 -38.99 23.37
C GLN D 274 -32.72 -39.18 22.06
N ASP D 285 -27.47 -35.14 18.04
CA ASP D 285 -26.46 -35.99 18.65
C ASP D 285 -27.02 -36.70 19.88
N GLY D 286 -26.16 -36.90 20.88
CA GLY D 286 -26.58 -37.59 22.09
C GLY D 286 -26.09 -36.94 23.36
N VAL D 287 -25.28 -35.89 23.24
CA VAL D 287 -24.69 -35.23 24.39
C VAL D 287 -25.73 -34.32 25.03
N MET D 288 -25.72 -34.27 26.37
CA MET D 288 -26.68 -33.47 27.10
C MET D 288 -26.41 -31.98 26.92
N MET D 289 -27.42 -31.18 27.26
CA MET D 289 -27.26 -29.74 27.35
C MET D 289 -26.93 -29.38 28.80
N THR D 290 -26.63 -28.09 29.04
CA THR D 290 -26.13 -27.66 30.33
C THR D 290 -27.10 -27.96 31.48
N ASP D 291 -28.39 -28.17 31.18
CA ASP D 291 -29.35 -28.43 32.24
C ASP D 291 -28.98 -29.68 33.04
N ALA D 292 -28.50 -30.72 32.36
CA ALA D 292 -28.13 -31.94 33.06
C ALA D 292 -26.95 -31.72 33.99
N ALA D 293 -25.95 -30.98 33.52
CA ALA D 293 -24.80 -30.67 34.37
C ALA D 293 -25.22 -29.85 35.58
N LEU D 294 -26.11 -28.88 35.36
CA LEU D 294 -26.61 -28.08 36.47
C LEU D 294 -27.40 -28.94 37.45
N LEU D 295 -28.16 -29.90 36.94
CA LEU D 295 -28.89 -30.83 37.81
C LEU D 295 -27.92 -31.65 38.66
N TYR D 296 -26.86 -32.17 38.04
CA TYR D 296 -25.86 -32.92 38.77
C TYR D 296 -25.22 -32.07 39.86
N ASP D 297 -24.80 -30.86 39.50
CA ASP D 297 -24.17 -29.98 40.47
C ASP D 297 -25.13 -29.63 41.61
N ALA D 298 -26.40 -29.41 41.29
CA ALA D 298 -27.37 -29.03 42.31
C ALA D 298 -27.63 -30.18 43.26
N VAL D 299 -27.79 -31.40 42.75
CA VAL D 299 -28.04 -32.52 43.65
C VAL D 299 -26.82 -32.82 44.50
N HIS D 300 -25.62 -32.69 43.92
CA HIS D 300 -24.42 -32.89 44.71
C HIS D 300 -24.28 -31.82 45.79
N ILE D 301 -24.62 -30.57 45.47
CA ILE D 301 -24.59 -29.49 46.45
C ILE D 301 -25.60 -29.76 47.55
N VAL D 302 -26.78 -30.25 47.19
CA VAL D 302 -27.80 -30.58 48.19
C VAL D 302 -27.28 -31.67 49.12
N SER D 303 -26.67 -32.70 48.56
CA SER D 303 -26.15 -33.80 49.39
C SER D 303 -25.06 -33.30 50.32
N VAL D 304 -24.13 -32.50 49.81
CA VAL D 304 -23.02 -32.02 50.63
C VAL D 304 -23.52 -31.07 51.71
N THR D 305 -24.52 -30.25 51.38
CA THR D 305 -25.13 -29.37 52.38
C THR D 305 -25.80 -30.19 53.48
N TYR D 306 -26.54 -31.23 53.09
CA TYR D 306 -27.17 -32.10 54.07
C TYR D 306 -26.13 -32.78 54.96
N GLN D 307 -25.00 -33.17 54.37
CA GLN D 307 -23.95 -33.80 55.16
C GLN D 307 -23.28 -32.84 56.13
N ARG D 308 -22.96 -31.62 55.67
CA ARG D 308 -22.22 -30.67 56.48
C ARG D 308 -23.08 -29.81 57.40
N ALA D 309 -24.40 -29.89 57.27
CA ALA D 309 -25.28 -29.13 58.15
C ALA D 309 -25.87 -30.06 59.22
N PRO D 310 -26.41 -29.50 60.30
CA PRO D 310 -27.11 -30.34 61.27
C PRO D 310 -28.25 -31.11 60.62
N GLN D 311 -28.36 -32.39 60.98
CA GLN D 311 -29.26 -33.30 60.28
C GLN D 311 -30.66 -33.15 60.84
N MET D 312 -31.42 -32.25 60.25
CA MET D 312 -32.80 -31.96 60.65
C MET D 312 -33.72 -32.49 59.56
N THR D 313 -34.62 -33.39 59.95
CA THR D 313 -35.51 -34.00 58.96
C THR D 313 -36.60 -33.02 58.54
N VAL D 314 -36.96 -33.07 57.26
CA VAL D 314 -38.05 -32.24 56.76
C VAL D 314 -39.38 -32.82 57.19
N ASN D 315 -40.30 -31.94 57.57
CA ASN D 315 -41.64 -32.33 57.98
C ASN D 315 -42.65 -31.91 56.92
N SER D 316 -43.89 -32.36 57.10
CA SER D 316 -44.96 -31.98 56.19
C SER D 316 -45.29 -30.49 56.34
N LEU D 317 -45.46 -29.82 55.20
CA LEU D 317 -45.81 -28.41 55.17
C LEU D 317 -47.21 -28.23 54.60
N GLN D 318 -47.93 -27.25 55.14
CA GLN D 318 -49.33 -27.05 54.79
C GLN D 318 -49.48 -25.83 53.87
N CYS D 319 -50.32 -25.99 52.84
CA CYS D 319 -50.43 -24.97 51.81
C CYS D 319 -51.35 -23.82 52.20
N HIS D 320 -52.12 -23.95 53.27
CA HIS D 320 -52.86 -22.84 53.84
C HIS D 320 -52.24 -22.39 55.15
N ARG D 321 -50.94 -22.68 55.31
CA ARG D 321 -50.15 -22.21 56.43
C ARG D 321 -48.88 -21.57 55.88
N HIS D 322 -48.44 -20.49 56.52
CA HIS D 322 -47.21 -19.80 56.15
C HIS D 322 -46.13 -19.89 57.20
N LYS D 323 -46.33 -20.69 58.24
CA LYS D 323 -45.25 -20.93 59.21
C LYS D 323 -44.11 -21.63 58.50
N ALA D 324 -43.04 -20.90 58.21
CA ALA D 324 -41.94 -21.44 57.44
C ALA D 324 -41.24 -22.55 58.21
N TRP D 325 -40.56 -23.42 57.46
CA TRP D 325 -39.73 -24.44 58.08
C TRP D 325 -38.58 -23.77 58.82
N ARG D 326 -38.53 -23.96 60.14
CA ARG D 326 -37.50 -23.30 60.93
C ARG D 326 -36.10 -23.73 60.50
N PHE D 327 -35.98 -24.93 59.94
CA PHE D 327 -34.70 -25.48 59.54
C PHE D 327 -34.46 -25.37 58.03
N GLY D 328 -35.27 -24.58 57.33
CA GLY D 328 -35.02 -24.31 55.93
C GLY D 328 -34.06 -23.16 55.75
N GLY D 329 -34.26 -22.07 56.49
CA GLY D 329 -33.32 -20.96 56.46
C GLY D 329 -31.93 -21.36 56.93
N ARG D 330 -31.86 -22.38 57.78
CA ARG D 330 -30.56 -22.89 58.18
C ARG D 330 -29.85 -23.50 56.98
N PHE D 331 -30.57 -24.28 56.16
CA PHE D 331 -29.96 -24.77 54.93
C PHE D 331 -29.68 -23.61 53.97
N MET D 332 -30.46 -22.53 54.07
CA MET D 332 -30.25 -21.38 53.20
C MET D 332 -28.92 -20.72 53.49
N ASN D 333 -28.52 -20.71 54.76
CA ASN D 333 -27.23 -20.11 55.10
C ASN D 333 -26.09 -20.86 54.43
N PHE D 334 -26.11 -22.19 54.49
CA PHE D 334 -25.09 -22.97 53.81
C PHE D 334 -25.18 -22.85 52.29
N ILE D 335 -26.40 -22.88 51.74
CA ILE D 335 -26.56 -22.92 50.29
C ILE D 335 -26.18 -21.59 49.65
N LYS D 336 -26.60 -20.48 50.25
CA LYS D 336 -26.20 -19.18 49.72
C LYS D 336 -24.69 -19.01 49.74
N GLU D 337 -24.04 -19.47 50.80
CA GLU D 337 -22.60 -19.42 50.92
C GLU D 337 -21.92 -20.69 50.41
N ALA D 338 -22.65 -21.55 49.71
CA ALA D 338 -22.07 -22.79 49.21
C ALA D 338 -21.09 -22.53 48.07
N GLN D 339 -20.06 -23.36 48.02
CA GLN D 339 -19.07 -23.33 46.94
C GLN D 339 -18.68 -24.76 46.60
N TRP D 340 -18.53 -25.03 45.31
CA TRP D 340 -18.16 -26.38 44.89
C TRP D 340 -17.50 -26.29 43.51
N GLU D 341 -17.10 -27.45 42.99
CA GLU D 341 -16.51 -27.59 41.67
C GLU D 341 -17.34 -28.61 40.91
N GLY D 342 -18.30 -28.13 40.13
CA GLY D 342 -19.17 -29.00 39.37
C GLY D 342 -18.64 -29.30 37.98
N LEU D 343 -19.44 -30.04 37.22
CA LEU D 343 -19.09 -30.32 35.83
C LEU D 343 -19.03 -29.05 34.99
N THR D 344 -19.62 -27.96 35.48
CA THR D 344 -19.56 -26.67 34.83
C THR D 344 -18.37 -25.83 35.30
N GLY D 345 -17.58 -26.32 36.24
CA GLY D 345 -16.45 -25.55 36.74
C GLY D 345 -16.64 -25.05 38.16
N ARG D 346 -15.97 -23.95 38.48
CA ARG D 346 -16.10 -23.34 39.80
C ARG D 346 -17.51 -22.80 39.99
N ILE D 347 -18.06 -23.00 41.18
CA ILE D 347 -19.43 -22.62 41.49
C ILE D 347 -19.36 -21.57 42.59
N VAL D 348 -19.50 -20.30 42.22
CA VAL D 348 -19.49 -19.18 43.17
C VAL D 348 -20.63 -18.24 42.79
N PHE D 349 -21.39 -17.80 43.80
CA PHE D 349 -22.47 -16.86 43.61
C PHE D 349 -22.17 -15.56 44.34
N ASN D 350 -22.96 -14.54 44.03
CA ASN D 350 -22.95 -13.33 44.84
C ASN D 350 -23.62 -13.62 46.18
N LYS D 351 -22.88 -13.44 47.27
CA LYS D 351 -23.37 -13.83 48.58
C LYS D 351 -24.47 -12.92 49.10
N THR D 352 -24.95 -12.00 48.28
CA THR D 352 -26.08 -11.15 48.63
C THR D 352 -27.28 -11.34 47.73
N SER D 353 -27.15 -12.11 46.66
CA SER D 353 -28.26 -12.35 45.73
C SER D 353 -28.41 -13.80 45.31
N GLY D 354 -27.42 -14.66 45.51
CA GLY D 354 -27.53 -16.05 45.08
C GLY D 354 -27.64 -16.20 43.58
N LEU D 355 -26.83 -15.46 42.83
CA LEU D 355 -26.84 -15.49 41.38
C LEU D 355 -25.53 -16.07 40.87
N ARG D 356 -25.62 -16.85 39.78
CA ARG D 356 -24.45 -17.52 39.21
C ARG D 356 -23.59 -16.46 38.51
N THR D 357 -22.81 -15.74 39.33
CA THR D 357 -21.98 -14.66 38.84
C THR D 357 -20.59 -15.11 38.44
N ASP D 358 -20.05 -16.13 39.10
CA ASP D 358 -18.70 -16.60 38.86
C ASP D 358 -18.72 -18.05 38.39
N PHE D 359 -17.97 -18.34 37.34
CA PHE D 359 -17.85 -19.68 36.78
C PHE D 359 -16.66 -19.68 35.84
N ASP D 360 -16.47 -20.77 35.11
CA ASP D 360 -15.34 -20.90 34.20
C ASP D 360 -15.85 -21.30 32.82
N LEU D 361 -15.49 -20.52 31.82
CA LEU D 361 -15.82 -20.80 30.43
C LEU D 361 -14.60 -21.39 29.73
N ASP D 362 -14.84 -22.37 28.87
CA ASP D 362 -13.84 -22.92 27.96
C ASP D 362 -14.08 -22.36 26.57
N ILE D 363 -13.36 -21.29 26.25
CA ILE D 363 -13.51 -20.62 24.96
C ILE D 363 -13.02 -21.59 23.88
N ILE D 364 -13.91 -21.93 22.95
CA ILE D 364 -13.70 -22.95 21.93
C ILE D 364 -13.88 -22.33 20.56
N SER D 365 -12.94 -22.57 19.66
CA SER D 365 -13.12 -22.16 18.27
C SER D 365 -13.36 -23.39 17.40
N LEU D 366 -13.58 -23.15 16.11
CA LEU D 366 -13.83 -24.23 15.17
C LEU D 366 -13.09 -24.00 13.87
N LYS D 367 -12.48 -25.06 13.35
CA LYS D 367 -11.79 -25.03 12.07
C LYS D 367 -11.91 -26.42 11.45
N GLU D 368 -11.14 -26.65 10.38
CA GLU D 368 -11.33 -27.86 9.58
C GLU D 368 -10.97 -29.13 10.34
N ASP D 369 -10.21 -29.03 11.43
CA ASP D 369 -9.81 -30.21 12.18
C ASP D 369 -10.85 -30.64 13.21
N GLY D 370 -11.91 -29.85 13.42
CA GLY D 370 -12.90 -30.13 14.44
C GLY D 370 -12.99 -29.00 15.45
N LEU D 371 -13.24 -29.36 16.70
CA LEU D 371 -13.32 -28.38 17.78
C LEU D 371 -11.95 -28.17 18.40
N GLU D 372 -11.70 -26.93 18.80
CA GLU D 372 -10.44 -26.55 19.43
C GLU D 372 -10.72 -25.68 20.64
N LYS D 373 -10.19 -26.07 21.80
CA LYS D 373 -10.30 -25.26 23.01
C LYS D 373 -9.22 -24.20 22.98
N VAL D 374 -9.62 -22.93 22.77
CA VAL D 374 -8.65 -21.87 22.56
C VAL D 374 -8.31 -21.09 23.83
N GLY D 375 -9.14 -21.14 24.87
CA GLY D 375 -8.79 -20.38 26.06
C GLY D 375 -9.75 -20.62 27.20
N VAL D 376 -9.52 -19.88 28.28
CA VAL D 376 -10.31 -19.97 29.50
C VAL D 376 -10.75 -18.58 29.92
N TRP D 377 -12.02 -18.43 30.26
CA TRP D 377 -12.57 -17.17 30.73
C TRP D 377 -13.11 -17.33 32.14
N SER D 378 -12.80 -16.35 33.00
CA SER D 378 -13.33 -16.33 34.35
C SER D 378 -13.62 -14.88 34.73
N PRO D 379 -14.63 -14.63 35.57
CA PRO D 379 -14.95 -13.26 35.95
C PRO D 379 -13.93 -12.61 36.86
N ALA D 380 -12.87 -13.32 37.24
CA ALA D 380 -11.81 -12.75 38.06
C ALA D 380 -10.57 -12.40 37.26
N ASP D 381 -10.47 -12.87 36.01
CA ASP D 381 -9.29 -12.61 35.20
C ASP D 381 -9.63 -12.23 33.76
N GLY D 382 -10.90 -12.11 33.41
CA GLY D 382 -11.26 -11.92 32.02
C GLY D 382 -10.94 -13.16 31.20
N LEU D 383 -10.18 -12.96 30.12
CA LEU D 383 -9.84 -14.02 29.18
C LEU D 383 -8.35 -14.32 29.24
N ASN D 384 -8.01 -15.62 29.27
CA ASN D 384 -6.63 -16.08 29.22
C ASN D 384 -6.50 -17.09 28.10
N ILE D 385 -5.37 -17.05 27.39
CA ILE D 385 -5.14 -17.96 26.28
C ILE D 385 -4.09 -18.99 26.67
N THR D 401 23.97 -12.61 36.87
CA THR D 401 24.71 -13.20 35.77
C THR D 401 26.16 -13.47 36.16
N ASN D 402 26.44 -14.73 36.50
CA ASN D 402 27.77 -15.12 36.90
C ASN D 402 28.22 -16.41 36.21
N ARG D 403 27.45 -16.92 35.25
CA ARG D 403 27.80 -18.15 34.55
C ARG D 403 28.66 -17.83 33.33
N SER D 404 29.05 -18.87 32.61
CA SER D 404 29.87 -18.71 31.42
C SER D 404 29.15 -17.87 30.37
N LEU D 405 29.77 -16.78 29.96
CA LEU D 405 29.23 -15.89 28.93
C LEU D 405 30.10 -16.06 27.68
N ILE D 406 29.52 -16.64 26.64
CA ILE D 406 30.27 -16.86 25.40
C ILE D 406 30.26 -15.58 24.58
N VAL D 407 31.45 -15.10 24.23
CA VAL D 407 31.62 -13.92 23.39
C VAL D 407 32.41 -14.34 22.17
N THR D 408 32.10 -13.72 21.04
CA THR D 408 32.78 -13.99 19.78
C THR D 408 33.50 -12.74 19.30
N THR D 409 34.72 -12.91 18.82
CA THR D 409 35.60 -11.79 18.51
C THR D 409 35.72 -11.61 17.00
N LEU D 410 35.46 -10.39 16.53
CA LEU D 410 35.76 -9.99 15.16
C LEU D 410 37.04 -9.16 15.17
N LEU D 411 38.07 -9.64 14.49
CA LEU D 411 39.40 -9.06 14.59
C LEU D 411 39.43 -7.72 13.85
N GLU D 412 39.23 -6.64 14.59
CA GLU D 412 39.32 -5.29 14.05
C GLU D 412 40.24 -4.45 14.92
N GLU D 413 41.04 -3.61 14.28
CA GLU D 413 42.09 -2.81 14.91
C GLU D 413 41.56 -1.43 15.26
N PRO D 414 41.83 -0.96 16.49
CA PRO D 414 42.47 -1.76 17.52
C PRO D 414 41.48 -2.31 18.53
N PHE D 415 40.22 -2.46 18.12
CA PHE D 415 39.19 -2.96 19.03
C PHE D 415 39.48 -4.39 19.47
N VAL D 416 39.80 -5.25 18.51
CA VAL D 416 40.14 -6.64 18.77
C VAL D 416 41.52 -6.91 18.18
N MET D 417 42.48 -7.23 19.04
CA MET D 417 43.85 -7.43 18.62
C MET D 417 44.37 -8.74 19.19
N PHE D 418 45.26 -9.38 18.45
CA PHE D 418 45.84 -10.64 18.88
C PHE D 418 46.94 -10.38 19.91
N ARG D 419 46.89 -11.10 21.03
CA ARG D 419 47.91 -10.98 22.05
C ARG D 419 49.12 -11.82 21.69
N LYS D 420 50.31 -11.30 21.98
CA LYS D 420 51.56 -11.94 21.59
C LYS D 420 52.22 -12.51 22.84
N SER D 421 52.45 -13.81 22.85
CA SER D 421 53.12 -14.48 23.96
C SER D 421 53.64 -15.83 23.46
N ASP D 422 54.45 -16.47 24.31
CA ASP D 422 54.95 -17.80 24.02
C ASP D 422 54.00 -18.90 24.48
N ARG D 423 52.99 -18.57 25.27
CA ARG D 423 52.04 -19.54 25.78
C ARG D 423 50.82 -19.63 24.86
N THR D 424 50.19 -20.80 24.84
CA THR D 424 48.96 -20.98 24.08
C THR D 424 47.82 -20.28 24.79
N LEU D 425 47.31 -19.21 24.19
CA LEU D 425 46.28 -18.40 24.82
C LEU D 425 44.95 -19.14 24.87
N TYR D 426 44.27 -19.04 26.02
CA TYR D 426 42.98 -19.67 26.22
C TYR D 426 41.95 -18.63 26.64
N GLY D 427 40.79 -18.64 25.97
CA GLY D 427 39.67 -17.82 26.35
C GLY D 427 39.96 -16.35 26.49
N ASN D 428 39.91 -15.85 27.73
CA ASN D 428 39.99 -14.41 27.96
C ASN D 428 41.36 -13.88 27.52
N ASP D 429 42.42 -14.63 27.80
CA ASP D 429 43.76 -14.21 27.46
C ASP D 429 44.01 -14.25 25.96
N ARG D 430 43.09 -14.82 25.18
CA ARG D 430 43.33 -14.99 23.75
C ARG D 430 43.51 -13.66 23.03
N PHE D 431 42.72 -12.65 23.37
CA PHE D 431 42.77 -11.39 22.64
C PHE D 431 42.77 -10.21 23.62
N GLU D 432 43.27 -9.09 23.13
CA GLU D 432 43.27 -7.83 23.86
C GLU D 432 42.92 -6.71 22.90
N GLY D 433 42.39 -5.63 23.44
CA GLY D 433 41.98 -4.51 22.61
C GLY D 433 41.03 -3.59 23.35
N TYR D 434 40.54 -2.60 22.61
CA TYR D 434 39.64 -1.60 23.15
C TYR D 434 38.35 -2.23 23.66
N CYS D 435 37.55 -2.80 22.75
CA CYS D 435 36.31 -3.44 23.19
C CYS D 435 36.61 -4.66 24.03
N ILE D 436 37.77 -5.28 23.82
CA ILE D 436 38.17 -6.43 24.62
C ILE D 436 38.26 -6.03 26.08
N ASP D 437 39.00 -4.98 26.38
CA ASP D 437 39.17 -4.61 27.77
C ASP D 437 38.01 -3.77 28.29
N LEU D 438 37.14 -3.25 27.41
CA LEU D 438 35.84 -2.79 27.88
C LEU D 438 35.01 -3.95 28.43
N LEU D 439 35.02 -5.09 27.73
CA LEU D 439 34.41 -6.29 28.28
C LEU D 439 35.12 -6.74 29.55
N LYS D 440 36.45 -6.58 29.59
CA LYS D 440 37.20 -6.93 30.79
C LYS D 440 36.72 -6.13 31.99
N GLU D 441 36.55 -4.81 31.81
CA GLU D 441 36.08 -3.97 32.90
C GLU D 441 34.62 -4.27 33.25
N LEU D 442 33.81 -4.66 32.24
CA LEU D 442 32.45 -5.10 32.53
C LEU D 442 32.45 -6.36 33.40
N ALA D 443 33.39 -7.27 33.14
CA ALA D 443 33.54 -8.45 33.98
C ALA D 443 34.05 -8.07 35.37
N HIS D 444 34.92 -7.06 35.43
CA HIS D 444 35.38 -6.56 36.73
C HIS D 444 34.21 -6.05 37.56
N ILE D 445 33.29 -5.33 36.92
CA ILE D 445 32.19 -4.70 37.66
C ILE D 445 31.11 -5.72 37.99
N LEU D 446 30.52 -6.33 36.97
CA LEU D 446 29.42 -7.26 37.19
C LEU D 446 29.89 -8.60 37.75
N GLY D 447 31.18 -8.91 37.64
CA GLY D 447 31.70 -10.10 38.29
C GLY D 447 31.35 -11.42 37.62
N PHE D 448 31.27 -11.45 36.30
CA PHE D 448 30.96 -12.67 35.58
C PHE D 448 32.23 -13.25 34.94
N SER D 449 32.08 -14.45 34.37
CA SER D 449 33.16 -15.13 33.66
C SER D 449 32.76 -15.28 32.20
N TYR D 450 33.67 -14.95 31.30
CA TYR D 450 33.42 -15.00 29.86
C TYR D 450 34.44 -15.88 29.17
N GLU D 451 34.06 -16.35 27.98
CA GLU D 451 34.88 -17.26 27.18
C GLU D 451 34.85 -16.79 25.73
N ILE D 452 36.02 -16.78 25.10
CA ILE D 452 36.22 -16.15 23.80
C ILE D 452 36.21 -17.21 22.71
N ARG D 453 35.48 -16.92 21.63
CA ARG D 453 35.45 -17.76 20.44
C ARG D 453 35.73 -16.88 19.21
N LEU D 454 35.92 -17.55 18.08
CA LEU D 454 36.33 -16.90 16.85
C LEU D 454 35.14 -16.71 15.91
N VAL D 455 35.12 -15.58 15.23
CA VAL D 455 34.02 -15.25 14.33
C VAL D 455 33.94 -16.26 13.19
N GLU D 456 32.72 -16.51 12.74
CA GLU D 456 32.46 -17.47 11.67
C GLU D 456 32.64 -16.88 10.28
N ASP D 457 32.83 -15.57 10.16
CA ASP D 457 32.94 -14.94 8.84
C ASP D 457 33.82 -13.71 8.96
N GLY D 458 34.28 -13.21 7.80
CA GLY D 458 35.13 -12.05 7.75
C GLY D 458 34.37 -10.74 7.62
N LYS D 459 33.20 -10.65 8.25
CA LYS D 459 32.38 -9.46 8.17
C LYS D 459 31.52 -9.36 9.42
N TYR D 460 30.90 -8.18 9.60
CA TYR D 460 30.02 -7.99 10.74
C TYR D 460 28.87 -8.99 10.73
N GLY D 461 28.24 -9.17 9.57
CA GLY D 461 27.11 -10.07 9.45
C GLY D 461 25.85 -9.35 9.07
N ALA D 462 25.00 -9.99 8.28
CA ALA D 462 23.78 -9.36 7.79
C ALA D 462 22.90 -10.40 7.12
N GLN D 463 21.59 -10.14 7.16
CA GLN D 463 20.62 -10.91 6.40
C GLN D 463 20.45 -10.29 5.02
N ASP D 464 20.68 -11.08 3.98
CA ASP D 464 20.64 -10.52 2.63
C ASP D 464 19.21 -10.44 2.08
N ASP D 465 18.59 -11.59 1.80
CA ASP D 465 17.19 -11.58 1.41
C ASP D 465 16.37 -12.78 1.86
N LYS D 466 16.97 -13.79 2.51
CA LYS D 466 16.28 -15.04 2.77
C LYS D 466 15.86 -15.19 4.23
N GLY D 467 16.01 -14.16 5.04
CA GLY D 467 15.73 -14.31 6.45
C GLY D 467 16.81 -15.04 7.22
N GLN D 468 17.95 -15.32 6.61
CA GLN D 468 19.06 -16.00 7.25
C GLN D 468 20.14 -15.00 7.61
N TRP D 469 20.84 -15.28 8.70
CA TRP D 469 21.84 -14.36 9.24
C TRP D 469 23.19 -15.05 9.31
N ASN D 470 24.24 -14.23 9.37
CA ASN D 470 25.61 -14.74 9.45
C ASN D 470 26.41 -13.81 10.35
N GLY D 471 27.53 -14.33 10.86
CA GLY D 471 28.38 -13.53 11.70
C GLY D 471 27.87 -13.43 13.13
N MET D 472 28.21 -12.32 13.79
CA MET D 472 27.88 -12.16 15.20
C MET D 472 26.37 -12.14 15.42
N VAL D 473 25.62 -11.56 14.48
CA VAL D 473 24.17 -11.51 14.64
C VAL D 473 23.57 -12.91 14.61
N LYS D 474 24.04 -13.77 13.70
CA LYS D 474 23.54 -15.14 13.67
C LYS D 474 23.92 -15.89 14.95
N GLU D 475 25.15 -15.71 15.41
CA GLU D 475 25.60 -16.39 16.63
C GLU D 475 24.78 -15.96 17.84
N LEU D 476 24.48 -14.65 17.95
CA LEU D 476 23.67 -14.17 19.06
C LEU D 476 22.23 -14.64 18.94
N ILE D 477 21.69 -14.69 17.72
CA ILE D 477 20.33 -15.18 17.53
C ILE D 477 20.24 -16.64 17.95
N ASP D 478 21.21 -17.45 17.53
CA ASP D 478 21.26 -18.85 17.94
C ASP D 478 21.56 -19.02 19.42
N HIS D 479 22.01 -17.96 20.09
CA HIS D 479 22.37 -17.98 21.51
C HIS D 479 23.48 -18.97 21.81
N LYS D 480 24.28 -19.33 20.81
CA LYS D 480 25.51 -20.06 21.07
C LYS D 480 26.62 -19.15 21.56
N ALA D 481 26.46 -17.84 21.40
CA ALA D 481 27.30 -16.84 22.03
C ALA D 481 26.40 -15.85 22.75
N ASP D 482 26.85 -15.37 23.90
CA ASP D 482 26.00 -14.55 24.75
C ASP D 482 26.19 -13.05 24.53
N LEU D 483 27.40 -12.62 24.14
CA LEU D 483 27.66 -11.22 23.87
C LEU D 483 28.56 -11.10 22.65
N ALA D 484 28.44 -9.97 21.96
CA ALA D 484 29.29 -9.64 20.82
C ALA D 484 30.27 -8.56 21.25
N VAL D 485 31.55 -8.91 21.32
CA VAL D 485 32.58 -7.95 21.69
C VAL D 485 33.38 -7.55 20.46
N ALA D 486 32.91 -6.50 19.78
CA ALA D 486 33.51 -5.95 18.57
C ALA D 486 32.70 -4.74 18.14
N PRO D 487 33.22 -3.88 17.27
CA PRO D 487 32.35 -2.91 16.59
C PRO D 487 31.24 -3.63 15.83
N LEU D 488 30.03 -3.11 15.94
CA LEU D 488 28.87 -3.79 15.37
C LEU D 488 27.82 -2.76 14.98
N THR D 489 27.36 -2.85 13.74
CA THR D 489 26.35 -1.93 13.24
C THR D 489 25.03 -2.13 13.99
N ILE D 490 24.29 -1.04 14.12
CA ILE D 490 22.99 -1.05 14.79
C ILE D 490 21.95 -0.70 13.73
N THR D 491 21.24 -1.71 13.23
CA THR D 491 20.20 -1.52 12.25
C THR D 491 18.90 -2.14 12.76
N HIS D 492 17.78 -1.57 12.34
CA HIS D 492 16.49 -1.99 12.88
C HIS D 492 16.22 -3.46 12.59
N VAL D 493 16.64 -3.95 11.41
CA VAL D 493 16.38 -5.34 11.07
C VAL D 493 17.08 -6.27 12.04
N ARG D 494 18.36 -6.01 12.32
CA ARG D 494 19.09 -6.85 13.27
C ARG D 494 18.72 -6.53 14.71
N GLU D 495 18.32 -5.29 14.99
CA GLU D 495 17.82 -4.96 16.33
C GLU D 495 16.60 -5.80 16.66
N LYS D 496 15.67 -5.91 15.71
CA LYS D 496 14.54 -6.82 15.88
C LYS D 496 15.00 -8.27 15.90
N ALA D 497 15.99 -8.61 15.09
CA ALA D 497 16.51 -9.97 15.08
C ALA D 497 17.23 -10.31 16.38
N ILE D 498 18.08 -9.39 16.87
CA ILE D 498 18.80 -9.59 18.12
C ILE D 498 18.81 -8.27 18.88
N ASP D 499 18.52 -8.32 20.17
CA ASP D 499 18.52 -7.11 20.99
C ASP D 499 19.94 -6.59 21.17
N PHE D 500 20.06 -5.27 21.21
CA PHE D 500 21.34 -4.60 21.36
C PHE D 500 21.34 -3.76 22.63
N SER D 501 22.46 -3.80 23.35
CA SER D 501 22.64 -2.90 24.47
C SER D 501 22.90 -1.47 23.96
N LYS D 502 22.86 -0.52 24.88
CA LYS D 502 23.17 0.85 24.51
C LYS D 502 24.64 0.92 24.10
N PRO D 503 24.96 1.63 23.02
CA PRO D 503 26.33 1.59 22.49
C PRO D 503 27.36 2.03 23.51
N PHE D 504 28.50 1.33 23.54
CA PHE D 504 29.60 1.75 24.39
C PHE D 504 30.22 3.05 23.89
N MET D 505 30.03 3.38 22.61
CA MET D 505 30.41 4.69 22.09
C MET D 505 29.63 4.92 20.81
N THR D 506 29.55 6.19 20.40
CA THR D 506 28.89 6.59 19.17
C THR D 506 29.92 7.18 18.21
N LEU D 507 29.70 6.94 16.93
CA LEU D 507 30.67 7.35 15.91
C LEU D 507 29.93 7.60 14.61
N GLY D 508 30.67 8.19 13.66
CA GLY D 508 30.14 8.42 12.33
C GLY D 508 31.15 8.10 11.24
N VAL D 509 31.08 8.84 10.14
CA VAL D 509 31.98 8.69 9.01
C VAL D 509 32.89 9.91 8.97
N SER D 510 34.18 9.68 8.75
CA SER D 510 35.13 10.77 8.63
C SER D 510 35.84 10.69 7.29
N ILE D 511 36.67 11.70 7.01
CA ILE D 511 37.37 11.81 5.74
C ILE D 511 38.87 11.72 5.98
N LEU D 512 39.48 10.68 5.42
CA LEU D 512 40.93 10.57 5.30
C LEU D 512 41.39 11.24 4.02
N TYR D 513 42.45 12.04 4.12
CA TYR D 513 42.92 12.83 2.99
C TYR D 513 44.44 12.97 3.09
N ARG D 514 45.05 13.31 1.96
CA ARG D 514 46.49 13.52 1.92
C ARG D 514 46.84 14.86 2.57
N LYS D 515 48.00 14.91 3.21
CA LYS D 515 48.45 16.13 3.86
C LYS D 515 48.63 17.24 2.83
N PRO D 516 48.16 18.45 3.12
CA PRO D 516 48.36 19.57 2.19
C PRO D 516 49.84 19.91 2.05
N ASN D 517 50.25 20.16 0.81
CA ASN D 517 51.63 20.53 0.49
C ASN D 517 51.68 21.96 -0.04
N GLY D 518 52.89 22.51 -0.04
CA GLY D 518 53.08 23.85 -0.58
C GLY D 518 53.78 24.82 0.34
N THR D 519 54.41 24.32 1.39
CA THR D 519 55.17 25.18 2.30
C THR D 519 56.53 25.46 1.70
N ASN D 520 56.74 26.68 1.21
CA ASN D 520 57.97 27.08 0.55
C ASN D 520 58.48 28.38 1.18
N PRO D 521 59.08 28.30 2.37
CA PRO D 521 59.63 29.52 2.99
C PRO D 521 60.91 29.96 2.30
N SER D 522 60.78 30.65 1.17
CA SER D 522 61.93 31.12 0.41
C SER D 522 61.74 32.57 0.02
N VAL D 523 62.86 33.30 -0.04
CA VAL D 523 62.81 34.71 -0.41
C VAL D 523 62.35 34.86 -1.86
N PHE D 524 62.74 33.94 -2.74
CA PHE D 524 62.30 33.99 -4.12
C PHE D 524 60.77 33.91 -4.21
N SER D 525 60.14 33.16 -3.31
CA SER D 525 58.68 33.05 -3.26
C SER D 525 58.01 34.32 -2.75
N PHE D 526 58.76 35.39 -2.51
CA PHE D 526 58.20 36.66 -2.08
C PHE D 526 58.10 37.69 -3.20
N LEU D 527 59.04 37.69 -4.13
CA LEU D 527 58.96 38.50 -5.34
C LEU D 527 58.31 37.75 -6.48
N ASN D 528 57.59 36.66 -6.18
CA ASN D 528 56.98 35.81 -7.20
C ASN D 528 56.11 36.58 -8.19
N PRO D 529 55.21 37.49 -7.78
CA PRO D 529 54.36 38.16 -8.77
C PRO D 529 55.11 39.18 -9.61
N LEU D 530 56.26 38.79 -10.14
CA LEU D 530 57.06 39.66 -10.99
C LEU D 530 58.06 38.80 -11.75
N SER D 531 58.07 38.93 -13.06
CA SER D 531 59.08 38.26 -13.87
C SER D 531 60.43 38.90 -13.62
N PRO D 532 61.44 38.15 -13.17
CA PRO D 532 62.73 38.78 -12.86
C PRO D 532 63.37 39.46 -14.05
N ASP D 533 63.20 38.92 -15.25
CA ASP D 533 63.79 39.54 -16.44
C ASP D 533 63.24 40.95 -16.62
N ILE D 534 61.95 41.14 -16.39
CA ILE D 534 61.36 42.46 -16.43
C ILE D 534 61.95 43.35 -15.34
N TRP D 535 62.24 42.77 -14.18
CA TRP D 535 62.83 43.55 -13.10
C TRP D 535 64.23 44.04 -13.47
N MET D 536 65.04 43.18 -14.07
CA MET D 536 66.36 43.62 -14.52
C MET D 536 66.23 44.62 -15.66
N TYR D 537 65.21 44.47 -16.52
CA TYR D 537 64.99 45.48 -17.56
C TYR D 537 64.70 46.84 -16.94
N VAL D 538 63.91 46.86 -15.88
CA VAL D 538 63.63 48.12 -15.20
C VAL D 538 64.90 48.68 -14.56
N LEU D 539 65.70 47.82 -13.95
CA LEU D 539 66.96 48.27 -13.35
C LEU D 539 67.91 48.85 -14.40
N LEU D 540 68.05 48.18 -15.53
CA LEU D 540 68.90 48.71 -16.59
C LEU D 540 68.36 50.04 -17.12
N ALA D 541 67.04 50.15 -17.25
CA ALA D 541 66.47 51.42 -17.69
C ALA D 541 66.76 52.53 -16.69
N TYR D 542 66.64 52.23 -15.40
CA TYR D 542 66.90 53.24 -14.38
C TYR D 542 68.36 53.68 -14.39
N LEU D 543 69.28 52.73 -14.51
CA LEU D 543 70.69 53.10 -14.56
C LEU D 543 71.01 53.88 -15.83
N GLY D 544 70.38 53.51 -16.95
CA GLY D 544 70.56 54.31 -18.17
C GLY D 544 70.06 55.73 -18.00
N VAL D 545 68.93 55.90 -17.33
CA VAL D 545 68.44 57.25 -17.06
C VAL D 545 69.42 58.01 -16.20
N SER D 546 69.96 57.35 -15.17
CA SER D 546 70.90 58.03 -14.28
C SER D 546 72.16 58.45 -15.02
N VAL D 547 72.70 57.56 -15.87
CA VAL D 547 73.92 57.92 -16.60
C VAL D 547 73.62 59.00 -17.63
N VAL D 548 72.44 58.98 -18.24
CA VAL D 548 72.06 60.05 -19.16
C VAL D 548 72.02 61.37 -18.43
N LEU D 549 71.42 61.40 -17.24
CA LEU D 549 71.41 62.61 -16.43
C LEU D 549 72.82 63.07 -16.12
N PHE D 550 73.69 62.13 -15.73
CA PHE D 550 75.06 62.50 -15.36
C PHE D 550 75.81 63.10 -16.54
N VAL D 551 75.70 62.49 -17.72
CA VAL D 551 76.45 62.96 -18.88
C VAL D 551 75.88 64.29 -19.39
N ILE D 552 74.55 64.43 -19.33
CA ILE D 552 73.92 65.66 -19.81
C ILE D 552 74.24 66.83 -18.88
N ALA D 553 74.51 66.56 -17.61
CA ALA D 553 74.78 67.64 -16.66
C ALA D 553 75.97 68.49 -17.09
N ARG D 554 76.88 67.93 -17.88
CA ARG D 554 77.97 68.72 -18.44
C ARG D 554 77.50 69.49 -19.66
N ALA D 601 68.28 70.85 -18.47
CA ALA D 601 67.48 71.59 -17.49
C ALA D 601 66.03 71.12 -17.50
N LEU D 602 65.20 71.81 -18.28
CA LEU D 602 63.80 71.39 -18.42
C LEU D 602 63.72 69.96 -18.93
N SER D 603 64.64 69.57 -19.80
CA SER D 603 64.71 68.17 -20.22
C SER D 603 64.97 67.25 -19.03
N THR D 604 65.85 67.66 -18.12
CA THR D 604 66.11 66.85 -16.93
C THR D 604 64.84 66.66 -16.12
N ARG D 605 64.10 67.74 -15.90
CA ARG D 605 62.86 67.64 -15.15
C ARG D 605 61.82 66.77 -15.85
N ILE D 606 61.71 66.90 -17.18
CA ILE D 606 60.71 66.11 -17.88
C ILE D 606 61.08 64.64 -17.88
N ILE D 607 62.38 64.34 -17.97
CA ILE D 607 62.81 62.94 -17.88
C ILE D 607 62.54 62.40 -16.48
N GLY D 608 62.78 63.22 -15.45
CA GLY D 608 62.42 62.79 -14.11
C GLY D 608 60.93 62.52 -13.98
N GLY D 609 60.10 63.35 -14.61
CA GLY D 609 58.67 63.13 -14.55
C GLY D 609 58.23 61.86 -15.26
N ILE D 610 58.80 61.59 -16.43
CA ILE D 610 58.44 60.38 -17.14
C ILE D 610 58.92 59.15 -16.37
N TRP D 611 60.09 59.24 -15.74
CA TRP D 611 60.56 58.16 -14.88
C TRP D 611 59.62 57.95 -13.70
N TRP D 612 59.13 59.06 -13.13
CA TRP D 612 58.11 58.99 -12.09
C TRP D 612 56.89 58.22 -12.58
N PHE D 613 56.45 58.52 -13.80
CA PHE D 613 55.27 57.84 -14.34
C PHE D 613 55.53 56.35 -14.57
N PHE D 614 56.69 55.99 -15.11
CA PHE D 614 57.00 54.57 -15.28
C PHE D 614 57.04 53.86 -13.94
N THR D 615 57.62 54.51 -12.93
CA THR D 615 57.65 53.90 -11.60
C THR D 615 56.23 53.69 -11.08
N LEU D 616 55.36 54.68 -11.27
CA LEU D 616 53.96 54.52 -10.88
C LEU D 616 53.35 53.30 -11.56
N ILE D 617 53.57 53.19 -12.88
CA ILE D 617 52.99 52.09 -13.63
C ILE D 617 53.50 50.75 -13.12
N ILE D 618 54.81 50.63 -12.90
CA ILE D 618 55.38 49.34 -12.53
C ILE D 618 54.94 48.96 -11.12
N ILE D 619 54.89 49.92 -10.20
CA ILE D 619 54.47 49.58 -8.85
C ILE D 619 53.00 49.21 -8.85
N SER D 620 52.19 49.89 -9.66
CA SER D 620 50.78 49.52 -9.76
C SER D 620 50.62 48.10 -10.27
N SER D 621 51.38 47.74 -11.31
CA SER D 621 51.30 46.40 -11.85
C SER D 621 51.72 45.36 -10.81
N TYR D 622 52.81 45.61 -10.11
CA TYR D 622 53.27 44.67 -9.09
C TYR D 622 52.23 44.50 -8.00
N THR D 623 51.67 45.61 -7.51
CA THR D 623 50.67 45.55 -6.45
C THR D 623 49.46 44.76 -6.90
N ALA D 624 49.00 45.02 -8.11
CA ALA D 624 47.84 44.33 -8.64
C ALA D 624 48.10 42.84 -8.77
N ASN D 625 49.28 42.47 -9.29
CA ASN D 625 49.60 41.06 -9.50
C ASN D 625 49.69 40.32 -8.18
N LEU D 626 50.36 40.91 -7.19
CA LEU D 626 50.48 40.24 -5.90
C LEU D 626 49.12 40.12 -5.23
N ALA D 627 48.28 41.16 -5.38
CA ALA D 627 46.94 41.10 -4.82
C ALA D 627 46.14 39.97 -5.44
N ALA D 628 46.19 39.85 -6.77
CA ALA D 628 45.47 38.77 -7.43
C ALA D 628 45.97 37.41 -6.99
N PHE D 629 47.29 37.27 -6.84
CA PHE D 629 47.82 35.96 -6.45
C PHE D 629 47.34 35.59 -5.06
N LEU D 630 47.45 36.52 -4.10
CA LEU D 630 47.01 36.20 -2.75
C LEU D 630 45.50 35.96 -2.69
N THR D 631 44.72 36.75 -3.43
CA THR D 631 43.28 36.54 -3.44
C THR D 631 42.91 35.17 -3.97
N VAL D 632 43.43 34.81 -5.15
CA VAL D 632 43.09 33.51 -5.71
C VAL D 632 43.60 32.39 -4.84
N GLU D 633 44.69 32.63 -4.09
CA GLU D 633 45.12 31.65 -3.10
C GLU D 633 44.07 31.47 -2.00
N ARG D 634 43.66 32.57 -1.39
CA ARG D 634 42.81 32.48 -0.20
C ARG D 634 41.33 32.50 -0.51
N MET D 635 40.92 32.76 -1.76
CA MET D 635 39.50 32.63 -2.07
C MET D 635 39.07 31.18 -2.16
N GLU D 636 40.01 30.26 -2.28
CA GLU D 636 39.74 28.83 -2.23
C GLU D 636 40.17 28.28 -0.87
N SER D 637 39.49 27.22 -0.44
CA SER D 637 39.76 26.62 0.85
C SER D 637 39.85 25.11 0.70
N PRO D 638 40.61 24.45 1.58
CA PRO D 638 40.65 22.99 1.56
C PRO D 638 39.29 22.40 1.89
N ILE D 639 39.01 21.23 1.32
CA ILE D 639 37.72 20.60 1.50
C ILE D 639 37.57 20.14 2.94
N ASP D 640 36.42 20.47 3.55
CA ASP D 640 36.16 20.13 4.94
C ASP D 640 34.89 19.31 5.15
N SER D 641 34.08 19.08 4.12
CA SER D 641 32.82 18.40 4.31
C SER D 641 32.51 17.56 3.08
N ALA D 642 31.69 16.53 3.28
CA ALA D 642 31.27 15.67 2.19
C ALA D 642 30.37 16.39 1.19
N ASP D 643 29.68 17.44 1.63
CA ASP D 643 28.90 18.24 0.68
C ASP D 643 29.83 18.87 -0.36
N ASP D 644 31.02 19.25 0.06
CA ASP D 644 32.03 19.73 -0.89
C ASP D 644 32.41 18.63 -1.87
N LEU D 645 32.52 17.39 -1.39
CA LEU D 645 32.78 16.28 -2.30
C LEU D 645 31.65 16.13 -3.31
N ALA D 646 30.41 16.25 -2.85
CA ALA D 646 29.26 16.10 -3.73
C ALA D 646 29.26 17.17 -4.81
N LYS D 647 29.52 18.42 -4.43
CA LYS D 647 29.48 19.50 -5.41
C LYS D 647 30.67 19.45 -6.38
N GLN D 648 31.79 18.89 -5.97
CA GLN D 648 32.94 18.85 -6.87
C GLN D 648 32.99 17.52 -7.62
N THR D 649 33.75 17.51 -8.72
CA THR D 649 34.00 16.28 -9.45
C THR D 649 35.46 16.10 -9.83
N LYS D 650 36.33 17.07 -9.56
CA LYS D 650 37.71 16.99 -10.00
C LYS D 650 38.55 16.04 -9.15
N ILE D 651 38.14 15.77 -7.93
CA ILE D 651 38.94 15.01 -6.98
C ILE D 651 38.26 13.70 -6.69
N GLU D 652 38.99 12.60 -6.85
CA GLU D 652 38.43 11.28 -6.62
C GLU D 652 38.15 11.06 -5.13
N TYR D 653 37.07 10.33 -4.85
CA TYR D 653 36.69 10.05 -3.48
C TYR D 653 35.89 8.76 -3.45
N GLY D 654 35.87 8.12 -2.30
CA GLY D 654 35.16 6.85 -2.19
C GLY D 654 35.12 6.35 -0.77
N ALA D 655 34.43 5.23 -0.61
CA ALA D 655 34.30 4.55 0.66
C ALA D 655 34.52 3.05 0.44
N VAL D 656 34.85 2.35 1.52
CA VAL D 656 35.11 0.92 1.43
C VAL D 656 33.81 0.21 1.04
N LYS D 657 33.85 -0.55 -0.05
CA LYS D 657 32.69 -1.31 -0.46
C LYS D 657 32.40 -2.42 0.55
N ASP D 658 31.12 -2.76 0.68
CA ASP D 658 30.64 -3.72 1.67
C ASP D 658 30.96 -3.29 3.09
N GLY D 659 31.20 -1.99 3.30
CA GLY D 659 31.46 -1.46 4.62
C GLY D 659 30.21 -0.91 5.27
N ALA D 660 30.35 -0.53 6.54
CA ALA D 660 29.22 -0.01 7.29
C ALA D 660 28.71 1.31 6.70
N THR D 661 29.64 2.15 6.23
CA THR D 661 29.24 3.41 5.62
C THR D 661 28.43 3.17 4.34
N MET D 662 28.84 2.18 3.55
CA MET D 662 28.08 1.84 2.35
C MET D 662 26.65 1.45 2.70
N THR D 663 26.49 0.55 3.67
CA THR D 663 25.15 0.10 4.05
C THR D 663 24.33 1.24 4.62
N PHE D 664 24.93 2.09 5.44
CA PHE D 664 24.19 3.24 5.98
C PHE D 664 23.73 4.17 4.87
N PHE D 665 24.60 4.46 3.92
CA PHE D 665 24.26 5.34 2.82
C PHE D 665 23.28 4.70 1.83
N LYS D 666 23.20 3.37 1.82
CA LYS D 666 22.18 2.71 1.01
C LYS D 666 20.77 3.10 1.47
N LYS D 667 20.57 3.19 2.78
CA LYS D 667 19.26 3.54 3.33
C LYS D 667 19.15 5.01 3.67
N SER D 668 20.14 5.82 3.31
CA SER D 668 20.14 7.25 3.56
C SER D 668 20.10 7.97 2.23
N LYS D 669 19.07 8.81 2.04
CA LYS D 669 18.88 9.53 0.78
C LYS D 669 18.81 11.02 1.07
N ILE D 670 19.98 11.65 1.18
CA ILE D 670 20.10 13.10 1.24
C ILE D 670 21.01 13.52 0.10
N SER D 671 20.81 14.74 -0.40
CA SER D 671 21.42 15.22 -1.65
C SER D 671 22.83 14.69 -1.86
N THR D 672 23.70 14.94 -0.87
CA THR D 672 25.06 14.46 -0.96
C THR D 672 25.14 12.96 -1.08
N PHE D 673 24.20 12.24 -0.45
CA PHE D 673 24.30 10.79 -0.44
C PHE D 673 23.98 10.19 -1.81
N GLU D 674 22.91 10.64 -2.47
CA GLU D 674 22.67 10.11 -3.82
C GLU D 674 23.69 10.65 -4.81
N LYS D 675 24.24 11.84 -4.55
CA LYS D 675 25.37 12.29 -5.37
C LYS D 675 26.55 11.32 -5.23
N MET D 676 26.85 10.92 -4.00
CA MET D 676 27.89 9.94 -3.75
C MET D 676 27.60 8.63 -4.47
N TRP D 677 26.35 8.17 -4.40
CA TRP D 677 26.00 6.90 -5.02
C TRP D 677 26.10 6.98 -6.54
N ALA D 678 25.73 8.13 -7.11
CA ALA D 678 25.90 8.34 -8.54
C ALA D 678 27.37 8.32 -8.91
N PHE D 679 28.21 8.95 -8.10
CA PHE D 679 29.64 8.93 -8.35
C PHE D 679 30.21 7.52 -8.27
N MET D 680 29.78 6.75 -7.26
CA MET D 680 30.22 5.36 -7.15
C MET D 680 29.80 4.54 -8.36
N SER D 681 28.54 4.69 -8.79
CA SER D 681 28.06 3.92 -9.93
C SER D 681 28.79 4.32 -11.20
N SER D 682 29.05 5.61 -11.37
CA SER D 682 29.70 6.10 -12.59
C SER D 682 31.12 5.58 -12.70
N LYS D 683 31.88 5.62 -11.61
CA LYS D 683 33.30 5.30 -11.63
C LYS D 683 33.61 4.19 -10.64
N PRO D 684 33.76 2.94 -11.10
CA PRO D 684 34.14 1.85 -10.20
C PRO D 684 35.61 1.84 -9.82
N SER D 685 36.40 2.81 -10.29
CA SER D 685 37.82 2.89 -10.00
C SER D 685 38.11 3.74 -8.77
N ALA D 686 37.08 4.18 -8.06
CA ALA D 686 37.22 4.96 -6.84
C ALA D 686 36.48 4.29 -5.68
N LEU D 687 36.50 2.97 -5.68
CA LEU D 687 35.92 2.16 -4.62
C LEU D 687 36.81 0.94 -4.39
N VAL D 688 36.94 0.55 -3.13
CA VAL D 688 37.83 -0.53 -2.74
C VAL D 688 37.07 -1.51 -1.86
N LYS D 689 37.73 -2.64 -1.58
CA LYS D 689 37.19 -3.69 -0.73
C LYS D 689 37.90 -3.79 0.60
N ASN D 690 38.94 -3.01 0.83
CA ASN D 690 39.71 -3.09 2.06
C ASN D 690 40.22 -1.71 2.43
N ASN D 691 40.28 -1.45 3.74
CA ASN D 691 40.70 -0.14 4.22
C ASN D 691 42.14 0.17 3.81
N GLU D 692 43.02 -0.82 3.88
CA GLU D 692 44.42 -0.61 3.50
C GLU D 692 44.54 -0.19 2.04
N GLU D 693 43.70 -0.77 1.17
CA GLU D 693 43.72 -0.36 -0.24
C GLU D 693 43.39 1.12 -0.38
N GLY D 694 42.39 1.58 0.37
CA GLY D 694 42.06 3.00 0.33
C GLY D 694 43.16 3.87 0.90
N ILE D 695 43.82 3.38 1.95
CA ILE D 695 44.96 4.11 2.51
C ILE D 695 46.05 4.27 1.46
N GLN D 696 46.33 3.19 0.73
CA GLN D 696 47.34 3.26 -0.33
C GLN D 696 46.90 4.21 -1.43
N ARG D 697 45.61 4.22 -1.75
CA ARG D 697 45.09 5.16 -2.74
C ARG D 697 45.32 6.60 -2.28
N THR D 698 45.05 6.88 -1.01
CA THR D 698 45.27 8.22 -0.48
C THR D 698 46.75 8.58 -0.50
N LEU D 699 47.62 7.62 -0.17
CA LEU D 699 49.05 7.89 -0.18
C LEU D 699 49.56 8.16 -1.59
N THR D 700 49.04 7.44 -2.58
CA THR D 700 49.52 7.60 -3.95
C THR D 700 48.89 8.82 -4.62
N ALA D 701 47.58 8.82 -4.77
CA ALA D 701 46.86 9.92 -5.39
C ALA D 701 46.10 10.71 -4.35
N ASP D 702 45.71 11.93 -4.73
CA ASP D 702 44.94 12.80 -3.84
C ASP D 702 43.51 12.26 -3.80
N TYR D 703 43.28 11.31 -2.90
CA TYR D 703 42.04 10.56 -2.83
C TYR D 703 41.40 10.75 -1.47
N ALA D 704 40.09 10.94 -1.47
CA ALA D 704 39.33 11.14 -0.25
C ALA D 704 38.68 9.82 0.17
N LEU D 705 38.85 9.44 1.42
CA LEU D 705 38.35 8.17 1.92
C LEU D 705 37.32 8.42 3.00
N LEU D 706 36.19 7.73 2.91
CA LEU D 706 35.12 7.85 3.90
C LEU D 706 34.95 6.49 4.57
N MET D 707 35.02 6.48 5.90
CA MET D 707 34.87 5.23 6.64
C MET D 707 34.51 5.57 8.08
N GLU D 708 34.31 4.53 8.88
CA GLU D 708 34.03 4.69 10.30
C GLU D 708 35.12 5.50 10.98
N SER D 709 34.69 6.44 11.83
CA SER D 709 35.60 7.47 12.32
C SER D 709 36.75 6.87 13.13
N THR D 710 36.47 5.87 13.95
CA THR D 710 37.49 5.35 14.87
C THR D 710 38.70 4.82 14.10
N THR D 711 38.47 4.07 13.02
CA THR D 711 39.57 3.54 12.24
C THR D 711 40.41 4.67 11.64
N ILE D 712 39.75 5.71 11.14
CA ILE D 712 40.46 6.83 10.55
C ILE D 712 41.27 7.55 11.62
N GLU D 713 40.69 7.72 12.81
CA GLU D 713 41.43 8.33 13.91
C GLU D 713 42.66 7.52 14.25
N TYR D 714 42.52 6.20 14.29
CA TYR D 714 43.65 5.34 14.61
C TYR D 714 44.75 5.49 13.56
N ILE D 715 44.38 5.39 12.28
CA ILE D 715 45.41 5.40 11.25
C ILE D 715 46.08 6.77 11.16
N THR D 716 45.29 7.84 11.33
CA THR D 716 45.87 9.19 11.35
C THR D 716 46.83 9.36 12.52
N GLN D 717 46.51 8.76 13.66
CA GLN D 717 47.40 8.79 14.81
C GLN D 717 48.50 7.74 14.73
N ARG D 718 48.49 6.92 13.68
CA ARG D 718 49.58 6.00 13.38
C ARG D 718 50.25 6.34 12.06
N ASN D 719 50.00 7.54 11.52
CA ASN D 719 50.60 7.98 10.28
C ASN D 719 50.91 9.46 10.36
N CYS D 720 51.87 9.91 9.56
CA CYS D 720 52.24 11.31 9.49
C CYS D 720 52.09 11.90 8.10
N ASN D 721 51.82 11.09 7.09
CA ASN D 721 51.62 11.58 5.72
C ASN D 721 50.16 11.71 5.35
N LEU D 722 49.25 11.59 6.31
CA LEU D 722 47.82 11.69 6.06
C LEU D 722 47.19 12.58 7.11
N THR D 723 45.93 12.95 6.87
CA THR D 723 45.20 13.83 7.77
C THR D 723 43.72 13.47 7.72
N GLN D 724 43.02 13.80 8.82
CA GLN D 724 41.59 13.62 8.91
C GLN D 724 40.93 14.99 8.86
N ILE D 725 39.86 15.09 8.07
CA ILE D 725 39.11 16.33 7.98
C ILE D 725 37.61 16.02 8.03
N GLY D 726 36.86 16.95 8.61
CA GLY D 726 35.42 16.81 8.68
C GLY D 726 34.96 16.14 9.95
N GLY D 727 33.84 16.61 10.50
CA GLY D 727 33.24 16.02 11.67
C GLY D 727 32.33 14.86 11.31
N LEU D 728 31.53 14.45 12.29
CA LEU D 728 30.59 13.36 12.06
C LEU D 728 29.48 13.82 11.13
N ILE D 729 29.23 13.04 10.07
CA ILE D 729 28.11 13.31 9.18
C ILE D 729 26.95 12.36 9.43
N ASP D 730 27.10 11.44 10.37
CA ASP D 730 26.05 10.49 10.70
C ASP D 730 26.31 9.92 12.08
N SER D 731 25.28 9.29 12.65
CA SER D 731 25.40 8.58 13.92
C SER D 731 25.26 7.09 13.63
N LYS D 732 26.25 6.31 14.08
CA LYS D 732 26.26 4.87 13.85
C LYS D 732 26.01 4.08 15.12
N GLY D 733 26.85 4.27 16.14
CA GLY D 733 26.68 3.55 17.39
C GLY D 733 27.11 2.11 17.29
N TYR D 734 27.75 1.60 18.35
CA TYR D 734 28.22 0.22 18.41
C TYR D 734 27.67 -0.41 19.68
N GLY D 735 26.53 -1.09 19.56
CA GLY D 735 25.90 -1.70 20.71
C GLY D 735 26.49 -3.06 21.06
N ILE D 736 25.97 -3.62 22.14
CA ILE D 736 26.39 -4.92 22.64
C ILE D 736 25.19 -5.87 22.59
N GLY D 737 25.41 -7.05 21.98
CA GLY D 737 24.34 -8.01 21.89
C GLY D 737 23.95 -8.59 23.23
N THR D 738 22.71 -9.10 23.29
CA THR D 738 22.17 -9.66 24.51
C THR D 738 21.12 -10.70 24.15
N PRO D 739 20.95 -11.74 24.97
CA PRO D 739 19.94 -12.75 24.67
C PRO D 739 18.52 -12.19 24.77
N MET D 740 17.60 -12.90 24.12
CA MET D 740 16.19 -12.53 24.16
C MET D 740 15.67 -12.52 25.58
N GLY D 741 14.97 -11.45 25.94
CA GLY D 741 14.35 -11.35 27.25
C GLY D 741 15.32 -11.45 28.41
N SER D 742 16.51 -10.87 28.26
CA SER D 742 17.53 -10.94 29.30
C SER D 742 17.61 -9.61 30.02
N PRO D 743 17.32 -9.55 31.32
CA PRO D 743 17.56 -8.31 32.08
C PRO D 743 19.03 -7.93 32.12
N TYR D 744 19.92 -8.88 31.85
CA TYR D 744 21.35 -8.57 31.76
C TYR D 744 21.64 -7.52 30.70
N ARG D 745 20.78 -7.40 29.69
CA ARG D 745 20.87 -6.29 28.75
C ARG D 745 20.91 -4.95 29.48
N ASP D 746 19.97 -4.75 30.40
CA ASP D 746 19.98 -3.54 31.21
C ASP D 746 21.21 -3.54 32.10
N LYS D 747 21.57 -4.71 32.63
CA LYS D 747 22.74 -4.79 33.49
C LYS D 747 23.97 -4.35 32.72
N ILE D 748 24.03 -4.68 31.42
CA ILE D 748 25.12 -4.15 30.60
C ILE D 748 25.02 -2.63 30.51
N THR D 749 23.83 -2.13 30.20
CA THR D 749 23.67 -0.71 29.89
C THR D 749 24.11 0.17 31.04
N ILE D 750 23.57 -0.08 32.23
CA ILE D 750 23.98 0.69 33.40
C ILE D 750 25.48 0.52 33.64
N ALA D 751 25.98 -0.70 33.48
CA ALA D 751 27.41 -0.93 33.65
C ALA D 751 28.21 -0.08 32.68
N ILE D 752 27.73 0.06 31.44
CA ILE D 752 28.36 0.95 30.47
C ILE D 752 28.25 2.39 30.95
N LEU D 753 27.08 2.80 31.45
CA LEU D 753 26.82 4.19 31.80
C LEU D 753 27.80 4.70 32.84
N GLN D 754 27.97 3.96 33.93
CA GLN D 754 28.95 4.33 34.95
C GLN D 754 30.36 4.36 34.38
N LEU D 755 30.67 3.49 33.43
CA LEU D 755 31.98 3.55 32.79
C LEU D 755 32.18 4.89 32.06
N GLN D 756 31.14 5.40 31.40
CA GLN D 756 31.31 6.72 30.79
C GLN D 756 31.51 7.76 31.89
N GLU D 757 30.80 7.61 33.00
CA GLU D 757 31.01 8.55 34.09
C GLU D 757 32.42 8.42 34.65
N GLU D 758 32.95 7.19 34.66
CA GLU D 758 34.30 7.00 35.17
C GLU D 758 35.37 7.50 34.20
N GLY D 759 35.04 7.62 32.92
CA GLY D 759 36.00 8.12 31.95
C GLY D 759 37.12 7.17 31.60
N LYS D 760 37.02 5.90 32.02
CA LYS D 760 38.07 4.94 31.74
C LYS D 760 38.17 4.62 30.25
N LEU D 761 37.05 4.72 29.53
CA LEU D 761 37.07 4.45 28.10
C LEU D 761 37.98 5.42 27.37
N HIS D 762 37.96 6.70 27.75
CA HIS D 762 38.83 7.68 27.11
C HIS D 762 40.30 7.36 27.38
N ILE D 763 40.64 7.04 28.63
CA ILE D 763 42.04 6.77 28.97
C ILE D 763 42.52 5.53 28.22
N MET D 764 41.68 4.51 28.12
CA MET D 764 42.11 3.31 27.43
C MET D 764 42.16 3.54 25.92
N LYS D 765 41.26 4.39 25.40
CA LYS D 765 41.32 4.73 23.98
C LYS D 765 42.62 5.44 23.65
N GLU D 766 43.04 6.39 24.49
CA GLU D 766 44.35 7.01 24.25
C GLU D 766 45.48 6.04 24.51
N LYS D 767 45.26 5.01 25.34
CA LYS D 767 46.22 3.91 25.41
C LYS D 767 46.37 3.26 24.05
N TRP D 768 45.28 3.11 23.31
CA TRP D 768 45.32 2.50 21.99
C TRP D 768 45.39 3.52 20.85
N TRP D 769 44.59 4.59 20.90
CA TRP D 769 44.54 5.51 19.77
C TRP D 769 45.69 6.52 19.79
N ARG D 770 45.73 7.40 20.79
CA ARG D 770 46.68 8.49 20.77
C ARG D 770 48.09 8.03 21.12
N GLY D 771 49.03 8.94 20.92
CA GLY D 771 50.45 8.66 20.97
C GLY D 771 51.13 9.25 19.76
N SER D 772 50.32 9.87 18.89
CA SER D 772 50.82 10.49 17.68
C SER D 772 51.64 11.74 17.99
N GLY D 773 52.59 12.05 17.11
CA GLY D 773 53.43 13.21 17.27
C GLY D 773 53.51 14.08 16.03
N CYS D 774 52.39 14.20 15.33
CA CYS D 774 52.36 14.98 14.09
C CYS D 774 52.61 16.46 14.40
N PRO D 775 53.48 17.13 13.64
CA PRO D 775 53.74 18.55 13.90
C PRO D 775 52.57 19.43 13.45
N GLU D 776 52.61 20.68 13.91
CA GLU D 776 51.58 21.65 13.61
C GLU D 776 52.15 22.81 12.79
N GLU D 777 51.30 23.42 11.99
CA GLU D 777 51.68 24.54 11.14
C GLU D 777 50.64 25.66 11.26
N GLU D 778 51.08 26.88 10.97
CA GLU D 778 50.21 28.05 11.02
C GLU D 778 49.41 28.25 9.74
N ASN D 779 49.60 27.40 8.73
CA ASN D 779 48.91 27.53 7.45
C ASN D 779 47.52 26.92 7.46
N LYS D 780 47.08 26.36 8.59
CA LYS D 780 45.78 25.72 8.68
C LYS D 780 44.63 26.71 8.80
N GLU D 781 44.91 27.97 9.12
CA GLU D 781 43.88 28.99 9.26
C GLU D 781 43.78 29.88 8.04
N ALA D 782 44.35 29.45 6.90
CA ALA D 782 44.22 30.14 5.62
C ALA D 782 44.80 31.55 5.69
N SER D 783 46.04 31.65 6.17
CA SER D 783 46.76 32.91 6.22
C SER D 783 48.19 32.71 5.76
N ALA D 784 48.74 33.75 5.14
CA ALA D 784 50.14 33.79 4.74
C ALA D 784 50.88 34.92 5.44
N LEU D 785 50.18 35.72 6.25
CA LEU D 785 50.78 36.84 6.95
C LEU D 785 51.69 36.35 8.08
N GLY D 786 52.87 36.94 8.17
CA GLY D 786 53.78 36.61 9.26
C GLY D 786 54.71 35.46 8.96
N ILE D 787 55.12 35.28 7.71
CA ILE D 787 56.03 34.20 7.33
C ILE D 787 56.80 34.68 6.10
N GLN D 788 57.88 33.99 5.77
CA GLN D 788 58.75 34.39 4.67
C GLN D 788 58.00 34.58 3.36
N LYS D 789 56.76 34.09 3.29
CA LYS D 789 55.90 34.43 2.16
C LYS D 789 55.47 35.90 2.21
N ILE D 790 55.44 36.49 3.40
CA ILE D 790 55.22 37.92 3.57
C ILE D 790 56.34 38.42 4.47
N GLY D 791 57.40 38.94 3.86
CA GLY D 791 58.60 39.31 4.59
C GLY D 791 59.80 38.48 4.14
N GLY D 792 60.95 38.84 4.71
CA GLY D 792 62.19 38.17 4.41
C GLY D 792 63.22 39.00 3.66
N ILE D 793 62.97 40.30 3.47
CA ILE D 793 63.90 41.15 2.74
C ILE D 793 64.72 42.03 3.67
N PHE D 794 64.40 42.02 4.97
CA PHE D 794 65.22 42.67 6.00
C PHE D 794 66.68 42.22 5.94
N ILE D 795 66.91 40.98 5.51
CA ILE D 795 68.27 40.48 5.29
C ILE D 795 68.94 41.22 4.14
N VAL D 796 68.19 41.59 3.11
CA VAL D 796 68.74 42.34 1.99
C VAL D 796 69.24 43.72 2.46
N LEU D 797 68.68 44.25 3.56
CA LEU D 797 69.14 45.56 4.03
C LEU D 797 70.63 45.55 4.36
N ALA D 798 71.13 44.44 4.89
CA ALA D 798 72.54 44.44 5.24
C ALA D 798 73.44 44.61 4.02
N ALA D 799 72.92 44.38 2.81
CA ALA D 799 73.75 44.54 1.63
C ALA D 799 74.23 45.99 1.50
N GLY D 800 73.33 46.94 1.74
CA GLY D 800 73.70 48.34 1.67
C GLY D 800 74.59 48.79 2.81
N LEU D 801 74.57 48.05 3.92
CA LEU D 801 75.31 48.47 5.10
C LEU D 801 76.82 48.41 4.89
N VAL D 802 77.30 47.49 4.06
CA VAL D 802 78.74 47.35 3.91
C VAL D 802 79.34 48.59 3.28
N LEU D 803 78.62 49.23 2.36
CA LEU D 803 79.10 50.49 1.80
C LEU D 803 78.97 51.64 2.82
N SER D 804 78.11 51.48 3.82
CA SER D 804 77.79 52.52 4.79
C SER D 804 78.89 52.77 5.79
N VAL D 805 80.05 52.12 5.63
CA VAL D 805 81.16 52.29 6.55
C VAL D 805 82.37 52.93 5.90
N LEU D 806 82.26 53.33 4.64
CA LEU D 806 83.33 54.06 3.97
C LEU D 806 83.18 55.54 4.28
N VAL D 807 84.15 56.10 5.00
CA VAL D 807 84.07 57.48 5.47
C VAL D 807 85.26 58.32 5.02
N ALA D 808 86.27 57.72 4.40
CA ALA D 808 87.45 58.46 3.96
C ALA D 808 88.10 57.69 2.83
N VAL D 809 89.00 58.37 2.12
CA VAL D 809 89.69 57.77 0.99
C VAL D 809 91.12 57.39 1.37
#